data_5X9Z
#
_entry.id   5X9Z
#
_cell.length_a   212.503
_cell.length_b   221.726
_cell.length_c   318.452
_cell.angle_alpha   90.00
_cell.angle_beta   90.00
_cell.angle_gamma   90.00
#
_symmetry.space_group_name_H-M   'C 2 2 21'
#
_entity_poly.entity_id   1
_entity_poly.type   'polypeptide(L)'
_entity_poly.pdbx_seq_one_letter_code
;MSDKMSSFLHIGDICSLYAEGSTNGFISTLGLVDDRCVVQPEAGDLNNPPKKFRDCLFKLCPMNRYSAQKQFWKAAKPGA
NSTTDAVLLNKLHHAADLEKKQNETENRKLLGTVIQYGNVIQLLHLKSNKYLTVNKRLPALLEKNAMRVTLDEAGNEGSW
FYIQPFYKLRSIGDSVVIGDKVVLNPVNAGQPLHASSHQLVDNPGCNEVNSVNCNTSWKIVLFMKWSDNKDDILKGGDVV
RLFHAEQEKFLTCDEHRKKQHVFLRTTGRQSATSATSSKALWEVEVVQHDPCRGGAGYWNSLFRFKHLATGHYLAAEVDP
DFEEECLEFQPSVDPDQDASRSRLRNAQEKMVYSLVSVPEGNDISSIFELDPTTLRGGDSLVPRNSYVRLRHLCTNTWVH
STNIPIDKEEEKPVMLKIGTSPLKEDKEAFAIVPVSPAEVRDLDFANDASKVLGSIAGKLEKGTITQNERRSVTKLLEDL
VYFVTGGTNSGQDVLEVVFSKPNRERQKLMREQNILKQIFKLLQAPFTDCGDGPMLRLEELGDQRHAPFRHICRLCYRVL
RHSQQDYRKNQEYIAKQFGFMQKQIGYDVLAEDTITALLHNNRKLLEKHITAAEIDTFVSLVRKNREPRFLDYLSDLCVS
MNKSIPVTQELICKAVLNPTNADILIETKLVLSRFEFEGVSTGENALEAGEDEEEVWLFWRDSNKEIRSKSVRELAQDAK
EGQKEDRDILSYYRYQLNLFARMCLDRQYLAINEISGQLDVDLILRCMSDENLPYDLRASFCRLMLHMHVDRDPQEQVTP
VKYARLWSEIPSEIAIDDYDSSGTSKDEIKERFAQTMEFVEEYLRDVVCQRFPFSDKEKNKLTFEVVNLARNLIYFGFYN
FSDLLRLTKILLAILDCVHVTTIFPISKMTKGEENKGSNVMRSIHGVGELMTQVVLRGGGFLPMTPMAAAPEGNVKQAEP
EKEDIMVMDTKLKIIEILQFILNVRLDYRISCLLCIFKREFDESNSQSSETSSGNSSQEGPSNVPGALDFEHIEEQAEGI
FGGSEENTPLDLDDHGGRTFLRVLLHLTMHDYPPLVSGALQLLFRHFSQRQEVLQAFKQVQLLVTSQDVDNYKQIKQDLD
QLRSIVEKSELWVYKGQGPDEPMDGASGENEHKKTEEGTSKPLKHESTSSYNYRVVKEILIRLSKLCVQESASVRKSRKQ
QQRLLRNMGAHAVVLELLQIPYEKAEDTKMQEIMRLAHEFLQNFCAGNQQNQALLHKHINLFLNPGILEAVTMQHIFMNN
FQLCSEINERVVQHFVHCIETHGRNVQYIKFLQTIVKAEGKFIKKCQDMVMAELVNSGEDVLVFYNDRASFQTLIQMMRS
ERDRMDENSPLMYHIHLVELLAVCTEGKNVYTEIKCNSLLPLDDIVRVVTHEDCIPEVKIAYINFLNHCYVDTEVEMKEI
YTSNHMWKLFENFLVDICRACNNTSDRKHADSILEKYVTEIVMSIVTTFFSSPFSDQSTTLQTRQPVFVQLLQGVFRVYH
CNWLMPSQKASVESCIRVLSDVAKSRAIAIPVDLDSQVNNLFLKSHNIVQKTALNWRLSARNAARRDSVLAASRDYRNII
ERLQDIVSALEDRLRPLVQAELSVLVDVLHRPELLFPENTDARRKCESGGFICKLIKHTKQLLEENEEKLCIKVLQTLRE
MMTKDRGYGEKQISIDESENAELPQAPEAENSTEQELEPSPPLRQLEDHKRGEALRQILVNRYYGNIRPSGRRESLTSFG
NGPLSPGGPSKPGGGGGGPGSSSTSRGEMSLAEVQCHLDKEGASNLVIDLIMNASSDRVFHESILLAIALLEGGNTTIQH
SFFCRLTEDKKSEKFFKVFYDRMKVAQQEIKATVTVNTSDLGNKKKDDEVDRDAPSRKKAKEPTTQITEEVRDQLLEASA
ATRKAFTTFRREADPDDHYQSGEGTQATTDKAKDDLEMSAVITIMQPILRFLQLLCENHNRDLQNFLRCQNNKTNYNLVC
ETLQFLDCICGSTTGGLGLLGLYINEKNVALINQTLESLTEYCQGPCHENQNCIATHESNGIDIITALILNDINPLGKKR
MDLVLELKNNASKLLLAIMESRHDSENAERILYNMRPKELVEVIKKAYMQGEVEFEDGENGEDGAASPRNVGHNIYILAH
QLARHNKELQTMLKPGGQVDGDEALEFYAKHTAQIEIVRLDRTMEQIVFPVPSICEF
;
_entity_poly.pdbx_strand_id   A,B
#
# COMPACT_ATOMS: atom_id res chain seq x y z
N SER A 7 2.00 47.63 20.30
CA SER A 7 0.64 47.05 20.18
C SER A 7 0.60 45.71 19.66
N PHE A 8 0.16 44.71 20.40
CA PHE A 8 0.46 43.33 20.19
C PHE A 8 -0.75 42.61 19.54
N LEU A 9 -0.39 41.52 18.91
CA LEU A 9 -1.07 41.02 17.78
C LEU A 9 -0.23 39.82 17.55
N HIS A 10 -0.85 38.64 17.73
CA HIS A 10 -0.21 37.46 17.32
C HIS A 10 0.40 37.65 15.94
N ILE A 11 1.51 36.99 15.70
CA ILE A 11 2.23 36.96 14.44
C ILE A 11 1.24 36.47 13.41
N GLY A 12 1.51 36.71 12.16
CA GLY A 12 0.49 36.44 11.11
C GLY A 12 -0.86 37.15 11.30
N ASP A 13 -0.96 38.01 12.31
CA ASP A 13 -2.11 38.89 12.40
C ASP A 13 -2.09 39.83 11.19
N ILE A 14 -3.11 40.68 11.15
CA ILE A 14 -3.23 41.62 10.05
C ILE A 14 -3.41 43.04 10.63
N CYS A 15 -2.51 43.94 10.28
CA CYS A 15 -2.40 45.25 10.91
C CYS A 15 -2.32 46.35 9.85
N SER A 16 -2.81 47.48 10.17
CA SER A 16 -2.18 48.68 9.64
C SER A 16 -1.42 49.38 10.76
N LEU A 17 -0.90 50.60 10.40
CA LEU A 17 -0.07 51.39 11.35
C LEU A 17 0.10 52.75 10.77
N TYR A 18 0.08 53.76 11.62
CA TYR A 18 -0.11 55.12 11.13
C TYR A 18 0.70 56.20 11.85
N ALA A 19 1.58 56.89 11.11
CA ALA A 19 2.37 58.01 11.64
C ALA A 19 1.46 59.07 12.22
N GLU A 20 1.82 59.58 13.40
CA GLU A 20 1.14 60.73 13.98
C GLU A 20 2.18 61.86 14.06
N GLY A 21 1.95 62.82 14.94
CA GLY A 21 2.94 63.88 15.09
C GLY A 21 2.91 64.88 13.94
N SER A 22 4.09 65.24 13.44
CA SER A 22 4.15 66.31 12.44
C SER A 22 3.80 65.81 11.04
N THR A 23 4.11 64.53 10.73
CA THR A 23 3.59 63.85 9.54
C THR A 23 2.68 62.72 10.05
N ASN A 24 1.50 63.10 10.56
CA ASN A 24 0.45 62.17 10.94
C ASN A 24 -0.05 61.52 9.66
N GLY A 25 0.22 60.24 9.52
CA GLY A 25 -0.29 59.56 8.34
C GLY A 25 0.00 58.08 8.46
N PHE A 26 -0.38 57.31 7.43
CA PHE A 26 -0.06 55.88 7.41
C PHE A 26 0.44 55.45 6.03
N ILE A 27 0.82 54.17 5.91
CA ILE A 27 1.59 53.73 4.74
C ILE A 27 0.82 53.95 3.44
N SER A 28 1.54 53.98 2.32
CA SER A 28 0.85 54.03 1.04
C SER A 28 1.69 53.35 -0.03
N THR A 29 1.02 52.78 -1.03
CA THR A 29 1.64 51.98 -2.10
C THR A 29 2.09 52.84 -3.29
N LEU A 30 3.03 52.29 -4.07
CA LEU A 30 3.70 53.01 -5.15
C LEU A 30 3.24 52.61 -6.53
N GLY A 31 2.09 51.97 -6.67
CA GLY A 31 1.73 51.34 -7.92
C GLY A 31 2.62 50.14 -8.14
N LEU A 32 2.38 49.35 -9.19
CA LEU A 32 3.15 48.11 -9.37
C LEU A 32 4.33 48.30 -10.32
N VAL A 33 4.23 49.23 -11.27
CA VAL A 33 5.40 49.60 -12.08
C VAL A 33 6.44 50.33 -11.23
N ASP A 34 6.07 51.53 -10.76
CA ASP A 34 6.87 52.29 -9.80
C ASP A 34 6.88 51.54 -8.46
N ASP A 35 8.01 51.60 -7.77
CA ASP A 35 8.27 50.69 -6.64
C ASP A 35 8.87 51.42 -5.44
N ARG A 36 8.20 52.47 -4.96
CA ARG A 36 8.79 53.43 -4.03
C ARG A 36 7.82 53.90 -2.94
N CYS A 37 8.29 53.96 -1.70
CA CYS A 37 7.45 54.18 -0.52
C CYS A 37 7.03 55.65 -0.36
N VAL A 38 5.83 55.88 0.20
CA VAL A 38 5.30 57.24 0.41
C VAL A 38 3.98 57.32 1.21
N VAL A 39 3.53 58.60 1.48
CA VAL A 39 2.31 58.92 2.23
C VAL A 39 1.75 60.34 2.01
N GLN A 40 0.57 60.40 1.35
CA GLN A 40 -0.33 61.55 1.15
C GLN A 40 -0.99 61.93 2.46
N PRO A 41 -0.42 62.85 3.24
CA PRO A 41 -1.14 63.28 4.46
C PRO A 41 -2.53 63.82 4.16
N GLU A 42 -2.80 64.19 2.91
CA GLU A 42 -4.08 64.75 2.49
C GLU A 42 -5.15 63.71 2.24
N ALA A 43 -4.91 62.44 2.57
CA ALA A 43 -5.82 61.41 2.13
C ALA A 43 -6.86 61.04 3.20
N GLY A 44 -6.49 60.92 4.48
CA GLY A 44 -7.47 60.50 5.47
C GLY A 44 -7.01 60.64 6.90
N ASP A 45 -7.93 60.37 7.81
CA ASP A 45 -7.65 60.49 9.22
C ASP A 45 -7.59 59.10 9.81
N LEU A 46 -7.34 59.05 11.11
CA LEU A 46 -7.45 57.79 11.85
C LEU A 46 -8.90 57.54 12.21
N ASN A 47 -9.59 58.56 12.70
CA ASN A 47 -11.04 58.57 12.69
C ASN A 47 -11.60 58.41 11.28
N ASN A 48 -11.04 59.15 10.28
CA ASN A 48 -11.46 59.07 8.88
C ASN A 48 -10.47 58.28 8.03
N PRO A 49 -10.49 56.96 8.11
CA PRO A 49 -9.54 56.14 7.32
C PRO A 49 -9.48 56.58 5.90
N PRO A 50 -8.37 56.39 5.23
CA PRO A 50 -8.26 56.69 3.79
C PRO A 50 -9.06 55.73 2.95
N LYS A 51 -9.35 56.19 1.74
CA LYS A 51 -10.11 55.38 0.77
C LYS A 51 -9.31 54.13 0.40
N LYS A 52 -8.36 54.27 -0.51
CA LYS A 52 -7.47 53.18 -0.85
C LYS A 52 -6.79 52.67 0.42
N PHE A 53 -7.38 51.64 1.02
CA PHE A 53 -6.92 51.08 2.30
C PHE A 53 -5.97 49.90 2.19
N ARG A 54 -6.24 48.98 1.26
CA ARG A 54 -5.54 47.71 1.20
C ARG A 54 -4.04 47.87 0.91
N ASP A 55 -3.65 48.98 0.31
CA ASP A 55 -2.24 49.19 0.06
C ASP A 55 -1.46 49.30 1.36
N CYS A 56 -2.11 49.57 2.48
CA CYS A 56 -1.39 49.93 3.70
C CYS A 56 -1.45 48.87 4.80
N LEU A 57 -2.08 47.73 4.56
CA LEU A 57 -2.15 46.66 5.53
C LEU A 57 -1.25 45.49 5.11
N PHE A 58 -0.85 44.69 6.12
CA PHE A 58 0.13 43.62 5.91
C PHE A 58 0.12 42.65 7.10
N LYS A 59 0.81 41.50 6.93
CA LYS A 59 0.79 40.41 7.90
C LYS A 59 1.92 40.54 8.89
N LEU A 60 1.73 39.95 10.08
CA LEU A 60 2.63 40.21 11.21
C LEU A 60 3.89 39.44 11.00
N CYS A 61 4.94 40.06 10.52
CA CYS A 61 5.90 39.28 9.83
C CYS A 61 6.97 38.88 10.80
N PRO A 62 7.20 37.60 10.97
CA PRO A 62 8.45 37.21 11.56
C PRO A 62 9.51 37.18 10.47
N MET A 63 10.69 37.72 10.74
CA MET A 63 11.77 37.56 9.79
C MET A 63 12.06 36.08 9.63
N ASN A 64 12.73 35.77 8.56
CA ASN A 64 12.97 34.41 8.16
C ASN A 64 14.44 34.30 7.77
N ARG A 65 15.03 33.15 8.09
CA ARG A 65 16.45 32.96 7.85
C ARG A 65 16.66 32.71 6.37
N TYR A 66 17.71 33.35 5.79
CA TYR A 66 17.76 33.39 4.34
C TYR A 66 19.15 33.63 3.73
N SER A 67 20.24 33.32 4.44
CA SER A 67 21.57 33.71 3.97
C SER A 67 21.93 33.07 2.64
N ALA A 68 21.19 32.02 2.26
CA ALA A 68 21.57 31.20 1.12
C ALA A 68 21.19 31.85 -0.20
N GLN A 69 20.06 32.57 -0.20
CA GLN A 69 19.74 33.44 -1.34
C GLN A 69 20.81 34.50 -1.57
N LYS A 70 21.68 34.72 -0.60
CA LYS A 70 22.50 35.92 -0.50
C LYS A 70 23.96 35.66 -0.86
N GLN A 71 24.53 34.57 -0.37
CA GLN A 71 25.73 34.12 -1.05
C GLN A 71 25.39 33.79 -2.49
N PHE A 72 24.32 32.99 -2.66
CA PHE A 72 23.79 32.65 -3.97
C PHE A 72 23.51 33.88 -4.83
N TRP A 73 23.40 35.07 -4.23
CA TRP A 73 22.92 36.27 -4.88
C TRP A 73 24.00 37.31 -5.12
N LYS A 74 24.90 37.49 -4.15
CA LYS A 74 26.27 37.82 -4.46
C LYS A 74 26.68 37.29 -5.82
N ALA A 75 26.72 35.96 -5.96
CA ALA A 75 26.79 35.31 -7.27
C ALA A 75 25.41 35.16 -7.85
N ASP A 85 29.46 23.63 -12.31
CA ASP A 85 29.02 25.00 -12.53
C ASP A 85 28.09 24.99 -13.79
N ALA A 86 26.76 24.93 -13.66
CA ALA A 86 25.89 25.05 -12.48
C ALA A 86 26.42 24.75 -11.09
N VAL A 87 26.31 23.49 -10.67
CA VAL A 87 26.87 22.97 -9.39
C VAL A 87 27.09 24.01 -8.29
N LEU A 88 28.19 24.77 -8.39
CA LEU A 88 28.50 25.81 -7.40
C LEU A 88 27.26 26.62 -7.13
N LEU A 89 26.77 27.33 -8.13
CA LEU A 89 25.60 28.14 -7.88
C LEU A 89 24.35 27.27 -7.72
N ASN A 90 24.32 26.07 -8.30
CA ASN A 90 23.12 25.24 -8.13
C ASN A 90 22.90 24.90 -6.67
N LYS A 91 23.95 24.42 -6.02
CA LYS A 91 23.94 24.23 -4.58
C LYS A 91 23.69 25.55 -3.87
N LEU A 92 24.17 26.66 -4.44
CA LEU A 92 23.87 27.95 -3.81
C LEU A 92 22.37 28.22 -3.84
N HIS A 93 21.77 28.11 -5.01
CA HIS A 93 20.37 28.45 -5.24
C HIS A 93 19.44 27.47 -4.54
N HIS A 94 19.83 26.19 -4.49
CA HIS A 94 19.03 25.19 -3.78
C HIS A 94 19.09 25.43 -2.29
N ALA A 95 20.25 25.90 -1.83
CA ALA A 95 20.31 26.40 -0.48
C ALA A 95 19.27 27.50 -0.32
N ALA A 96 19.24 28.47 -1.23
CA ALA A 96 18.33 29.61 -1.17
C ALA A 96 16.87 29.20 -1.10
N ASP A 97 16.44 28.45 -2.12
CA ASP A 97 15.15 27.79 -2.12
C ASP A 97 14.87 27.22 -0.75
N LEU A 98 15.68 26.24 -0.34
CA LEU A 98 15.59 25.73 1.02
C LEU A 98 15.50 26.85 2.04
N GLU A 99 16.26 27.93 1.82
CA GLU A 99 16.49 28.97 2.79
C GLU A 99 15.12 29.49 3.12
N LYS A 100 14.46 29.97 2.09
CA LYS A 100 13.02 30.03 2.10
C LYS A 100 12.50 28.89 2.95
N LYS A 101 12.48 27.64 2.47
CA LYS A 101 11.77 26.58 3.18
C LYS A 101 11.86 26.77 4.69
N GLN A 102 13.06 26.72 5.26
CA GLN A 102 13.19 26.87 6.70
C GLN A 102 12.67 28.22 7.14
N ASN A 103 12.83 29.23 6.30
CA ASN A 103 12.20 30.52 6.51
C ASN A 103 10.69 30.36 6.57
N GLU A 104 10.14 29.43 5.80
CA GLU A 104 8.70 29.20 5.59
C GLU A 104 8.09 28.23 6.58
N THR A 105 8.87 27.25 7.01
CA THR A 105 8.47 26.31 8.04
C THR A 105 8.72 26.92 9.41
N GLU A 106 9.94 27.44 9.61
CA GLU A 106 10.23 28.36 10.70
C GLU A 106 9.16 29.44 10.85
N ASN A 107 8.93 30.16 9.76
CA ASN A 107 8.00 31.29 9.79
C ASN A 107 6.58 30.81 10.08
N ARG A 108 6.21 29.69 9.48
CA ARG A 108 5.02 28.98 9.91
C ARG A 108 4.99 28.87 11.42
N LYS A 109 6.11 28.47 12.00
CA LYS A 109 6.18 28.42 13.45
C LYS A 109 5.89 29.78 14.06
N LEU A 110 6.17 30.87 13.33
CA LEU A 110 5.94 32.22 13.83
C LEU A 110 4.64 32.78 13.30
N LEU A 111 3.58 32.30 13.88
CA LEU A 111 2.25 32.62 13.39
C LEU A 111 1.28 32.66 14.59
N GLY A 112 0.33 33.62 14.61
CA GLY A 112 -0.39 33.78 15.87
C GLY A 112 0.51 34.04 17.04
N THR A 113 1.73 34.52 16.76
CA THR A 113 2.80 34.73 17.73
C THR A 113 2.93 36.21 18.10
N VAL A 114 2.41 36.61 19.28
CA VAL A 114 2.61 37.98 19.71
C VAL A 114 4.11 38.25 19.70
N ILE A 115 4.54 39.11 18.78
CA ILE A 115 5.95 39.44 18.76
C ILE A 115 6.20 40.33 19.95
N GLN A 116 7.26 40.04 20.69
CA GLN A 116 7.73 41.00 21.67
C GLN A 116 8.16 42.28 20.96
N TYR A 117 7.96 43.43 21.62
CA TYR A 117 8.75 44.55 21.18
C TYR A 117 10.19 44.12 21.36
N GLY A 118 11.09 44.64 20.54
CA GLY A 118 12.41 44.05 20.54
C GLY A 118 12.49 42.55 20.30
N ASN A 119 11.35 41.88 20.09
CA ASN A 119 11.27 40.80 19.13
C ASN A 119 10.96 41.53 17.84
N VAL A 120 11.96 42.17 17.30
CA VAL A 120 11.97 42.61 15.92
C VAL A 120 11.19 41.62 15.09
N ILE A 121 10.39 42.12 14.17
CA ILE A 121 9.59 41.27 13.30
C ILE A 121 9.73 41.79 11.89
N GLN A 122 10.03 40.90 10.96
CA GLN A 122 10.01 41.31 9.57
C GLN A 122 8.69 41.95 9.22
N LEU A 123 8.73 42.66 8.08
CA LEU A 123 7.58 43.41 7.57
C LEU A 123 7.51 43.21 6.07
N LEU A 124 6.37 42.74 5.58
CA LEU A 124 6.16 42.42 4.19
C LEU A 124 4.79 42.89 3.75
N HIS A 125 4.68 43.25 2.47
CA HIS A 125 3.62 44.14 1.97
C HIS A 125 2.45 43.40 1.36
N LEU A 126 1.56 42.90 2.21
CA LEU A 126 0.46 42.03 1.81
C LEU A 126 -0.14 42.39 0.45
N LYS A 127 -0.61 43.63 0.28
CA LYS A 127 -1.28 43.99 -0.98
C LYS A 127 -0.34 43.79 -2.17
N SER A 128 0.82 44.44 -2.13
CA SER A 128 1.85 44.17 -3.12
C SER A 128 2.69 42.93 -2.82
N ASN A 129 2.51 42.32 -1.63
CA ASN A 129 3.13 41.02 -1.24
C ASN A 129 4.65 41.07 -1.06
N LYS A 130 5.19 42.17 -0.50
CA LYS A 130 6.63 42.43 -0.55
C LYS A 130 7.24 42.76 0.80
N TYR A 131 8.32 42.06 1.12
CA TYR A 131 9.03 42.34 2.35
C TYR A 131 9.56 43.75 2.36
N LEU A 132 9.21 44.51 3.39
CA LEU A 132 9.75 45.87 3.51
C LEU A 132 11.26 45.83 3.69
N THR A 133 11.98 46.67 2.92
CA THR A 133 13.44 46.60 2.85
C THR A 133 14.13 47.92 3.22
N VAL A 134 15.25 47.77 3.97
CA VAL A 134 16.01 48.85 4.59
C VAL A 134 17.40 48.93 3.95
N ASN A 135 17.65 50.02 3.20
CA ASN A 135 18.83 50.18 2.33
C ASN A 135 19.80 51.21 2.91
N LYS A 136 20.79 50.71 3.66
CA LYS A 136 21.71 51.58 4.39
C LYS A 136 22.80 52.15 3.48
N ARG A 137 23.39 51.32 2.61
CA ARG A 137 24.54 51.78 1.83
C ARG A 137 24.13 52.76 0.73
N LEU A 138 23.06 52.46 0.00
CA LEU A 138 22.51 53.43 -0.96
C LEU A 138 21.98 54.66 -0.23
N PRO A 139 22.34 55.87 -0.64
CA PRO A 139 21.75 57.04 -0.01
C PRO A 139 20.26 57.11 -0.31
N ALA A 140 19.51 57.71 0.59
CA ALA A 140 18.16 58.13 0.28
C ALA A 140 18.21 59.53 -0.28
N LEU A 141 17.41 59.79 -1.32
CA LEU A 141 17.52 61.04 -2.05
C LEU A 141 16.86 62.20 -1.31
N LEU A 142 15.57 62.05 -0.99
CA LEU A 142 14.78 63.19 -0.54
C LEU A 142 15.25 63.69 0.82
N GLU A 143 15.50 62.78 1.75
CA GLU A 143 16.22 63.17 2.97
C GLU A 143 17.62 63.60 2.58
N LYS A 144 18.11 64.63 3.28
CA LYS A 144 19.44 65.15 2.95
C LYS A 144 20.51 64.09 3.08
N ASN A 145 20.36 63.13 3.99
CA ASN A 145 21.42 62.13 4.14
C ASN A 145 20.94 60.83 4.79
N ALA A 146 19.68 60.47 4.62
CA ALA A 146 19.21 59.22 5.18
C ALA A 146 19.52 58.05 4.24
N MET A 147 19.08 56.85 4.63
CA MET A 147 19.14 55.61 3.88
C MET A 147 17.77 55.34 3.25
N ARG A 148 17.76 54.75 2.04
CA ARG A 148 16.50 54.65 1.31
C ARG A 148 15.65 53.46 1.75
N VAL A 149 14.33 53.61 1.71
CA VAL A 149 13.41 52.56 2.11
C VAL A 149 12.60 52.14 0.91
N THR A 150 12.60 50.83 0.62
CA THR A 150 11.83 50.36 -0.53
C THR A 150 11.55 48.89 -0.36
N LEU A 151 10.56 48.42 -1.12
CA LEU A 151 10.06 47.08 -0.92
C LEU A 151 10.77 46.11 -1.80
N ASP A 152 11.19 45.00 -1.18
CA ASP A 152 11.69 43.82 -1.89
C ASP A 152 10.89 42.62 -1.44
N GLU A 153 10.22 41.96 -2.38
CA GLU A 153 9.37 40.82 -2.08
C GLU A 153 10.18 39.72 -1.42
N ALA A 154 11.08 39.10 -2.17
CA ALA A 154 12.09 38.22 -1.57
C ALA A 154 12.69 38.86 -0.33
N GLY A 155 12.80 40.16 -0.30
CA GLY A 155 13.25 40.81 0.94
C GLY A 155 14.75 40.85 1.04
N ASN A 156 15.18 41.27 2.22
CA ASN A 156 16.59 41.37 2.54
C ASN A 156 16.67 41.30 4.05
N GLU A 157 17.79 41.70 4.63
CA GLU A 157 17.93 41.56 6.09
C GLU A 157 17.46 42.82 6.81
N GLY A 158 17.69 43.97 6.17
CA GLY A 158 17.15 45.23 6.67
C GLY A 158 15.69 45.06 7.07
N SER A 159 15.05 44.08 6.40
CA SER A 159 13.63 43.77 6.58
C SER A 159 13.25 43.66 8.05
N TRP A 160 13.88 42.74 8.76
CA TRP A 160 13.70 42.70 10.19
C TRP A 160 13.88 44.11 10.75
N PHE A 161 12.75 44.67 11.19
CA PHE A 161 12.73 45.97 11.82
C PHE A 161 12.66 45.73 13.31
N TYR A 162 13.75 46.04 13.99
CA TYR A 162 13.82 46.06 15.44
C TYR A 162 12.48 46.43 16.02
N ILE A 163 11.90 45.62 16.86
CA ILE A 163 10.58 46.00 17.34
C ILE A 163 10.80 46.74 18.63
N GLN A 164 11.61 47.78 18.62
CA GLN A 164 11.69 48.50 19.89
C GLN A 164 10.39 49.27 20.01
N PRO A 165 10.08 49.88 21.15
CA PRO A 165 8.81 50.63 21.26
C PRO A 165 9.04 52.15 21.24
N PHE A 166 8.00 52.99 21.24
CA PHE A 166 8.09 54.45 21.06
C PHE A 166 7.81 55.28 22.32
N TYR A 167 6.85 54.87 23.15
CA TYR A 167 6.48 55.61 24.35
C TYR A 167 7.00 54.89 25.58
N LYS A 168 7.17 55.65 26.65
CA LYS A 168 7.85 55.11 27.82
C LYS A 168 7.06 54.02 28.50
N LEU A 169 5.76 53.92 28.22
CA LEU A 169 4.99 52.88 28.88
C LEU A 169 5.37 51.48 28.37
N ARG A 170 5.59 51.33 27.07
CA ARG A 170 5.93 50.05 26.44
C ARG A 170 7.46 49.85 26.37
N SER A 171 7.87 48.67 25.87
CA SER A 171 9.29 48.28 25.91
C SER A 171 9.59 47.01 25.09
N ILE A 172 10.88 46.85 24.74
CA ILE A 172 11.33 45.78 23.84
C ILE A 172 11.52 44.48 24.62
N GLY A 173 11.02 43.37 24.07
CA GLY A 173 10.87 42.12 24.79
C GLY A 173 9.43 41.86 25.18
N ASP A 174 8.59 42.89 25.15
CA ASP A 174 7.19 42.75 25.48
C ASP A 174 6.34 42.83 24.23
N SER A 175 5.43 41.89 24.08
CA SER A 175 4.35 42.07 23.11
C SER A 175 3.59 43.34 23.41
N VAL A 176 4.11 44.56 23.09
CA VAL A 176 3.40 45.81 23.20
C VAL A 176 2.12 45.65 22.48
N VAL A 177 0.97 46.30 22.98
CA VAL A 177 -0.50 45.94 23.11
C VAL A 177 -1.57 45.79 22.01
N ILE A 178 -2.33 46.85 21.71
CA ILE A 178 -3.32 46.85 20.55
C ILE A 178 -3.65 48.23 20.10
N GLY A 179 -2.91 48.61 19.05
CA GLY A 179 -2.83 50.07 18.59
C GLY A 179 -1.80 50.96 19.28
N ASP A 180 -0.50 50.80 19.06
CA ASP A 180 0.52 51.57 19.78
C ASP A 180 1.55 52.18 18.85
N LYS A 181 1.98 53.37 19.24
CA LYS A 181 3.22 53.88 18.71
C LYS A 181 4.33 52.93 19.08
N VAL A 182 5.31 52.82 18.23
CA VAL A 182 6.48 52.01 18.56
C VAL A 182 7.70 52.48 17.77
N VAL A 183 8.90 52.08 18.21
CA VAL A 183 10.16 52.46 17.57
C VAL A 183 10.92 51.19 17.30
N LEU A 184 10.69 50.65 16.09
CA LEU A 184 10.88 49.29 15.72
C LEU A 184 12.01 49.23 14.74
N ASN A 185 12.94 50.11 14.96
CA ASN A 185 13.84 50.59 13.93
C ASN A 185 14.77 49.48 13.42
N PRO A 186 15.28 49.64 12.22
CA PRO A 186 16.22 48.61 11.70
C PRO A 186 17.59 48.78 12.32
N VAL A 187 18.10 47.74 12.99
CA VAL A 187 19.45 47.79 13.53
C VAL A 187 20.47 47.94 12.40
N ASN A 188 20.04 47.78 11.14
CA ASN A 188 20.86 47.69 9.92
C ASN A 188 20.93 48.98 9.10
N ALA A 189 19.80 49.51 8.64
CA ALA A 189 19.78 50.94 8.28
C ALA A 189 20.45 51.80 9.34
N GLY A 190 20.38 51.33 10.60
CA GLY A 190 21.04 51.98 11.73
C GLY A 190 20.32 53.25 12.17
N GLN A 191 19.30 53.78 11.31
CA GLN A 191 18.48 54.93 11.65
C GLN A 191 17.13 54.47 12.10
N PRO A 192 16.54 55.16 13.07
CA PRO A 192 15.13 55.04 13.34
C PRO A 192 14.41 55.23 12.02
N LEU A 193 13.21 54.69 11.92
CA LEU A 193 12.52 54.84 10.66
C LEU A 193 11.98 56.27 10.49
N HIS A 194 12.43 56.97 9.43
CA HIS A 194 12.30 58.43 9.34
C HIS A 194 11.03 58.85 8.63
N ALA A 195 10.22 59.67 9.27
CA ALA A 195 9.14 60.31 8.53
C ALA A 195 9.47 61.78 8.32
N SER A 196 9.03 62.31 7.17
CA SER A 196 9.54 63.55 6.60
C SER A 196 8.36 64.30 5.99
N SER A 197 8.38 65.63 6.15
CA SER A 197 7.34 66.46 5.57
C SER A 197 7.33 66.39 4.05
N HIS A 198 8.45 66.07 3.42
CA HIS A 198 8.63 66.17 1.98
C HIS A 198 7.72 65.19 1.22
N GLN A 199 7.44 65.54 -0.03
CA GLN A 199 6.39 64.97 -0.85
C GLN A 199 6.70 65.21 -2.34
N LEU A 200 6.05 64.46 -3.24
CA LEU A 200 6.60 64.30 -4.59
C LEU A 200 5.76 65.00 -5.66
N VAL A 201 6.20 64.83 -6.93
CA VAL A 201 5.74 65.63 -8.07
C VAL A 201 5.02 64.85 -9.16
N ASP A 202 5.22 63.54 -9.20
CA ASP A 202 4.65 62.74 -10.30
C ASP A 202 3.26 62.19 -9.95
N ASN A 203 3.06 61.69 -8.70
CA ASN A 203 1.77 61.21 -8.16
C ASN A 203 1.45 61.98 -6.88
N PRO A 204 1.20 63.28 -7.01
CA PRO A 204 1.38 64.27 -5.92
C PRO A 204 0.85 63.87 -4.56
N GLY A 205 -0.16 62.99 -4.46
CA GLY A 205 -0.80 62.82 -3.16
C GLY A 205 0.19 62.85 -2.03
N CYS A 206 1.32 62.17 -2.21
CA CYS A 206 2.10 61.59 -1.12
C CYS A 206 3.36 62.31 -0.66
N ASN A 207 3.71 62.09 0.62
CA ASN A 207 5.01 62.36 1.22
C ASN A 207 5.76 61.04 1.40
N GLU A 208 7.01 61.02 0.95
CA GLU A 208 7.71 59.74 0.76
C GLU A 208 8.16 59.13 2.10
N VAL A 209 9.02 58.07 2.04
CA VAL A 209 9.29 57.25 3.24
C VAL A 209 10.68 56.60 3.20
N ASN A 210 11.47 56.75 4.28
CA ASN A 210 12.80 56.15 4.44
C ASN A 210 13.30 56.36 5.87
N SER A 211 14.18 55.47 6.30
CA SER A 211 14.72 55.52 7.68
C SER A 211 15.82 56.60 7.89
N VAL A 212 15.73 57.35 9.00
CA VAL A 212 16.75 58.23 9.50
C VAL A 212 16.49 58.42 10.99
N ASN A 213 17.55 58.74 11.70
CA ASN A 213 17.38 59.16 13.10
C ASN A 213 16.37 60.29 13.27
N CYS A 214 15.16 60.08 12.78
CA CYS A 214 14.12 61.10 12.68
C CYS A 214 13.20 61.01 13.87
N ASN A 215 12.12 61.76 13.80
CA ASN A 215 11.36 62.06 14.99
C ASN A 215 9.90 61.66 14.94
N THR A 216 9.43 61.02 13.88
CA THR A 216 7.98 60.86 13.79
C THR A 216 7.57 59.47 14.26
N SER A 217 6.25 59.27 14.33
CA SER A 217 5.68 58.25 15.19
C SER A 217 4.43 57.65 14.56
N TRP A 218 4.43 56.29 14.41
CA TRP A 218 3.29 55.53 13.93
C TRP A 218 2.71 54.63 15.03
N LYS A 219 1.39 54.41 14.99
CA LYS A 219 0.68 53.44 15.83
C LYS A 219 0.14 52.32 14.96
N ILE A 220 0.45 51.08 15.34
CA ILE A 220 -0.13 49.94 14.65
C ILE A 220 -1.64 50.11 14.67
N VAL A 221 -2.23 50.16 13.52
CA VAL A 221 -3.67 50.08 13.43
C VAL A 221 -3.98 48.78 12.72
N LEU A 222 -3.88 47.72 13.47
CA LEU A 222 -4.49 46.39 13.22
C LEU A 222 -5.44 46.36 12.00
N PHE A 223 -5.46 45.21 11.36
CA PHE A 223 -6.53 44.98 10.46
C PHE A 223 -7.23 43.76 10.99
N MET A 224 -7.07 42.63 10.37
CA MET A 224 -7.67 41.41 10.92
C MET A 224 -6.66 40.78 11.86
N LYS A 225 -6.93 39.57 12.31
CA LYS A 225 -6.08 39.08 13.35
C LYS A 225 -5.20 37.98 12.83
N TRP A 226 -4.48 37.38 13.74
CA TRP A 226 -3.73 36.18 13.49
C TRP A 226 -4.60 35.02 13.05
N SER A 227 -5.07 34.26 14.02
CA SER A 227 -6.26 33.42 13.89
C SER A 227 -7.14 33.84 12.73
N ASP A 228 -7.67 35.06 12.83
CA ASP A 228 -8.50 35.61 11.78
C ASP A 228 -7.95 35.28 10.37
N ASN A 229 -6.63 35.10 10.20
CA ASN A 229 -6.06 34.53 8.95
C ASN A 229 -6.22 33.00 8.90
N LYS A 230 -7.44 32.57 8.92
CA LYS A 230 -7.85 31.30 8.36
C LYS A 230 -8.35 31.56 6.95
N ASP A 231 -8.00 30.70 6.03
CA ASP A 231 -8.35 31.02 4.65
C ASP A 231 -9.75 30.55 4.25
N ASP A 232 -10.12 29.32 4.61
CA ASP A 232 -11.28 28.65 4.02
C ASP A 232 -12.57 29.45 4.16
N ILE A 233 -12.66 30.29 5.13
CA ILE A 233 -13.83 31.17 5.27
C ILE A 233 -13.55 32.45 4.50
N LEU A 234 -14.56 32.94 3.79
CA LEU A 234 -14.42 34.27 3.21
C LEU A 234 -14.17 35.22 4.37
N LYS A 235 -13.06 35.91 4.33
CA LYS A 235 -12.60 36.73 5.44
C LYS A 235 -12.72 38.20 5.09
N GLY A 236 -12.52 39.03 6.12
CA GLY A 236 -12.63 40.48 5.96
C GLY A 236 -11.73 40.90 4.84
N GLY A 237 -12.24 41.74 3.94
CA GLY A 237 -11.54 42.02 2.72
C GLY A 237 -11.07 40.83 1.90
N ASP A 238 -11.90 39.81 1.71
CA ASP A 238 -11.57 38.66 0.85
C ASP A 238 -12.32 38.74 -0.48
N VAL A 239 -11.79 38.10 -1.49
CA VAL A 239 -12.30 38.28 -2.84
C VAL A 239 -13.44 37.29 -3.09
N VAL A 240 -14.35 37.66 -4.00
CA VAL A 240 -15.46 36.81 -4.44
C VAL A 240 -16.09 37.41 -5.69
N ARG A 241 -16.88 36.58 -6.38
CA ARG A 241 -17.53 36.90 -7.61
C ARG A 241 -19.01 36.60 -7.53
N LEU A 242 -19.77 37.51 -8.09
CA LEU A 242 -21.15 37.76 -7.71
C LEU A 242 -22.01 37.21 -8.83
N PHE A 243 -22.15 35.91 -8.83
CA PHE A 243 -22.91 35.24 -9.87
C PHE A 243 -24.37 35.35 -9.53
N HIS A 244 -25.17 36.00 -10.37
CA HIS A 244 -26.55 35.55 -10.35
C HIS A 244 -26.49 34.14 -10.94
N ALA A 245 -26.36 33.14 -10.07
CA ALA A 245 -26.21 31.76 -10.51
C ALA A 245 -27.43 31.28 -11.30
N GLU A 246 -28.62 31.58 -10.78
CA GLU A 246 -29.86 31.36 -11.54
C GLU A 246 -29.81 32.11 -12.86
N GLN A 247 -29.47 33.40 -12.84
CA GLN A 247 -29.27 33.88 -14.19
C GLN A 247 -27.95 33.32 -14.85
N GLU A 248 -27.24 32.32 -14.31
CA GLU A 248 -25.92 31.88 -14.77
C GLU A 248 -25.02 33.07 -15.03
N LYS A 249 -25.32 34.16 -14.29
CA LYS A 249 -24.89 35.52 -14.56
C LYS A 249 -24.30 36.17 -13.30
N PHE A 250 -22.99 36.04 -13.13
CA PHE A 250 -22.27 37.08 -12.40
C PHE A 250 -22.84 38.41 -12.81
N LEU A 251 -23.47 39.11 -11.88
CA LEU A 251 -23.92 40.44 -12.21
C LEU A 251 -22.73 41.28 -12.67
N THR A 252 -22.99 42.41 -13.33
CA THR A 252 -21.92 43.17 -14.00
C THR A 252 -22.28 44.60 -14.46
N CYS A 253 -21.67 45.60 -13.82
CA CYS A 253 -22.27 46.94 -13.71
C CYS A 253 -21.62 47.98 -14.63
N ASP A 254 -21.62 47.78 -15.93
CA ASP A 254 -20.88 48.63 -16.82
C ASP A 254 -21.46 50.05 -16.76
N GLU A 255 -20.77 50.93 -16.11
CA GLU A 255 -20.71 52.36 -16.39
C GLU A 255 -21.32 52.73 -17.72
N HIS A 256 -22.64 52.66 -17.80
CA HIS A 256 -23.35 52.97 -19.02
C HIS A 256 -23.40 54.47 -19.31
N ARG A 257 -23.06 54.85 -20.56
CA ARG A 257 -23.24 56.20 -21.10
C ARG A 257 -22.32 57.16 -20.38
N LYS A 258 -21.08 56.74 -20.18
CA LYS A 258 -20.05 57.49 -19.46
C LYS A 258 -20.44 57.76 -18.00
N LYS A 259 -21.42 56.98 -17.50
CA LYS A 259 -21.92 57.00 -16.11
C LYS A 259 -21.78 55.61 -15.52
N GLN A 260 -22.33 55.40 -14.35
CA GLN A 260 -22.46 54.02 -13.89
C GLN A 260 -23.75 53.40 -14.44
N HIS A 261 -23.62 52.26 -15.17
CA HIS A 261 -24.65 51.24 -15.17
C HIS A 261 -24.30 50.12 -14.22
N VAL A 262 -25.32 49.72 -13.45
CA VAL A 262 -25.17 48.56 -12.60
C VAL A 262 -26.01 47.45 -13.21
N PHE A 263 -25.40 46.30 -13.62
CA PHE A 263 -26.23 45.43 -14.44
C PHE A 263 -25.73 44.01 -14.46
N LEU A 264 -26.56 43.01 -14.30
CA LEU A 264 -26.03 41.66 -14.47
C LEU A 264 -25.61 41.45 -15.93
N ARG A 265 -24.48 40.79 -16.16
CA ARG A 265 -23.98 40.50 -17.51
C ARG A 265 -24.50 39.19 -18.10
N THR A 266 -24.67 39.18 -19.43
CA THR A 266 -25.09 38.02 -20.21
C THR A 266 -24.38 36.74 -19.78
N THR A 267 -24.91 36.16 -18.69
CA THR A 267 -24.51 34.85 -18.16
C THR A 267 -23.26 34.21 -18.75
N SER A 271 -20.53 28.59 -17.96
CA SER A 271 -19.43 29.43 -17.55
C SER A 271 -19.50 29.72 -16.02
N ALA A 272 -20.04 28.75 -15.28
CA ALA A 272 -20.37 28.96 -13.87
C ALA A 272 -19.16 29.43 -13.07
N THR A 273 -17.98 28.86 -13.30
CA THR A 273 -16.76 29.38 -12.70
C THR A 273 -15.75 29.79 -13.76
N SER A 274 -16.22 30.01 -14.99
CA SER A 274 -15.32 30.37 -16.08
C SER A 274 -14.69 31.75 -15.86
N ALA A 275 -13.89 32.16 -16.84
CA ALA A 275 -13.24 33.47 -16.82
C ALA A 275 -14.20 34.56 -17.31
N THR A 276 -14.48 35.50 -16.43
CA THR A 276 -15.18 36.70 -16.83
C THR A 276 -14.13 37.78 -16.99
N SER A 277 -14.50 38.84 -17.67
CA SER A 277 -13.64 40.01 -17.68
C SER A 277 -13.52 40.52 -16.26
N SER A 278 -12.66 41.52 -16.10
CA SER A 278 -12.33 42.02 -14.76
C SER A 278 -13.56 42.46 -13.95
N LYS A 279 -14.43 43.27 -14.54
CA LYS A 279 -15.56 43.86 -13.81
C LYS A 279 -16.36 42.85 -13.00
N ALA A 280 -16.26 41.54 -13.31
CA ALA A 280 -17.00 40.50 -12.61
C ALA A 280 -16.79 40.50 -11.09
N LEU A 281 -15.60 40.89 -10.65
CA LEU A 281 -15.25 40.75 -9.25
C LEU A 281 -15.47 42.05 -8.49
N TRP A 282 -15.41 41.94 -7.17
CA TRP A 282 -15.73 43.08 -6.33
C TRP A 282 -15.11 42.88 -4.95
N GLU A 283 -14.83 44.02 -4.28
CA GLU A 283 -14.13 44.06 -3.00
C GLU A 283 -15.09 43.87 -1.84
N VAL A 284 -14.53 43.41 -0.69
CA VAL A 284 -15.32 42.93 0.43
C VAL A 284 -14.97 43.67 1.71
N GLU A 285 -15.99 43.89 2.53
CA GLU A 285 -15.85 44.62 3.78
C GLU A 285 -16.89 44.12 4.77
N VAL A 286 -16.47 43.99 6.04
CA VAL A 286 -17.33 43.50 7.12
C VAL A 286 -17.34 44.54 8.25
N VAL A 287 -18.43 44.58 9.01
CA VAL A 287 -18.66 45.68 9.95
C VAL A 287 -17.80 45.52 11.19
N GLN A 288 -17.12 46.61 11.55
CA GLN A 288 -16.23 46.61 12.68
C GLN A 288 -16.40 47.93 13.41
N HIS A 289 -16.32 47.86 14.73
CA HIS A 289 -16.35 49.05 15.56
C HIS A 289 -15.36 50.13 15.10
N ASP A 290 -14.15 49.73 14.56
CA ASP A 290 -13.24 50.68 13.95
C ASP A 290 -13.35 50.60 12.44
N PRO A 291 -13.23 51.70 11.73
CA PRO A 291 -13.17 51.60 10.27
C PRO A 291 -12.08 50.69 9.80
N CYS A 292 -11.05 50.43 10.62
CA CYS A 292 -9.76 49.92 10.13
C CYS A 292 -9.40 48.47 10.52
N ARG A 293 -9.99 47.88 11.54
CA ARG A 293 -9.62 46.49 11.83
C ARG A 293 -10.34 45.51 10.96
N GLY A 294 -11.67 45.60 10.88
CA GLY A 294 -12.38 44.52 10.21
C GLY A 294 -12.35 43.26 11.05
N GLY A 295 -12.90 42.19 10.52
CA GLY A 295 -13.00 40.99 11.33
C GLY A 295 -13.51 39.79 10.56
N ALA A 296 -13.81 38.73 11.33
CA ALA A 296 -14.02 37.40 10.73
C ALA A 296 -15.44 37.22 10.19
N GLY A 297 -15.53 36.86 8.91
CA GLY A 297 -16.84 36.63 8.30
C GLY A 297 -17.73 35.83 9.23
N TYR A 298 -18.97 36.26 9.34
CA TYR A 298 -19.82 35.64 10.33
C TYR A 298 -21.24 35.75 9.83
N TRP A 299 -22.16 35.03 10.50
CA TRP A 299 -23.56 35.00 10.02
C TRP A 299 -24.35 36.23 10.45
N ASN A 300 -24.43 36.51 11.76
CA ASN A 300 -25.11 37.71 12.26
C ASN A 300 -24.47 39.01 11.72
N SER A 301 -23.20 38.94 11.31
CA SER A 301 -22.55 40.08 10.66
C SER A 301 -23.19 40.39 9.32
N LEU A 302 -23.60 41.63 9.11
CA LEU A 302 -23.89 42.09 7.77
C LEU A 302 -22.57 42.43 7.11
N PHE A 303 -22.63 42.77 5.82
CA PHE A 303 -21.39 43.01 5.10
C PHE A 303 -21.68 43.94 3.93
N ARG A 304 -20.64 44.65 3.49
CA ARG A 304 -20.79 45.62 2.42
C ARG A 304 -19.57 45.56 1.53
N PHE A 305 -19.80 45.91 0.26
CA PHE A 305 -18.90 45.55 -0.82
C PHE A 305 -18.80 46.76 -1.74
N LYS A 306 -17.69 46.81 -2.52
CA LYS A 306 -17.42 47.97 -3.36
C LYS A 306 -16.92 47.55 -4.74
N HIS A 307 -17.23 48.36 -5.76
CA HIS A 307 -16.72 48.11 -7.10
C HIS A 307 -15.30 48.64 -7.15
N LEU A 308 -14.37 47.74 -6.88
CA LEU A 308 -12.98 48.13 -6.75
C LEU A 308 -12.45 48.76 -8.03
N ALA A 309 -12.75 48.13 -9.17
CA ALA A 309 -12.38 48.71 -10.46
C ALA A 309 -12.89 50.14 -10.57
N THR A 310 -14.16 50.36 -10.24
CA THR A 310 -14.71 51.71 -10.23
C THR A 310 -14.31 52.49 -8.98
N GLY A 311 -14.13 51.82 -7.85
CA GLY A 311 -14.01 52.51 -6.58
C GLY A 311 -15.37 52.67 -5.96
N HIS A 312 -16.30 53.32 -6.68
CA HIS A 312 -17.69 53.51 -6.27
C HIS A 312 -18.36 52.17 -5.97
N TYR A 313 -19.13 52.13 -4.88
CA TYR A 313 -19.92 50.95 -4.51
C TYR A 313 -21.38 51.04 -4.99
N LEU A 314 -21.81 50.07 -5.83
CA LEU A 314 -23.13 49.97 -6.48
C LEU A 314 -24.26 49.79 -5.48
N ALA A 315 -25.16 50.77 -5.42
CA ALA A 315 -26.21 50.77 -4.40
C ALA A 315 -27.61 50.72 -5.00
N ALA A 316 -28.49 50.02 -4.29
CA ALA A 316 -29.91 50.00 -4.58
C ALA A 316 -30.55 51.37 -4.30
N VAL A 352 -35.57 54.12 -8.42
CA VAL A 352 -34.26 54.23 -7.80
C VAL A 352 -34.21 53.33 -6.60
N TYR A 353 -34.75 52.12 -6.76
CA TYR A 353 -34.66 51.10 -5.73
C TYR A 353 -34.01 49.82 -6.28
N SER A 354 -33.21 49.95 -7.34
CA SER A 354 -32.55 48.84 -8.01
C SER A 354 -31.03 48.95 -7.83
N LEU A 355 -30.33 47.83 -7.99
CA LEU A 355 -28.88 47.94 -7.95
C LEU A 355 -28.42 48.99 -8.97
N VAL A 356 -27.65 49.94 -8.46
CA VAL A 356 -27.23 51.13 -9.17
C VAL A 356 -25.79 51.28 -8.76
N SER A 357 -25.17 52.43 -8.94
CA SER A 357 -23.85 52.65 -8.37
C SER A 357 -23.87 53.73 -7.27
N VAL A 358 -22.72 53.89 -6.62
CA VAL A 358 -22.64 54.79 -5.47
C VAL A 358 -21.22 55.29 -5.21
N PRO A 359 -20.87 56.49 -5.66
CA PRO A 359 -19.48 56.97 -5.60
C PRO A 359 -18.69 56.64 -4.34
N GLU A 360 -19.30 56.76 -3.17
CA GLU A 360 -18.55 56.60 -1.94
C GLU A 360 -19.34 55.70 -1.00
N GLY A 361 -18.69 54.69 -0.46
CA GLY A 361 -19.28 53.81 0.51
C GLY A 361 -19.09 54.31 1.93
N ASN A 362 -19.84 55.36 2.27
CA ASN A 362 -20.10 55.81 3.63
C ASN A 362 -21.59 55.85 3.96
N ASP A 363 -22.46 55.97 2.96
CA ASP A 363 -23.89 55.82 3.14
C ASP A 363 -24.25 54.38 3.46
N ILE A 364 -25.45 54.19 4.00
CA ILE A 364 -25.82 52.91 4.60
C ILE A 364 -26.90 52.19 3.80
N SER A 365 -27.66 52.92 2.98
CA SER A 365 -28.58 52.31 2.03
C SER A 365 -27.91 51.15 1.35
N SER A 366 -26.61 51.31 1.01
CA SER A 366 -25.86 50.33 0.25
C SER A 366 -25.91 48.95 0.90
N ILE A 367 -25.87 48.91 2.22
CA ILE A 367 -25.52 47.65 2.86
C ILE A 367 -26.63 46.62 2.66
N PHE A 368 -26.24 45.35 2.79
CA PHE A 368 -27.11 44.22 2.48
C PHE A 368 -26.87 43.11 3.51
N GLU A 369 -27.92 42.49 4.02
CA GLU A 369 -27.80 41.38 4.94
C GLU A 369 -28.12 40.06 4.20
N LEU A 370 -27.16 39.14 4.24
CA LEU A 370 -27.23 37.82 3.65
C LEU A 370 -27.53 36.69 4.65
N ASP A 371 -28.82 36.45 4.87
CA ASP A 371 -29.21 35.16 5.41
C ASP A 371 -28.42 34.05 4.72
N PRO A 372 -27.72 33.22 5.45
CA PRO A 372 -27.11 32.02 4.83
C PRO A 372 -28.17 31.24 4.08
N THR A 373 -27.78 30.64 2.96
CA THR A 373 -28.73 29.78 2.27
C THR A 373 -29.12 28.61 3.17
N THR A 374 -28.12 27.95 3.76
CA THR A 374 -28.29 26.79 4.62
C THR A 374 -27.94 27.15 6.06
N LEU A 375 -28.67 26.56 7.01
CA LEU A 375 -28.41 26.74 8.43
C LEU A 375 -27.10 26.07 8.82
N ARG A 376 -26.32 26.77 9.64
CA ARG A 376 -25.07 26.23 10.16
C ARG A 376 -25.38 25.38 11.38
N GLY A 377 -24.89 24.14 11.36
CA GLY A 377 -24.76 23.42 12.61
C GLY A 377 -23.84 24.13 13.60
N GLY A 378 -22.81 24.81 13.09
CA GLY A 378 -21.69 25.30 13.91
C GLY A 378 -21.61 26.80 14.21
N ASP A 379 -20.40 27.33 14.45
CA ASP A 379 -20.20 28.76 14.66
C ASP A 379 -20.63 29.54 13.40
N SER A 380 -20.94 30.83 13.59
CA SER A 380 -21.67 31.63 12.59
C SER A 380 -20.82 32.08 11.40
N LEU A 381 -19.50 32.09 11.57
CA LEU A 381 -18.59 32.45 10.50
C LEU A 381 -19.01 31.81 9.21
N VAL A 382 -19.27 32.63 8.21
CA VAL A 382 -19.60 32.10 6.90
C VAL A 382 -18.35 31.45 6.34
N PRO A 383 -18.45 30.65 5.28
CA PRO A 383 -17.23 30.13 4.64
C PRO A 383 -16.99 30.70 3.25
N ARG A 384 -15.77 30.55 2.75
CA ARG A 384 -15.50 31.26 1.51
C ARG A 384 -16.23 30.60 0.36
N ASN A 385 -16.49 31.42 -0.65
CA ASN A 385 -17.19 30.97 -1.82
C ASN A 385 -18.50 30.33 -1.44
N SER A 386 -18.99 30.65 -0.24
CA SER A 386 -20.29 30.11 0.17
C SER A 386 -21.37 30.81 -0.64
N TYR A 387 -22.63 30.51 -0.30
CA TYR A 387 -23.75 31.10 -1.05
C TYR A 387 -24.93 31.33 -0.11
N VAL A 388 -25.70 32.39 -0.38
CA VAL A 388 -26.69 32.88 0.57
C VAL A 388 -27.53 33.97 -0.01
N ARG A 389 -28.75 34.11 0.53
CA ARG A 389 -29.70 35.09 0.02
C ARG A 389 -29.54 36.42 0.74
N LEU A 390 -29.73 37.51 -0.03
CA LEU A 390 -29.49 38.84 0.46
C LEU A 390 -30.76 39.69 0.37
N ARG A 391 -31.12 40.27 1.55
CA ARG A 391 -32.06 41.37 1.68
C ARG A 391 -31.24 42.65 1.93
N HIS A 392 -31.22 43.59 0.96
CA HIS A 392 -30.55 44.88 1.16
C HIS A 392 -31.08 45.53 2.42
N LEU A 393 -30.22 45.83 3.39
CA LEU A 393 -30.70 45.92 4.76
C LEU A 393 -31.32 47.27 5.04
N CYS A 394 -30.66 48.33 4.59
CA CYS A 394 -31.34 49.61 4.51
C CYS A 394 -32.64 49.44 3.75
N THR A 395 -32.57 48.73 2.63
CA THR A 395 -33.81 48.40 1.97
C THR A 395 -34.57 47.26 2.66
N ASN A 396 -33.96 46.61 3.68
CA ASN A 396 -34.41 45.37 4.35
C ASN A 396 -35.07 44.35 3.41
N THR A 397 -34.59 44.30 2.16
CA THR A 397 -35.33 43.71 1.03
C THR A 397 -34.43 42.82 0.18
N TRP A 398 -34.75 41.51 0.13
CA TRP A 398 -34.11 40.56 -0.79
C TRP A 398 -34.12 40.99 -2.27
N VAL A 399 -32.98 41.47 -2.79
CA VAL A 399 -32.93 41.86 -4.19
C VAL A 399 -33.35 40.68 -5.08
N HIS A 400 -34.07 41.02 -6.14
CA HIS A 400 -34.46 40.12 -7.21
C HIS A 400 -33.78 40.57 -8.48
N SER A 401 -33.30 39.58 -9.20
CA SER A 401 -32.87 39.78 -10.56
C SER A 401 -34.02 40.42 -11.31
N THR A 402 -33.67 41.37 -12.19
CA THR A 402 -34.65 42.14 -12.92
C THR A 402 -34.51 41.91 -14.43
N ASN A 403 -35.63 41.53 -15.10
CA ASN A 403 -35.56 41.02 -16.46
C ASN A 403 -35.26 42.09 -17.49
N ILE A 404 -35.10 43.33 -17.10
CA ILE A 404 -34.95 44.40 -18.08
C ILE A 404 -33.50 44.85 -18.17
N PRO A 405 -33.14 45.61 -19.19
CA PRO A 405 -31.72 45.78 -19.50
C PRO A 405 -31.17 47.22 -19.43
N ILE A 406 -29.95 47.39 -18.92
CA ILE A 406 -29.31 48.69 -18.66
C ILE A 406 -28.73 49.34 -19.91
N ASP A 407 -28.48 48.55 -20.94
CA ASP A 407 -28.57 49.02 -22.29
C ASP A 407 -29.73 48.26 -22.91
N LYS A 408 -30.55 48.92 -23.71
CA LYS A 408 -31.72 48.22 -24.26
C LYS A 408 -32.03 48.69 -25.68
N GLU A 409 -31.72 49.94 -25.99
CA GLU A 409 -31.93 50.45 -27.35
C GLU A 409 -31.11 49.67 -28.38
N GLU A 410 -29.85 49.37 -28.07
CA GLU A 410 -29.02 48.59 -28.96
C GLU A 410 -29.58 47.18 -29.10
N GLU A 411 -29.52 46.67 -30.33
CA GLU A 411 -30.06 45.34 -30.59
C GLU A 411 -29.36 44.27 -29.76
N LYS A 412 -30.15 43.44 -29.00
CA LYS A 412 -29.74 42.26 -28.25
C LYS A 412 -28.71 42.62 -27.17
N PRO A 413 -29.11 43.22 -26.05
CA PRO A 413 -28.14 43.86 -25.17
C PRO A 413 -28.05 43.21 -23.79
N VAL A 414 -26.83 43.26 -23.21
CA VAL A 414 -26.41 42.39 -22.13
C VAL A 414 -26.41 43.05 -20.78
N MET A 415 -26.27 44.38 -20.74
CA MET A 415 -26.39 45.08 -19.46
C MET A 415 -27.86 45.16 -19.08
N LEU A 416 -28.16 44.87 -17.79
CA LEU A 416 -29.52 44.53 -17.41
C LEU A 416 -29.91 45.07 -16.03
N LYS A 417 -31.13 45.60 -15.92
CA LYS A 417 -31.60 46.09 -14.63
C LYS A 417 -31.60 44.96 -13.60
N ILE A 418 -31.55 45.34 -12.32
CA ILE A 418 -31.47 44.40 -11.22
C ILE A 418 -31.61 45.25 -9.98
N GLY A 419 -32.35 44.78 -8.99
CA GLY A 419 -32.36 45.59 -7.82
C GLY A 419 -33.09 44.96 -6.67
N THR A 420 -33.24 45.78 -5.63
CA THR A 420 -33.78 45.32 -4.36
C THR A 420 -35.23 44.89 -4.51
N SER A 421 -35.53 43.73 -3.92
CA SER A 421 -36.87 43.18 -3.96
C SER A 421 -37.33 43.02 -2.52
N PRO A 422 -38.46 43.59 -2.13
CA PRO A 422 -38.96 43.29 -0.78
C PRO A 422 -39.17 41.79 -0.53
N LEU A 423 -39.80 41.09 -1.47
CA LEU A 423 -40.15 39.68 -1.32
C LEU A 423 -38.97 38.83 -0.90
N LYS A 424 -39.27 37.77 -0.13
CA LYS A 424 -38.22 36.86 0.34
C LYS A 424 -37.72 35.93 -0.75
N GLU A 425 -38.58 35.05 -1.28
CA GLU A 425 -38.23 34.03 -2.26
C GLU A 425 -37.46 34.59 -3.45
N GLU A 428 -33.83 34.24 -2.42
CA GLU A 428 -32.96 33.45 -3.27
C GLU A 428 -31.49 33.94 -3.20
N ALA A 429 -30.56 33.09 -3.67
CA ALA A 429 -29.17 33.18 -3.32
C ALA A 429 -28.26 32.95 -4.51
N PHE A 430 -27.01 33.30 -4.32
CA PHE A 430 -26.07 33.25 -5.41
C PHE A 430 -24.69 33.11 -4.81
N ALA A 431 -23.85 32.34 -5.46
CA ALA A 431 -22.63 31.83 -4.85
C ALA A 431 -21.56 32.89 -4.81
N ILE A 432 -21.05 33.10 -3.59
CA ILE A 432 -19.73 33.75 -3.46
C ILE A 432 -18.74 32.97 -4.29
N VAL A 433 -18.00 33.64 -5.15
CA VAL A 433 -16.97 32.91 -5.87
C VAL A 433 -15.64 33.52 -5.45
N PRO A 434 -15.06 33.01 -4.34
CA PRO A 434 -13.75 33.49 -3.89
C PRO A 434 -12.71 33.48 -5.00
N VAL A 435 -11.69 34.32 -4.89
CA VAL A 435 -10.83 34.56 -6.04
C VAL A 435 -9.39 34.54 -5.59
N SER A 436 -8.54 34.19 -6.54
CA SER A 436 -7.09 34.13 -6.40
C SER A 436 -6.47 35.48 -6.08
N PRO A 437 -6.05 35.75 -4.84
CA PRO A 437 -5.26 36.94 -4.51
C PRO A 437 -4.07 37.17 -5.45
N ALA A 438 -3.53 36.05 -5.90
CA ALA A 438 -2.50 36.12 -6.92
C ALA A 438 -3.06 36.79 -8.18
N GLU A 439 -4.17 36.28 -8.68
CA GLU A 439 -4.83 36.84 -9.85
C GLU A 439 -4.94 38.37 -9.68
N VAL A 440 -5.28 38.74 -8.45
CA VAL A 440 -5.37 40.14 -8.08
C VAL A 440 -4.06 40.85 -8.39
N ARG A 441 -3.00 40.39 -7.72
CA ARG A 441 -1.68 41.01 -7.84
C ARG A 441 -1.29 41.24 -9.30
N ASP A 442 -1.45 40.20 -10.13
CA ASP A 442 -1.06 40.32 -11.54
C ASP A 442 -1.81 41.48 -12.23
N LEU A 443 -3.15 41.49 -12.11
CA LEU A 443 -3.88 42.57 -12.78
C LEU A 443 -3.36 43.93 -12.37
N ASP A 444 -3.04 44.09 -11.08
CA ASP A 444 -2.58 45.42 -10.65
C ASP A 444 -1.24 45.79 -11.27
N PHE A 445 -0.30 44.84 -11.32
CA PHE A 445 0.93 45.10 -12.06
C PHE A 445 0.59 45.59 -13.44
N ALA A 446 -0.36 44.92 -14.09
CA ALA A 446 -0.74 45.29 -15.44
C ALA A 446 -1.33 46.69 -15.49
N ASN A 447 -1.98 47.09 -14.41
CA ASN A 447 -2.48 48.43 -14.33
C ASN A 447 -1.31 49.40 -14.28
N ASP A 448 -0.75 49.58 -13.09
CA ASP A 448 0.41 50.47 -12.89
C ASP A 448 1.41 50.40 -14.03
N ALA A 449 1.52 49.23 -14.64
CA ALA A 449 2.23 49.00 -15.87
C ALA A 449 1.69 49.91 -16.95
N SER A 450 0.51 49.57 -17.45
CA SER A 450 -0.32 50.46 -18.23
C SER A 450 -0.05 51.92 -17.91
N LYS A 451 0.02 52.25 -16.62
CA LYS A 451 0.04 53.64 -16.19
C LYS A 451 1.40 54.27 -16.45
N VAL A 452 2.43 53.59 -16.01
CA VAL A 452 3.78 53.85 -16.44
C VAL A 452 3.76 54.00 -17.95
N LEU A 453 3.16 53.04 -18.64
CA LEU A 453 3.29 52.85 -20.09
C LEU A 453 2.64 53.99 -20.86
N GLY A 454 1.45 54.37 -20.42
CA GLY A 454 0.78 55.49 -21.03
C GLY A 454 1.42 56.80 -20.62
N SER A 455 1.71 56.94 -19.32
CA SER A 455 2.49 58.08 -18.84
C SER A 455 3.74 58.24 -19.71
N ILE A 456 4.41 57.12 -19.96
CA ILE A 456 5.66 57.10 -20.72
C ILE A 456 5.38 57.51 -22.16
N ALA A 457 4.39 56.88 -22.80
CA ALA A 457 3.86 57.31 -24.08
C ALA A 457 3.77 58.83 -24.17
N GLY A 458 3.07 59.41 -23.20
CA GLY A 458 2.94 60.83 -23.11
C GLY A 458 4.29 61.52 -23.05
N LYS A 459 5.25 60.94 -22.34
CA LYS A 459 6.58 61.56 -22.32
C LYS A 459 7.23 61.47 -23.69
N LEU A 460 7.25 60.28 -24.28
CA LEU A 460 8.09 59.99 -25.45
C LEU A 460 7.54 60.64 -26.71
N GLU A 461 6.27 60.39 -27.00
CA GLU A 461 5.56 61.24 -27.93
C GLU A 461 5.80 62.71 -27.57
N LYS A 462 5.44 63.06 -26.34
CA LYS A 462 5.51 64.44 -25.87
C LYS A 462 6.92 65.03 -26.08
N GLY A 463 7.93 64.44 -25.43
CA GLY A 463 9.31 64.79 -25.70
C GLY A 463 10.25 63.60 -25.56
N THR A 464 11.56 63.88 -25.58
CA THR A 464 12.51 62.94 -24.95
C THR A 464 12.04 62.79 -23.51
N ILE A 465 11.78 61.57 -23.08
CA ILE A 465 11.59 61.35 -21.65
C ILE A 465 12.99 61.39 -21.03
N THR A 466 13.08 61.45 -19.71
CA THR A 466 14.40 61.35 -19.16
C THR A 466 14.93 59.92 -19.25
N GLN A 467 16.19 59.74 -18.86
CA GLN A 467 16.85 58.47 -19.12
C GLN A 467 16.60 57.48 -17.99
N ASN A 468 16.46 57.96 -16.75
CA ASN A 468 16.09 57.03 -15.69
C ASN A 468 14.71 56.46 -15.96
N GLU A 469 13.80 57.31 -16.44
CA GLU A 469 12.55 56.86 -17.03
C GLU A 469 12.78 55.67 -17.94
N ARG A 470 13.67 55.84 -18.91
CA ARG A 470 14.06 54.73 -19.75
C ARG A 470 14.42 53.51 -18.92
N ARG A 471 15.26 53.70 -17.89
CA ARG A 471 15.69 52.57 -17.08
C ARG A 471 14.48 51.85 -16.47
N SER A 472 13.68 52.58 -15.70
CA SER A 472 12.50 51.96 -15.08
C SER A 472 11.56 51.40 -16.14
N VAL A 473 11.55 51.98 -17.33
CA VAL A 473 10.53 51.64 -18.30
C VAL A 473 10.98 50.45 -19.11
N THR A 474 12.27 50.38 -19.39
CA THR A 474 12.84 49.14 -19.86
C THR A 474 12.66 48.09 -18.78
N LYS A 475 13.20 48.35 -17.60
CA LYS A 475 13.02 47.51 -16.41
C LYS A 475 11.58 46.99 -16.30
N LEU A 476 10.65 47.82 -16.73
CA LEU A 476 9.33 47.32 -17.03
C LEU A 476 9.40 46.42 -18.25
N LEU A 477 9.78 46.99 -19.39
CA LEU A 477 9.78 46.32 -20.68
C LEU A 477 10.29 44.91 -20.56
N GLU A 478 11.54 44.77 -20.17
CA GLU A 478 12.01 43.58 -19.49
C GLU A 478 10.90 42.98 -18.62
N ASP A 479 10.80 43.46 -17.37
CA ASP A 479 9.85 42.96 -16.37
C ASP A 479 8.55 42.41 -16.99
N LEU A 480 8.18 42.92 -18.15
CA LEU A 480 6.98 42.57 -18.89
C LEU A 480 7.21 41.32 -19.68
N VAL A 481 8.14 41.40 -20.62
CA VAL A 481 8.55 40.23 -21.36
C VAL A 481 8.69 39.12 -20.31
N TYR A 482 9.35 39.47 -19.22
CA TYR A 482 9.40 38.61 -18.04
C TYR A 482 8.00 38.16 -17.64
N PHE A 483 7.02 39.04 -17.76
CA PHE A 483 5.70 38.60 -17.37
C PHE A 483 5.17 37.51 -18.28
N VAL A 484 5.70 37.40 -19.51
CA VAL A 484 5.27 36.34 -20.43
C VAL A 484 5.75 34.98 -19.94
N THR A 485 6.89 34.93 -19.27
CA THR A 485 7.37 33.68 -18.68
C THR A 485 6.68 33.38 -17.35
N LYS A 501 4.73 25.55 -21.54
CA LYS A 501 4.56 26.97 -21.26
C LYS A 501 3.15 27.39 -21.53
N PRO A 502 2.23 26.93 -20.73
CA PRO A 502 0.82 27.13 -21.07
C PRO A 502 0.11 27.86 -19.96
N ASN A 503 -0.44 29.02 -20.30
CA ASN A 503 -1.07 29.90 -19.32
C ASN A 503 -1.91 30.97 -20.00
N ARG A 504 -3.02 30.57 -20.64
CA ARG A 504 -3.79 31.47 -21.49
C ARG A 504 -4.26 32.77 -20.78
N GLU A 505 -4.57 32.68 -19.48
CA GLU A 505 -5.01 33.85 -18.71
C GLU A 505 -4.10 35.07 -18.91
N ARG A 506 -2.80 34.84 -18.79
CA ARG A 506 -1.85 35.94 -18.83
C ARG A 506 -1.95 36.70 -20.15
N GLN A 507 -2.03 35.97 -21.25
CA GLN A 507 -2.30 36.53 -22.56
C GLN A 507 -3.49 37.50 -22.44
N LYS A 508 -4.53 37.11 -21.69
CA LYS A 508 -5.70 38.00 -21.60
C LYS A 508 -5.38 39.35 -20.94
N LEU A 509 -4.81 39.29 -19.72
CA LEU A 509 -4.81 40.45 -18.82
C LEU A 509 -4.35 41.78 -19.43
N MET A 510 -3.47 41.75 -20.44
CA MET A 510 -2.61 42.88 -20.82
C MET A 510 -3.27 43.87 -21.78
N ARG A 511 -3.56 43.44 -23.00
CA ARG A 511 -4.52 44.16 -23.80
C ARG A 511 -5.75 44.47 -22.97
N GLU A 512 -6.08 43.60 -22.01
CA GLU A 512 -7.16 43.95 -21.10
C GLU A 512 -6.77 45.01 -20.06
N GLN A 513 -5.49 45.20 -19.72
CA GLN A 513 -5.13 46.14 -18.65
C GLN A 513 -4.32 47.34 -19.12
N ASN A 514 -4.84 48.03 -20.13
CA ASN A 514 -4.27 49.26 -20.69
C ASN A 514 -2.78 49.17 -20.98
N ILE A 515 -2.26 47.96 -21.13
CA ILE A 515 -0.90 47.74 -21.61
C ILE A 515 -0.81 47.80 -23.14
N LEU A 516 -1.50 46.88 -23.85
CA LEU A 516 -1.34 46.74 -25.30
C LEU A 516 -1.39 48.09 -26.00
N LYS A 517 -2.52 48.76 -25.87
CA LYS A 517 -2.63 50.11 -26.39
C LYS A 517 -1.47 50.99 -25.93
N GLN A 518 -1.26 51.11 -24.60
CA GLN A 518 -0.27 52.05 -24.05
C GLN A 518 1.08 51.91 -24.76
N ILE A 519 1.44 50.68 -25.08
CA ILE A 519 2.60 50.40 -25.89
C ILE A 519 2.46 51.05 -27.27
N PHE A 520 1.55 50.55 -28.11
CA PHE A 520 1.47 51.05 -29.49
C PHE A 520 1.52 52.59 -29.50
N LYS A 521 0.84 53.14 -28.50
CA LYS A 521 0.82 54.57 -28.23
C LYS A 521 2.22 55.16 -28.23
N LEU A 522 3.05 54.74 -27.26
CA LEU A 522 4.33 55.39 -26.99
C LEU A 522 5.06 56.06 -28.16
N LEU A 523 4.36 56.85 -28.95
CA LEU A 523 4.97 57.59 -30.05
C LEU A 523 6.04 58.53 -29.56
N HIS A 551 15.30 45.49 -32.79
CA HIS A 551 15.40 46.93 -32.59
C HIS A 551 15.23 47.31 -31.13
N ILE A 552 15.77 48.46 -30.70
CA ILE A 552 15.43 48.99 -29.38
C ILE A 552 13.91 49.02 -29.24
N CYS A 553 13.22 49.27 -30.37
CA CYS A 553 11.79 49.03 -30.50
C CYS A 553 11.44 47.54 -30.32
N ARG A 554 12.30 46.69 -30.78
CA ARG A 554 11.78 45.35 -30.60
C ARG A 554 11.76 44.86 -29.04
N LEU A 555 11.87 45.61 -27.93
CA LEU A 555 11.67 45.00 -26.61
C LEU A 555 10.18 44.85 -26.33
N CYS A 556 9.45 45.94 -26.52
CA CYS A 556 8.05 45.85 -26.87
C CYS A 556 7.78 44.76 -27.91
N TYR A 557 8.48 44.76 -29.05
CA TYR A 557 8.10 43.79 -30.09
C TYR A 557 8.21 42.34 -29.62
N ARG A 558 9.22 42.02 -28.81
CA ARG A 558 9.34 40.64 -28.31
C ARG A 558 8.23 40.32 -27.33
N VAL A 559 8.08 41.21 -26.34
CA VAL A 559 6.92 41.22 -25.47
C VAL A 559 5.68 40.94 -26.31
N LEU A 560 5.76 41.31 -27.59
CA LEU A 560 4.62 41.36 -28.49
C LEU A 560 4.34 40.03 -29.18
N ARG A 561 5.21 39.58 -30.09
CA ARG A 561 4.88 38.33 -30.78
C ARG A 561 4.80 37.15 -29.82
N HIS A 562 5.24 37.32 -28.57
CA HIS A 562 5.06 36.22 -27.60
C HIS A 562 3.60 35.77 -27.52
N SER A 563 2.70 36.65 -27.10
CA SER A 563 1.28 36.32 -27.00
C SER A 563 0.64 35.95 -28.34
N GLN A 564 1.36 36.16 -29.46
CA GLN A 564 0.80 36.20 -30.81
C GLN A 564 -0.29 35.20 -31.13
N GLN A 565 -0.43 34.15 -30.34
CA GLN A 565 -1.16 32.97 -30.78
C GLN A 565 -2.68 33.14 -30.70
N ASP A 566 -3.39 32.59 -31.67
CA ASP A 566 -4.84 32.53 -31.69
C ASP A 566 -5.46 33.85 -31.34
N TYR A 567 -5.35 34.78 -32.24
CA TYR A 567 -5.64 36.15 -31.85
C TYR A 567 -5.89 36.95 -33.13
N ARG A 568 -7.13 36.86 -33.63
CA ARG A 568 -7.42 37.32 -34.98
C ARG A 568 -7.53 38.85 -35.04
N LYS A 569 -8.17 39.48 -34.04
CA LYS A 569 -8.57 40.88 -34.16
C LYS A 569 -7.39 41.85 -34.09
N ASN A 570 -6.34 41.55 -33.35
CA ASN A 570 -5.20 42.45 -33.19
C ASN A 570 -4.33 42.61 -34.43
N GLN A 571 -4.52 41.77 -35.46
CA GLN A 571 -3.52 41.63 -36.52
C GLN A 571 -3.57 42.74 -37.59
N GLU A 572 -4.63 43.53 -37.69
CA GLU A 572 -4.78 44.49 -38.79
C GLU A 572 -4.07 45.83 -38.56
N TYR A 573 -3.87 46.24 -37.30
CA TYR A 573 -3.25 47.53 -37.01
C TYR A 573 -1.92 47.74 -37.70
N ILE A 574 -1.24 46.68 -38.14
CA ILE A 574 0.11 46.77 -38.64
C ILE A 574 0.22 46.78 -40.15
N ALA A 575 -0.90 46.81 -40.88
CA ALA A 575 -0.84 46.98 -42.31
C ALA A 575 0.25 48.01 -42.65
N LYS A 576 0.00 49.27 -42.31
CA LYS A 576 1.06 50.27 -42.35
C LYS A 576 2.34 49.76 -41.71
N GLN A 577 2.28 49.46 -40.40
CA GLN A 577 3.47 49.09 -39.66
C GLN A 577 4.32 48.07 -40.40
N PHE A 578 3.76 47.33 -41.35
CA PHE A 578 4.50 46.22 -41.91
C PHE A 578 5.77 46.68 -42.62
N GLY A 579 5.68 47.76 -43.42
CA GLY A 579 6.88 48.23 -44.13
C GLY A 579 8.06 48.39 -43.20
N PHE A 580 7.76 48.63 -41.92
CA PHE A 580 8.79 48.94 -40.94
C PHE A 580 9.78 47.80 -40.74
N MET A 581 9.31 46.55 -40.81
CA MET A 581 10.23 45.43 -40.67
C MET A 581 11.48 45.71 -41.49
N GLN A 582 11.28 46.14 -42.76
CA GLN A 582 12.41 46.38 -43.65
C GLN A 582 13.37 47.43 -43.07
N LYS A 583 12.84 48.59 -42.68
CA LYS A 583 13.64 49.60 -42.00
C LYS A 583 14.08 49.11 -40.61
N GLN A 584 13.25 48.33 -39.93
CA GLN A 584 13.68 47.71 -38.69
C GLN A 584 14.52 46.46 -38.94
N ILE A 585 14.39 45.85 -40.12
CA ILE A 585 15.32 44.78 -40.52
C ILE A 585 16.71 45.36 -40.66
N GLY A 586 16.79 46.60 -41.13
CA GLY A 586 18.03 47.35 -40.99
C GLY A 586 18.55 47.31 -39.56
N TYR A 587 17.67 47.53 -38.58
CA TYR A 587 18.10 47.56 -37.19
C TYR A 587 18.42 46.16 -36.65
N ASP A 588 17.52 45.20 -36.84
CA ASP A 588 17.69 43.83 -36.34
C ASP A 588 16.70 42.89 -37.04
N VAL A 589 16.86 41.57 -36.87
CA VAL A 589 15.92 40.60 -37.44
C VAL A 589 14.75 40.37 -36.49
N LEU A 590 14.52 41.29 -35.55
CA LEU A 590 13.55 40.99 -34.50
C LEU A 590 12.14 40.90 -35.06
N ALA A 591 11.82 41.71 -36.06
CA ALA A 591 10.44 41.77 -36.53
C ALA A 591 10.04 40.60 -37.43
N GLU A 592 10.91 39.61 -37.65
CA GLU A 592 10.58 38.49 -38.55
C GLU A 592 9.67 37.47 -37.87
N ASP A 593 9.90 37.25 -36.57
CA ASP A 593 9.20 36.19 -35.86
C ASP A 593 7.70 36.49 -35.73
N THR A 594 7.34 37.78 -35.73
CA THR A 594 5.93 38.15 -35.86
C THR A 594 5.34 37.60 -37.15
N ILE A 595 6.00 37.90 -38.27
CA ILE A 595 5.51 37.48 -39.57
C ILE A 595 5.39 35.96 -39.66
N THR A 596 6.10 35.22 -38.80
CA THR A 596 6.06 33.74 -38.90
C THR A 596 5.15 33.04 -37.88
N ALA A 597 5.22 33.45 -36.61
CA ALA A 597 4.30 32.94 -35.61
C ALA A 597 2.95 33.18 -36.24
N LEU A 598 2.84 34.34 -36.86
CA LEU A 598 1.86 34.61 -37.90
C LEU A 598 1.80 33.43 -38.88
N LEU A 599 2.61 33.46 -39.92
CA LEU A 599 2.61 32.44 -40.99
C LEU A 599 2.01 31.09 -40.57
N HIS A 600 2.59 30.45 -39.55
CA HIS A 600 2.01 29.23 -38.98
C HIS A 600 0.55 29.39 -38.61
N ASN A 601 0.29 29.93 -37.41
CA ASN A 601 -1.07 30.08 -36.88
C ASN A 601 -1.89 31.06 -37.72
N ASN A 602 -1.49 32.32 -37.73
CA ASN A 602 -1.98 33.21 -38.76
C ASN A 602 -1.56 32.76 -40.14
N ARG A 603 -2.38 31.91 -40.75
CA ARG A 603 -2.45 31.77 -42.19
C ARG A 603 -3.71 32.51 -42.68
N LYS A 604 -3.78 32.75 -43.99
CA LYS A 604 -4.99 33.20 -44.70
C LYS A 604 -5.20 34.72 -44.70
N LEU A 605 -5.62 35.29 -43.58
CA LEU A 605 -5.88 36.73 -43.52
C LEU A 605 -4.60 37.52 -43.77
N LEU A 606 -3.47 37.00 -43.29
CA LEU A 606 -2.18 37.56 -43.66
C LEU A 606 -2.07 37.74 -45.17
N GLU A 607 -2.44 36.70 -45.92
CA GLU A 607 -2.21 36.67 -47.37
C GLU A 607 -2.78 37.89 -48.08
N LYS A 608 -3.81 38.52 -47.50
CA LYS A 608 -4.55 39.53 -48.25
C LYS A 608 -3.78 40.85 -48.43
N HIS A 609 -3.22 41.38 -47.33
CA HIS A 609 -2.86 42.80 -47.30
C HIS A 609 -1.57 43.13 -48.04
N ILE A 610 -0.56 42.28 -47.96
CA ILE A 610 0.79 42.70 -48.36
C ILE A 610 0.86 43.01 -49.85
N THR A 611 0.49 42.06 -50.69
CA THR A 611 0.54 42.16 -52.17
C THR A 611 1.98 42.54 -52.55
N ALA A 612 2.18 43.23 -53.67
CA ALA A 612 3.53 43.57 -54.14
C ALA A 612 4.27 44.51 -53.20
N ALA A 613 3.68 44.88 -52.07
CA ALA A 613 4.49 45.52 -51.04
C ALA A 613 5.65 44.63 -50.62
N GLU A 614 5.43 43.32 -50.60
CA GLU A 614 6.52 42.38 -50.35
C GLU A 614 7.71 42.58 -51.29
N ILE A 615 7.46 43.10 -52.49
CA ILE A 615 8.50 43.21 -53.50
C ILE A 615 9.55 44.25 -53.10
N ASP A 616 9.18 45.18 -52.23
CA ASP A 616 10.08 46.28 -51.88
C ASP A 616 10.82 46.05 -50.58
N THR A 617 10.27 45.23 -49.69
CA THR A 617 11.07 44.75 -48.58
C THR A 617 11.91 43.53 -48.98
N PHE A 618 11.59 42.89 -50.11
CA PHE A 618 12.49 41.87 -50.65
C PHE A 618 13.50 42.43 -51.64
N VAL A 619 13.16 43.47 -52.40
CA VAL A 619 14.23 44.18 -53.13
C VAL A 619 15.10 44.92 -52.12
N SER A 620 14.46 45.62 -51.17
CA SER A 620 15.20 46.29 -50.10
C SER A 620 16.04 45.30 -49.32
N LEU A 621 15.47 44.14 -49.02
CA LEU A 621 16.14 43.18 -48.17
C LEU A 621 17.20 42.38 -48.95
N VAL A 622 16.91 41.96 -50.17
CA VAL A 622 17.94 41.25 -50.94
C VAL A 622 19.09 42.20 -51.27
N ARG A 623 18.78 43.48 -51.49
CA ARG A 623 19.84 44.47 -51.59
C ARG A 623 20.47 44.76 -50.23
N LYS A 624 19.70 44.61 -49.14
CA LYS A 624 20.22 44.94 -47.81
C LYS A 624 20.53 43.73 -46.93
N ASN A 625 19.85 42.60 -47.10
CA ASN A 625 20.24 41.34 -46.48
C ASN A 625 21.02 40.54 -47.53
N ARG A 626 22.34 40.58 -47.41
CA ARG A 626 23.19 39.89 -48.38
C ARG A 626 23.21 38.40 -48.13
N GLU A 627 23.38 37.99 -46.86
CA GLU A 627 23.13 36.60 -46.49
C GLU A 627 21.63 36.37 -46.58
N PRO A 628 20.83 37.45 -46.74
CA PRO A 628 19.40 37.32 -47.04
C PRO A 628 18.62 36.55 -46.00
N ARG A 629 18.99 36.71 -44.74
CA ARG A 629 18.32 35.95 -43.68
C ARG A 629 16.94 36.52 -43.38
N PHE A 630 16.84 37.84 -43.24
CA PHE A 630 15.52 38.45 -43.13
C PHE A 630 14.63 37.96 -44.25
N LEU A 631 15.12 38.13 -45.48
CA LEU A 631 14.57 37.51 -46.67
C LEU A 631 14.21 36.05 -46.39
N ASP A 632 15.06 35.35 -45.64
CA ASP A 632 14.89 33.91 -45.45
C ASP A 632 13.71 33.57 -44.53
N TYR A 633 13.68 34.12 -43.31
CA TYR A 633 12.49 33.97 -42.48
C TYR A 633 11.24 34.28 -43.29
N LEU A 634 11.36 35.17 -44.28
CA LEU A 634 10.23 35.39 -45.20
C LEU A 634 9.93 34.15 -46.04
N SER A 635 10.95 33.56 -46.66
CA SER A 635 10.65 32.39 -47.50
C SER A 635 10.02 31.27 -46.67
N ASP A 636 10.52 31.06 -45.44
CA ASP A 636 9.91 30.03 -44.60
C ASP A 636 8.46 30.37 -44.28
N LEU A 637 8.16 31.65 -44.15
CA LEU A 637 6.75 32.07 -44.05
C LEU A 637 5.88 31.50 -45.16
N CYS A 638 6.46 31.26 -46.35
CA CYS A 638 5.68 30.66 -47.42
C CYS A 638 4.98 29.41 -46.91
N VAL A 639 3.65 29.49 -46.81
CA VAL A 639 2.76 28.39 -46.46
C VAL A 639 1.42 28.67 -47.15
N SER A 640 0.68 27.61 -47.45
CA SER A 640 -0.64 27.62 -48.10
C SER A 640 -0.60 27.66 -49.62
N MET A 641 -1.62 27.08 -50.27
CA MET A 641 -1.73 27.14 -51.73
C MET A 641 -1.73 28.58 -52.23
N ASN A 642 -2.54 29.43 -51.61
CA ASN A 642 -2.64 30.83 -52.03
C ASN A 642 -1.29 31.57 -52.11
N LYS A 643 -0.23 31.06 -51.46
CA LYS A 643 1.09 31.70 -51.48
C LYS A 643 1.77 31.70 -52.86
N SER A 644 1.62 30.61 -53.61
CA SER A 644 2.43 30.32 -54.80
C SER A 644 2.52 31.48 -55.78
N ILE A 645 1.54 32.37 -55.77
CA ILE A 645 1.37 33.40 -56.78
C ILE A 645 2.33 34.58 -56.57
N PRO A 646 2.03 35.50 -55.65
CA PRO A 646 3.05 36.45 -55.20
C PRO A 646 4.44 35.82 -55.18
N VAL A 647 4.52 34.57 -54.71
CA VAL A 647 5.79 33.83 -54.77
C VAL A 647 6.40 33.88 -56.17
N THR A 648 5.59 33.60 -57.19
CA THR A 648 6.15 33.41 -58.53
C THR A 648 6.48 34.75 -59.21
N GLN A 649 5.58 35.73 -59.12
CA GLN A 649 5.92 37.05 -59.67
C GLN A 649 7.26 37.51 -59.10
N GLU A 650 7.41 37.34 -57.78
CA GLU A 650 8.72 37.50 -57.16
C GLU A 650 9.79 36.78 -57.97
N LEU A 651 9.53 35.55 -58.39
CA LEU A 651 10.53 34.87 -59.21
C LEU A 651 10.92 35.68 -60.44
N ILE A 652 9.95 36.31 -61.11
CA ILE A 652 10.32 37.14 -62.26
C ILE A 652 11.31 38.22 -61.84
N CYS A 653 10.97 38.95 -60.79
CA CYS A 653 11.89 39.99 -60.36
C CYS A 653 13.22 39.40 -59.91
N LYS A 654 13.21 38.16 -59.41
CA LYS A 654 14.46 37.50 -59.05
C LYS A 654 15.25 37.09 -60.28
N ALA A 655 14.56 36.89 -61.41
CA ALA A 655 15.26 36.78 -62.67
C ALA A 655 15.94 38.10 -62.99
N VAL A 656 15.32 39.22 -62.63
CA VAL A 656 16.10 40.45 -62.70
C VAL A 656 17.25 40.42 -61.67
N LEU A 657 17.03 39.71 -60.56
CA LEU A 657 17.96 39.79 -59.43
C LEU A 657 19.08 38.78 -59.53
N ASN A 658 18.90 37.78 -60.38
CA ASN A 658 19.88 36.73 -60.51
C ASN A 658 21.15 37.37 -61.04
N PRO A 659 22.20 37.41 -60.27
CA PRO A 659 23.47 37.95 -60.76
C PRO A 659 24.56 37.44 -59.85
N THR A 660 24.43 37.84 -58.59
CA THR A 660 25.13 37.23 -57.45
C THR A 660 26.64 37.34 -57.53
N ASN A 661 27.17 37.71 -58.70
CA ASN A 661 28.61 37.92 -58.93
C ASN A 661 29.49 36.75 -58.44
N ALA A 662 28.93 35.54 -58.37
CA ALA A 662 29.66 34.33 -57.96
C ALA A 662 29.09 33.15 -58.72
N ASP A 663 29.66 31.95 -58.48
CA ASP A 663 29.52 30.82 -59.40
C ASP A 663 29.01 29.55 -58.73
N ILE A 664 28.19 28.83 -59.48
CA ILE A 664 27.50 27.60 -59.10
C ILE A 664 27.39 26.79 -60.38
N LEU A 665 28.38 25.94 -60.65
CA LEU A 665 28.46 25.54 -62.04
C LEU A 665 29.33 24.30 -62.23
N ILE A 666 29.54 23.95 -63.52
CA ILE A 666 30.60 23.13 -64.14
C ILE A 666 30.23 21.95 -65.09
N GLU A 667 28.97 21.62 -65.33
CA GLU A 667 27.91 21.84 -64.39
C GLU A 667 28.27 20.92 -63.24
N THR A 668 28.80 19.74 -63.59
CA THR A 668 29.13 18.72 -62.58
C THR A 668 30.41 19.06 -61.79
N LYS A 669 31.49 19.42 -62.50
CA LYS A 669 32.85 19.37 -61.94
C LYS A 669 33.04 20.27 -60.71
N LEU A 670 32.97 21.59 -60.89
CA LEU A 670 33.23 22.64 -59.90
C LEU A 670 32.06 22.90 -58.96
N VAL A 671 30.90 22.27 -59.19
CA VAL A 671 29.94 22.15 -58.10
C VAL A 671 30.42 21.09 -57.12
N LEU A 672 30.71 19.89 -57.64
CA LEU A 672 31.31 18.88 -56.77
C LEU A 672 32.62 19.40 -56.17
N SER A 673 33.28 20.33 -56.84
CA SER A 673 34.46 20.96 -56.26
C SER A 673 34.08 22.00 -55.21
N ARG A 674 33.16 22.92 -55.52
CA ARG A 674 32.65 23.85 -54.51
C ARG A 674 32.18 23.08 -53.28
N PHE A 675 31.90 21.79 -53.46
CA PHE A 675 31.40 20.91 -52.41
C PHE A 675 32.50 20.18 -51.65
N GLU A 676 33.64 19.88 -52.30
CA GLU A 676 34.78 19.42 -51.53
C GLU A 676 35.46 20.57 -50.81
N PHE A 677 35.32 21.80 -51.34
CA PHE A 677 35.95 22.98 -50.76
C PHE A 677 35.17 23.46 -49.55
N GLU A 678 33.86 23.55 -49.69
CA GLU A 678 33.00 23.63 -48.50
C GLU A 678 33.21 22.42 -47.61
N GLY A 679 33.44 21.26 -48.23
CA GLY A 679 33.74 20.03 -47.49
C GLY A 679 34.94 20.15 -46.61
N VAL A 680 35.82 21.07 -46.93
CA VAL A 680 36.72 21.59 -45.92
C VAL A 680 35.94 22.55 -45.04
N SER A 681 35.92 22.27 -43.74
CA SER A 681 35.15 23.04 -42.75
C SER A 681 35.49 24.52 -42.77
N THR A 682 35.98 25.09 -43.87
CA THR A 682 36.66 26.35 -43.88
C THR A 682 35.80 27.46 -43.27
N GLY A 683 36.47 28.51 -42.81
CA GLY A 683 35.84 29.72 -42.37
C GLY A 683 35.74 30.69 -43.53
N GLU A 684 35.35 31.92 -43.21
CA GLU A 684 35.11 32.90 -44.25
C GLU A 684 34.40 32.24 -45.41
N ASN A 685 35.18 31.74 -46.36
CA ASN A 685 34.64 31.20 -47.61
C ASN A 685 33.61 30.09 -47.37
N ALA A 686 34.05 28.92 -46.88
CA ALA A 686 33.08 27.83 -46.70
C ALA A 686 31.88 28.34 -45.91
N LEU A 687 32.12 29.28 -45.00
CA LEU A 687 31.04 29.94 -44.27
C LEU A 687 29.89 30.32 -45.20
N GLU A 688 30.16 31.26 -46.11
CA GLU A 688 29.09 31.79 -46.96
C GLU A 688 28.24 30.69 -47.59
N ALA A 689 28.89 29.59 -48.03
CA ALA A 689 28.17 28.62 -48.86
C ALA A 689 26.83 28.26 -48.22
N GLY A 690 26.83 28.14 -46.89
CA GLY A 690 25.67 27.65 -46.19
C GLY A 690 24.41 28.33 -46.64
N GLU A 691 24.44 29.66 -46.65
CA GLU A 691 23.25 30.43 -46.97
C GLU A 691 22.50 29.81 -48.14
N ASP A 692 23.19 29.69 -49.28
CA ASP A 692 22.51 29.28 -50.50
C ASP A 692 21.74 27.99 -50.27
N GLU A 693 22.43 26.98 -49.73
CA GLU A 693 21.79 25.69 -49.51
C GLU A 693 20.55 25.87 -48.64
N GLU A 694 20.74 26.50 -47.50
CA GLU A 694 19.60 26.89 -46.69
C GLU A 694 18.59 27.65 -47.53
N GLU A 695 19.03 28.76 -48.13
CA GLU A 695 18.17 29.55 -48.98
C GLU A 695 17.42 28.67 -49.96
N VAL A 696 18.11 27.67 -50.50
CA VAL A 696 17.52 26.87 -51.57
C VAL A 696 16.37 26.01 -51.05
N TRP A 697 16.54 25.43 -49.87
CA TRP A 697 15.68 24.30 -49.48
C TRP A 697 14.25 24.75 -49.21
N LEU A 698 14.10 25.82 -48.45
CA LEU A 698 12.76 26.19 -47.97
C LEU A 698 11.86 26.60 -49.13
N PHE A 699 12.21 27.69 -49.80
CA PHE A 699 11.39 28.21 -50.89
C PHE A 699 11.06 27.13 -51.92
N TRP A 700 12.04 26.29 -52.28
CA TRP A 700 11.77 25.27 -53.31
C TRP A 700 10.73 24.26 -52.84
N ARG A 701 10.72 23.94 -51.56
CA ARG A 701 9.63 23.14 -51.02
C ARG A 701 8.43 23.98 -50.65
N ASP A 702 8.61 25.29 -50.40
CA ASP A 702 7.45 26.17 -50.26
C ASP A 702 6.45 25.89 -51.37
N SER A 703 6.93 25.36 -52.50
CA SER A 703 6.10 24.74 -53.50
C SER A 703 5.32 23.57 -52.94
N ASN A 704 3.99 23.70 -52.92
CA ASN A 704 3.10 22.63 -52.50
C ASN A 704 2.89 21.60 -53.60
N LYS A 705 1.65 21.09 -53.74
CA LYS A 705 1.25 20.35 -54.93
C LYS A 705 1.19 21.31 -56.10
N GLU A 706 2.22 22.14 -56.21
CA GLU A 706 2.43 23.06 -57.31
C GLU A 706 3.77 22.66 -57.94
N ILE A 707 3.71 21.94 -59.06
CA ILE A 707 4.85 21.77 -59.93
C ILE A 707 4.46 22.46 -61.23
N ARG A 708 4.92 21.92 -62.35
CA ARG A 708 4.97 22.64 -63.61
C ARG A 708 5.93 23.82 -63.46
N SER A 709 5.47 25.06 -63.22
CA SER A 709 6.43 26.14 -62.95
C SER A 709 7.51 25.67 -62.03
N LYS A 710 7.15 24.79 -61.08
CA LYS A 710 8.14 24.10 -60.26
C LYS A 710 8.69 22.86 -60.96
N SER A 711 7.84 22.06 -61.61
CA SER A 711 8.40 20.98 -62.42
C SER A 711 9.18 21.52 -63.62
N VAL A 712 8.93 22.78 -63.99
CA VAL A 712 9.74 23.47 -65.00
C VAL A 712 10.94 24.15 -64.35
N ARG A 713 10.77 24.70 -63.15
CA ARG A 713 11.94 25.09 -62.38
C ARG A 713 12.82 23.88 -62.10
N GLU A 714 12.22 22.70 -61.93
CA GLU A 714 12.86 21.47 -61.46
C GLU A 714 13.25 20.60 -62.66
N LEU A 715 14.47 20.82 -63.16
CA LEU A 715 14.96 20.16 -64.35
C LEU A 715 15.61 18.85 -63.99
N ALA A 716 16.89 18.71 -64.37
CA ALA A 716 17.73 17.62 -63.93
C ALA A 716 17.25 17.11 -62.60
N GLN A 717 16.42 16.08 -62.62
CA GLN A 717 16.39 15.21 -61.47
C GLN A 717 17.82 14.68 -61.34
N ASP A 718 18.68 15.55 -60.77
CA ASP A 718 20.06 15.25 -60.40
C ASP A 718 20.17 15.21 -58.88
N ALA A 719 20.73 14.11 -58.35
CA ALA A 719 20.41 13.67 -57.00
C ALA A 719 21.57 13.07 -56.22
N LYS A 720 22.79 13.16 -56.73
CA LYS A 720 23.82 12.21 -56.35
C LYS A 720 24.43 12.56 -54.99
N GLU A 721 25.20 13.64 -54.91
CA GLU A 721 25.30 14.31 -53.64
C GLU A 721 23.90 14.85 -53.45
N GLY A 722 23.00 13.97 -52.97
CA GLY A 722 21.64 14.40 -52.72
C GLY A 722 21.50 15.33 -51.52
N GLN A 723 22.48 15.27 -50.60
CA GLN A 723 22.52 16.06 -49.36
C GLN A 723 21.21 16.02 -48.60
N LYS A 724 20.85 17.12 -47.98
CA LYS A 724 19.65 17.22 -47.16
C LYS A 724 18.44 17.35 -48.06
N GLU A 725 17.88 16.20 -48.47
CA GLU A 725 16.64 16.08 -49.23
C GLU A 725 16.56 17.00 -50.43
N ASP A 726 17.67 17.67 -50.73
CA ASP A 726 17.72 18.52 -51.91
C ASP A 726 17.25 17.74 -53.13
N ARG A 727 18.05 16.73 -53.52
CA ARG A 727 17.65 15.68 -54.46
C ARG A 727 16.21 15.24 -54.26
N ASP A 728 15.81 15.10 -53.02
CA ASP A 728 14.55 14.45 -52.71
C ASP A 728 13.37 15.35 -53.03
N ILE A 729 13.47 16.64 -52.75
CA ILE A 729 12.39 17.53 -53.11
C ILE A 729 12.33 17.69 -54.62
N LEU A 730 13.40 17.26 -55.30
CA LEU A 730 13.43 17.37 -56.75
C LEU A 730 12.85 16.12 -57.41
N SER A 731 13.00 14.96 -56.78
CA SER A 731 12.18 13.81 -57.19
C SER A 731 10.77 13.92 -56.61
N TYR A 732 10.55 14.90 -55.74
CA TYR A 732 9.23 15.12 -55.17
C TYR A 732 8.43 16.12 -55.99
N TYR A 733 9.08 17.18 -56.45
CA TYR A 733 8.46 18.09 -57.42
C TYR A 733 8.38 17.44 -58.79
N ARG A 734 9.38 16.62 -59.12
CA ARG A 734 9.29 15.70 -60.24
C ARG A 734 8.24 14.61 -60.03
N TYR A 735 7.84 14.31 -58.77
CA TYR A 735 6.74 13.38 -58.52
C TYR A 735 5.39 14.10 -58.57
N GLN A 736 5.37 15.37 -58.20
CA GLN A 736 4.28 16.24 -58.61
C GLN A 736 4.15 16.30 -60.12
N LEU A 737 5.25 16.11 -60.84
CA LEU A 737 5.09 16.03 -62.29
C LEU A 737 4.60 14.67 -62.77
N ASN A 738 4.28 13.75 -61.88
CA ASN A 738 3.82 12.45 -62.33
C ASN A 738 3.08 11.70 -61.22
N LEU A 739 1.78 11.55 -61.40
CA LEU A 739 0.91 10.65 -60.66
C LEU A 739 0.55 11.17 -59.27
N PHE A 740 -0.28 12.22 -59.24
CA PHE A 740 -1.09 12.47 -58.08
C PHE A 740 -1.79 11.14 -57.78
N ALA A 741 -1.24 10.33 -56.87
CA ALA A 741 -1.82 9.05 -56.52
C ALA A 741 -3.13 9.30 -55.75
N ARG A 742 -4.19 9.60 -56.51
CA ARG A 742 -5.34 10.33 -55.97
C ARG A 742 -5.93 9.62 -54.73
N MET A 743 -6.20 8.33 -54.85
CA MET A 743 -6.57 7.55 -53.70
C MET A 743 -6.01 6.13 -53.72
N CYS A 744 -6.89 5.20 -54.07
CA CYS A 744 -6.88 3.81 -53.66
C CYS A 744 -8.34 3.37 -53.78
N LEU A 745 -8.74 2.30 -53.06
CA LEU A 745 -10.15 1.99 -52.92
C LEU A 745 -10.74 1.56 -54.25
N ASP A 746 -10.47 0.32 -54.64
CA ASP A 746 -11.03 -0.19 -55.88
C ASP A 746 -12.42 -0.75 -55.66
N ARG A 747 -12.60 -1.43 -54.51
CA ARG A 747 -13.83 -2.17 -54.29
C ARG A 747 -14.45 -1.81 -52.94
N GLN A 748 -15.63 -2.41 -52.68
CA GLN A 748 -16.29 -2.36 -51.37
C GLN A 748 -17.02 -3.67 -51.12
N TYR A 749 -18.24 -3.59 -50.54
CA TYR A 749 -19.03 -4.76 -50.17
C TYR A 749 -18.41 -5.55 -49.01
N LEU A 750 -19.12 -6.58 -48.48
CA LEU A 750 -18.77 -7.24 -47.21
C LEU A 750 -17.31 -7.75 -47.16
N ALA A 751 -16.69 -7.90 -48.33
CA ALA A 751 -15.30 -8.32 -48.45
C ALA A 751 -14.38 -7.59 -47.48
N ILE A 752 -14.41 -6.25 -47.58
CA ILE A 752 -13.46 -5.38 -46.88
C ILE A 752 -13.36 -5.78 -45.41
N ASN A 753 -14.51 -5.77 -44.73
CA ASN A 753 -14.57 -6.16 -43.32
C ASN A 753 -13.91 -7.52 -43.09
N GLU A 754 -14.35 -8.54 -43.83
CA GLU A 754 -13.78 -9.87 -43.56
C GLU A 754 -12.25 -9.83 -43.44
N ILE A 755 -11.61 -9.20 -44.42
CA ILE A 755 -10.16 -9.16 -44.34
C ILE A 755 -9.70 -8.40 -43.09
N SER A 756 -10.28 -7.22 -42.84
CA SER A 756 -9.79 -6.40 -41.73
C SER A 756 -9.79 -7.19 -40.45
N GLY A 757 -10.78 -8.06 -40.28
CA GLY A 757 -10.73 -9.04 -39.22
C GLY A 757 -9.43 -9.80 -39.26
N GLN A 758 -9.05 -10.27 -40.45
CA GLN A 758 -7.80 -11.02 -40.55
C GLN A 758 -6.56 -10.23 -40.06
N LEU A 759 -6.43 -8.94 -40.39
CA LEU A 759 -5.22 -8.19 -40.02
C LEU A 759 -4.89 -8.32 -38.53
N ASP A 760 -5.90 -8.59 -37.71
CA ASP A 760 -5.77 -8.70 -36.26
C ASP A 760 -5.23 -7.38 -35.72
N VAL A 761 -4.69 -7.41 -34.51
CA VAL A 761 -4.39 -6.19 -33.81
C VAL A 761 -3.31 -5.35 -34.50
N ASP A 762 -2.32 -6.00 -35.13
CA ASP A 762 -1.23 -5.31 -35.80
C ASP A 762 -1.72 -3.99 -36.41
N LEU A 763 -2.77 -4.09 -37.23
CA LEU A 763 -3.47 -2.91 -37.73
C LEU A 763 -3.66 -1.89 -36.61
N ILE A 764 -4.05 -2.34 -35.44
CA ILE A 764 -4.15 -1.42 -34.31
C ILE A 764 -2.77 -0.95 -33.89
N LEU A 765 -1.86 -1.89 -33.59
CA LEU A 765 -0.54 -1.55 -33.08
C LEU A 765 0.07 -0.37 -33.83
N ARG A 766 -0.01 -0.37 -35.17
CA ARG A 766 0.55 0.76 -35.93
C ARG A 766 -0.42 1.95 -35.96
N CYS A 767 -1.71 1.69 -36.17
CA CYS A 767 -2.67 2.79 -36.16
C CYS A 767 -2.66 3.54 -34.82
N MET A 768 -2.18 2.88 -33.76
CA MET A 768 -2.05 3.47 -32.45
C MET A 768 -0.62 3.95 -32.21
N SER A 769 0.31 3.33 -32.93
CA SER A 769 1.71 3.76 -32.98
C SER A 769 1.85 5.15 -33.57
N ASP A 770 1.30 5.33 -34.77
CA ASP A 770 1.32 6.55 -35.54
C ASP A 770 0.15 7.46 -35.19
N GLU A 771 -1.04 6.88 -35.12
CA GLU A 771 -2.25 7.69 -34.96
C GLU A 771 -2.44 8.13 -33.51
N ASN A 772 -1.88 7.39 -32.57
CA ASN A 772 -1.64 7.91 -31.24
C ASN A 772 -0.19 7.57 -30.95
N LEU A 773 0.11 7.22 -29.70
CA LEU A 773 1.50 7.06 -29.38
C LEU A 773 2.22 8.24 -29.98
N PRO A 774 1.59 9.43 -29.95
CA PRO A 774 2.36 10.65 -30.01
C PRO A 774 3.61 10.45 -29.21
N TYR A 775 3.46 10.11 -27.94
CA TYR A 775 4.49 9.45 -27.16
C TYR A 775 5.20 8.38 -27.96
N ASP A 776 6.51 8.57 -28.14
CA ASP A 776 7.31 7.54 -28.77
C ASP A 776 7.00 6.19 -28.14
N LEU A 777 7.05 6.13 -26.80
CA LEU A 777 6.99 4.88 -26.07
C LEU A 777 5.92 3.92 -26.61
N ARG A 778 4.72 4.43 -26.91
CA ARG A 778 3.61 3.53 -27.25
C ARG A 778 3.73 2.99 -28.69
N ALA A 779 4.12 3.84 -29.62
CA ALA A 779 4.39 3.47 -31.00
C ALA A 779 5.41 2.34 -31.02
N SER A 780 6.31 2.46 -30.04
CA SER A 780 7.52 1.66 -29.98
C SER A 780 7.23 0.23 -29.55
N PHE A 781 6.44 0.07 -28.50
CA PHE A 781 6.08 -1.31 -28.20
C PHE A 781 5.27 -1.91 -29.35
N CYS A 782 4.41 -1.11 -30.02
CA CYS A 782 3.85 -1.64 -31.27
C CYS A 782 4.97 -2.01 -32.23
N ARG A 783 6.12 -1.36 -32.10
CA ARG A 783 7.29 -1.83 -32.84
C ARG A 783 7.81 -3.13 -32.23
N LEU A 784 7.53 -3.38 -30.95
CA LEU A 784 7.80 -4.72 -30.42
C LEU A 784 6.95 -5.74 -31.17
N MET A 785 5.73 -5.33 -31.56
CA MET A 785 4.87 -6.16 -32.39
C MET A 785 5.49 -6.44 -33.75
N LEU A 786 6.21 -5.46 -34.32
CA LEU A 786 6.83 -5.67 -35.63
C LEU A 786 7.99 -6.72 -35.59
N HIS A 787 9.00 -6.47 -34.73
CA HIS A 787 10.14 -7.39 -34.67
C HIS A 787 9.69 -8.81 -34.36
N MET A 788 8.55 -8.95 -33.68
CA MET A 788 7.93 -10.27 -33.59
C MET A 788 7.37 -10.75 -34.93
N HIS A 789 6.63 -9.88 -35.62
CA HIS A 789 5.95 -10.26 -36.86
C HIS A 789 6.84 -11.09 -37.78
N VAL A 790 8.01 -10.56 -38.14
CA VAL A 790 8.95 -11.36 -38.94
C VAL A 790 8.41 -11.84 -40.30
N ASP A 791 7.58 -12.89 -40.34
CA ASP A 791 7.09 -13.51 -41.59
C ASP A 791 6.48 -12.57 -42.65
N SER A 825 4.02 7.88 -65.96
CA SER A 825 5.39 7.81 -66.46
C SER A 825 6.17 6.72 -65.74
N LYS A 826 5.67 5.48 -65.84
CA LYS A 826 6.19 4.39 -65.03
C LYS A 826 7.69 4.16 -65.28
N ASP A 827 8.10 4.16 -66.55
CA ASP A 827 9.50 3.82 -66.86
C ASP A 827 10.44 4.97 -66.52
N GLU A 828 10.09 6.20 -66.91
CA GLU A 828 11.03 7.31 -66.78
C GLU A 828 11.08 7.84 -65.34
N ILE A 829 9.94 7.84 -64.64
CA ILE A 829 9.98 7.96 -63.20
C ILE A 829 10.78 6.79 -62.61
N LYS A 830 10.59 5.59 -63.17
CA LYS A 830 11.21 4.40 -62.60
C LYS A 830 12.73 4.50 -62.63
N GLU A 831 13.28 5.27 -63.58
CA GLU A 831 14.73 5.42 -63.65
C GLU A 831 15.27 6.26 -62.49
N ARG A 832 14.62 7.41 -62.21
CA ARG A 832 14.83 8.11 -60.94
C ARG A 832 14.64 7.16 -59.74
N PHE A 833 13.75 6.18 -59.89
CA PHE A 833 13.41 5.35 -58.75
C PHE A 833 14.52 4.35 -58.42
N ALA A 834 15.30 3.91 -59.41
CA ALA A 834 16.44 3.04 -59.10
C ALA A 834 17.37 3.68 -58.06
N GLN A 835 17.91 4.85 -58.42
CA GLN A 835 18.56 5.78 -57.51
C GLN A 835 17.94 5.69 -56.12
N THR A 836 16.61 5.81 -56.07
CA THR A 836 15.92 5.70 -54.79
C THR A 836 16.21 4.36 -54.06
N MET A 837 15.80 3.23 -54.66
CA MET A 837 15.87 1.94 -53.96
C MET A 837 17.26 1.72 -53.33
N GLU A 838 18.29 2.22 -54.01
CA GLU A 838 19.59 2.20 -53.35
C GLU A 838 19.59 3.03 -52.07
N PHE A 839 19.39 4.36 -52.19
CA PHE A 839 19.58 5.21 -51.02
C PHE A 839 18.83 4.67 -49.79
N VAL A 840 17.84 3.81 -49.99
CA VAL A 840 17.22 3.18 -48.83
C VAL A 840 18.08 2.05 -48.27
N GLU A 841 18.37 1.00 -49.09
CA GLU A 841 19.21 -0.10 -48.57
C GLU A 841 20.45 0.47 -47.89
N GLU A 842 20.96 1.57 -48.44
CA GLU A 842 22.06 2.30 -47.82
C GLU A 842 21.69 2.80 -46.43
N TYR A 843 20.61 3.61 -46.32
CA TYR A 843 20.19 4.03 -44.98
C TYR A 843 20.10 2.86 -44.00
N LEU A 844 20.02 1.61 -44.51
CA LEU A 844 20.01 0.43 -43.63
C LEU A 844 21.41 0.02 -43.19
N ARG A 845 22.41 0.04 -44.09
CA ARG A 845 23.75 -0.19 -43.53
C ARG A 845 24.20 0.95 -42.62
N ASP A 846 23.58 2.14 -42.70
CA ASP A 846 23.84 3.17 -41.67
C ASP A 846 22.94 2.94 -40.46
N VAL A 847 21.90 2.13 -40.60
CA VAL A 847 21.14 1.66 -39.45
C VAL A 847 21.81 0.48 -38.76
N VAL A 848 22.70 -0.22 -39.46
CA VAL A 848 23.62 -1.13 -38.79
C VAL A 848 24.38 -0.40 -37.70
N CYS A 849 24.74 0.85 -37.97
CA CYS A 849 25.10 1.72 -36.87
C CYS A 849 23.91 1.90 -35.96
N GLN A 850 23.98 1.31 -34.78
CA GLN A 850 22.92 1.49 -33.80
C GLN A 850 22.82 2.94 -33.37
N ARG A 851 23.92 3.52 -32.90
CA ARG A 851 23.95 4.94 -32.60
C ARG A 851 23.26 5.66 -33.73
N PHE A 852 22.11 6.17 -33.44
CA PHE A 852 21.59 7.18 -34.31
C PHE A 852 21.88 8.49 -33.60
N PRO A 853 22.90 8.51 -32.76
CA PRO A 853 23.46 9.77 -32.29
C PRO A 853 23.64 10.75 -33.44
N PHE A 854 22.95 11.89 -33.37
CA PHE A 854 23.24 13.06 -34.21
C PHE A 854 23.33 12.74 -35.69
N SER A 855 24.21 11.82 -36.07
CA SER A 855 24.17 11.27 -37.40
C SER A 855 22.72 11.00 -37.82
N ASP A 856 21.83 10.73 -36.85
CA ASP A 856 20.41 10.58 -37.16
C ASP A 856 19.65 11.91 -37.25
N LYS A 857 20.25 13.03 -36.87
CA LYS A 857 19.65 14.29 -37.29
C LYS A 857 19.73 14.41 -38.78
N GLU A 858 20.90 14.06 -39.34
CA GLU A 858 21.13 14.12 -40.77
C GLU A 858 20.44 12.96 -41.48
N LYS A 859 21.06 11.77 -41.45
CA LYS A 859 20.48 10.54 -41.99
C LYS A 859 18.98 10.44 -41.69
N ASN A 860 18.50 10.98 -40.55
CA ASN A 860 17.08 10.82 -40.24
C ASN A 860 16.24 11.86 -40.97
N LYS A 861 16.70 13.08 -41.02
CA LYS A 861 16.02 14.04 -41.87
C LYS A 861 15.91 13.50 -43.30
N LEU A 862 17.08 13.28 -43.90
CA LEU A 862 17.14 12.85 -45.30
C LEU A 862 16.20 11.68 -45.54
N THR A 863 16.50 10.57 -44.92
CA THR A 863 15.53 9.53 -44.79
C THR A 863 14.10 10.10 -44.80
N PHE A 864 13.79 10.99 -43.87
CA PHE A 864 12.39 11.38 -43.63
C PHE A 864 11.73 11.86 -44.93
N GLU A 865 12.36 12.84 -45.57
CA GLU A 865 11.84 13.22 -46.87
C GLU A 865 11.78 12.02 -47.80
N VAL A 866 12.77 11.13 -47.71
CA VAL A 866 12.82 9.94 -48.54
C VAL A 866 11.74 8.93 -48.19
N VAL A 867 10.97 9.19 -47.14
CA VAL A 867 10.19 8.16 -46.47
C VAL A 867 8.74 8.55 -46.62
N ASN A 868 8.42 9.81 -46.42
CA ASN A 868 7.13 10.21 -46.91
C ASN A 868 7.20 10.16 -48.41
N LEU A 869 8.32 10.55 -48.97
CA LEU A 869 8.51 10.54 -50.41
C LEU A 869 8.84 9.16 -50.96
N ALA A 870 9.06 8.19 -50.08
CA ALA A 870 9.28 6.80 -50.49
C ALA A 870 8.04 5.98 -50.33
N ARG A 871 7.36 6.23 -49.21
CA ARG A 871 5.92 6.05 -49.08
C ARG A 871 5.18 6.60 -50.30
N ASN A 872 5.27 7.92 -50.49
CA ASN A 872 4.72 8.64 -51.61
C ASN A 872 5.29 8.19 -52.93
N LEU A 873 6.47 7.56 -52.90
CA LEU A 873 7.17 6.97 -54.05
C LEU A 873 6.58 5.63 -54.44
N ILE A 874 6.57 4.68 -53.53
CA ILE A 874 5.72 3.51 -53.71
C ILE A 874 4.31 3.91 -54.15
N TYR A 875 3.73 4.97 -53.57
CA TYR A 875 2.27 5.14 -53.73
C TYR A 875 1.91 5.80 -55.07
N PHE A 876 2.49 6.93 -55.42
CA PHE A 876 2.34 7.35 -56.81
C PHE A 876 2.85 6.26 -57.76
N GLY A 877 3.92 5.54 -57.34
CA GLY A 877 4.52 4.49 -58.14
C GLY A 877 4.57 3.09 -57.55
N PHE A 878 3.39 2.63 -57.18
CA PHE A 878 3.18 1.21 -57.00
C PHE A 878 2.62 0.63 -58.29
N TYR A 879 2.49 -0.71 -58.32
CA TYR A 879 2.04 -1.38 -59.54
C TYR A 879 1.68 -2.83 -59.26
N ASN A 880 0.69 -3.33 -60.01
CA ASN A 880 -0.16 -4.43 -59.58
C ASN A 880 0.40 -5.80 -60.02
N PHE A 881 1.51 -6.18 -59.42
CA PHE A 881 2.08 -7.53 -59.55
C PHE A 881 3.01 -7.73 -58.36
N SER A 882 3.86 -8.77 -58.42
CA SER A 882 4.59 -9.18 -57.21
C SER A 882 5.67 -8.19 -56.75
N ASP A 883 5.94 -7.11 -57.49
CA ASP A 883 7.28 -6.51 -57.43
C ASP A 883 7.39 -5.19 -56.64
N LEU A 884 6.47 -4.21 -56.76
CA LEU A 884 6.51 -3.12 -55.77
C LEU A 884 6.13 -3.66 -54.41
N LEU A 885 5.55 -4.86 -54.42
CA LEU A 885 5.30 -5.62 -53.20
C LEU A 885 6.56 -6.33 -52.72
N ARG A 886 7.22 -7.12 -53.57
CA ARG A 886 8.47 -7.74 -53.15
C ARG A 886 9.34 -6.64 -52.55
N LEU A 887 9.29 -5.47 -53.21
CA LEU A 887 9.84 -4.23 -52.65
C LEU A 887 9.38 -4.03 -51.21
N THR A 888 8.10 -4.25 -50.93
CA THR A 888 7.70 -4.29 -49.53
C THR A 888 8.51 -5.33 -48.75
N LYS A 889 8.70 -6.53 -49.30
CA LYS A 889 9.43 -7.55 -48.58
C LYS A 889 10.76 -6.99 -48.08
N ILE A 890 11.42 -6.18 -48.92
CA ILE A 890 12.58 -5.44 -48.44
C ILE A 890 12.18 -4.47 -47.34
N LEU A 891 11.01 -3.86 -47.48
CA LEU A 891 10.61 -2.88 -46.47
C LEU A 891 10.50 -3.51 -45.10
N LEU A 892 10.20 -4.81 -45.02
CA LEU A 892 10.22 -5.48 -43.72
C LEU A 892 11.57 -5.23 -43.03
N ALA A 893 12.64 -5.59 -43.73
CA ALA A 893 13.98 -5.42 -43.20
C ALA A 893 14.37 -3.95 -43.12
N ILE A 894 13.66 -3.07 -43.80
CA ILE A 894 13.90 -1.66 -43.61
C ILE A 894 13.30 -1.23 -42.29
N LEU A 895 11.98 -1.07 -42.25
CA LEU A 895 11.24 -0.68 -41.03
C LEU A 895 11.71 -1.45 -39.79
N ASP A 896 12.37 -2.61 -39.97
CA ASP A 896 13.01 -3.32 -38.86
C ASP A 896 14.47 -2.92 -38.67
N CYS A 897 15.26 -3.01 -39.73
CA CYS A 897 16.59 -2.40 -39.77
C CYS A 897 16.57 -0.97 -39.32
N VAL A 898 15.38 -0.39 -39.18
CA VAL A 898 15.10 1.04 -39.03
C VAL A 898 14.88 1.25 -37.55
N HIS A 899 15.62 0.44 -36.77
CA HIS A 899 15.65 0.46 -35.31
C HIS A 899 14.71 1.48 -34.62
N VAL A 900 13.43 1.14 -34.45
CA VAL A 900 12.69 0.09 -35.15
C VAL A 900 11.40 0.71 -35.66
N PRO A 960 15.16 12.12 -19.42
CA PRO A 960 14.45 13.27 -19.99
C PRO A 960 15.41 14.42 -20.31
N GLU A 961 15.20 15.59 -19.70
CA GLU A 961 15.96 16.79 -20.03
C GLU A 961 15.99 17.05 -21.55
N LYS A 962 17.19 17.04 -22.16
CA LYS A 962 17.34 17.34 -23.59
C LYS A 962 16.75 16.27 -24.51
N GLU A 963 16.35 15.12 -23.95
CA GLU A 963 16.01 13.97 -24.78
C GLU A 963 14.64 14.09 -25.43
N ASP A 964 13.77 14.98 -24.95
CA ASP A 964 12.49 15.18 -25.64
C ASP A 964 12.71 15.99 -26.91
N ILE A 965 13.39 17.12 -26.78
CA ILE A 965 13.83 17.88 -27.95
C ILE A 965 14.50 16.95 -28.95
N MET A 966 15.38 16.07 -28.47
CA MET A 966 15.99 15.10 -29.38
C MET A 966 14.97 14.11 -29.93
N VAL A 967 13.99 13.72 -29.12
CA VAL A 967 13.04 12.67 -29.49
C VAL A 967 12.07 13.14 -30.57
N MET A 968 11.89 14.45 -30.69
CA MET A 968 11.08 15.00 -31.77
C MET A 968 11.39 14.34 -33.11
N ASP A 969 12.67 14.07 -33.37
CA ASP A 969 13.05 13.48 -34.65
C ASP A 969 12.50 12.06 -34.77
N THR A 970 12.79 11.20 -33.77
CA THR A 970 12.15 9.89 -33.68
C THR A 970 10.63 9.99 -33.85
N LYS A 971 10.05 11.09 -33.39
CA LYS A 971 8.61 11.24 -33.25
C LYS A 971 7.95 11.55 -34.60
N LEU A 972 8.56 12.43 -35.39
CA LEU A 972 8.12 12.55 -36.78
C LEU A 972 8.39 11.26 -37.54
N LYS A 973 9.53 10.61 -37.26
CA LYS A 973 9.87 9.32 -37.86
C LYS A 973 8.88 8.23 -37.51
N ILE A 974 7.94 8.53 -36.64
CA ILE A 974 6.89 7.58 -36.34
C ILE A 974 5.61 7.89 -37.10
N ILE A 975 5.24 9.15 -37.28
CA ILE A 975 4.17 9.44 -38.21
C ILE A 975 4.55 9.04 -39.61
N GLU A 976 5.84 9.13 -39.94
CA GLU A 976 6.31 8.79 -41.28
C GLU A 976 6.80 7.36 -41.40
N ILE A 977 7.20 6.75 -40.29
CA ILE A 977 7.67 5.36 -40.33
C ILE A 977 6.53 4.39 -40.10
N LEU A 978 5.49 4.87 -39.43
CA LEU A 978 4.21 4.20 -39.21
C LEU A 978 3.09 4.84 -39.99
N GLN A 979 3.45 5.84 -40.77
CA GLN A 979 2.75 6.20 -41.97
C GLN A 979 3.29 5.33 -43.09
N PHE A 980 4.56 5.45 -43.45
CA PHE A 980 5.13 4.53 -44.43
C PHE A 980 4.73 3.10 -44.08
N ILE A 981 5.02 2.73 -42.84
CA ILE A 981 4.48 1.49 -42.31
C ILE A 981 2.97 1.46 -42.45
N LEU A 982 2.27 2.59 -42.19
CA LEU A 982 0.81 2.57 -42.30
C LEU A 982 0.32 2.43 -43.75
N ASN A 983 0.65 3.42 -44.60
CA ASN A 983 0.18 3.56 -45.97
C ASN A 983 0.45 2.32 -46.81
N VAL A 984 1.60 1.71 -46.61
CA VAL A 984 1.80 0.40 -47.22
C VAL A 984 1.11 -0.68 -46.38
N ARG A 985 1.09 -0.49 -45.06
CA ARG A 985 0.58 -1.53 -44.16
C ARG A 985 -0.95 -1.64 -44.17
N LEU A 986 -1.65 -0.50 -44.18
CA LEU A 986 -3.10 -0.56 -44.07
C LEU A 986 -3.75 -1.07 -45.35
N ASP A 987 -3.93 -0.19 -46.33
CA ASP A 987 -4.64 -0.44 -47.59
C ASP A 987 -3.79 -1.17 -48.62
N TYR A 988 -2.49 -0.88 -48.71
CA TYR A 988 -1.66 -1.63 -49.64
C TYR A 988 -1.57 -3.10 -49.24
N ARG A 989 -1.35 -3.40 -47.96
CA ARG A 989 -1.38 -4.79 -47.56
C ARG A 989 -2.75 -5.39 -47.84
N ILE A 990 -2.78 -6.37 -48.75
CA ILE A 990 -3.71 -7.51 -48.82
C ILE A 990 -4.70 -7.59 -50.01
N SER A 991 -4.34 -7.11 -51.20
CA SER A 991 -5.35 -6.90 -52.24
C SER A 991 -5.57 -8.12 -53.16
N CYS A 992 -4.66 -9.10 -53.17
CA CYS A 992 -4.72 -10.22 -54.12
C CYS A 992 -5.45 -11.43 -53.57
N LEU A 993 -5.14 -11.86 -52.35
CA LEU A 993 -5.89 -12.89 -51.66
C LEU A 993 -7.39 -12.79 -51.94
N LEU A 994 -7.93 -11.55 -51.91
CA LEU A 994 -9.35 -11.30 -52.12
C LEU A 994 -9.88 -11.98 -53.38
N CYS A 995 -9.32 -11.62 -54.54
CA CYS A 995 -9.75 -12.20 -55.81
C CYS A 995 -8.97 -13.43 -56.24
N ILE A 996 -7.78 -13.67 -55.67
CA ILE A 996 -7.03 -14.89 -55.97
C ILE A 996 -7.87 -16.12 -55.70
N PHE A 997 -8.59 -16.12 -54.54
CA PHE A 997 -9.30 -17.28 -54.07
C PHE A 997 -10.49 -17.69 -55.01
N LYS A 998 -10.84 -16.85 -55.96
CA LYS A 998 -11.66 -17.34 -57.10
C LYS A 998 -11.13 -18.72 -57.44
N ARG A 999 -12.05 -19.61 -57.44
CA ARG A 999 -12.07 -21.07 -57.62
C ARG A 999 -13.58 -21.11 -57.58
N GLU A 1000 -14.28 -22.24 -57.38
CA GLU A 1000 -15.72 -21.99 -57.39
C GLU A 1000 -16.52 -22.95 -56.51
N PHE A 1001 -17.82 -22.70 -56.57
CA PHE A 1001 -18.76 -22.97 -55.48
C PHE A 1001 -20.03 -23.59 -56.05
N ASP A 1002 -20.40 -24.74 -55.50
CA ASP A 1002 -21.64 -25.44 -55.78
C ASP A 1002 -21.71 -25.93 -57.21
N GLU A 1003 -21.41 -25.06 -58.16
CA GLU A 1003 -21.71 -25.32 -59.55
C GLU A 1003 -20.53 -25.83 -60.37
N SER A 1004 -19.38 -25.10 -60.37
CA SER A 1004 -18.20 -25.49 -61.16
C SER A 1004 -17.02 -24.54 -61.08
N ASN A 1005 -15.82 -25.11 -61.03
CA ASN A 1005 -14.60 -24.39 -60.70
C ASN A 1005 -14.42 -23.14 -61.56
N SER A 1006 -13.89 -22.09 -60.92
CA SER A 1006 -13.68 -20.76 -61.49
C SER A 1006 -12.58 -20.03 -60.72
N GLN A 1007 -11.37 -20.59 -60.78
CA GLN A 1007 -10.20 -19.91 -60.25
C GLN A 1007 -9.97 -18.60 -61.02
N SER A 1008 -9.35 -17.62 -60.35
CA SER A 1008 -8.92 -16.42 -61.08
C SER A 1008 -7.52 -16.67 -61.63
N SER A 1009 -7.34 -17.82 -62.24
CA SER A 1009 -6.10 -18.26 -62.84
C SER A 1009 -5.73 -17.31 -63.94
N GLY A 1026 -20.62 -2.66 -59.76
CA GLY A 1026 -21.52 -1.66 -60.28
C GLY A 1026 -21.36 -1.43 -61.79
N ALA A 1027 -21.16 -2.54 -62.51
CA ALA A 1027 -21.11 -2.60 -63.97
C ALA A 1027 -19.73 -2.22 -64.53
N LEU A 1028 -19.72 -1.43 -65.61
CA LEU A 1028 -18.46 -0.95 -66.18
C LEU A 1028 -17.85 0.07 -65.22
N ASP A 1029 -17.39 -0.40 -64.05
CA ASP A 1029 -16.84 0.52 -63.05
C ASP A 1029 -15.57 1.19 -63.54
N PHE A 1030 -14.96 0.64 -64.58
CA PHE A 1030 -13.70 1.22 -65.05
C PHE A 1030 -13.93 2.26 -66.13
N GLU A 1031 -15.12 2.26 -66.72
CA GLU A 1031 -15.49 3.39 -67.58
C GLU A 1031 -15.93 4.59 -66.76
N HIS A 1032 -16.44 4.34 -65.55
CA HIS A 1032 -16.82 5.40 -64.62
C HIS A 1032 -15.66 5.84 -63.73
N ILE A 1033 -14.65 4.99 -63.59
CA ILE A 1033 -13.36 5.29 -62.95
C ILE A 1033 -12.27 5.53 -63.98
N GLU A 1034 -12.63 5.56 -65.27
CA GLU A 1034 -11.85 5.99 -66.41
C GLU A 1034 -12.30 7.37 -66.83
N GLU A 1035 -13.61 7.54 -66.96
CA GLU A 1035 -14.23 8.84 -66.78
C GLU A 1035 -13.89 9.44 -65.43
N GLN A 1036 -13.52 8.63 -64.42
CA GLN A 1036 -13.11 9.19 -63.14
C GLN A 1036 -11.60 9.41 -63.00
N ALA A 1037 -10.76 8.60 -63.66
CA ALA A 1037 -9.38 9.06 -63.85
C ALA A 1037 -9.36 10.32 -64.71
N GLU A 1038 -10.36 10.42 -65.58
CA GLU A 1038 -10.71 11.68 -66.24
C GLU A 1038 -11.15 12.71 -65.22
N GLY A 1039 -11.72 12.25 -64.11
CA GLY A 1039 -11.94 13.15 -63.00
C GLY A 1039 -10.64 13.68 -62.42
N ILE A 1040 -9.60 12.85 -62.38
CA ILE A 1040 -8.33 13.28 -61.83
C ILE A 1040 -7.67 14.28 -62.77
N PHE A 1041 -7.42 13.83 -64.00
CA PHE A 1041 -7.01 14.74 -65.07
C PHE A 1041 -7.86 15.99 -65.05
N GLY A 1042 -9.15 15.83 -64.77
CA GLY A 1042 -10.00 16.98 -64.53
C GLY A 1042 -9.56 17.77 -63.34
N GLY A 1043 -8.89 17.13 -62.40
CA GLY A 1043 -8.28 17.88 -61.33
C GLY A 1043 -7.26 18.89 -61.82
N SER A 1044 -6.46 18.48 -62.81
CA SER A 1044 -5.19 19.17 -63.08
C SER A 1044 -5.26 20.64 -63.55
N GLU A 1045 -6.35 21.10 -64.17
CA GLU A 1045 -6.28 22.25 -65.08
C GLU A 1045 -6.51 23.62 -64.42
N GLU A 1046 -6.91 24.61 -65.23
CA GLU A 1046 -7.11 26.02 -64.82
C GLU A 1046 -7.80 26.83 -65.95
N ASN A 1047 -7.98 28.15 -65.71
CA ASN A 1047 -8.92 28.98 -66.50
C ASN A 1047 -8.27 29.72 -67.68
N THR A 1048 -6.92 29.67 -67.81
CA THR A 1048 -6.21 30.39 -68.84
C THR A 1048 -6.14 29.48 -70.04
N PRO A 1049 -6.22 28.06 -69.82
CA PRO A 1049 -6.19 27.23 -70.98
C PRO A 1049 -7.47 27.47 -71.82
N LEU A 1050 -7.76 28.71 -72.25
CA LEU A 1050 -8.95 29.01 -73.07
C LEU A 1050 -9.36 27.86 -74.02
N ASP A 1051 -8.43 27.48 -74.92
CA ASP A 1051 -8.56 26.25 -75.70
C ASP A 1051 -9.21 25.12 -74.89
N LEU A 1052 -8.57 24.70 -73.82
CA LEU A 1052 -9.06 23.59 -73.00
C LEU A 1052 -10.16 23.97 -72.01
N ASP A 1053 -10.22 25.22 -71.58
CA ASP A 1053 -10.96 25.56 -70.36
C ASP A 1053 -12.47 25.30 -70.51
N ASP A 1054 -13.05 25.62 -71.66
CA ASP A 1054 -14.51 25.55 -71.83
C ASP A 1054 -15.03 24.30 -72.50
N HIS A 1055 -14.29 23.74 -73.46
CA HIS A 1055 -14.93 23.02 -74.55
C HIS A 1055 -15.29 21.57 -74.23
N GLY A 1056 -14.30 20.77 -73.81
CA GLY A 1056 -14.27 19.35 -74.06
C GLY A 1056 -14.87 18.44 -73.00
N GLY A 1057 -14.27 18.48 -71.82
CA GLY A 1057 -14.86 17.76 -70.70
C GLY A 1057 -16.37 17.94 -70.63
N ARG A 1058 -16.87 19.09 -71.06
CA ARG A 1058 -18.27 19.47 -70.94
C ARG A 1058 -18.81 19.14 -69.56
N THR A 1059 -19.74 18.20 -69.48
CA THR A 1059 -20.36 17.78 -68.22
C THR A 1059 -20.34 16.25 -68.08
N PHE A 1060 -19.32 15.71 -67.44
CA PHE A 1060 -19.35 14.28 -67.12
C PHE A 1060 -20.34 13.98 -66.01
N LEU A 1061 -20.81 15.04 -65.30
CA LEU A 1061 -21.82 15.06 -64.25
C LEU A 1061 -22.84 13.95 -64.42
N ARG A 1062 -23.21 13.74 -65.68
CA ARG A 1062 -24.28 12.81 -66.03
C ARG A 1062 -23.99 11.39 -65.58
N VAL A 1063 -22.84 10.83 -65.95
CA VAL A 1063 -22.45 9.50 -65.43
C VAL A 1063 -22.60 9.50 -63.91
N LEU A 1064 -22.05 10.54 -63.27
CA LEU A 1064 -22.30 10.86 -61.87
C LEU A 1064 -23.80 10.81 -61.61
N LEU A 1065 -24.55 11.73 -62.22
CA LEU A 1065 -26.01 11.70 -62.10
C LEU A 1065 -26.59 10.32 -62.45
N HIS A 1066 -26.03 9.64 -63.45
CA HIS A 1066 -26.62 8.37 -63.88
C HIS A 1066 -26.23 7.22 -62.98
N LEU A 1067 -25.18 7.39 -62.18
CA LEU A 1067 -24.73 6.37 -61.24
C LEU A 1067 -24.79 6.88 -59.81
N THR A 1068 -25.66 7.86 -59.52
CA THR A 1068 -25.84 8.32 -58.14
C THR A 1068 -26.57 7.28 -57.30
N MET A 1069 -27.67 6.75 -57.84
CA MET A 1069 -28.42 5.71 -57.14
C MET A 1069 -27.59 4.47 -56.91
N HIS A 1070 -26.52 4.29 -57.67
CA HIS A 1070 -25.70 3.11 -57.54
C HIS A 1070 -24.89 3.14 -56.25
N ASP A 1071 -24.69 1.95 -55.69
CA ASP A 1071 -23.76 1.78 -54.59
C ASP A 1071 -22.49 2.53 -54.91
N TYR A 1072 -21.97 3.24 -53.92
CA TYR A 1072 -20.88 4.17 -54.16
C TYR A 1072 -19.67 3.42 -54.69
N PRO A 1073 -18.98 3.95 -55.70
CA PRO A 1073 -17.63 3.50 -55.94
C PRO A 1073 -16.78 3.73 -54.72
N PRO A 1074 -15.74 2.92 -54.50
CA PRO A 1074 -14.91 3.14 -53.32
C PRO A 1074 -14.03 4.35 -53.43
N LEU A 1075 -13.75 4.81 -54.65
CA LEU A 1075 -12.94 6.01 -54.81
C LEU A 1075 -13.80 7.26 -54.87
N VAL A 1076 -14.71 7.38 -53.90
CA VAL A 1076 -15.46 8.63 -53.77
C VAL A 1076 -14.65 9.65 -52.99
N SER A 1077 -13.76 9.21 -52.07
CA SER A 1077 -12.74 10.11 -51.54
C SER A 1077 -11.90 10.69 -52.67
N GLY A 1078 -11.69 9.91 -53.72
CA GLY A 1078 -11.11 10.43 -54.95
C GLY A 1078 -12.13 11.19 -55.80
N ALA A 1079 -13.42 10.98 -55.54
CA ALA A 1079 -14.40 11.88 -56.16
C ALA A 1079 -14.47 13.20 -55.39
N LEU A 1080 -14.38 13.13 -54.06
CA LEU A 1080 -14.28 14.34 -53.26
C LEU A 1080 -13.11 15.20 -53.69
N GLN A 1081 -12.08 14.59 -54.28
CA GLN A 1081 -11.01 15.33 -54.91
C GLN A 1081 -11.58 16.40 -55.85
N LEU A 1082 -12.33 15.95 -56.86
CA LEU A 1082 -12.99 16.86 -57.78
C LEU A 1082 -13.60 18.06 -57.07
N LEU A 1083 -14.15 17.85 -55.88
CA LEU A 1083 -14.83 18.93 -55.17
C LEU A 1083 -13.89 20.07 -54.79
N PHE A 1084 -12.81 19.74 -54.10
CA PHE A 1084 -12.20 20.70 -53.18
C PHE A 1084 -11.71 21.96 -53.89
N ARG A 1085 -11.15 21.81 -55.09
CA ARG A 1085 -10.68 22.96 -55.86
C ARG A 1085 -11.71 24.07 -55.87
N HIS A 1086 -12.95 23.72 -56.16
CA HIS A 1086 -14.07 24.65 -56.27
C HIS A 1086 -14.21 25.64 -55.10
N PHE A 1087 -13.38 25.50 -54.06
CA PHE A 1087 -13.40 26.46 -52.96
C PHE A 1087 -12.92 27.85 -53.38
N SER A 1088 -12.25 27.98 -54.54
CA SER A 1088 -11.59 29.24 -54.86
C SER A 1088 -12.55 30.32 -55.37
N GLN A 1089 -13.35 30.02 -56.41
CA GLN A 1089 -14.22 31.04 -57.00
C GLN A 1089 -15.23 30.42 -57.96
N ARG A 1090 -16.12 31.28 -58.50
CA ARG A 1090 -17.08 30.79 -59.49
C ARG A 1090 -17.72 31.88 -60.36
N GLN A 1091 -16.89 32.70 -61.01
CA GLN A 1091 -17.45 33.73 -61.89
C GLN A 1091 -18.19 33.10 -63.06
N GLU A 1092 -17.46 32.37 -63.91
CA GLU A 1092 -18.07 31.56 -64.96
C GLU A 1092 -19.35 30.90 -64.47
N VAL A 1093 -20.39 30.91 -65.30
CA VAL A 1093 -21.64 30.31 -64.89
C VAL A 1093 -21.59 28.79 -64.96
N LEU A 1094 -20.73 28.23 -65.83
CA LEU A 1094 -20.66 26.79 -66.08
C LEU A 1094 -20.49 26.00 -64.80
N GLN A 1095 -19.93 26.60 -63.75
CA GLN A 1095 -19.83 26.04 -62.41
C GLN A 1095 -20.93 25.02 -62.18
N ALA A 1096 -22.11 25.52 -61.82
CA ALA A 1096 -23.30 24.73 -61.54
C ALA A 1096 -23.30 23.37 -62.21
N PHE A 1097 -23.14 23.35 -63.53
CA PHE A 1097 -23.42 22.11 -64.25
C PHE A 1097 -22.43 21.01 -63.89
N LYS A 1098 -21.13 21.30 -63.91
CA LYS A 1098 -20.20 20.34 -63.33
C LYS A 1098 -20.46 20.19 -61.83
N GLN A 1099 -20.80 21.29 -61.17
CA GLN A 1099 -20.98 21.32 -59.73
C GLN A 1099 -22.19 20.52 -59.25
N VAL A 1100 -23.05 20.09 -60.16
CA VAL A 1100 -24.32 19.54 -59.70
C VAL A 1100 -24.25 18.03 -59.54
N GLN A 1101 -23.54 17.33 -60.45
CA GLN A 1101 -23.16 15.93 -60.32
C GLN A 1101 -22.92 15.53 -58.89
N LEU A 1102 -22.21 16.42 -58.19
CA LEU A 1102 -21.86 16.19 -56.79
C LEU A 1102 -23.11 16.14 -55.92
N LEU A 1103 -23.97 17.16 -56.03
CA LEU A 1103 -25.26 17.14 -55.35
C LEU A 1103 -25.99 15.84 -55.62
N VAL A 1104 -25.79 15.26 -56.81
CA VAL A 1104 -26.25 13.90 -57.10
C VAL A 1104 -25.40 12.92 -56.29
N THR A 1105 -26.01 12.32 -55.27
CA THR A 1105 -25.37 11.41 -54.35
C THR A 1105 -26.48 10.54 -53.77
N SER A 1106 -26.13 9.31 -53.38
CA SER A 1106 -27.10 8.45 -52.71
C SER A 1106 -26.52 7.87 -51.43
N GLN A 1107 -25.70 8.65 -50.71
CA GLN A 1107 -25.10 8.20 -49.46
C GLN A 1107 -24.64 9.44 -48.65
N ASP A 1108 -25.61 10.19 -48.12
CA ASP A 1108 -25.31 11.49 -47.52
C ASP A 1108 -24.54 11.35 -46.21
N VAL A 1109 -25.02 10.51 -45.30
CA VAL A 1109 -24.48 10.46 -43.93
C VAL A 1109 -22.98 10.24 -43.96
N ASP A 1110 -22.55 9.07 -44.44
CA ASP A 1110 -21.13 8.75 -44.55
C ASP A 1110 -20.39 9.90 -45.22
N ASN A 1111 -20.96 10.47 -46.27
CA ASN A 1111 -20.33 11.60 -46.95
C ASN A 1111 -20.44 12.88 -46.12
N TYR A 1112 -21.62 13.15 -45.56
CA TYR A 1112 -21.82 14.43 -44.88
C TYR A 1112 -20.84 14.60 -43.73
N LYS A 1113 -20.54 13.52 -43.02
CA LYS A 1113 -19.43 13.56 -42.08
C LYS A 1113 -18.17 14.09 -42.76
N GLN A 1114 -17.77 13.45 -43.86
CA GLN A 1114 -16.66 13.96 -44.65
C GLN A 1114 -16.95 15.36 -45.18
N ILE A 1115 -18.22 15.65 -45.50
CA ILE A 1115 -18.55 16.93 -46.11
C ILE A 1115 -18.37 18.07 -45.11
N LYS A 1116 -18.67 17.83 -43.85
CA LYS A 1116 -18.38 18.79 -42.79
C LYS A 1116 -17.00 19.42 -42.91
N GLN A 1117 -16.06 18.72 -43.50
CA GLN A 1117 -14.79 19.31 -43.88
C GLN A 1117 -14.88 20.83 -44.07
N ASP A 1118 -15.62 21.28 -45.06
CA ASP A 1118 -15.76 22.70 -45.27
C ASP A 1118 -16.41 23.46 -44.11
N LEU A 1119 -16.92 22.82 -43.06
CA LEU A 1119 -17.71 23.52 -42.05
C LEU A 1119 -17.27 24.95 -41.75
N ASP A 1120 -15.98 25.15 -41.51
CA ASP A 1120 -15.45 26.50 -41.52
C ASP A 1120 -15.63 27.11 -42.90
N GLN A 1121 -15.09 26.45 -43.92
CA GLN A 1121 -15.19 26.98 -45.29
C GLN A 1121 -16.63 26.94 -45.80
N LEU A 1122 -17.41 25.93 -45.41
CA LEU A 1122 -18.83 25.85 -45.75
C LEU A 1122 -19.63 26.96 -45.09
N ARG A 1123 -19.25 27.31 -43.86
CA ARG A 1123 -19.88 28.42 -43.17
C ARG A 1123 -19.53 29.73 -43.86
N SER A 1124 -18.38 29.80 -44.51
CA SER A 1124 -18.17 30.92 -45.42
C SER A 1124 -19.02 30.76 -46.68
N ILE A 1125 -19.22 29.53 -47.15
CA ILE A 1125 -20.08 29.34 -48.33
C ILE A 1125 -21.51 29.74 -48.00
N VAL A 1126 -21.88 29.73 -46.72
CA VAL A 1126 -23.21 30.14 -46.31
C VAL A 1126 -23.24 31.60 -45.83
N GLU A 1127 -22.07 32.22 -45.62
CA GLU A 1127 -21.98 33.62 -45.23
C GLU A 1127 -21.78 34.53 -46.43
N LYS A 1128 -20.93 34.13 -47.37
CA LYS A 1128 -20.93 34.70 -48.71
C LYS A 1128 -22.20 34.32 -49.45
N SER A 1129 -22.49 33.01 -49.49
CA SER A 1129 -23.71 32.54 -50.13
C SER A 1129 -24.94 33.18 -49.51
N GLU A 1130 -24.91 33.38 -48.20
CA GLU A 1130 -25.99 34.09 -47.54
C GLU A 1130 -25.82 35.60 -47.65
N LEU A 1131 -24.64 36.07 -48.06
CA LEU A 1131 -24.52 37.48 -48.41
C LEU A 1131 -25.16 37.74 -49.75
N TRP A 1132 -25.29 36.69 -50.56
CA TRP A 1132 -26.07 36.82 -51.77
C TRP A 1132 -27.14 35.75 -51.80
N VAL A 1133 -28.01 35.71 -50.78
CA VAL A 1133 -29.18 34.85 -50.89
C VAL A 1133 -30.22 35.10 -49.81
N TYR A 1134 -31.38 34.48 -50.02
CA TYR A 1134 -32.46 34.49 -49.10
C TYR A 1134 -33.52 33.67 -49.81
N VAL A 1176 -22.32 31.60 -61.08
CA VAL A 1176 -22.15 32.30 -59.81
C VAL A 1176 -23.20 31.92 -58.73
N LYS A 1177 -24.38 31.44 -59.13
CA LYS A 1177 -25.46 31.12 -58.15
C LYS A 1177 -25.19 29.84 -57.35
N GLU A 1178 -24.17 29.07 -57.75
CA GLU A 1178 -23.96 27.70 -57.33
C GLU A 1178 -23.44 27.59 -55.90
N ILE A 1179 -23.13 28.70 -55.25
CA ILE A 1179 -22.60 28.64 -53.88
C ILE A 1179 -23.71 28.89 -52.86
N LEU A 1180 -24.70 29.70 -53.19
CA LEU A 1180 -25.89 29.76 -52.36
C LEU A 1180 -26.73 28.51 -52.56
N ILE A 1181 -26.90 28.07 -53.80
CA ILE A 1181 -27.70 26.87 -53.99
C ILE A 1181 -26.92 25.63 -53.59
N ARG A 1182 -25.62 25.58 -53.89
CA ARG A 1182 -24.81 24.44 -53.43
C ARG A 1182 -24.56 24.48 -51.94
N LEU A 1183 -24.58 25.67 -51.33
CA LEU A 1183 -24.52 25.80 -49.87
C LEU A 1183 -25.81 25.34 -49.20
N SER A 1184 -26.95 25.49 -49.88
CA SER A 1184 -28.19 24.92 -49.38
C SER A 1184 -28.29 23.42 -49.66
N LYS A 1185 -27.91 22.96 -50.85
CA LYS A 1185 -27.92 21.53 -51.14
C LYS A 1185 -26.95 20.80 -50.20
N LEU A 1186 -25.82 21.43 -49.91
CA LEU A 1186 -25.01 21.00 -48.79
C LEU A 1186 -25.84 20.96 -47.51
N CYS A 1187 -26.56 22.06 -47.23
CA CYS A 1187 -27.24 22.22 -45.95
C CYS A 1187 -28.23 21.08 -45.70
N VAL A 1188 -28.93 20.63 -46.73
CA VAL A 1188 -29.99 19.65 -46.49
C VAL A 1188 -29.41 18.25 -46.32
N GLN A 1189 -28.41 17.90 -47.13
CA GLN A 1189 -27.78 16.58 -47.05
C GLN A 1189 -27.37 16.27 -45.62
N GLU A 1190 -26.69 17.22 -44.97
CA GLU A 1190 -26.39 17.08 -43.55
C GLU A 1190 -27.63 17.25 -42.69
N SER A 1191 -28.61 18.00 -43.19
CA SER A 1191 -29.79 18.29 -42.37
C SER A 1191 -30.66 17.07 -42.24
N ALA A 1192 -30.82 16.31 -43.33
CA ALA A 1192 -31.51 15.03 -43.27
C ALA A 1192 -30.51 13.94 -42.90
N SER A 1193 -30.24 13.82 -41.59
CA SER A 1193 -29.17 12.94 -41.11
C SER A 1193 -29.43 12.56 -39.66
N VAL A 1194 -28.50 11.78 -39.07
CA VAL A 1194 -28.64 11.18 -37.75
C VAL A 1194 -28.77 12.21 -36.63
N ARG A 1195 -29.17 11.77 -35.44
CA ARG A 1195 -29.35 12.73 -34.36
C ARG A 1195 -28.03 13.29 -33.93
N LYS A 1196 -26.99 12.46 -33.94
CA LYS A 1196 -25.64 12.95 -33.76
C LYS A 1196 -25.27 14.05 -34.75
N SER A 1197 -26.04 14.19 -35.83
CA SER A 1197 -25.70 15.10 -36.93
C SER A 1197 -26.25 16.52 -36.69
N ARG A 1198 -27.57 16.62 -36.51
CA ARG A 1198 -28.15 17.81 -35.93
C ARG A 1198 -27.22 18.26 -34.81
N LYS A 1199 -26.89 17.29 -33.94
CA LYS A 1199 -25.93 17.56 -32.88
C LYS A 1199 -24.64 18.16 -33.43
N GLN A 1200 -24.18 17.70 -34.58
CA GLN A 1200 -22.93 18.24 -35.15
C GLN A 1200 -23.08 19.63 -35.73
N GLN A 1201 -24.29 20.17 -35.88
CA GLN A 1201 -24.40 21.58 -36.17
C GLN A 1201 -23.68 22.42 -35.14
N GLN A 1202 -23.56 21.94 -33.92
CA GLN A 1202 -22.72 22.47 -32.83
C GLN A 1202 -22.40 23.93 -32.89
N ARG A 1203 -23.49 24.69 -32.98
CA ARG A 1203 -23.51 25.95 -33.65
C ARG A 1203 -23.10 27.15 -32.81
N LEU A 1204 -22.16 26.89 -31.90
CA LEU A 1204 -21.36 27.93 -31.28
C LEU A 1204 -20.24 28.44 -32.20
N LEU A 1205 -19.98 27.79 -33.34
CA LEU A 1205 -18.97 28.24 -34.33
C LEU A 1205 -19.25 27.81 -35.80
N ARG A 1206 -20.26 28.40 -36.45
CA ARG A 1206 -20.97 29.60 -36.01
C ARG A 1206 -22.39 29.75 -36.60
N ASN A 1207 -23.42 29.16 -35.98
CA ASN A 1207 -24.77 29.46 -36.47
C ASN A 1207 -25.27 30.79 -35.92
N MET A 1208 -24.92 31.16 -34.71
CA MET A 1208 -25.31 32.49 -34.28
C MET A 1208 -24.75 33.49 -35.31
N GLY A 1209 -23.71 33.04 -36.03
CA GLY A 1209 -23.16 33.76 -37.15
C GLY A 1209 -23.75 33.40 -38.49
N ALA A 1210 -24.42 32.24 -38.62
CA ALA A 1210 -25.03 31.87 -39.91
C ALA A 1210 -26.52 32.12 -39.93
N HIS A 1211 -27.15 32.05 -38.77
CA HIS A 1211 -28.46 32.61 -38.54
C HIS A 1211 -28.39 34.11 -38.23
N ALA A 1212 -27.32 34.58 -37.59
CA ALA A 1212 -27.24 36.02 -37.27
C ALA A 1212 -26.59 36.81 -38.39
N VAL A 1213 -25.71 36.19 -39.15
CA VAL A 1213 -25.23 36.84 -40.37
C VAL A 1213 -26.15 36.51 -41.53
N VAL A 1214 -26.70 35.27 -41.56
CA VAL A 1214 -27.76 34.97 -42.54
C VAL A 1214 -28.92 35.94 -42.35
N LEU A 1215 -29.28 36.18 -41.10
CA LEU A 1215 -30.38 37.07 -40.82
C LEU A 1215 -29.98 38.53 -40.96
N GLU A 1216 -28.70 38.85 -40.70
CA GLU A 1216 -28.23 40.23 -40.86
C GLU A 1216 -28.53 40.74 -42.26
N LEU A 1217 -28.60 39.84 -43.23
CA LEU A 1217 -28.97 40.18 -44.61
C LEU A 1217 -30.27 39.54 -45.09
N LEU A 1218 -30.65 38.36 -44.62
CA LEU A 1218 -31.81 37.68 -45.19
C LEU A 1218 -33.08 37.87 -44.38
N GLN A 1219 -33.05 38.69 -43.34
CA GLN A 1219 -34.31 39.07 -42.70
C GLN A 1219 -34.97 40.19 -43.49
N ILE A 1220 -34.20 41.20 -43.91
CA ILE A 1220 -34.68 42.26 -44.79
C ILE A 1220 -34.90 41.68 -46.17
N PRO A 1221 -34.22 40.57 -46.49
CA PRO A 1221 -34.33 40.05 -47.86
C PRO A 1221 -35.09 38.75 -47.91
N TYR A 1222 -36.14 38.78 -48.71
CA TYR A 1222 -37.05 37.67 -48.89
C TYR A 1222 -37.43 37.59 -50.35
N GLU A 1223 -37.71 36.37 -50.80
CA GLU A 1223 -38.15 36.13 -52.16
C GLU A 1223 -39.62 35.73 -52.16
N LYS A 1224 -40.38 36.41 -52.99
CA LYS A 1224 -41.76 36.07 -53.24
C LYS A 1224 -41.87 34.66 -53.83
N ALA A 1225 -43.03 34.05 -53.64
CA ALA A 1225 -43.28 32.74 -54.23
C ALA A 1225 -43.06 32.82 -55.75
N GLU A 1226 -42.46 31.79 -56.39
CA GLU A 1226 -42.34 30.42 -55.89
C GLU A 1226 -40.89 29.93 -55.70
N ASP A 1227 -39.94 30.55 -56.40
CA ASP A 1227 -38.53 30.34 -56.10
C ASP A 1227 -38.12 31.18 -54.89
N THR A 1228 -37.61 30.55 -53.83
CA THR A 1228 -37.17 31.27 -52.64
C THR A 1228 -36.36 30.30 -51.77
N LYS A 1229 -35.40 30.84 -51.01
CA LYS A 1229 -34.44 29.93 -50.40
C LYS A 1229 -33.78 30.32 -49.08
N MET A 1230 -34.25 31.36 -48.37
CA MET A 1230 -33.76 31.54 -47.02
C MET A 1230 -34.26 30.40 -46.14
N GLN A 1231 -35.54 30.05 -46.36
CA GLN A 1231 -36.19 28.94 -45.69
C GLN A 1231 -35.44 27.62 -45.77
N GLU A 1232 -34.48 27.49 -46.68
CA GLU A 1232 -33.92 26.17 -47.00
C GLU A 1232 -32.56 25.92 -46.38
N ILE A 1233 -31.61 26.79 -46.66
CA ILE A 1233 -30.37 26.69 -45.90
C ILE A 1233 -30.61 27.05 -44.44
N MET A 1234 -31.72 27.68 -44.11
CA MET A 1234 -32.02 27.82 -42.69
C MET A 1234 -32.89 26.67 -42.18
N ARG A 1235 -33.78 26.14 -43.02
CA ARG A 1235 -34.82 25.23 -42.51
C ARG A 1235 -34.36 23.79 -42.49
N LEU A 1236 -33.54 23.39 -43.46
CA LEU A 1236 -32.91 22.09 -43.36
C LEU A 1236 -32.29 21.93 -41.97
N ALA A 1237 -31.78 23.03 -41.42
CA ALA A 1237 -30.99 22.96 -40.18
C ALA A 1237 -31.83 22.52 -39.00
N HIS A 1238 -33.06 23.03 -38.90
CA HIS A 1238 -33.82 22.84 -37.68
C HIS A 1238 -34.46 21.47 -37.61
N GLU A 1239 -34.22 20.60 -38.61
CA GLU A 1239 -34.57 19.19 -38.47
C GLU A 1239 -34.08 18.71 -37.12
N PHE A 1240 -34.91 18.83 -36.10
CA PHE A 1240 -34.61 18.36 -34.76
C PHE A 1240 -35.36 17.05 -34.54
N LEU A 1241 -34.90 16.01 -35.25
CA LEU A 1241 -35.50 14.68 -35.35
C LEU A 1241 -36.84 14.69 -36.10
N GLN A 1242 -37.03 15.65 -37.01
CA GLN A 1242 -38.27 15.80 -37.75
C GLN A 1242 -39.47 15.83 -36.81
N ASN A 1243 -39.53 16.90 -36.01
CA ASN A 1243 -40.56 17.05 -35.00
C ASN A 1243 -40.36 15.98 -33.90
N PHE A 1244 -40.82 16.26 -32.70
CA PHE A 1244 -41.43 17.54 -32.43
C PHE A 1244 -40.42 18.50 -31.95
N CYS A 1245 -40.71 19.01 -30.77
CA CYS A 1245 -40.12 20.21 -30.26
C CYS A 1245 -39.12 19.77 -29.20
N ALA A 1246 -37.98 19.27 -29.71
CA ALA A 1246 -36.98 18.64 -28.85
C ALA A 1246 -35.68 18.63 -29.62
N GLY A 1247 -34.59 18.48 -28.89
CA GLY A 1247 -33.29 18.49 -29.52
C GLY A 1247 -33.05 19.76 -30.31
N ASN A 1248 -33.55 20.87 -29.79
CA ASN A 1248 -33.36 22.18 -30.38
C ASN A 1248 -33.00 23.17 -29.30
N GLN A 1249 -32.22 22.70 -28.32
CA GLN A 1249 -31.84 23.54 -27.19
C GLN A 1249 -31.06 24.76 -27.64
N GLN A 1250 -30.32 24.65 -28.76
CA GLN A 1250 -29.34 25.66 -29.18
C GLN A 1250 -29.99 26.91 -29.74
N ASN A 1251 -31.33 27.01 -29.65
CA ASN A 1251 -32.05 27.92 -30.51
C ASN A 1251 -32.61 29.15 -29.79
N GLN A 1252 -32.45 29.20 -28.47
CA GLN A 1252 -32.85 30.36 -27.69
C GLN A 1252 -31.84 31.49 -27.78
N ALA A 1253 -30.57 31.20 -27.96
CA ALA A 1253 -29.55 32.24 -27.97
C ALA A 1253 -29.32 32.78 -29.38
N LEU A 1254 -29.24 31.90 -30.37
CA LEU A 1254 -29.21 32.35 -31.76
C LEU A 1254 -30.55 32.97 -32.15
N LEU A 1255 -31.65 32.29 -31.87
CA LEU A 1255 -32.91 33.00 -31.98
C LEU A 1255 -32.89 34.28 -31.13
N HIS A 1256 -32.05 34.34 -30.08
CA HIS A 1256 -32.16 35.37 -29.04
C HIS A 1256 -31.52 36.70 -29.44
N LYS A 1257 -30.43 36.69 -30.16
CA LYS A 1257 -29.84 37.92 -30.67
C LYS A 1257 -30.25 38.03 -32.13
N HIS A 1258 -31.23 38.88 -32.41
CA HIS A 1258 -31.76 38.95 -33.77
C HIS A 1258 -32.53 40.25 -33.98
N ILE A 1259 -32.76 40.57 -35.25
CA ILE A 1259 -33.72 41.58 -35.69
C ILE A 1259 -34.98 40.81 -36.07
N ASN A 1260 -36.11 41.25 -35.54
CA ASN A 1260 -37.36 40.54 -35.77
C ASN A 1260 -37.77 40.58 -37.24
N LEU A 1261 -38.92 39.99 -37.52
CA LEU A 1261 -39.54 40.06 -38.84
C LEU A 1261 -40.70 41.06 -38.84
N PHE A 1262 -41.11 41.45 -40.05
CA PHE A 1262 -41.91 42.67 -40.26
C PHE A 1262 -43.30 42.55 -39.63
N LEU A 1263 -44.00 43.70 -39.55
CA LEU A 1263 -45.29 43.81 -38.86
C LEU A 1263 -46.07 45.02 -39.36
N ASN A 1264 -47.39 44.98 -39.09
CA ASN A 1264 -48.34 46.08 -39.22
C ASN A 1264 -48.51 46.62 -40.64
N PRO A 1265 -48.47 47.95 -40.80
CA PRO A 1265 -48.99 48.57 -42.02
C PRO A 1265 -48.14 48.22 -43.23
N GLY A 1266 -48.74 48.40 -44.39
CA GLY A 1266 -48.08 47.98 -45.60
C GLY A 1266 -48.05 46.45 -45.65
N ILE A 1267 -46.86 45.93 -45.94
CA ILE A 1267 -46.60 44.49 -46.03
C ILE A 1267 -45.15 44.27 -46.44
N LEU A 1268 -44.75 43.01 -46.62
CA LEU A 1268 -43.40 42.65 -47.00
C LEU A 1268 -43.46 41.49 -48.01
N GLU A 1269 -42.32 40.84 -48.24
CA GLU A 1269 -42.22 39.85 -49.31
C GLU A 1269 -42.46 38.45 -48.81
N ALA A 1270 -42.98 37.63 -49.71
CA ALA A 1270 -43.45 36.30 -49.39
C ALA A 1270 -42.41 35.36 -48.82
N VAL A 1271 -42.91 34.19 -48.41
CA VAL A 1271 -42.14 32.98 -48.25
C VAL A 1271 -41.18 33.08 -47.05
N THR A 1272 -40.47 34.19 -46.89
CA THR A 1272 -39.54 34.25 -45.78
C THR A 1272 -40.21 34.79 -44.54
N MET A 1273 -41.35 35.46 -44.66
CA MET A 1273 -42.25 35.46 -43.51
C MET A 1273 -42.74 34.05 -43.23
N GLN A 1274 -42.80 33.20 -44.27
CA GLN A 1274 -43.30 31.82 -44.10
C GLN A 1274 -42.24 30.90 -43.50
N HIS A 1275 -41.08 30.83 -44.19
CA HIS A 1275 -39.83 30.56 -43.53
C HIS A 1275 -39.93 30.97 -42.07
N ILE A 1276 -40.29 32.25 -41.87
CA ILE A 1276 -40.19 32.88 -40.55
C ILE A 1276 -41.03 32.11 -39.53
N PHE A 1277 -42.29 31.80 -39.84
CA PHE A 1277 -43.15 31.32 -38.76
C PHE A 1277 -42.85 29.86 -38.39
N MET A 1278 -42.83 28.95 -39.38
CA MET A 1278 -42.49 27.58 -38.99
C MET A 1278 -41.12 27.56 -38.32
N ASN A 1279 -40.22 28.39 -38.83
CA ASN A 1279 -38.88 28.46 -38.29
C ASN A 1279 -38.87 28.90 -36.82
N ASN A 1280 -39.69 29.91 -36.47
CA ASN A 1280 -39.77 30.33 -35.07
C ASN A 1280 -40.20 29.17 -34.18
N PHE A 1281 -41.17 28.37 -34.66
CA PHE A 1281 -41.52 27.16 -33.94
C PHE A 1281 -40.27 26.39 -33.53
N GLN A 1282 -39.42 26.01 -34.50
CA GLN A 1282 -38.35 25.09 -34.10
C GLN A 1282 -37.29 25.69 -33.15
N LEU A 1283 -37.09 27.01 -33.18
CA LEU A 1283 -36.10 27.62 -32.28
C LEU A 1283 -36.60 27.64 -30.85
N CYS A 1284 -37.85 28.06 -30.64
CA CYS A 1284 -38.32 28.22 -29.27
C CYS A 1284 -39.33 27.15 -28.87
N SER A 1285 -39.21 25.96 -29.46
CA SER A 1285 -40.10 24.86 -29.17
C SER A 1285 -39.52 23.83 -28.22
N GLU A 1286 -38.39 24.06 -27.58
CA GLU A 1286 -38.00 23.11 -26.56
C GLU A 1286 -39.08 23.02 -25.50
N ILE A 1287 -39.55 21.79 -25.21
CA ILE A 1287 -40.43 21.55 -24.09
C ILE A 1287 -39.53 21.16 -22.91
N ASN A 1288 -39.21 22.15 -22.07
CA ASN A 1288 -38.57 21.97 -20.77
C ASN A 1288 -38.41 23.29 -20.02
N GLU A 1289 -38.56 24.43 -20.70
CA GLU A 1289 -38.32 25.74 -20.09
C GLU A 1289 -39.48 26.70 -20.31
N ARG A 1290 -39.76 27.52 -19.28
CA ARG A 1290 -40.92 28.42 -19.22
C ARG A 1290 -40.86 29.53 -20.26
N VAL A 1291 -39.74 29.67 -20.98
CA VAL A 1291 -39.62 30.75 -21.96
C VAL A 1291 -40.54 30.51 -23.14
N VAL A 1292 -40.68 29.25 -23.55
CA VAL A 1292 -41.45 28.90 -24.75
C VAL A 1292 -42.81 29.57 -24.72
N GLN A 1293 -43.44 29.61 -23.53
CA GLN A 1293 -44.71 30.31 -23.37
C GLN A 1293 -44.54 31.79 -23.66
N HIS A 1294 -43.70 32.46 -22.87
CA HIS A 1294 -43.29 33.81 -23.22
C HIS A 1294 -42.77 33.88 -24.64
N PHE A 1295 -42.36 32.75 -25.22
CA PHE A 1295 -41.77 32.73 -26.56
C PHE A 1295 -42.82 32.62 -27.66
N VAL A 1296 -43.61 31.53 -27.68
CA VAL A 1296 -44.72 31.42 -28.63
C VAL A 1296 -45.60 32.65 -28.53
N HIS A 1297 -45.41 33.40 -27.45
CA HIS A 1297 -45.97 34.71 -27.17
C HIS A 1297 -45.02 35.88 -27.49
N CYS A 1298 -43.80 35.96 -26.92
CA CYS A 1298 -42.96 37.14 -27.12
C CYS A 1298 -42.94 37.52 -28.60
N ILE A 1299 -43.11 38.81 -28.85
CA ILE A 1299 -43.32 39.43 -30.16
C ILE A 1299 -44.74 39.15 -30.65
N GLU A 1300 -44.97 37.97 -31.22
CA GLU A 1300 -46.24 37.71 -31.91
C GLU A 1300 -47.41 37.58 -30.93
N THR A 1301 -47.24 36.81 -29.85
CA THR A 1301 -48.19 36.75 -28.75
C THR A 1301 -49.56 36.24 -29.14
N HIS A 1302 -50.51 36.38 -28.21
CA HIS A 1302 -51.90 36.31 -28.58
C HIS A 1302 -52.17 37.13 -29.84
N GLY A 1303 -51.64 38.37 -29.85
CA GLY A 1303 -51.98 39.33 -30.89
C GLY A 1303 -51.92 38.79 -32.30
N ARG A 1304 -50.94 37.95 -32.60
CA ARG A 1304 -50.77 37.42 -33.96
C ARG A 1304 -52.10 37.03 -34.59
N ASN A 1305 -52.98 36.41 -33.78
CA ASN A 1305 -54.23 35.88 -34.33
C ASN A 1305 -55.00 36.92 -35.12
N VAL A 1306 -55.10 38.13 -34.59
CA VAL A 1306 -55.99 39.11 -35.21
C VAL A 1306 -55.49 39.49 -36.61
N GLN A 1307 -54.19 39.37 -36.86
CA GLN A 1307 -53.72 39.68 -38.21
C GLN A 1307 -53.88 38.49 -39.14
N TYR A 1308 -53.87 37.28 -38.60
CA TYR A 1308 -54.17 36.10 -39.41
C TYR A 1308 -55.66 35.96 -39.71
N ILE A 1309 -56.46 36.94 -39.32
CA ILE A 1309 -57.82 37.01 -39.79
C ILE A 1309 -57.83 37.53 -41.22
N LYS A 1310 -56.92 38.43 -41.57
CA LYS A 1310 -56.95 39.06 -42.88
C LYS A 1310 -55.66 39.79 -43.22
N PHE A 1311 -55.51 40.09 -44.52
CA PHE A 1311 -54.51 40.89 -45.24
C PHE A 1311 -53.27 40.07 -45.65
N LEU A 1312 -53.07 38.87 -45.12
CA LEU A 1312 -51.97 38.03 -45.60
C LEU A 1312 -52.27 37.51 -47.01
N GLN A 1313 -53.54 37.44 -47.37
CA GLN A 1313 -53.90 37.13 -48.75
C GLN A 1313 -53.55 38.28 -49.68
N THR A 1314 -53.79 39.52 -49.25
CA THR A 1314 -53.29 40.66 -50.01
C THR A 1314 -51.78 40.57 -50.21
N ILE A 1315 -51.07 40.25 -49.11
CA ILE A 1315 -49.61 40.17 -49.19
C ILE A 1315 -49.18 39.06 -50.15
N VAL A 1316 -49.92 37.95 -50.17
CA VAL A 1316 -49.51 36.79 -50.97
C VAL A 1316 -49.93 36.96 -52.43
N LYS A 1317 -50.99 37.71 -52.66
CA LYS A 1317 -51.43 38.00 -54.02
C LYS A 1317 -50.51 38.99 -54.70
N ALA A 1318 -50.06 40.00 -53.97
CA ALA A 1318 -48.98 40.82 -54.50
C ALA A 1318 -47.65 40.08 -54.43
N GLU A 1319 -47.60 38.98 -53.69
CA GLU A 1319 -46.33 38.32 -53.47
C GLU A 1319 -46.03 37.33 -54.57
N GLY A 1320 -47.02 36.60 -55.04
CA GLY A 1320 -46.69 35.67 -56.10
C GLY A 1320 -47.86 35.39 -57.01
N LYS A 1321 -47.56 34.66 -58.08
CA LYS A 1321 -48.60 34.24 -59.01
C LYS A 1321 -49.50 33.19 -58.38
N PHE A 1322 -48.92 32.10 -57.87
CA PHE A 1322 -49.64 31.23 -56.95
C PHE A 1322 -49.72 31.94 -55.60
N ILE A 1323 -50.53 33.00 -55.60
CA ILE A 1323 -50.78 33.77 -54.39
C ILE A 1323 -51.24 32.87 -53.26
N LYS A 1324 -52.32 32.11 -53.52
CA LYS A 1324 -52.94 31.27 -52.50
C LYS A 1324 -51.96 30.41 -51.73
N LYS A 1325 -50.74 30.22 -52.27
CA LYS A 1325 -49.77 29.32 -51.67
C LYS A 1325 -49.07 29.93 -50.46
N CYS A 1326 -48.49 31.11 -50.64
CA CYS A 1326 -47.95 31.80 -49.47
C CYS A 1326 -48.97 32.04 -48.40
N GLN A 1327 -50.25 32.01 -48.76
CA GLN A 1327 -51.34 32.37 -47.88
C GLN A 1327 -52.02 31.20 -47.21
N ASP A 1328 -52.25 30.08 -47.90
CA ASP A 1328 -52.59 28.89 -47.14
C ASP A 1328 -51.39 28.43 -46.30
N MET A 1329 -50.17 28.68 -46.77
CA MET A 1329 -49.00 28.62 -45.89
C MET A 1329 -49.16 29.57 -44.71
N VAL A 1330 -49.68 30.77 -44.94
CA VAL A 1330 -49.85 31.68 -43.82
C VAL A 1330 -51.00 31.28 -42.90
N MET A 1331 -51.99 30.51 -43.37
CA MET A 1331 -53.03 30.04 -42.44
C MET A 1331 -52.55 28.86 -41.61
N ALA A 1332 -51.66 28.04 -42.18
CA ALA A 1332 -50.96 27.05 -41.35
C ALA A 1332 -50.14 27.76 -40.28
N GLU A 1333 -49.32 28.73 -40.70
CA GLU A 1333 -48.44 29.46 -39.79
C GLU A 1333 -49.25 30.16 -38.71
N LEU A 1334 -50.39 30.72 -39.09
CA LEU A 1334 -51.35 31.18 -38.09
C LEU A 1334 -51.87 30.03 -37.25
N VAL A 1335 -51.85 28.82 -37.80
CA VAL A 1335 -52.58 27.72 -37.21
C VAL A 1335 -51.74 26.89 -36.23
N ASN A 1336 -50.45 27.11 -36.11
CA ASN A 1336 -49.60 26.12 -35.45
C ASN A 1336 -48.88 26.56 -34.16
N SER A 1337 -49.13 27.76 -33.60
CA SER A 1337 -48.49 28.14 -32.34
C SER A 1337 -48.75 27.14 -31.21
N GLY A 1338 -49.70 26.23 -31.40
CA GLY A 1338 -49.88 25.16 -30.44
C GLY A 1338 -48.83 24.09 -30.58
N GLU A 1339 -48.56 23.64 -31.81
CA GLU A 1339 -48.01 22.30 -32.03
C GLU A 1339 -46.62 22.13 -31.42
N ASP A 1340 -45.78 23.16 -31.52
CA ASP A 1340 -44.38 23.04 -31.13
C ASP A 1340 -44.22 23.35 -29.65
N VAL A 1341 -43.75 22.35 -28.90
CA VAL A 1341 -43.68 22.41 -27.45
C VAL A 1341 -45.07 22.76 -26.96
N LEU A 1342 -46.09 22.16 -27.59
CA LEU A 1342 -47.47 22.35 -27.13
C LEU A 1342 -47.52 22.26 -25.63
N VAL A 1343 -46.82 21.27 -25.09
CA VAL A 1343 -46.55 21.20 -23.64
C VAL A 1343 -45.93 22.52 -23.16
N PHE A 1344 -44.81 22.94 -23.77
CA PHE A 1344 -44.14 24.11 -23.22
C PHE A 1344 -44.88 25.39 -23.55
N TYR A 1345 -45.83 25.35 -24.47
CA TYR A 1345 -46.70 26.51 -24.68
C TYR A 1345 -47.48 26.81 -23.39
N ASN A 1346 -48.40 25.92 -23.01
CA ASN A 1346 -49.30 26.10 -21.87
C ASN A 1346 -48.58 26.33 -20.54
N ASP A 1347 -48.16 25.22 -19.85
CA ASP A 1347 -47.14 25.25 -18.78
C ASP A 1347 -47.66 25.69 -17.41
N ARG A 1348 -46.90 26.59 -16.81
CA ARG A 1348 -47.34 27.26 -15.60
C ARG A 1348 -48.54 28.16 -15.90
N ALA A 1349 -48.57 28.79 -17.10
CA ALA A 1349 -49.64 29.76 -17.35
C ALA A 1349 -49.85 30.39 -18.73
N SER A 1350 -49.60 29.71 -19.83
CA SER A 1350 -49.92 30.37 -21.10
C SER A 1350 -51.36 30.14 -21.58
N PHE A 1351 -51.99 29.04 -21.17
CA PHE A 1351 -53.36 28.77 -21.60
C PHE A 1351 -54.34 29.76 -20.96
N GLN A 1352 -54.10 30.13 -19.70
CA GLN A 1352 -54.98 31.09 -19.02
C GLN A 1352 -54.92 32.48 -19.66
N THR A 1353 -53.79 32.84 -20.28
CA THR A 1353 -53.62 34.19 -20.81
C THR A 1353 -54.55 34.46 -21.98
N LEU A 1354 -54.57 33.56 -22.95
CA LEU A 1354 -55.43 33.65 -24.12
C LEU A 1354 -56.83 33.13 -23.87
N ILE A 1355 -57.13 32.76 -22.62
CA ILE A 1355 -58.43 32.20 -22.31
C ILE A 1355 -59.54 33.11 -22.86
N GLN A 1356 -60.61 32.49 -23.36
CA GLN A 1356 -61.83 33.09 -23.88
C GLN A 1356 -61.60 33.84 -25.19
N MET A 1357 -60.36 34.09 -25.60
CA MET A 1357 -60.10 34.75 -26.87
C MET A 1357 -59.89 33.79 -28.02
N MET A 1358 -58.94 32.85 -27.89
CA MET A 1358 -58.37 32.15 -29.05
C MET A 1358 -59.24 31.03 -29.62
N ARG A 1359 -60.10 30.40 -28.84
CA ARG A 1359 -61.02 29.42 -29.43
C ARG A 1359 -62.19 30.13 -30.10
N SER A 1360 -62.79 31.07 -29.40
CA SER A 1360 -63.74 31.99 -30.01
C SER A 1360 -63.18 32.55 -31.31
N GLU A 1361 -61.89 32.90 -31.32
CA GLU A 1361 -61.25 33.34 -32.55
C GLU A 1361 -61.00 32.18 -33.50
N ARG A 1362 -60.85 30.95 -32.97
CA ARG A 1362 -60.58 29.83 -33.85
C ARG A 1362 -61.81 29.49 -34.67
N ASP A 1363 -62.99 29.86 -34.19
CA ASP A 1363 -64.17 29.76 -35.03
C ASP A 1363 -63.99 30.58 -36.31
N ARG A 1364 -63.22 31.66 -36.24
CA ARG A 1364 -63.17 32.60 -37.35
C ARG A 1364 -62.48 31.97 -38.56
N MET A 1365 -61.37 31.26 -38.34
CA MET A 1365 -60.69 30.56 -39.44
C MET A 1365 -61.12 29.11 -39.54
N ASP A 1366 -62.40 28.83 -39.33
CA ASP A 1366 -62.87 27.45 -39.23
C ASP A 1366 -63.14 26.82 -40.58
N GLU A 1367 -63.11 27.58 -41.67
CA GLU A 1367 -63.64 27.07 -42.91
C GLU A 1367 -62.62 27.23 -44.02
N ASN A 1368 -62.53 26.19 -44.85
CA ASN A 1368 -61.67 26.19 -46.03
C ASN A 1368 -61.98 25.01 -46.93
N SER A 1369 -61.13 24.81 -47.98
CA SER A 1369 -61.28 23.74 -48.97
C SER A 1369 -60.12 23.73 -49.95
N PRO A 1370 -60.26 22.97 -51.09
CA PRO A 1370 -59.17 22.86 -52.07
C PRO A 1370 -57.87 22.61 -51.38
N LEU A 1371 -58.02 22.01 -50.21
CA LEU A 1371 -57.11 22.18 -49.10
C LEU A 1371 -55.83 21.34 -49.21
N MET A 1372 -55.74 20.40 -50.16
CA MET A 1372 -54.50 19.58 -50.27
C MET A 1372 -53.32 20.18 -49.51
N TYR A 1373 -52.90 21.37 -49.94
CA TYR A 1373 -51.89 22.17 -49.24
C TYR A 1373 -52.42 22.75 -47.93
N HIS A 1374 -53.64 23.29 -47.94
CA HIS A 1374 -54.23 23.75 -46.68
C HIS A 1374 -55.01 22.66 -45.93
N ILE A 1375 -55.03 21.43 -46.45
CA ILE A 1375 -55.48 20.24 -45.72
C ILE A 1375 -54.26 19.54 -45.14
N HIS A 1376 -53.08 19.90 -45.61
CA HIS A 1376 -51.93 19.90 -44.74
C HIS A 1376 -52.04 21.00 -43.71
N LEU A 1377 -52.61 22.16 -44.09
CA LEU A 1377 -53.07 23.05 -43.03
C LEU A 1377 -54.38 22.59 -42.42
N VAL A 1378 -54.82 21.36 -42.67
CA VAL A 1378 -55.90 20.74 -41.92
C VAL A 1378 -55.49 19.44 -41.23
N GLU A 1379 -54.31 18.91 -41.50
CA GLU A 1379 -53.63 17.98 -40.58
C GLU A 1379 -52.58 18.69 -39.73
N LEU A 1380 -52.27 19.95 -40.10
CA LEU A 1380 -51.53 20.96 -39.37
C LEU A 1380 -52.49 22.00 -38.80
N LEU A 1381 -53.64 22.19 -39.44
CA LEU A 1381 -54.81 22.60 -38.65
C LEU A 1381 -55.50 21.43 -38.01
N ALA A 1382 -54.99 20.20 -38.16
CA ALA A 1382 -55.50 19.09 -37.38
C ALA A 1382 -54.55 18.60 -36.31
N VAL A 1383 -53.28 19.00 -36.37
CA VAL A 1383 -52.43 18.86 -35.19
C VAL A 1383 -52.41 20.16 -34.39
N CYS A 1384 -52.28 21.27 -35.11
CA CYS A 1384 -52.89 22.52 -34.70
C CYS A 1384 -54.25 22.29 -34.08
N THR A 1385 -55.17 21.65 -34.83
CA THR A 1385 -56.51 21.43 -34.28
C THR A 1385 -56.50 20.37 -33.20
N GLU A 1386 -55.46 19.55 -33.11
CA GLU A 1386 -55.40 18.59 -32.01
C GLU A 1386 -54.92 19.22 -30.72
N GLY A 1387 -54.33 20.42 -30.77
CA GLY A 1387 -53.81 20.95 -29.53
C GLY A 1387 -54.75 21.83 -28.71
N LYS A 1388 -56.04 21.86 -29.03
CA LYS A 1388 -56.92 22.89 -28.46
C LYS A 1388 -57.46 22.46 -27.09
N ASN A 1389 -57.93 21.22 -26.98
CA ASN A 1389 -58.72 20.80 -25.82
C ASN A 1389 -58.02 19.79 -24.90
N VAL A 1390 -56.74 19.53 -25.12
CA VAL A 1390 -56.03 18.54 -24.30
C VAL A 1390 -55.87 19.05 -22.86
N TYR A 1391 -55.24 20.22 -22.69
CA TYR A 1391 -54.83 20.73 -21.39
C TYR A 1391 -55.87 21.64 -20.74
N THR A 1392 -57.04 21.80 -21.34
CA THR A 1392 -58.06 22.68 -20.79
C THR A 1392 -58.89 21.94 -19.75
N GLU A 1393 -58.24 21.58 -18.65
CA GLU A 1393 -58.93 20.96 -17.53
C GLU A 1393 -59.90 21.93 -16.87
N ILE A 1394 -59.50 23.20 -16.74
CA ILE A 1394 -60.19 24.13 -15.85
C ILE A 1394 -60.28 25.54 -16.42
N LYS A 1395 -60.66 25.67 -17.71
CA LYS A 1395 -60.64 27.01 -18.30
C LYS A 1395 -61.74 27.23 -19.35
N CYS A 1396 -62.93 26.67 -19.18
CA CYS A 1396 -63.92 26.65 -20.25
C CYS A 1396 -65.23 27.34 -19.87
N ASN A 1397 -65.69 28.24 -20.74
CA ASN A 1397 -67.01 28.87 -20.64
C ASN A 1397 -67.46 29.33 -22.01
N SER A 1398 -67.58 28.39 -22.95
CA SER A 1398 -67.98 28.71 -24.33
C SER A 1398 -68.45 27.43 -25.03
N LEU A 1399 -68.77 27.55 -26.31
CA LEU A 1399 -69.61 26.53 -26.94
C LEU A 1399 -69.32 26.42 -28.42
N LEU A 1400 -69.99 25.42 -29.03
CA LEU A 1400 -70.13 25.10 -30.46
C LEU A 1400 -68.82 24.67 -31.09
N PRO A 1401 -67.77 24.45 -30.32
CA PRO A 1401 -66.47 24.14 -30.95
C PRO A 1401 -66.42 22.77 -31.57
N LEU A 1402 -67.10 21.78 -30.99
CA LEU A 1402 -67.06 20.43 -31.52
C LEU A 1402 -67.80 20.33 -32.84
N ASP A 1403 -68.84 21.13 -33.03
CA ASP A 1403 -69.64 21.03 -34.24
C ASP A 1403 -68.86 21.53 -35.46
N ASP A 1404 -68.11 22.62 -35.30
CA ASP A 1404 -67.35 23.18 -36.43
C ASP A 1404 -66.43 22.13 -37.06
N ILE A 1405 -65.54 21.54 -36.25
CA ILE A 1405 -64.66 20.48 -36.74
C ILE A 1405 -65.46 19.39 -37.44
N VAL A 1406 -66.68 19.16 -36.95
CA VAL A 1406 -67.47 18.01 -37.35
C VAL A 1406 -68.07 18.22 -38.72
N ARG A 1407 -68.60 19.40 -38.99
CA ARG A 1407 -68.97 19.68 -40.37
C ARG A 1407 -67.73 19.76 -41.26
N VAL A 1408 -66.59 20.15 -40.69
CA VAL A 1408 -65.36 20.23 -41.49
C VAL A 1408 -64.97 18.85 -42.04
N VAL A 1409 -64.81 17.86 -41.15
CA VAL A 1409 -64.29 16.55 -41.54
C VAL A 1409 -65.18 15.89 -42.59
N THR A 1410 -66.47 16.22 -42.59
CA THR A 1410 -67.38 15.64 -43.57
C THR A 1410 -67.33 16.39 -44.88
N HIS A 1411 -67.37 17.73 -44.82
CA HIS A 1411 -67.31 18.58 -46.01
C HIS A 1411 -66.04 18.30 -46.80
N GLU A 1412 -65.17 17.50 -46.19
CA GLU A 1412 -63.94 17.07 -46.82
C GLU A 1412 -64.23 16.28 -48.08
N ASP A 1413 -63.38 16.51 -49.08
CA ASP A 1413 -63.30 15.66 -50.24
C ASP A 1413 -61.89 15.17 -50.37
N CYS A 1414 -61.48 14.87 -51.61
CA CYS A 1414 -60.06 14.67 -51.96
C CYS A 1414 -59.58 13.35 -51.37
N ILE A 1415 -58.50 13.34 -50.59
CA ILE A 1415 -57.69 12.14 -50.45
C ILE A 1415 -58.31 11.04 -49.59
N PRO A 1416 -57.75 9.83 -49.55
CA PRO A 1416 -58.31 8.78 -48.72
C PRO A 1416 -58.33 9.23 -47.27
N GLU A 1417 -59.43 8.91 -46.62
CA GLU A 1417 -59.61 9.28 -45.23
C GLU A 1417 -58.43 8.87 -44.35
N VAL A 1418 -57.78 7.74 -44.65
CA VAL A 1418 -56.72 7.17 -43.79
C VAL A 1418 -55.94 8.25 -43.05
N LYS A 1419 -55.54 9.31 -43.75
CA LYS A 1419 -54.87 10.44 -43.11
C LYS A 1419 -55.87 11.35 -42.40
N ILE A 1420 -57.01 11.66 -43.03
CA ILE A 1420 -58.04 12.46 -42.39
C ILE A 1420 -58.97 11.62 -41.52
N ALA A 1421 -58.86 10.28 -41.59
CA ALA A 1421 -59.54 9.37 -40.67
C ALA A 1421 -58.64 8.95 -39.53
N TYR A 1422 -57.35 9.20 -39.64
CA TYR A 1422 -56.44 9.15 -38.51
C TYR A 1422 -56.29 10.49 -37.81
N ILE A 1423 -56.56 11.60 -38.50
CA ILE A 1423 -56.67 12.90 -37.85
C ILE A 1423 -58.07 13.09 -37.27
N ASN A 1424 -59.09 12.73 -38.06
CA ASN A 1424 -60.45 12.64 -37.55
C ASN A 1424 -60.62 11.51 -36.54
N PHE A 1425 -59.88 10.42 -36.70
CA PHE A 1425 -59.95 9.31 -35.75
C PHE A 1425 -59.21 9.65 -34.47
N LEU A 1426 -57.95 10.06 -34.59
CA LEU A 1426 -57.25 10.61 -33.43
C LEU A 1426 -58.14 11.62 -32.71
N ASN A 1427 -58.84 12.45 -33.50
CA ASN A 1427 -59.84 13.36 -32.96
C ASN A 1427 -60.86 12.60 -32.08
N HIS A 1428 -61.47 11.54 -32.62
CA HIS A 1428 -62.56 10.88 -31.90
C HIS A 1428 -62.06 10.14 -30.66
N CYS A 1429 -60.79 9.73 -30.61
CA CYS A 1429 -60.31 9.09 -29.39
C CYS A 1429 -60.03 10.12 -28.31
N TYR A 1430 -59.43 11.25 -28.69
CA TYR A 1430 -59.17 12.29 -27.70
C TYR A 1430 -60.46 12.87 -27.15
N VAL A 1431 -61.48 13.00 -28.01
CA VAL A 1431 -62.75 13.58 -27.55
C VAL A 1431 -63.57 12.55 -26.79
N ASP A 1432 -63.58 11.30 -27.24
CA ASP A 1432 -64.32 10.25 -26.53
C ASP A 1432 -63.71 9.95 -25.17
N THR A 1433 -62.41 10.24 -24.99
CA THR A 1433 -61.78 9.92 -23.71
C THR A 1433 -62.22 10.86 -22.60
N GLU A 1434 -62.55 12.12 -22.94
CA GLU A 1434 -62.76 13.13 -21.90
C GLU A 1434 -64.17 13.02 -21.31
N VAL A 1435 -65.15 12.68 -22.12
CA VAL A 1435 -66.54 12.40 -21.73
C VAL A 1435 -67.18 13.57 -20.99
N GLU A 1436 -67.03 13.63 -19.65
CA GLU A 1436 -67.91 14.52 -18.90
C GLU A 1436 -67.58 15.99 -19.10
N MET A 1437 -66.32 16.31 -19.40
CA MET A 1437 -65.97 17.65 -19.82
C MET A 1437 -66.56 17.97 -21.20
N LYS A 1438 -66.39 17.06 -22.16
CA LYS A 1438 -67.08 17.16 -23.42
C LYS A 1438 -68.60 17.27 -23.22
N GLU A 1439 -69.12 16.62 -22.16
CA GLU A 1439 -70.55 16.73 -21.88
C GLU A 1439 -70.92 18.14 -21.40
N ILE A 1440 -70.06 18.77 -20.60
CA ILE A 1440 -70.32 20.15 -20.23
C ILE A 1440 -70.22 21.07 -21.44
N TYR A 1441 -69.35 20.75 -22.39
CA TYR A 1441 -69.04 21.68 -23.47
C TYR A 1441 -70.20 21.88 -24.45
N THR A 1442 -71.03 20.85 -24.67
CA THR A 1442 -72.13 20.95 -25.61
C THR A 1442 -73.31 20.15 -25.09
N SER A 1443 -74.46 20.33 -25.73
CA SER A 1443 -75.63 19.56 -25.34
C SER A 1443 -75.42 18.07 -25.56
N ASN A 1444 -74.88 17.68 -26.72
CA ASN A 1444 -74.73 16.26 -27.03
C ASN A 1444 -73.63 16.06 -28.07
N HIS A 1445 -73.13 14.81 -28.14
CA HIS A 1445 -72.15 14.35 -29.11
C HIS A 1445 -72.56 13.01 -29.68
N MET A 1446 -73.86 12.86 -29.98
CA MET A 1446 -74.38 11.59 -30.49
C MET A 1446 -73.87 11.31 -31.89
N TRP A 1447 -73.75 12.34 -32.73
CA TRP A 1447 -73.19 12.17 -34.06
C TRP A 1447 -71.71 11.79 -34.02
N LYS A 1448 -71.06 11.96 -32.87
CA LYS A 1448 -69.65 11.62 -32.73
C LYS A 1448 -69.42 10.14 -32.41
N LEU A 1449 -70.46 9.42 -31.96
CA LEU A 1449 -70.37 7.97 -31.79
C LEU A 1449 -70.64 7.21 -33.08
N PHE A 1450 -71.53 7.74 -33.94
CA PHE A 1450 -71.70 7.20 -35.28
C PHE A 1450 -70.56 7.59 -36.20
N GLU A 1451 -70.02 8.80 -36.06
CA GLU A 1451 -68.82 9.17 -36.80
C GLU A 1451 -67.58 8.45 -36.30
N ASN A 1452 -67.49 8.24 -34.99
CA ASN A 1452 -66.42 7.42 -34.45
C ASN A 1452 -66.57 5.96 -34.86
N PHE A 1453 -67.82 5.49 -35.03
CA PHE A 1453 -68.05 4.12 -35.44
C PHE A 1453 -67.97 3.90 -36.95
N LEU A 1454 -68.04 4.97 -37.75
CA LEU A 1454 -67.85 4.85 -39.19
C LEU A 1454 -66.41 5.13 -39.59
N VAL A 1455 -65.71 6.02 -38.88
CA VAL A 1455 -64.26 6.08 -39.05
C VAL A 1455 -63.63 4.80 -38.50
N ASP A 1456 -64.18 4.27 -37.41
CA ASP A 1456 -63.64 3.04 -36.83
C ASP A 1456 -64.13 1.79 -37.57
N ILE A 1457 -65.21 1.88 -38.34
CA ILE A 1457 -65.81 0.73 -38.99
C ILE A 1457 -65.31 0.53 -40.42
N CYS A 1458 -65.43 1.59 -41.26
CA CYS A 1458 -64.86 1.69 -42.61
C CYS A 1458 -64.90 0.42 -43.47
N ARG A 1459 -63.98 0.31 -44.45
CA ARG A 1459 -63.83 -0.89 -45.27
C ARG A 1459 -62.34 -1.22 -45.46
N ALA A 1460 -61.91 -1.58 -46.67
CA ALA A 1460 -60.53 -2.00 -46.96
C ALA A 1460 -59.58 -0.83 -47.21
N CYS A 1461 -60.08 0.39 -47.14
CA CYS A 1461 -59.34 1.66 -47.27
C CYS A 1461 -60.45 2.62 -46.94
N ASN A 1462 -61.53 2.40 -47.67
CA ASN A 1462 -62.90 2.62 -47.26
C ASN A 1462 -63.70 1.93 -48.37
N ASN A 1463 -62.97 1.11 -49.15
CA ASN A 1463 -63.49 0.37 -50.30
C ASN A 1463 -62.59 -0.78 -50.74
N THR A 1464 -61.35 -0.50 -51.21
CA THR A 1464 -60.49 -1.55 -51.78
C THR A 1464 -59.05 -1.20 -52.20
N SER A 1465 -58.28 -0.42 -51.43
CA SER A 1465 -56.95 -0.02 -51.90
C SER A 1465 -55.91 -1.14 -51.77
N ASP A 1466 -55.86 -1.80 -50.60
CA ASP A 1466 -55.13 -3.06 -50.40
C ASP A 1466 -53.61 -2.86 -50.28
N ARG A 1467 -53.17 -1.99 -49.36
CA ARG A 1467 -51.78 -1.52 -49.39
C ARG A 1467 -50.97 -1.76 -48.12
N LYS A 1468 -51.50 -2.49 -47.13
CA LYS A 1468 -50.75 -2.73 -45.89
C LYS A 1468 -50.77 -4.21 -45.52
N HIS A 1469 -49.79 -4.64 -44.74
CA HIS A 1469 -49.64 -6.07 -44.50
C HIS A 1469 -49.20 -6.46 -43.09
N ALA A 1470 -48.97 -5.54 -42.18
CA ALA A 1470 -48.68 -5.90 -40.79
C ALA A 1470 -49.96 -5.96 -39.98
N ASP A 1471 -50.92 -6.74 -40.48
CA ASP A 1471 -52.31 -6.53 -40.11
C ASP A 1471 -52.57 -6.79 -38.63
N SER A 1472 -51.86 -7.75 -38.00
CA SER A 1472 -52.14 -7.92 -36.57
C SER A 1472 -51.51 -6.80 -35.72
N ILE A 1473 -50.47 -6.09 -36.22
CA ILE A 1473 -49.99 -4.88 -35.54
C ILE A 1473 -51.13 -3.89 -35.38
N LEU A 1474 -51.82 -3.62 -36.49
CA LEU A 1474 -52.82 -2.54 -36.52
C LEU A 1474 -54.05 -2.86 -35.66
N GLU A 1475 -54.80 -3.93 -36.00
CA GLU A 1475 -55.87 -4.38 -35.13
C GLU A 1475 -55.34 -4.47 -33.70
N LYS A 1476 -54.04 -4.82 -33.57
CA LYS A 1476 -53.48 -5.28 -32.30
C LYS A 1476 -53.27 -4.13 -31.29
N TYR A 1477 -52.35 -3.26 -31.64
CA TYR A 1477 -52.22 -1.98 -30.96
C TYR A 1477 -53.57 -1.28 -30.88
N VAL A 1478 -54.42 -1.36 -31.93
CA VAL A 1478 -55.67 -0.62 -31.86
C VAL A 1478 -56.58 -1.16 -30.77
N THR A 1479 -56.43 -2.43 -30.40
CA THR A 1479 -57.33 -3.01 -29.41
C THR A 1479 -56.75 -3.07 -28.01
N GLU A 1480 -55.45 -2.81 -27.81
CA GLU A 1480 -55.09 -2.44 -26.44
C GLU A 1480 -54.85 -0.94 -26.29
N ILE A 1481 -54.97 -0.18 -27.38
CA ILE A 1481 -55.31 1.25 -27.32
C ILE A 1481 -56.83 1.44 -27.31
N VAL A 1482 -57.60 0.38 -27.54
CA VAL A 1482 -59.04 0.37 -27.28
C VAL A 1482 -59.35 -0.39 -26.00
N MET A 1483 -58.42 -1.18 -25.49
CA MET A 1483 -58.42 -1.52 -24.06
C MET A 1483 -57.85 -0.36 -23.26
N SER A 1484 -56.89 0.37 -23.85
CA SER A 1484 -56.45 1.63 -23.25
C SER A 1484 -57.59 2.64 -23.26
N ILE A 1485 -58.25 2.79 -24.41
CA ILE A 1485 -59.39 3.69 -24.51
C ILE A 1485 -60.51 3.23 -23.59
N VAL A 1486 -60.76 1.92 -23.55
CA VAL A 1486 -61.70 1.36 -22.57
C VAL A 1486 -61.35 1.84 -21.18
N THR A 1487 -60.05 1.90 -20.85
CA THR A 1487 -59.64 2.33 -19.51
C THR A 1487 -59.91 3.81 -19.27
N THR A 1488 -59.86 4.66 -20.30
CA THR A 1488 -59.84 6.10 -20.04
C THR A 1488 -61.18 6.72 -19.61
N PHE A 1489 -62.35 6.07 -19.84
CA PHE A 1489 -63.65 6.76 -19.84
C PHE A 1489 -64.28 7.00 -18.47
N PHE A 1490 -63.90 6.27 -17.42
CA PHE A 1490 -64.49 6.53 -16.11
C PHE A 1490 -63.83 7.71 -15.43
N SER A 1491 -62.54 7.92 -15.67
CA SER A 1491 -61.81 9.06 -15.12
C SER A 1491 -62.13 10.30 -15.94
N SER A 1492 -63.42 10.54 -16.14
CA SER A 1492 -63.96 11.49 -17.07
C SER A 1492 -64.55 12.69 -16.33
N PRO A 1493 -64.17 13.92 -16.72
CA PRO A 1493 -64.53 15.11 -15.98
C PRO A 1493 -65.10 16.23 -16.77
N SER A 1593 -26.03 -11.87 -70.51
CA SER A 1593 -24.89 -12.71 -70.20
C SER A 1593 -24.06 -12.23 -69.00
N ARG A 1594 -24.09 -10.93 -68.69
CA ARG A 1594 -23.15 -10.35 -67.72
C ARG A 1594 -23.72 -10.19 -66.31
N ASP A 1595 -25.02 -9.92 -66.21
CA ASP A 1595 -25.62 -9.77 -64.91
C ASP A 1595 -25.49 -11.04 -64.08
N TYR A 1596 -25.33 -12.20 -64.75
CA TYR A 1596 -25.12 -13.45 -64.01
C TYR A 1596 -23.76 -13.46 -63.32
N ARG A 1597 -22.74 -12.88 -63.95
CA ARG A 1597 -21.51 -12.58 -63.21
C ARG A 1597 -21.86 -11.84 -61.93
N ASN A 1598 -22.58 -10.72 -62.06
CA ASN A 1598 -22.92 -9.94 -60.86
C ASN A 1598 -23.62 -10.76 -59.78
N ILE A 1599 -24.48 -11.70 -60.16
CA ILE A 1599 -25.39 -12.36 -59.23
C ILE A 1599 -24.80 -13.62 -58.64
N ILE A 1600 -24.22 -14.51 -59.44
CA ILE A 1600 -23.58 -15.69 -58.87
C ILE A 1600 -22.35 -15.27 -58.05
N GLU A 1601 -21.73 -14.15 -58.43
CA GLU A 1601 -20.78 -13.55 -57.51
C GLU A 1601 -21.47 -13.14 -56.21
N ARG A 1602 -22.61 -12.42 -56.32
CA ARG A 1602 -23.39 -12.08 -55.13
C ARG A 1602 -23.63 -13.31 -54.26
N LEU A 1603 -23.82 -14.47 -54.88
CA LEU A 1603 -24.27 -15.65 -54.14
C LEU A 1603 -23.10 -16.37 -53.48
N GLN A 1604 -22.03 -16.66 -54.24
CA GLN A 1604 -20.83 -17.18 -53.62
C GLN A 1604 -20.35 -16.28 -52.50
N ASP A 1605 -20.68 -14.99 -52.57
CA ASP A 1605 -20.32 -14.05 -51.52
C ASP A 1605 -21.23 -14.16 -50.30
N ILE A 1606 -22.52 -14.47 -50.47
CA ILE A 1606 -23.35 -14.68 -49.28
C ILE A 1606 -23.08 -16.06 -48.66
N VAL A 1607 -22.68 -17.05 -49.46
CA VAL A 1607 -22.47 -18.41 -48.97
C VAL A 1607 -21.09 -18.55 -48.35
N SER A 1608 -20.06 -18.24 -49.12
CA SER A 1608 -18.73 -18.07 -48.55
C SER A 1608 -18.72 -17.04 -47.43
N ALA A 1609 -19.57 -16.02 -47.53
CA ALA A 1609 -19.61 -14.98 -46.50
C ALA A 1609 -20.08 -15.57 -45.17
N LEU A 1610 -21.34 -16.01 -45.14
CA LEU A 1610 -21.90 -16.62 -43.94
C LEU A 1610 -21.02 -17.75 -43.41
N GLU A 1611 -20.40 -18.50 -44.32
CA GLU A 1611 -19.50 -19.59 -43.93
C GLU A 1611 -18.23 -19.06 -43.27
N ASP A 1612 -17.46 -18.30 -44.04
CA ASP A 1612 -16.12 -17.90 -43.64
C ASP A 1612 -16.15 -16.99 -42.42
N ARG A 1613 -16.87 -15.86 -42.52
CA ARG A 1613 -16.78 -14.84 -41.48
C ARG A 1613 -17.18 -15.39 -40.11
N LEU A 1614 -18.29 -16.14 -40.06
CA LEU A 1614 -18.77 -16.69 -38.80
C LEU A 1614 -17.73 -17.58 -38.12
N ARG A 1615 -17.16 -18.55 -38.85
CA ARG A 1615 -16.19 -19.47 -38.24
C ARG A 1615 -14.94 -18.74 -37.75
N PRO A 1616 -14.48 -17.72 -38.47
CA PRO A 1616 -13.11 -17.23 -38.24
C PRO A 1616 -12.88 -16.38 -36.99
N LEU A 1617 -13.90 -15.67 -36.51
CA LEU A 1617 -13.68 -14.68 -35.47
C LEU A 1617 -13.19 -15.31 -34.18
N VAL A 1618 -13.58 -16.55 -33.92
CA VAL A 1618 -13.35 -17.17 -32.62
C VAL A 1618 -11.85 -17.40 -32.39
N GLN A 1619 -11.18 -18.02 -33.36
CA GLN A 1619 -9.75 -18.29 -33.21
C GLN A 1619 -8.98 -17.00 -33.04
N ALA A 1620 -9.41 -15.95 -33.72
CA ALA A 1620 -8.88 -14.61 -33.48
C ALA A 1620 -9.13 -14.16 -32.04
N GLU A 1621 -10.21 -14.64 -31.41
CA GLU A 1621 -10.44 -14.27 -30.02
C GLU A 1621 -9.52 -15.05 -29.08
N LEU A 1622 -9.07 -16.23 -29.51
CA LEU A 1622 -8.12 -16.98 -28.71
C LEU A 1622 -6.71 -16.42 -28.86
N SER A 1623 -6.36 -16.03 -30.08
CA SER A 1623 -5.06 -15.41 -30.32
C SER A 1623 -5.01 -14.02 -29.71
N VAL A 1624 -6.14 -13.34 -29.66
CA VAL A 1624 -6.26 -12.17 -28.81
C VAL A 1624 -5.86 -12.54 -27.40
N LEU A 1625 -6.51 -13.58 -26.88
CA LEU A 1625 -6.10 -14.17 -25.60
C LEU A 1625 -4.63 -14.60 -25.59
N VAL A 1626 -3.93 -14.51 -26.72
CA VAL A 1626 -2.49 -14.77 -26.65
C VAL A 1626 -1.76 -13.58 -26.04
N ASP A 1627 -2.10 -12.37 -26.47
CA ASP A 1627 -1.59 -11.20 -25.78
C ASP A 1627 -1.85 -11.28 -24.28
N VAL A 1628 -2.90 -11.99 -23.86
CA VAL A 1628 -3.33 -12.03 -22.46
C VAL A 1628 -2.36 -12.77 -21.56
N LEU A 1629 -1.46 -13.58 -22.11
CA LEU A 1629 -0.28 -13.94 -21.34
C LEU A 1629 0.44 -12.67 -20.93
N HIS A 1630 0.67 -11.77 -21.90
CA HIS A 1630 1.13 -10.41 -21.70
C HIS A 1630 2.46 -10.34 -20.98
N ARG A 1631 2.42 -10.38 -19.66
CA ARG A 1631 3.61 -10.25 -18.84
C ARG A 1631 4.54 -11.42 -19.11
N PRO A 1632 4.01 -12.63 -19.28
CA PRO A 1632 4.89 -13.78 -19.60
C PRO A 1632 5.44 -13.76 -21.01
N GLU A 1633 4.83 -12.96 -21.91
CA GLU A 1633 5.20 -13.00 -23.32
C GLU A 1633 6.50 -12.26 -23.58
N LEU A 1634 6.64 -11.05 -23.03
CA LEU A 1634 7.95 -10.42 -23.13
C LEU A 1634 9.02 -11.22 -22.40
N LEU A 1635 8.67 -12.16 -21.51
CA LEU A 1635 9.71 -12.96 -20.85
C LEU A 1635 10.13 -14.14 -21.73
N PHE A 1636 9.16 -14.89 -22.25
CA PHE A 1636 9.46 -15.73 -23.40
C PHE A 1636 10.10 -14.87 -24.48
N PRO A 1637 11.11 -15.38 -25.18
CA PRO A 1637 11.70 -14.65 -26.32
C PRO A 1637 12.26 -13.29 -26.00
N GLU A 1638 11.41 -12.31 -25.72
CA GLU A 1638 11.94 -11.00 -25.34
C GLU A 1638 12.52 -11.02 -23.94
N ASN A 1639 12.80 -12.22 -23.39
CA ASN A 1639 13.48 -12.43 -22.12
C ASN A 1639 14.47 -11.31 -21.96
N THR A 1640 14.39 -10.63 -20.86
CA THR A 1640 14.77 -9.23 -20.88
C THR A 1640 15.87 -9.08 -19.85
N ASP A 1641 17.11 -9.19 -20.34
CA ASP A 1641 18.29 -9.38 -19.51
C ASP A 1641 18.84 -8.04 -19.03
N ALA A 1642 19.90 -8.11 -18.21
CA ALA A 1642 20.32 -7.02 -17.34
C ALA A 1642 19.09 -6.23 -16.81
N ARG A 1643 18.10 -7.00 -16.32
CA ARG A 1643 16.89 -6.56 -15.64
C ARG A 1643 15.82 -5.99 -16.58
N ARG A 1644 15.90 -6.19 -17.93
CA ARG A 1644 14.87 -5.52 -18.72
C ARG A 1644 13.48 -6.08 -18.40
N LYS A 1645 12.46 -5.25 -18.65
CA LYS A 1645 11.20 -5.26 -17.93
C LYS A 1645 10.17 -6.08 -18.71
N CYS A 1646 10.44 -7.37 -18.85
CA CYS A 1646 9.57 -8.29 -19.59
C CYS A 1646 8.16 -8.33 -19.01
N GLU A 1647 7.99 -8.81 -17.78
CA GLU A 1647 6.67 -8.94 -17.17
C GLU A 1647 5.98 -7.58 -17.07
N SER A 1648 4.70 -7.57 -16.69
CA SER A 1648 3.98 -6.36 -16.30
C SER A 1648 3.86 -5.36 -17.44
N GLY A 1649 3.79 -5.83 -18.67
CA GLY A 1649 3.65 -4.89 -19.78
C GLY A 1649 2.30 -4.19 -19.81
N GLY A 1650 1.24 -4.86 -19.38
CA GLY A 1650 -0.08 -4.29 -19.26
C GLY A 1650 -0.18 -2.88 -18.69
N PHE A 1651 0.05 -2.75 -17.37
CA PHE A 1651 -0.14 -1.49 -16.64
C PHE A 1651 0.34 -0.30 -17.45
N ILE A 1652 1.45 -0.47 -18.16
CA ILE A 1652 2.05 0.63 -18.90
C ILE A 1652 1.26 0.95 -20.16
N CYS A 1653 1.08 -0.03 -21.05
CA CYS A 1653 0.21 0.15 -22.19
C CYS A 1653 -1.09 0.82 -21.77
N LYS A 1654 -1.56 0.46 -20.58
CA LYS A 1654 -2.83 0.93 -20.06
C LYS A 1654 -2.84 2.46 -19.92
N LEU A 1655 -1.97 2.99 -19.06
CA LEU A 1655 -1.91 4.45 -18.95
C LEU A 1655 -1.76 5.09 -20.33
N ILE A 1656 -0.99 4.43 -21.20
CA ILE A 1656 -0.68 4.99 -22.53
C ILE A 1656 -1.95 5.22 -23.33
N LYS A 1657 -2.83 4.23 -23.36
CA LYS A 1657 -4.05 4.40 -24.13
C LYS A 1657 -5.04 5.35 -23.45
N HIS A 1658 -5.03 5.39 -22.11
CA HIS A 1658 -5.86 6.42 -21.47
C HIS A 1658 -5.48 7.82 -21.98
N THR A 1659 -4.18 8.06 -22.22
CA THR A 1659 -3.77 9.33 -22.81
C THR A 1659 -4.05 9.41 -24.32
N LYS A 1660 -4.09 8.28 -25.04
CA LYS A 1660 -4.27 8.29 -26.49
C LYS A 1660 -5.65 8.79 -26.93
N GLN A 1661 -6.68 8.63 -26.12
CA GLN A 1661 -8.01 9.08 -26.50
C GLN A 1661 -8.13 10.59 -26.47
N LEU A 1662 -7.07 11.27 -26.10
CA LEU A 1662 -6.97 12.70 -26.35
C LEU A 1662 -7.29 13.00 -27.81
N LEU A 1663 -6.93 12.10 -28.71
CA LEU A 1663 -7.47 12.14 -30.08
C LEU A 1663 -8.97 11.93 -30.05
N GLU A 1664 -9.71 12.83 -30.71
CA GLU A 1664 -11.19 12.79 -30.67
C GLU A 1664 -11.75 11.51 -31.27
N GLU A 1665 -11.00 10.89 -32.16
CA GLU A 1665 -11.39 9.64 -32.80
C GLU A 1665 -10.60 8.49 -32.16
N ASN A 1666 -11.28 7.72 -31.30
CA ASN A 1666 -10.71 6.47 -30.83
C ASN A 1666 -11.10 5.32 -31.77
N GLU A 1667 -12.31 5.42 -32.35
CA GLU A 1667 -12.72 4.60 -33.49
C GLU A 1667 -12.78 3.13 -33.05
N GLU A 1668 -12.59 2.22 -34.01
CA GLU A 1668 -12.48 0.83 -33.66
C GLU A 1668 -11.42 0.58 -32.60
N LYS A 1669 -10.39 1.42 -32.51
CA LYS A 1669 -9.26 1.18 -31.60
C LYS A 1669 -9.74 0.94 -30.16
N LEU A 1670 -10.44 1.93 -29.60
CA LEU A 1670 -11.10 1.74 -28.32
C LEU A 1670 -11.92 0.44 -28.29
N CYS A 1671 -12.77 0.24 -29.30
CA CYS A 1671 -13.66 -0.93 -29.31
C CYS A 1671 -12.87 -2.23 -29.32
N ILE A 1672 -11.84 -2.30 -30.16
CA ILE A 1672 -10.95 -3.45 -30.21
C ILE A 1672 -10.48 -3.80 -28.80
N LYS A 1673 -10.21 -2.79 -27.97
CA LYS A 1673 -9.87 -3.08 -26.58
C LYS A 1673 -10.99 -3.83 -25.86
N VAL A 1674 -12.22 -3.32 -25.99
CA VAL A 1674 -13.37 -3.91 -25.27
C VAL A 1674 -13.43 -5.43 -25.46
N LEU A 1675 -13.38 -5.88 -26.73
CA LEU A 1675 -13.50 -7.31 -27.02
C LEU A 1675 -12.60 -8.19 -26.12
N GLN A 1676 -11.32 -7.83 -26.03
CA GLN A 1676 -10.36 -8.62 -25.26
C GLN A 1676 -10.68 -8.62 -23.78
N THR A 1677 -11.13 -7.51 -23.21
CA THR A 1677 -11.49 -7.57 -21.78
C THR A 1677 -12.55 -8.65 -21.53
N LEU A 1678 -13.63 -8.64 -22.32
CA LEU A 1678 -14.63 -9.69 -22.10
C LEU A 1678 -14.05 -11.08 -22.32
N ARG A 1679 -12.98 -11.17 -23.11
CA ARG A 1679 -12.23 -12.43 -23.20
C ARG A 1679 -11.16 -12.61 -22.13
N GLU A 1680 -11.05 -11.70 -21.15
CA GLU A 1680 -10.15 -11.89 -20.01
C GLU A 1680 -10.90 -12.37 -18.78
N MET A 1681 -12.16 -11.97 -18.65
CA MET A 1681 -13.08 -12.83 -17.89
C MET A 1681 -12.94 -14.27 -18.39
N MET A 1682 -12.47 -14.41 -19.63
CA MET A 1682 -12.60 -15.65 -20.37
C MET A 1682 -11.38 -16.54 -20.25
N THR A 1683 -10.23 -16.03 -19.78
CA THR A 1683 -9.16 -16.93 -19.39
C THR A 1683 -9.66 -17.86 -18.30
N LYS A 1684 -10.56 -17.35 -17.44
CA LYS A 1684 -11.34 -18.21 -16.57
C LYS A 1684 -12.57 -18.76 -17.28
N ASP A 1685 -12.99 -18.15 -18.41
CA ASP A 1685 -14.25 -18.54 -19.05
C ASP A 1685 -14.11 -19.13 -20.47
N ARG A 1686 -13.55 -18.41 -21.48
CA ARG A 1686 -13.62 -18.91 -22.86
C ARG A 1686 -12.79 -20.14 -23.03
N GLY A 1687 -11.75 -20.27 -22.22
CA GLY A 1687 -11.01 -21.52 -22.07
C GLY A 1687 -11.99 -22.59 -21.64
N MET A 1789 -5.84 -17.35 -11.62
CA MET A 1789 -7.29 -17.40 -11.49
C MET A 1789 -7.79 -16.09 -12.04
N SER A 1790 -9.10 -15.99 -12.23
CA SER A 1790 -9.62 -14.83 -12.95
C SER A 1790 -9.83 -13.60 -12.09
N LEU A 1791 -9.72 -13.73 -10.77
CA LEU A 1791 -9.87 -12.57 -9.92
C LEU A 1791 -8.54 -12.06 -9.41
N ALA A 1792 -7.49 -12.88 -9.46
CA ALA A 1792 -6.14 -12.31 -9.50
C ALA A 1792 -5.82 -11.67 -10.85
N GLU A 1793 -6.57 -12.01 -11.90
CA GLU A 1793 -6.48 -11.28 -13.16
C GLU A 1793 -7.39 -10.05 -13.14
N VAL A 1794 -8.62 -10.22 -12.64
CA VAL A 1794 -9.53 -9.11 -12.38
C VAL A 1794 -8.85 -8.06 -11.51
N GLN A 1795 -8.24 -8.51 -10.41
CA GLN A 1795 -7.47 -7.62 -9.54
C GLN A 1795 -6.02 -7.50 -9.99
N CYS A 1796 -5.62 -8.21 -11.03
CA CYS A 1796 -4.22 -8.17 -11.49
C CYS A 1796 -3.99 -6.90 -12.27
N HIS A 1797 -4.76 -6.72 -13.32
CA HIS A 1797 -4.98 -5.39 -13.79
C HIS A 1797 -5.15 -4.46 -12.59
N LEU A 1798 -6.15 -4.71 -11.74
CA LEU A 1798 -6.40 -3.82 -10.60
C LEU A 1798 -5.13 -3.69 -9.77
N ASP A 1799 -4.32 -4.76 -9.71
CA ASP A 1799 -2.98 -4.64 -9.16
C ASP A 1799 -2.10 -3.77 -10.05
N LYS A 1800 -1.92 -4.14 -11.33
CA LYS A 1800 -1.06 -3.43 -12.29
C LYS A 1800 -1.90 -2.46 -13.11
N GLU A 1801 -2.19 -1.31 -12.52
CA GLU A 1801 -3.02 -0.25 -13.10
C GLU A 1801 -4.44 -0.69 -13.40
N GLY A 1802 -5.34 -0.67 -12.43
CA GLY A 1802 -6.62 -1.34 -12.60
C GLY A 1802 -7.76 -0.67 -11.88
N ALA A 1803 -8.95 -0.80 -12.49
CA ALA A 1803 -10.21 -0.18 -12.13
C ALA A 1803 -10.11 1.34 -12.23
N SER A 1804 -8.99 1.91 -11.78
CA SER A 1804 -8.84 3.36 -11.74
C SER A 1804 -8.77 3.96 -13.15
N ASN A 1805 -7.91 3.41 -14.01
CA ASN A 1805 -7.75 3.95 -15.36
C ASN A 1805 -9.07 3.93 -16.12
N LEU A 1806 -9.81 2.84 -15.98
CA LEU A 1806 -11.05 2.65 -16.72
C LEU A 1806 -12.17 3.52 -16.20
N VAL A 1807 -12.29 3.66 -14.87
CA VAL A 1807 -13.25 4.60 -14.35
C VAL A 1807 -12.93 5.97 -14.95
N ILE A 1808 -11.73 6.51 -14.64
CA ILE A 1808 -11.36 7.84 -15.14
C ILE A 1808 -11.67 7.98 -16.62
N ASP A 1809 -11.67 6.87 -17.36
CA ASP A 1809 -11.90 6.84 -18.80
C ASP A 1809 -13.36 6.74 -19.24
N LEU A 1810 -14.29 6.32 -18.38
CA LEU A 1810 -15.64 6.08 -18.92
C LEU A 1810 -16.38 7.35 -19.33
N ILE A 1811 -15.89 8.54 -18.98
CA ILE A 1811 -16.61 9.78 -19.20
C ILE A 1811 -16.47 10.36 -20.61
N MET A 1812 -15.52 9.89 -21.41
CA MET A 1812 -15.42 10.39 -22.78
C MET A 1812 -16.42 9.72 -23.69
N ASN A 1813 -17.12 8.70 -23.18
CA ASN A 1813 -18.10 7.95 -23.94
C ASN A 1813 -19.25 8.83 -24.42
N ALA A 1814 -19.42 10.02 -23.83
CA ALA A 1814 -20.31 11.02 -24.38
C ALA A 1814 -20.09 11.16 -25.89
N SER A 1815 -18.84 11.36 -26.33
CA SER A 1815 -18.60 11.84 -27.70
C SER A 1815 -17.97 10.76 -28.57
N SER A 1816 -16.67 10.57 -28.53
CA SER A 1816 -16.21 9.22 -28.76
C SER A 1816 -17.00 8.29 -27.85
N ASP A 1817 -17.26 7.10 -28.31
CA ASP A 1817 -17.77 5.93 -27.58
C ASP A 1817 -19.22 5.90 -27.14
N ARG A 1818 -20.07 6.87 -27.49
CA ARG A 1818 -21.49 6.73 -27.19
C ARG A 1818 -22.05 5.42 -27.70
N VAL A 1819 -21.54 4.96 -28.86
CA VAL A 1819 -22.08 3.83 -29.58
C VAL A 1819 -21.18 2.64 -29.32
N PHE A 1820 -20.66 2.55 -28.10
CA PHE A 1820 -19.81 1.46 -27.64
C PHE A 1820 -19.63 1.53 -26.13
N HIS A 1821 -19.80 2.73 -25.57
CA HIS A 1821 -20.04 2.89 -24.14
C HIS A 1821 -20.89 1.75 -23.61
N GLU A 1822 -21.85 1.27 -24.40
CA GLU A 1822 -22.62 0.08 -24.02
C GLU A 1822 -21.71 -1.14 -23.95
N SER A 1823 -21.12 -1.50 -25.10
CA SER A 1823 -20.13 -2.56 -25.11
C SER A 1823 -19.07 -2.35 -24.04
N ILE A 1824 -18.49 -1.16 -24.00
CA ILE A 1824 -17.48 -0.80 -23.01
C ILE A 1824 -17.91 -1.22 -21.60
N LEU A 1825 -19.12 -0.78 -21.21
CA LEU A 1825 -19.64 -1.06 -19.88
C LEU A 1825 -19.61 -2.55 -19.58
N LEU A 1826 -20.25 -3.34 -20.47
CA LEU A 1826 -20.33 -4.80 -20.26
C LEU A 1826 -18.96 -5.38 -19.93
N ALA A 1827 -17.99 -5.10 -20.80
CA ALA A 1827 -16.65 -5.68 -20.60
C ALA A 1827 -16.09 -5.33 -19.23
N ILE A 1828 -16.21 -4.07 -18.82
CA ILE A 1828 -15.62 -3.70 -17.54
C ILE A 1828 -16.23 -4.51 -16.39
N ALA A 1829 -17.56 -4.60 -16.36
CA ALA A 1829 -18.20 -5.26 -15.22
C ALA A 1829 -17.78 -6.73 -15.09
N LEU A 1830 -17.52 -7.43 -16.21
CA LEU A 1830 -17.34 -8.89 -16.12
C LEU A 1830 -16.14 -9.30 -15.27
N LEU A 1831 -14.91 -8.97 -15.69
CA LEU A 1831 -13.76 -9.41 -14.93
C LEU A 1831 -13.82 -8.94 -13.49
N GLU A 1832 -14.21 -7.69 -13.28
CA GLU A 1832 -14.31 -7.16 -11.92
C GLU A 1832 -15.33 -7.91 -11.07
N GLY A 1833 -16.46 -8.26 -11.67
CA GLY A 1833 -17.59 -8.88 -10.94
C GLY A 1833 -17.27 -10.20 -10.28
N GLY A 1834 -17.69 -10.33 -9.02
CA GLY A 1834 -17.24 -11.47 -8.24
C GLY A 1834 -15.95 -11.28 -7.45
N ASN A 1835 -15.41 -10.06 -7.39
CA ASN A 1835 -14.14 -9.76 -6.69
C ASN A 1835 -14.09 -8.30 -6.24
N THR A 1836 -15.24 -7.79 -5.79
CA THR A 1836 -15.31 -6.40 -5.36
C THR A 1836 -14.29 -6.08 -4.29
N THR A 1837 -13.55 -7.10 -3.83
CA THR A 1837 -12.33 -6.89 -3.07
C THR A 1837 -11.53 -5.92 -3.91
N ILE A 1838 -11.03 -6.40 -5.03
CA ILE A 1838 -10.49 -5.57 -6.09
C ILE A 1838 -11.25 -4.24 -6.15
N GLN A 1839 -12.58 -4.34 -6.28
CA GLN A 1839 -13.35 -3.15 -6.65
C GLN A 1839 -13.39 -2.14 -5.52
N HIS A 1840 -13.42 -2.60 -4.26
CA HIS A 1840 -13.35 -1.62 -3.19
C HIS A 1840 -12.13 -0.72 -3.43
N SER A 1841 -10.99 -1.34 -3.73
CA SER A 1841 -9.77 -0.63 -4.10
C SER A 1841 -10.07 0.47 -5.13
N PHE A 1842 -10.71 0.09 -6.24
CA PHE A 1842 -11.25 0.99 -7.24
C PHE A 1842 -11.90 2.21 -6.62
N PHE A 1843 -12.94 1.98 -5.86
CA PHE A 1843 -13.57 3.10 -5.18
C PHE A 1843 -12.60 3.69 -4.16
N CYS A 1844 -11.87 2.81 -3.45
CA CYS A 1844 -10.86 3.26 -2.49
C CYS A 1844 -9.92 4.29 -3.12
N ARG A 1845 -9.44 3.99 -4.32
CA ARG A 1845 -8.68 4.97 -5.07
C ARG A 1845 -9.56 6.14 -5.51
N LEU A 1846 -10.84 5.89 -5.80
CA LEU A 1846 -11.68 6.91 -6.43
C LEU A 1846 -12.07 8.04 -5.46
N THR A 1847 -12.70 7.69 -4.35
CA THR A 1847 -13.13 8.66 -3.34
C THR A 1847 -12.05 9.69 -3.04
N GLU A 1848 -10.78 9.25 -3.06
CA GLU A 1848 -9.63 10.11 -2.81
C GLU A 1848 -9.73 11.43 -3.56
N ASP A 1849 -9.66 11.37 -4.89
CA ASP A 1849 -9.98 12.51 -5.75
C ASP A 1849 -11.36 13.09 -5.40
N LYS A 1850 -11.63 13.18 -4.11
CA LYS A 1850 -12.90 13.62 -3.56
C LYS A 1850 -13.55 14.65 -4.46
N LYS A 1851 -12.94 15.84 -4.49
CA LYS A 1851 -13.31 16.87 -5.45
C LYS A 1851 -13.26 16.33 -6.89
N SER A 1852 -12.11 15.84 -7.33
CA SER A 1852 -11.99 15.34 -8.71
C SER A 1852 -12.97 14.20 -8.99
N GLU A 1853 -13.45 13.53 -7.94
CA GLU A 1853 -14.50 12.54 -8.08
C GLU A 1853 -15.89 13.16 -8.06
N LYS A 1854 -16.07 14.19 -7.23
CA LYS A 1854 -17.42 14.55 -6.81
C LYS A 1854 -18.25 15.13 -7.96
N PHE A 1855 -17.69 16.09 -8.71
CA PHE A 1855 -18.45 16.69 -9.79
C PHE A 1855 -18.98 15.64 -10.75
N PHE A 1856 -18.17 14.62 -11.03
CA PHE A 1856 -18.44 13.58 -12.03
C PHE A 1856 -19.66 12.68 -11.75
N LYS A 1857 -20.20 12.68 -10.53
CA LYS A 1857 -21.18 11.66 -10.19
C LYS A 1857 -22.50 11.79 -10.95
N VAL A 1858 -22.87 13.01 -11.35
CA VAL A 1858 -24.21 13.27 -11.90
C VAL A 1858 -24.44 12.61 -13.27
N PHE A 1859 -23.37 12.30 -14.01
CA PHE A 1859 -23.51 12.07 -15.45
C PHE A 1859 -24.33 10.80 -15.76
N TYR A 1860 -23.88 9.65 -15.25
CA TYR A 1860 -24.58 8.39 -15.55
C TYR A 1860 -26.07 8.52 -15.22
N ASP A 1861 -26.36 9.14 -14.08
CA ASP A 1861 -27.73 9.43 -13.68
C ASP A 1861 -28.46 10.25 -14.73
N ARG A 1862 -27.79 11.17 -15.36
CA ARG A 1862 -28.51 11.75 -16.49
C ARG A 1862 -28.31 10.90 -17.74
N MET A 1863 -27.70 9.73 -17.66
CA MET A 1863 -27.68 8.86 -18.83
C MET A 1863 -28.87 7.93 -18.77
N LYS A 1864 -29.00 7.23 -17.66
CA LYS A 1864 -30.28 6.70 -17.21
C LYS A 1864 -31.36 7.79 -17.24
N VAL A 1865 -31.49 8.61 -16.21
CA VAL A 1865 -32.35 9.79 -16.19
C VAL A 1865 -32.63 10.29 -17.62
N ALA A 1866 -31.57 10.52 -18.39
CA ALA A 1866 -31.75 10.99 -19.75
C ALA A 1866 -32.23 9.88 -20.66
N GLN A 1867 -31.79 8.65 -20.41
CA GLN A 1867 -32.52 7.56 -21.03
C GLN A 1867 -33.89 7.47 -20.41
N GLN A 1868 -33.98 7.80 -19.12
CA GLN A 1868 -35.11 7.38 -18.30
C GLN A 1868 -36.43 7.95 -18.77
N GLU A 1869 -36.60 9.25 -18.71
CA GLU A 1869 -37.96 9.70 -18.90
C GLU A 1869 -38.37 9.60 -20.36
N ILE A 1870 -37.49 10.02 -21.26
CA ILE A 1870 -37.81 9.94 -22.70
C ILE A 1870 -38.04 8.49 -23.12
N LYS A 1871 -37.06 7.62 -22.84
CA LYS A 1871 -37.06 6.28 -23.42
C LYS A 1871 -38.18 5.41 -22.87
N ALA A 1872 -38.85 5.83 -21.79
CA ALA A 1872 -40.08 5.15 -21.40
C ALA A 1872 -41.18 5.46 -22.39
N THR A 1873 -41.40 6.76 -22.58
CA THR A 1873 -42.34 7.25 -23.57
C THR A 1873 -42.23 6.51 -24.92
N VAL A 1874 -41.03 6.19 -25.35
CA VAL A 1874 -40.84 5.83 -26.78
C VAL A 1874 -41.46 4.46 -27.12
N THR A 1875 -40.81 3.38 -26.72
CA THR A 1875 -41.35 2.09 -27.10
C THR A 1875 -42.51 1.68 -26.21
N VAL A 1876 -42.67 2.34 -25.04
CA VAL A 1876 -43.55 1.79 -23.99
C VAL A 1876 -45.03 1.93 -24.35
N ASN A 1877 -45.39 3.04 -24.99
CA ASN A 1877 -46.81 3.37 -25.15
C ASN A 1877 -47.40 2.85 -26.46
N THR A 1878 -46.60 2.92 -27.54
CA THR A 1878 -46.91 2.12 -28.71
C THR A 1878 -47.06 0.65 -28.32
N SER A 1879 -46.15 0.16 -27.47
CA SER A 1879 -46.36 -1.17 -26.89
C SER A 1879 -47.69 -1.27 -26.12
N ASP A 1880 -48.04 -0.20 -25.38
CA ASP A 1880 -49.15 -0.25 -24.43
C ASP A 1880 -50.43 -0.63 -25.13
N LEU A 1881 -50.66 -0.04 -26.28
CA LEU A 1881 -51.50 -0.62 -27.32
C LEU A 1881 -50.92 -1.96 -27.75
N GLY A 1882 -51.22 -3.00 -26.99
CA GLY A 1882 -50.58 -4.27 -27.11
C GLY A 1882 -51.36 -5.22 -27.99
N ASN A 1883 -50.64 -5.87 -28.90
CA ASN A 1883 -51.17 -6.94 -29.74
C ASN A 1883 -51.85 -8.04 -28.95
N LYS A 1884 -53.07 -8.43 -29.34
CA LYS A 1884 -53.94 -7.81 -30.35
C LYS A 1884 -55.27 -7.45 -29.68
N LYS A 1885 -55.25 -7.44 -28.35
CA LYS A 1885 -56.42 -7.41 -27.46
C LYS A 1885 -57.73 -7.85 -28.11
N LYS A 1886 -57.72 -9.02 -28.78
CA LYS A 1886 -58.91 -9.70 -29.26
C LYS A 1886 -58.75 -11.21 -29.07
N ASP A 1887 -59.83 -11.89 -28.69
CA ASP A 1887 -59.83 -13.21 -28.06
C ASP A 1887 -59.28 -14.36 -28.91
N ASP A 1888 -59.45 -15.61 -28.42
CA ASP A 1888 -58.78 -16.78 -28.98
C ASP A 1888 -59.73 -17.98 -29.08
N GLU A 1889 -59.31 -19.00 -29.83
CA GLU A 1889 -60.12 -20.18 -30.15
C GLU A 1889 -60.59 -20.99 -28.94
N LYS A 1951 -53.59 -17.14 -40.07
CA LYS A 1951 -53.57 -15.70 -40.27
C LYS A 1951 -53.37 -15.03 -38.93
N ALA A 1952 -52.29 -15.41 -38.24
CA ALA A 1952 -51.96 -14.69 -37.03
C ALA A 1952 -51.39 -13.33 -37.35
N LYS A 1953 -50.79 -13.18 -38.55
CA LYS A 1953 -50.51 -11.86 -39.10
C LYS A 1953 -49.78 -10.94 -38.15
N ASP A 1954 -49.36 -11.43 -36.97
CA ASP A 1954 -48.54 -10.63 -36.06
C ASP A 1954 -47.59 -9.81 -36.92
N ASP A 1955 -47.63 -8.48 -36.75
CA ASP A 1955 -46.81 -7.54 -37.52
C ASP A 1955 -45.51 -8.19 -37.92
N LEU A 1956 -45.18 -8.20 -39.20
CA LEU A 1956 -43.88 -8.74 -39.57
C LEU A 1956 -42.80 -7.88 -38.95
N GLU A 1957 -41.86 -8.54 -38.27
CA GLU A 1957 -40.57 -7.93 -37.97
C GLU A 1957 -40.64 -6.94 -36.81
N MET A 1958 -41.46 -7.26 -35.78
CA MET A 1958 -41.58 -6.36 -34.64
C MET A 1958 -40.30 -6.36 -33.78
N SER A 1959 -39.53 -7.45 -33.84
CA SER A 1959 -38.47 -7.64 -32.86
C SER A 1959 -37.21 -6.86 -33.22
N ALA A 1960 -36.78 -6.93 -34.48
CA ALA A 1960 -35.68 -6.08 -34.93
C ALA A 1960 -35.90 -4.63 -34.47
N VAL A 1961 -37.13 -4.14 -34.64
CA VAL A 1961 -37.48 -2.78 -34.26
C VAL A 1961 -37.30 -2.57 -32.76
N ILE A 1962 -37.92 -3.44 -31.94
CA ILE A 1962 -37.84 -3.23 -30.49
C ILE A 1962 -36.38 -3.24 -30.03
N THR A 1963 -35.58 -4.14 -30.62
CA THR A 1963 -34.13 -4.13 -30.40
C THR A 1963 -33.54 -2.76 -30.69
N ILE A 1964 -34.08 -2.04 -31.68
CA ILE A 1964 -33.55 -0.71 -31.98
C ILE A 1964 -33.97 0.31 -30.92
N MET A 1965 -35.26 0.30 -30.52
CA MET A 1965 -35.75 1.30 -29.56
C MET A 1965 -35.05 1.15 -28.22
N GLN A 1966 -34.84 -0.10 -27.79
CA GLN A 1966 -34.13 -0.32 -26.54
C GLN A 1966 -32.62 -0.42 -26.77
N PRO A 1967 -32.06 0.32 -27.73
CA PRO A 1967 -30.60 0.40 -27.82
C PRO A 1967 -30.14 1.42 -26.79
N ILE A 1968 -30.86 2.53 -26.78
CA ILE A 1968 -30.62 3.54 -25.76
C ILE A 1968 -31.04 3.02 -24.39
N LEU A 1969 -32.28 2.52 -24.32
CA LEU A 1969 -32.69 1.78 -23.14
C LEU A 1969 -31.60 0.81 -22.71
N ARG A 1970 -31.14 -0.02 -23.65
CA ARG A 1970 -30.24 -1.12 -23.31
C ARG A 1970 -28.91 -0.62 -22.75
N PHE A 1971 -28.42 0.52 -23.25
CA PHE A 1971 -27.36 1.20 -22.53
C PHE A 1971 -27.72 1.30 -21.06
N LEU A 1972 -28.88 1.93 -20.78
CA LEU A 1972 -29.35 2.06 -19.39
C LEU A 1972 -29.43 0.71 -18.66
N GLN A 1973 -29.53 -0.38 -19.40
CA GLN A 1973 -29.90 -1.69 -18.81
C GLN A 1973 -28.68 -2.47 -18.37
N LEU A 1974 -27.75 -2.73 -19.29
CA LEU A 1974 -26.53 -3.38 -18.87
C LEU A 1974 -26.00 -2.56 -17.71
N LEU A 1975 -26.15 -1.22 -17.84
CA LEU A 1975 -25.90 -0.33 -16.71
C LEU A 1975 -26.46 -0.91 -15.42
N CYS A 1976 -27.75 -1.29 -15.44
CA CYS A 1976 -28.30 -1.93 -14.24
C CYS A 1976 -27.47 -3.14 -13.80
N GLU A 1977 -27.14 -4.05 -14.73
CA GLU A 1977 -26.49 -5.30 -14.29
C GLU A 1977 -25.17 -5.02 -13.59
N ASN A 1978 -24.43 -4.02 -14.07
CA ASN A 1978 -23.12 -3.74 -13.48
C ASN A 1978 -23.24 -3.04 -12.14
N HIS A 1979 -24.11 -2.01 -12.08
CA HIS A 1979 -24.45 -1.42 -10.79
C HIS A 1979 -24.74 -2.52 -9.77
N ASN A 1980 -25.40 -3.59 -10.21
CA ASN A 1980 -25.65 -4.73 -9.32
C ASN A 1980 -24.35 -5.40 -8.92
N ARG A 1981 -23.41 -5.50 -9.86
CA ARG A 1981 -22.32 -6.43 -9.59
C ARG A 1981 -21.25 -5.83 -8.71
N ASP A 1982 -21.07 -4.50 -8.74
CA ASP A 1982 -19.91 -3.99 -8.03
C ASP A 1982 -20.19 -3.74 -6.55
N LEU A 1983 -21.46 -3.65 -6.17
CA LEU A 1983 -21.81 -3.05 -4.89
C LEU A 1983 -21.55 -4.01 -3.73
N GLN A 1984 -21.37 -3.43 -2.53
CA GLN A 1984 -21.05 -4.25 -1.36
C GLN A 1984 -21.18 -3.43 -0.07
N ASN A 1985 -20.10 -2.80 0.37
CA ASN A 1985 -20.08 -2.00 1.58
C ASN A 1985 -21.01 -0.80 1.46
N PHE A 1986 -21.31 -0.18 2.61
CA PHE A 1986 -22.37 0.85 2.66
C PHE A 1986 -21.90 2.19 2.08
N LEU A 1987 -20.79 2.71 2.61
CA LEU A 1987 -20.11 3.84 2.01
C LEU A 1987 -20.23 3.78 0.48
N ARG A 1988 -19.89 2.62 -0.08
CA ARG A 1988 -20.13 2.36 -1.49
C ARG A 1988 -21.58 2.63 -1.86
N CYS A 1989 -22.49 1.88 -1.29
CA CYS A 1989 -23.88 2.16 -1.52
C CYS A 1989 -24.26 3.59 -1.18
N GLN A 1990 -23.47 4.33 -0.42
CA GLN A 1990 -23.92 5.57 0.19
C GLN A 1990 -24.03 6.73 -0.78
N ASN A 1991 -23.36 6.68 -1.92
CA ASN A 1991 -23.31 7.80 -2.84
C ASN A 1991 -22.82 9.07 -2.13
N ASN A 1992 -21.50 9.18 -2.13
CA ASN A 1992 -20.73 10.16 -1.38
C ASN A 1992 -21.18 11.58 -1.69
N LYS A 1993 -20.81 12.56 -0.86
CA LYS A 1993 -21.33 13.93 -0.91
C LYS A 1993 -21.15 14.58 -2.27
N THR A 1994 -21.51 13.84 -3.30
CA THR A 1994 -21.35 14.24 -4.68
C THR A 1994 -22.12 15.54 -4.95
N ASN A 1995 -21.96 16.04 -6.18
CA ASN A 1995 -22.77 17.16 -6.64
C ASN A 1995 -24.24 16.75 -6.76
N TYR A 1996 -24.52 15.71 -7.58
CA TYR A 1996 -25.89 15.34 -7.96
C TYR A 1996 -26.05 13.82 -7.96
N ASN A 1997 -26.01 13.20 -6.77
CA ASN A 1997 -26.08 11.75 -6.64
C ASN A 1997 -27.43 11.33 -6.04
N LEU A 1998 -28.47 11.35 -6.86
CA LEU A 1998 -29.80 10.92 -6.43
C LEU A 1998 -30.08 9.51 -6.94
N VAL A 1999 -30.04 8.52 -6.05
CA VAL A 1999 -30.58 7.20 -6.35
C VAL A 1999 -32.01 7.30 -6.89
N CYS A 2000 -32.66 8.46 -6.71
CA CYS A 2000 -34.04 8.66 -7.11
C CYS A 2000 -34.24 8.37 -8.57
N GLU A 2001 -33.35 8.89 -9.44
CA GLU A 2001 -33.46 8.62 -10.86
C GLU A 2001 -33.66 7.13 -11.15
N THR A 2002 -33.01 6.25 -10.39
CA THR A 2002 -33.25 4.81 -10.54
C THR A 2002 -34.71 4.49 -10.27
N LEU A 2003 -35.26 5.14 -9.25
CA LEU A 2003 -36.64 4.91 -8.90
C LEU A 2003 -37.60 5.56 -9.90
N GLN A 2004 -37.09 6.46 -10.74
CA GLN A 2004 -37.95 7.21 -11.64
C GLN A 2004 -37.93 6.64 -13.07
N PHE A 2005 -36.86 5.92 -13.44
CA PHE A 2005 -36.78 5.14 -14.67
C PHE A 2005 -37.39 3.78 -14.46
N LEU A 2006 -36.97 3.10 -13.39
CA LEU A 2006 -37.82 2.09 -12.80
C LEU A 2006 -39.27 2.54 -12.87
N ASP A 2007 -39.55 3.77 -12.42
CA ASP A 2007 -40.90 4.28 -12.36
C ASP A 2007 -41.44 4.81 -13.67
N CYS A 2008 -40.68 4.71 -14.75
CA CYS A 2008 -41.05 5.42 -15.97
C CYS A 2008 -41.72 4.52 -17.01
N ILE A 2009 -41.34 3.24 -17.10
CA ILE A 2009 -42.11 2.32 -17.94
C ILE A 2009 -43.30 1.79 -17.18
N CYS A 2010 -43.08 1.41 -15.92
CA CYS A 2010 -44.11 1.52 -14.91
C CYS A 2010 -45.01 2.71 -15.21
N GLY A 2011 -44.48 3.92 -15.03
CA GLY A 2011 -45.21 5.17 -15.21
C GLY A 2011 -46.68 5.02 -14.90
N SER A 2012 -47.44 4.58 -15.92
CA SER A 2012 -48.88 4.33 -15.84
C SER A 2012 -49.12 2.84 -15.62
N THR A 2013 -49.52 2.48 -14.40
CA THR A 2013 -49.78 1.09 -14.01
C THR A 2013 -50.26 0.96 -12.57
N THR A 2014 -51.19 1.82 -12.13
CA THR A 2014 -51.57 1.85 -10.72
C THR A 2014 -52.17 0.54 -10.22
N GLY A 2015 -52.81 -0.22 -11.10
CA GLY A 2015 -53.55 -1.40 -10.70
C GLY A 2015 -52.87 -2.69 -11.09
N GLY A 2016 -53.66 -3.65 -11.59
CA GLY A 2016 -53.17 -4.77 -12.33
C GLY A 2016 -52.63 -4.24 -13.62
N LEU A 2017 -51.50 -4.78 -14.10
CA LEU A 2017 -50.55 -4.01 -14.87
C LEU A 2017 -50.83 -4.17 -16.36
N GLY A 2018 -51.13 -3.06 -17.04
CA GLY A 2018 -51.81 -3.15 -18.29
C GLY A 2018 -51.21 -2.26 -19.37
N LEU A 2019 -50.03 -1.71 -19.07
CA LEU A 2019 -49.14 -1.45 -20.17
C LEU A 2019 -49.11 -2.78 -20.87
N LEU A 2020 -49.24 -3.85 -20.06
CA LEU A 2020 -49.49 -5.24 -20.50
C LEU A 2020 -48.50 -5.34 -21.61
N GLY A 2021 -48.91 -5.17 -22.86
CA GLY A 2021 -47.99 -4.79 -23.92
C GLY A 2021 -46.65 -4.35 -23.35
N LEU A 2022 -46.50 -3.12 -22.83
CA LEU A 2022 -45.21 -2.69 -22.26
C LEU A 2022 -44.81 -3.50 -21.05
N TYR A 2023 -45.77 -3.91 -20.23
CA TYR A 2023 -45.48 -4.90 -19.19
C TYR A 2023 -45.18 -6.25 -19.83
N ILE A 2024 -46.14 -6.79 -20.57
CA ILE A 2024 -45.97 -8.00 -21.38
C ILE A 2024 -44.82 -7.87 -22.39
N ASN A 2025 -44.26 -6.67 -22.55
CA ASN A 2025 -43.13 -6.44 -23.46
C ASN A 2025 -41.83 -6.82 -22.80
N GLU A 2026 -40.90 -7.33 -23.60
CA GLU A 2026 -39.87 -8.24 -23.11
C GLU A 2026 -38.61 -7.53 -22.60
N LYS A 2027 -38.00 -6.66 -23.44
CA LYS A 2027 -36.74 -6.01 -23.03
C LYS A 2027 -36.86 -5.35 -21.66
N ASN A 2028 -38.08 -4.83 -21.36
CA ASN A 2028 -38.45 -4.29 -20.06
C ASN A 2028 -38.04 -5.21 -18.90
N VAL A 2029 -38.03 -6.53 -19.11
CA VAL A 2029 -37.99 -7.47 -18.00
C VAL A 2029 -36.57 -7.71 -17.52
N ALA A 2030 -35.68 -8.12 -18.40
CA ALA A 2030 -34.27 -8.14 -18.05
C ALA A 2030 -33.88 -6.81 -17.41
N LEU A 2031 -34.17 -5.71 -18.11
CA LEU A 2031 -33.84 -4.40 -17.54
C LEU A 2031 -34.30 -4.29 -16.08
N ILE A 2032 -35.54 -4.69 -15.82
CA ILE A 2032 -36.16 -4.37 -14.54
C ILE A 2032 -35.67 -5.31 -13.46
N ASN A 2033 -35.41 -6.57 -13.81
CA ASN A 2033 -34.91 -7.49 -12.81
C ASN A 2033 -33.52 -7.10 -12.35
N GLN A 2034 -32.62 -6.82 -13.30
CA GLN A 2034 -31.29 -6.40 -12.87
C GLN A 2034 -31.34 -5.02 -12.22
N THR A 2035 -32.36 -4.22 -12.52
CA THR A 2035 -32.57 -2.99 -11.76
C THR A 2035 -33.10 -3.32 -10.38
N LEU A 2036 -33.64 -4.51 -10.23
CA LEU A 2036 -34.09 -4.95 -8.93
C LEU A 2036 -32.97 -5.63 -8.17
N GLU A 2037 -31.86 -5.95 -8.81
CA GLU A 2037 -30.71 -6.59 -8.14
C GLU A 2037 -29.59 -5.60 -7.87
N SER A 2038 -29.42 -4.62 -8.76
CA SER A 2038 -28.73 -3.38 -8.44
C SER A 2038 -29.49 -2.62 -7.37
N LEU A 2039 -30.66 -2.08 -7.75
CA LEU A 2039 -31.60 -1.52 -6.78
C LEU A 2039 -31.67 -2.35 -5.50
N THR A 2040 -31.62 -3.69 -5.64
CA THR A 2040 -31.72 -4.61 -4.49
C THR A 2040 -30.42 -4.81 -3.71
N GLU A 2041 -29.26 -4.62 -4.33
CA GLU A 2041 -28.03 -4.57 -3.56
C GLU A 2041 -27.91 -3.23 -2.86
N TYR A 2042 -28.56 -2.22 -3.41
CA TYR A 2042 -28.56 -0.89 -2.79
C TYR A 2042 -29.46 -0.88 -1.55
N CYS A 2043 -30.68 -1.39 -1.67
CA CYS A 2043 -31.47 -1.54 -0.46
C CYS A 2043 -31.07 -2.75 0.37
N GLN A 2044 -30.21 -3.64 -0.15
CA GLN A 2044 -29.82 -4.83 0.61
C GLN A 2044 -29.08 -4.46 1.88
N GLY A 2045 -28.46 -3.29 1.91
CA GLY A 2045 -27.76 -2.82 3.08
C GLY A 2045 -28.72 -2.18 4.08
N PRO A 2046 -30.02 -2.15 3.69
CA PRO A 2046 -31.09 -1.69 4.61
C PRO A 2046 -30.77 -0.43 5.38
N CYS A 2047 -30.08 0.50 4.77
CA CYS A 2047 -29.88 1.80 5.38
C CYS A 2047 -31.22 2.45 5.64
N HIS A 2048 -31.40 2.93 6.86
CA HIS A 2048 -32.68 3.56 7.21
C HIS A 2048 -33.05 4.65 6.21
N GLU A 2049 -32.12 5.57 5.96
CA GLU A 2049 -32.39 6.68 5.06
C GLU A 2049 -32.45 6.25 3.60
N ASN A 2050 -31.98 5.04 3.27
CA ASN A 2050 -32.12 4.55 1.90
C ASN A 2050 -33.52 4.01 1.66
N GLN A 2051 -33.97 3.12 2.55
CA GLN A 2051 -35.33 2.60 2.49
C GLN A 2051 -36.34 3.73 2.61
N ASN A 2052 -36.11 4.67 3.52
CA ASN A 2052 -36.98 5.84 3.62
C ASN A 2052 -36.93 6.67 2.34
N CYS A 2053 -35.71 6.89 1.82
CA CYS A 2053 -35.53 7.74 0.64
C CYS A 2053 -36.22 7.19 -0.60
N ILE A 2054 -36.29 5.87 -0.73
CA ILE A 2054 -36.62 5.28 -2.04
C ILE A 2054 -38.11 5.46 -2.34
N ALA A 2055 -38.97 4.90 -1.50
CA ALA A 2055 -40.40 5.08 -1.67
C ALA A 2055 -40.78 6.55 -1.76
N THR A 2056 -39.97 7.44 -1.18
CA THR A 2056 -40.30 8.85 -1.09
C THR A 2056 -40.01 9.59 -2.39
N HIS A 2057 -38.76 9.56 -2.85
CA HIS A 2057 -38.35 10.42 -3.95
C HIS A 2057 -38.88 9.92 -5.29
N GLU A 2058 -39.05 8.61 -5.43
CA GLU A 2058 -39.93 8.13 -6.48
C GLU A 2058 -41.38 8.46 -6.15
N SER A 2059 -41.76 8.29 -4.89
CA SER A 2059 -43.13 8.55 -4.43
C SER A 2059 -44.14 7.73 -5.22
N ASN A 2060 -43.67 6.65 -5.85
CA ASN A 2060 -44.41 6.07 -6.96
C ASN A 2060 -43.87 4.71 -7.36
N GLY A 2061 -42.63 4.72 -7.90
CA GLY A 2061 -41.93 3.47 -8.21
C GLY A 2061 -42.30 2.41 -7.19
N ILE A 2062 -42.12 2.75 -5.92
CA ILE A 2062 -42.52 1.90 -4.80
C ILE A 2062 -43.91 1.33 -5.03
N ASP A 2063 -44.91 2.20 -4.95
CA ASP A 2063 -46.29 1.75 -5.01
C ASP A 2063 -46.50 0.84 -6.22
N ILE A 2064 -45.94 1.23 -7.37
CA ILE A 2064 -46.07 0.45 -8.60
C ILE A 2064 -45.57 -0.98 -8.38
N ILE A 2065 -44.37 -1.09 -7.82
CA ILE A 2065 -43.85 -2.39 -7.39
C ILE A 2065 -44.91 -3.19 -6.66
N THR A 2066 -45.64 -2.53 -5.76
CA THR A 2066 -46.69 -3.27 -5.05
C THR A 2066 -47.81 -3.75 -5.98
N ALA A 2067 -48.37 -2.85 -6.79
CA ALA A 2067 -49.58 -3.21 -7.54
C ALA A 2067 -49.33 -4.25 -8.63
N LEU A 2068 -48.12 -4.32 -9.20
CA LEU A 2068 -47.91 -5.35 -10.22
C LEU A 2068 -48.20 -6.75 -9.67
N ILE A 2069 -47.57 -7.11 -8.54
CA ILE A 2069 -47.66 -8.46 -7.97
C ILE A 2069 -49.07 -8.84 -7.57
N LEU A 2070 -49.96 -7.86 -7.36
CA LEU A 2070 -51.37 -8.08 -7.10
C LEU A 2070 -52.19 -8.21 -8.38
N ASN A 2071 -51.57 -8.68 -9.46
CA ASN A 2071 -52.15 -9.01 -10.75
C ASN A 2071 -50.93 -9.21 -11.66
N ASP A 2072 -50.14 -10.21 -11.28
CA ASP A 2072 -48.70 -10.15 -11.50
C ASP A 2072 -48.39 -10.29 -12.97
N ILE A 2073 -49.27 -10.99 -13.68
CA ILE A 2073 -49.30 -10.95 -15.12
C ILE A 2073 -50.69 -11.39 -15.51
N ASN A 2074 -51.19 -10.85 -16.60
CA ASN A 2074 -52.49 -11.36 -16.97
C ASN A 2074 -52.26 -12.32 -18.10
N PRO A 2075 -51.15 -12.02 -18.91
CA PRO A 2075 -50.77 -12.94 -19.97
C PRO A 2075 -49.99 -14.08 -19.39
N LEU A 2076 -50.61 -15.29 -19.38
CA LEU A 2076 -50.01 -16.50 -18.86
C LEU A 2076 -49.22 -17.24 -19.94
N GLY A 2077 -48.15 -17.91 -19.53
CA GLY A 2077 -47.33 -18.68 -20.44
C GLY A 2077 -45.88 -18.64 -19.99
N LYS A 2078 -44.99 -18.92 -20.93
CA LYS A 2078 -43.55 -18.80 -20.65
C LYS A 2078 -43.22 -17.37 -20.23
N LYS A 2079 -43.86 -16.38 -20.86
CA LYS A 2079 -43.62 -14.99 -20.50
C LYS A 2079 -44.23 -14.66 -19.13
N ARG A 2080 -45.40 -15.23 -18.84
CA ARG A 2080 -45.95 -15.10 -17.48
C ARG A 2080 -45.07 -15.78 -16.46
N MET A 2081 -44.59 -16.98 -16.76
CA MET A 2081 -43.82 -17.73 -15.77
C MET A 2081 -42.63 -16.91 -15.29
N ASP A 2082 -41.88 -16.36 -16.25
CA ASP A 2082 -40.81 -15.45 -15.90
C ASP A 2082 -41.34 -14.21 -15.17
N LEU A 2083 -42.53 -13.74 -15.56
CA LEU A 2083 -43.12 -12.61 -14.85
C LEU A 2083 -43.45 -13.00 -13.40
N VAL A 2084 -43.64 -14.29 -13.13
CA VAL A 2084 -43.91 -14.75 -11.78
C VAL A 2084 -42.62 -14.81 -10.98
N LEU A 2085 -41.55 -15.34 -11.58
CA LEU A 2085 -40.29 -15.51 -10.85
C LEU A 2085 -39.62 -14.18 -10.57
N GLU A 2086 -39.45 -13.35 -11.60
CA GLU A 2086 -38.91 -12.00 -11.40
C GLU A 2086 -39.88 -11.15 -10.60
N LEU A 2087 -41.15 -11.09 -11.04
CA LEU A 2087 -42.17 -10.30 -10.34
C LEU A 2087 -42.16 -10.54 -8.85
N LYS A 2088 -41.57 -11.65 -8.43
CA LYS A 2088 -41.58 -12.08 -7.06
C LYS A 2088 -40.20 -12.19 -6.43
N ASN A 2089 -39.25 -12.88 -7.06
CA ASN A 2089 -37.94 -13.07 -6.43
C ASN A 2089 -37.19 -11.75 -6.36
N ASN A 2090 -37.22 -10.97 -7.44
CA ASN A 2090 -36.70 -9.60 -7.37
C ASN A 2090 -37.48 -8.79 -6.35
N ALA A 2091 -38.81 -8.95 -6.34
CA ALA A 2091 -39.62 -8.30 -5.32
C ALA A 2091 -39.39 -8.90 -3.95
N SER A 2092 -39.14 -10.20 -3.88
CA SER A 2092 -38.78 -10.83 -2.63
C SER A 2092 -37.58 -10.13 -2.04
N LYS A 2093 -36.45 -10.30 -2.72
CA LYS A 2093 -35.19 -9.74 -2.27
C LYS A 2093 -35.30 -8.26 -1.97
N LEU A 2094 -35.84 -7.49 -2.93
CA LEU A 2094 -35.86 -6.03 -2.81
C LEU A 2094 -36.76 -5.57 -1.66
N LEU A 2095 -38.02 -6.00 -1.68
CA LEU A 2095 -38.95 -5.66 -0.60
C LEU A 2095 -38.33 -5.98 0.76
N LEU A 2096 -37.78 -7.20 0.89
CA LEU A 2096 -37.12 -7.59 2.13
C LEU A 2096 -36.04 -6.58 2.51
N ALA A 2097 -35.18 -6.24 1.56
CA ALA A 2097 -34.07 -5.33 1.83
C ALA A 2097 -34.55 -3.97 2.34
N ILE A 2098 -35.59 -3.41 1.72
CA ILE A 2098 -36.11 -2.12 2.18
C ILE A 2098 -36.75 -2.24 3.55
N MET A 2099 -37.38 -3.38 3.85
CA MET A 2099 -38.15 -3.54 5.06
C MET A 2099 -37.37 -4.19 6.21
N GLU A 2100 -36.07 -4.41 6.07
CA GLU A 2100 -35.27 -5.01 7.14
C GLU A 2100 -34.77 -3.93 8.11
N SER A 2101 -35.71 -3.30 8.81
CA SER A 2101 -35.41 -2.19 9.72
C SER A 2101 -36.64 -1.87 10.56
N ARG A 2102 -36.46 -0.94 11.52
CA ARG A 2102 -37.53 -0.54 12.44
C ARG A 2102 -37.51 0.98 12.63
N HIS A 2103 -38.63 1.63 12.30
CA HIS A 2103 -38.84 3.06 12.54
C HIS A 2103 -40.32 3.32 12.70
N ASP A 2104 -41.01 3.48 11.56
CA ASP A 2104 -42.45 3.49 11.37
C ASP A 2104 -42.75 4.15 10.02
N SER A 2105 -41.92 5.13 9.65
CA SER A 2105 -42.19 5.97 8.50
C SER A 2105 -41.94 5.27 7.16
N GLU A 2106 -41.04 4.30 7.10
CA GLU A 2106 -40.69 3.67 5.83
C GLU A 2106 -41.68 2.58 5.40
N ASN A 2107 -42.45 1.99 6.33
CA ASN A 2107 -43.35 0.88 5.99
C ASN A 2107 -44.68 1.36 5.40
N ALA A 2108 -45.12 2.56 5.77
CA ALA A 2108 -46.47 3.01 5.45
C ALA A 2108 -46.65 3.26 3.95
N GLU A 2109 -45.71 4.01 3.34
CA GLU A 2109 -45.82 4.36 1.92
C GLU A 2109 -46.05 3.14 1.04
N ARG A 2110 -45.56 1.98 1.46
CA ARG A 2110 -45.74 0.73 0.73
C ARG A 2110 -46.99 -0.03 1.14
N ILE A 2111 -47.27 -0.17 2.44
CA ILE A 2111 -48.47 -0.92 2.84
C ILE A 2111 -49.73 -0.29 2.26
N LEU A 2112 -49.83 1.04 2.33
CA LEU A 2112 -51.01 1.71 1.80
C LEU A 2112 -51.22 1.44 0.32
N TYR A 2113 -50.18 0.98 -0.39
CA TYR A 2113 -50.32 0.71 -1.82
C TYR A 2113 -51.22 -0.48 -2.11
N ASN A 2114 -51.20 -1.48 -1.24
CA ASN A 2114 -51.94 -2.71 -1.49
C ASN A 2114 -53.19 -2.77 -0.63
N MET A 2115 -54.27 -3.27 -1.23
CA MET A 2115 -55.36 -3.81 -0.44
C MET A 2115 -54.79 -4.96 0.34
N ARG A 2116 -53.71 -4.73 1.07
CA ARG A 2116 -52.65 -5.70 1.34
C ARG A 2116 -53.20 -7.00 1.89
N PRO A 2117 -53.70 -6.99 3.13
CA PRO A 2117 -54.29 -8.22 3.69
C PRO A 2117 -55.14 -8.97 2.67
N LYS A 2118 -55.94 -8.25 1.87
CA LYS A 2118 -56.72 -8.89 0.82
C LYS A 2118 -55.99 -8.96 -0.50
N GLU A 2119 -55.15 -7.99 -0.82
CA GLU A 2119 -54.33 -8.15 -2.02
C GLU A 2119 -53.18 -9.12 -1.78
N LEU A 2120 -52.55 -9.06 -0.61
CA LEU A 2120 -51.49 -10.01 -0.26
C LEU A 2120 -52.03 -11.37 0.15
N VAL A 2121 -53.27 -11.43 0.64
CA VAL A 2121 -53.81 -12.72 1.04
C VAL A 2121 -54.61 -13.38 -0.07
N GLU A 2122 -55.24 -12.59 -0.94
CA GLU A 2122 -55.84 -13.13 -2.15
C GLU A 2122 -54.82 -13.31 -3.28
N VAL A 2123 -53.71 -12.58 -3.21
CA VAL A 2123 -52.61 -12.84 -4.11
C VAL A 2123 -51.75 -13.95 -3.54
N ILE A 2124 -51.75 -14.14 -2.21
CA ILE A 2124 -51.08 -15.31 -1.63
C ILE A 2124 -51.97 -16.54 -1.67
N LYS A 2125 -53.27 -16.37 -1.83
CA LYS A 2125 -54.14 -17.52 -2.06
C LYS A 2125 -54.37 -17.80 -3.53
N LYS A 2126 -54.21 -16.81 -4.39
CA LYS A 2126 -54.36 -16.94 -5.85
C LYS A 2126 -53.04 -17.26 -6.52
N ALA A 2127 -51.96 -16.85 -5.87
CA ALA A 2127 -50.61 -17.21 -6.28
C ALA A 2127 -50.10 -18.43 -5.52
N TYR A 2128 -50.33 -18.48 -4.21
CA TYR A 2128 -50.09 -19.73 -3.48
C TYR A 2128 -51.02 -20.82 -3.99
N MET A 2129 -52.28 -20.48 -4.27
CA MET A 2129 -53.21 -21.48 -4.78
C MET A 2129 -52.90 -21.83 -6.23
N GLN A 2130 -52.82 -20.81 -7.12
CA GLN A 2130 -52.44 -21.10 -8.51
C GLN A 2130 -51.17 -21.94 -8.54
N GLY A 2131 -50.24 -21.65 -7.64
CA GLY A 2131 -48.95 -22.30 -7.51
C GLY A 2131 -48.89 -23.63 -6.76
N GLU A 2132 -49.51 -23.76 -5.58
CA GLU A 2132 -49.41 -25.01 -4.84
C GLU A 2132 -50.04 -26.18 -5.58
N VAL A 2133 -51.05 -25.90 -6.42
CA VAL A 2133 -51.94 -26.96 -6.90
C VAL A 2133 -51.24 -27.90 -7.88
N GLU A 2134 -50.28 -27.39 -8.66
CA GLU A 2134 -49.73 -28.18 -9.77
C GLU A 2134 -48.77 -29.26 -9.26
N PHE A 2135 -47.69 -28.83 -8.61
CA PHE A 2135 -46.71 -29.73 -8.01
C PHE A 2135 -46.07 -30.67 -9.04
N GLU A 2136 -46.02 -30.24 -10.29
CA GLU A 2136 -45.27 -30.93 -11.34
C GLU A 2136 -43.92 -30.28 -11.57
N ASP A 2137 -43.54 -29.34 -10.73
CA ASP A 2137 -42.31 -28.59 -10.89
C ASP A 2137 -41.10 -29.50 -10.70
N GLY A 2138 -39.95 -29.03 -11.18
CA GLY A 2138 -38.70 -29.74 -10.98
C GLY A 2138 -38.26 -29.60 -9.54
N GLU A 2139 -37.79 -30.71 -8.95
CA GLU A 2139 -37.39 -30.73 -7.55
C GLU A 2139 -35.92 -30.35 -7.38
N ASN A 2140 -35.58 -29.93 -6.16
CA ASN A 2140 -34.25 -29.41 -5.82
C ASN A 2140 -33.80 -28.35 -6.83
N GLY A 2141 -34.71 -27.43 -7.12
CA GLY A 2141 -34.45 -26.38 -8.08
C GLY A 2141 -33.62 -25.25 -7.51
N GLU A 2142 -32.35 -25.51 -7.23
CA GLU A 2142 -31.39 -24.42 -7.04
C GLU A 2142 -31.23 -23.82 -8.42
N ASP A 2143 -31.86 -22.67 -8.56
CA ASP A 2143 -32.60 -22.23 -9.73
C ASP A 2143 -33.83 -21.64 -9.04
N GLY A 2144 -35.02 -21.79 -9.61
CA GLY A 2144 -36.20 -21.14 -9.09
C GLY A 2144 -37.06 -22.01 -8.19
N ALA A 2145 -37.74 -21.36 -7.25
CA ALA A 2145 -38.87 -21.94 -6.55
C ALA A 2145 -40.13 -21.11 -6.72
N ALA A 2146 -40.08 -20.06 -7.55
CA ALA A 2146 -41.15 -19.11 -7.85
C ALA A 2146 -42.23 -19.04 -6.77
N SER A 2147 -43.48 -19.33 -7.14
CA SER A 2147 -44.70 -19.15 -6.35
C SER A 2147 -44.61 -19.67 -4.92
N PRO A 2148 -43.58 -20.49 -4.56
CA PRO A 2148 -43.54 -21.05 -3.20
C PRO A 2148 -42.43 -20.49 -2.29
N ARG A 2149 -41.29 -20.09 -2.87
CA ARG A 2149 -40.34 -19.28 -2.12
C ARG A 2149 -40.60 -17.80 -2.36
N ASN A 2150 -41.33 -17.51 -3.44
CA ASN A 2150 -41.93 -16.20 -3.64
C ASN A 2150 -43.15 -16.04 -2.76
N VAL A 2151 -44.16 -16.90 -2.95
CA VAL A 2151 -45.33 -16.83 -2.06
C VAL A 2151 -44.86 -17.01 -0.63
N GLY A 2152 -43.95 -17.93 -0.43
CA GLY A 2152 -43.24 -18.00 0.83
C GLY A 2152 -42.58 -16.68 1.16
N HIS A 2153 -42.20 -15.91 0.16
CA HIS A 2153 -41.61 -14.61 0.45
C HIS A 2153 -42.69 -13.58 0.80
N ASN A 2154 -43.95 -13.85 0.45
CA ASN A 2154 -45.05 -12.99 0.88
C ASN A 2154 -45.42 -13.34 2.32
N ILE A 2155 -45.39 -14.63 2.63
CA ILE A 2155 -45.55 -15.07 4.02
C ILE A 2155 -44.42 -14.51 4.86
N TYR A 2156 -43.24 -14.39 4.26
CA TYR A 2156 -42.13 -13.75 4.93
C TYR A 2156 -42.38 -12.26 5.12
N ILE A 2157 -42.91 -11.59 4.08
CA ILE A 2157 -43.12 -10.14 4.13
C ILE A 2157 -44.11 -9.80 5.23
N LEU A 2158 -45.33 -10.30 5.06
CA LEU A 2158 -46.31 -10.29 6.13
C LEU A 2158 -45.67 -10.56 7.48
N ALA A 2159 -44.84 -11.60 7.57
CA ALA A 2159 -44.20 -11.96 8.82
C ALA A 2159 -43.38 -10.82 9.38
N HIS A 2160 -42.54 -10.22 8.55
CA HIS A 2160 -41.58 -9.21 9.01
C HIS A 2160 -42.29 -7.93 9.44
N GLN A 2161 -43.41 -7.61 8.81
CA GLN A 2161 -44.06 -6.37 9.22
C GLN A 2161 -44.51 -6.37 10.68
N LEU A 2162 -44.42 -7.50 11.40
CA LEU A 2162 -44.97 -7.65 12.75
C LEU A 2162 -44.03 -7.13 13.85
N ALA A 2163 -43.02 -6.36 13.50
CA ALA A 2163 -42.23 -5.71 14.54
C ALA A 2163 -43.06 -4.69 15.31
N ARG A 2164 -43.77 -3.81 14.61
CA ARG A 2164 -44.54 -2.75 15.26
C ARG A 2164 -45.80 -2.45 14.44
N HIS A 2165 -46.64 -1.56 15.00
CA HIS A 2165 -47.90 -1.07 14.45
C HIS A 2165 -49.08 -2.01 14.77
N ASN A 2166 -50.24 -1.76 14.14
CA ASN A 2166 -51.44 -2.52 14.44
C ASN A 2166 -52.16 -3.05 13.20
N LYS A 2167 -52.17 -2.29 12.09
CA LYS A 2167 -52.73 -2.78 10.84
C LYS A 2167 -52.02 -4.04 10.36
N GLU A 2168 -50.79 -4.26 10.85
CA GLU A 2168 -50.07 -5.46 10.49
C GLU A 2168 -50.42 -6.64 11.43
N LEU A 2169 -50.75 -6.36 12.69
CA LEU A 2169 -51.46 -7.35 13.49
C LEU A 2169 -52.78 -7.71 12.82
N GLN A 2170 -53.33 -6.74 12.08
CA GLN A 2170 -54.60 -6.94 11.39
C GLN A 2170 -54.43 -7.89 10.22
N THR A 2171 -53.45 -7.65 9.36
CA THR A 2171 -53.18 -8.71 8.38
C THR A 2171 -52.67 -9.95 9.06
N MET A 2172 -52.32 -9.86 10.33
CA MET A 2172 -51.42 -10.82 10.92
C MET A 2172 -52.12 -11.91 11.69
N LEU A 2173 -53.39 -11.71 12.06
CA LEU A 2173 -53.99 -12.77 12.84
C LEU A 2173 -54.50 -13.91 11.96
N LYS A 2174 -54.50 -13.75 10.63
CA LYS A 2174 -54.98 -14.87 9.80
C LYS A 2174 -53.86 -15.88 9.59
N PRO A 2175 -52.62 -15.49 9.42
CA PRO A 2175 -51.54 -16.38 9.84
C PRO A 2175 -51.56 -16.60 11.34
N GLY A 2176 -51.84 -15.53 12.12
CA GLY A 2176 -51.78 -15.58 13.57
C GLY A 2176 -52.81 -16.51 14.20
N GLY A 2177 -53.81 -16.96 13.42
CA GLY A 2177 -54.76 -17.93 13.92
C GLY A 2177 -55.50 -18.64 12.82
N GLN A 2178 -56.41 -19.55 13.24
CA GLN A 2178 -57.58 -20.01 12.49
C GLN A 2178 -57.54 -21.48 12.10
N VAL A 2179 -58.71 -22.02 11.81
CA VAL A 2179 -58.92 -23.37 11.32
C VAL A 2179 -59.50 -23.39 9.93
N ASP A 2180 -59.78 -22.23 9.35
CA ASP A 2180 -60.27 -22.17 8.00
C ASP A 2180 -59.22 -22.74 7.08
N GLY A 2181 -59.68 -23.22 5.92
CA GLY A 2181 -58.78 -23.92 5.02
C GLY A 2181 -57.65 -23.03 4.51
N ASP A 2182 -57.95 -21.79 4.16
CA ASP A 2182 -56.94 -20.89 3.62
C ASP A 2182 -56.08 -20.26 4.69
N GLU A 2183 -56.50 -20.31 5.94
CA GLU A 2183 -55.61 -19.93 7.02
C GLU A 2183 -54.89 -21.14 7.62
N ALA A 2184 -55.10 -22.33 7.07
CA ALA A 2184 -54.44 -23.56 7.48
C ALA A 2184 -53.64 -24.22 6.36
N LEU A 2185 -53.93 -23.83 5.13
CA LEU A 2185 -52.89 -23.64 4.14
C LEU A 2185 -51.99 -22.50 4.56
N GLU A 2186 -52.59 -21.36 4.95
CA GLU A 2186 -51.80 -20.30 5.57
C GLU A 2186 -51.21 -20.76 6.91
N PHE A 2187 -51.65 -21.90 7.44
CA PHE A 2187 -50.90 -22.58 8.50
C PHE A 2187 -49.95 -23.64 7.98
N TYR A 2188 -50.21 -24.14 6.76
CA TYR A 2188 -49.24 -25.01 6.12
C TYR A 2188 -47.97 -24.22 5.81
N ALA A 2189 -48.06 -22.91 5.92
CA ALA A 2189 -46.89 -22.07 5.77
C ALA A 2189 -46.31 -21.85 7.16
N LYS A 2190 -46.95 -21.07 8.03
CA LYS A 2190 -46.40 -20.75 9.35
C LYS A 2190 -45.66 -21.93 9.97
N HIS A 2191 -46.10 -23.16 9.67
CA HIS A 2191 -45.34 -24.37 9.98
C HIS A 2191 -44.42 -24.78 8.83
N THR A 2192 -44.80 -24.52 7.57
CA THR A 2192 -44.00 -24.84 6.40
C THR A 2192 -43.40 -23.64 5.67
N ALA A 2193 -43.79 -22.43 6.05
CA ALA A 2193 -42.90 -21.29 6.04
C ALA A 2193 -42.28 -21.21 7.42
N GLN A 2194 -41.16 -20.52 7.51
CA GLN A 2194 -40.43 -20.49 8.77
C GLN A 2194 -41.23 -19.77 9.86
N ILE A 2195 -41.74 -18.56 9.55
CA ILE A 2195 -42.44 -17.70 10.49
C ILE A 2195 -41.67 -17.60 11.81
N GLU A 2196 -40.46 -17.02 11.76
CA GLU A 2196 -39.55 -16.79 12.89
C GLU A 2196 -38.28 -16.06 12.43
N ILE A 2197 -37.50 -15.53 13.39
CA ILE A 2197 -36.35 -14.67 13.13
C ILE A 2197 -35.17 -15.01 14.06
N VAL A 2198 -33.95 -14.73 13.57
CA VAL A 2198 -32.70 -15.25 14.15
C VAL A 2198 -32.11 -14.28 15.19
N ARG A 2199 -31.16 -14.80 15.97
CA ARG A 2199 -30.54 -14.04 17.08
C ARG A 2199 -29.38 -13.20 16.56
N LEU A 2200 -29.32 -11.94 16.99
CA LEU A 2200 -28.40 -10.97 16.42
C LEU A 2200 -27.49 -10.42 17.51
N ASP A 2201 -26.18 -10.58 17.31
CA ASP A 2201 -25.22 -9.87 18.16
C ASP A 2201 -25.22 -8.37 17.84
N ARG A 2202 -25.58 -8.00 16.59
CA ARG A 2202 -25.74 -6.63 16.08
C ARG A 2202 -24.44 -6.04 15.54
N THR A 2203 -24.44 -5.67 14.26
CA THR A 2203 -23.26 -5.20 13.54
C THR A 2203 -23.08 -3.68 13.64
N MET A 2204 -21.90 -3.23 13.21
CA MET A 2204 -21.49 -1.83 13.20
C MET A 2204 -21.21 -1.29 14.60
N GLU A 2205 -22.23 -1.13 15.44
CA GLU A 2205 -22.05 -0.53 16.77
C GLU A 2205 -23.14 -0.99 17.74
N GLN A 2206 -23.33 -2.31 17.85
CA GLN A 2206 -24.31 -2.92 18.74
C GLN A 2206 -25.66 -2.27 18.60
N ILE A 2207 -26.34 -2.54 17.50
CA ILE A 2207 -27.43 -1.68 17.08
C ILE A 2207 -28.72 -2.47 16.83
N VAL A 2208 -28.89 -2.99 15.58
CA VAL A 2208 -30.22 -3.39 15.14
C VAL A 2208 -30.57 -4.79 15.64
N PHE A 2209 -31.88 -5.11 15.56
CA PHE A 2209 -32.44 -6.25 16.29
C PHE A 2209 -32.57 -7.54 15.48
N PRO A 2210 -33.41 -7.61 14.39
CA PRO A 2210 -33.58 -8.91 13.70
C PRO A 2210 -34.32 -8.93 12.37
N VAL A 2211 -34.22 -10.07 11.66
CA VAL A 2211 -34.90 -10.33 10.39
C VAL A 2211 -34.96 -11.83 10.08
N PRO A 2212 -35.93 -12.30 9.29
CA PRO A 2212 -36.14 -13.74 9.17
C PRO A 2212 -35.20 -14.42 8.18
N SER A 2213 -34.86 -15.67 8.49
CA SER A 2213 -34.00 -16.49 7.65
C SER A 2213 -34.75 -17.75 7.23
N ILE A 2214 -34.80 -18.01 5.92
CA ILE A 2214 -35.58 -19.13 5.38
C ILE A 2214 -35.06 -20.46 5.93
N CYS A 2215 -35.97 -21.32 6.39
CA CYS A 2215 -35.70 -22.67 6.92
C CYS A 2215 -37.01 -23.44 7.13
N GLU A 2216 -37.73 -23.79 6.04
CA GLU A 2216 -39.17 -24.00 6.15
C GLU A 2216 -39.66 -25.33 5.62
N PHE A 2217 -39.27 -26.41 6.25
CA PHE A 2217 -39.72 -27.73 5.83
C PHE A 2217 -41.17 -27.99 6.23
N SER B 7 30.88 33.12 20.79
CA SER B 7 31.73 31.92 20.59
C SER B 7 30.99 30.64 19.98
N PHE B 8 31.30 30.12 18.79
CA PHE B 8 30.29 29.45 17.95
C PHE B 8 29.64 28.08 18.34
N LEU B 9 28.27 28.00 17.98
CA LEU B 9 27.44 26.77 18.08
C LEU B 9 26.67 26.46 16.83
N HIS B 10 26.11 25.28 16.89
CA HIS B 10 25.32 24.51 15.95
C HIS B 10 23.90 24.30 16.52
N ILE B 11 22.94 24.08 15.65
CA ILE B 11 21.84 23.29 16.15
C ILE B 11 22.43 21.95 16.47
N GLY B 12 21.73 21.20 17.24
CA GLY B 12 22.34 20.08 17.85
C GLY B 12 23.68 20.37 18.46
N ASP B 13 24.12 21.63 18.45
CA ASP B 13 25.27 21.91 19.30
C ASP B 13 24.90 21.58 20.73
N ILE B 14 25.72 20.76 21.35
CA ILE B 14 25.49 20.27 22.70
C ILE B 14 26.23 21.21 23.65
N CYS B 15 25.49 21.72 24.65
CA CYS B 15 25.92 22.93 25.31
C CYS B 15 25.97 22.75 26.83
N SER B 16 26.59 23.76 27.50
CA SER B 16 26.52 23.96 28.95
C SER B 16 26.35 25.45 29.22
N LEU B 17 25.48 25.78 30.16
CA LEU B 17 25.18 27.17 30.42
C LEU B 17 26.36 27.79 31.13
N TYR B 18 26.49 29.11 31.00
CA TYR B 18 27.57 29.86 31.65
C TYR B 18 27.12 31.30 31.93
N ALA B 19 26.09 31.44 32.76
CA ALA B 19 25.55 32.76 33.07
C ALA B 19 26.54 33.58 33.90
N GLU B 20 26.58 34.88 33.64
CA GLU B 20 27.41 35.81 34.40
C GLU B 20 26.50 36.91 34.90
N GLY B 21 26.84 37.48 36.04
CA GLY B 21 25.93 38.37 36.74
C GLY B 21 26.23 38.32 38.23
N SER B 22 25.19 38.61 39.04
CA SER B 22 25.36 38.65 40.51
C SER B 22 25.58 37.25 41.08
N THR B 23 24.69 36.31 40.80
CA THR B 23 24.93 34.91 41.10
C THR B 23 25.89 34.33 40.03
N ASN B 24 26.35 33.07 40.24
CA ASN B 24 27.42 32.60 39.36
C ASN B 24 27.62 31.07 39.49
N GLY B 25 26.97 30.32 38.60
CA GLY B 25 27.06 28.83 38.49
C GLY B 25 26.81 28.21 37.11
N PHE B 26 25.94 27.20 37.06
CA PHE B 26 25.61 26.51 35.79
C PHE B 26 24.32 25.68 35.91
N ILE B 27 23.67 25.42 34.74
CA ILE B 27 22.39 24.72 34.64
C ILE B 27 22.47 23.36 35.32
N SER B 28 21.35 22.78 35.74
CA SER B 28 21.43 21.53 36.52
C SER B 28 20.08 20.84 36.76
N THR B 29 20.13 19.47 36.79
CA THR B 29 18.98 18.61 37.03
C THR B 29 19.10 17.88 38.38
N LEU B 30 18.30 18.32 39.35
CA LEU B 30 18.43 17.96 40.77
C LEU B 30 18.15 16.48 41.01
N GLY B 31 17.01 16.00 40.55
CA GLY B 31 16.75 14.58 40.47
C GLY B 31 15.89 14.39 39.26
N LEU B 32 15.91 13.19 38.69
CA LEU B 32 15.01 12.97 37.57
C LEU B 32 13.57 13.15 38.05
N VAL B 33 13.29 12.74 39.29
CA VAL B 33 11.94 12.86 39.82
C VAL B 33 11.57 14.31 40.06
N ASP B 34 12.49 15.11 40.56
CA ASP B 34 12.23 16.53 40.75
C ASP B 34 12.15 17.21 39.39
N ASP B 35 10.91 17.36 38.87
CA ASP B 35 10.69 18.23 37.72
C ASP B 35 11.32 19.60 37.96
N ARG B 36 11.33 20.07 39.20
CA ARG B 36 11.96 21.34 39.52
C ARG B 36 13.44 21.30 39.17
N CYS B 37 14.08 22.46 39.26
CA CYS B 37 15.42 22.61 38.72
C CYS B 37 16.07 23.85 39.32
N VAL B 38 17.41 23.88 39.29
CA VAL B 38 18.18 24.91 39.98
C VAL B 38 19.68 24.78 39.68
N VAL B 39 20.50 25.38 40.53
CA VAL B 39 21.92 25.53 40.25
C VAL B 39 22.62 26.06 41.48
N GLN B 40 23.93 25.78 41.58
CA GLN B 40 24.70 26.16 42.78
C GLN B 40 26.00 26.87 42.37
N PRO B 41 26.20 28.13 42.83
CA PRO B 41 27.42 28.89 42.49
C PRO B 41 28.74 28.24 42.93
N GLU B 42 28.99 28.27 44.24
CA GLU B 42 30.32 28.00 44.80
C GLU B 42 30.77 26.58 44.52
N ALA B 43 29.84 25.63 44.53
CA ALA B 43 30.17 24.28 44.09
C ALA B 43 30.83 24.29 42.70
N GLY B 44 30.12 24.76 41.67
CA GLY B 44 30.63 24.69 40.31
C GLY B 44 31.59 25.80 40.01
N ASP B 45 32.54 25.53 39.11
CA ASP B 45 33.44 26.55 38.57
C ASP B 45 33.59 26.30 37.07
N LEU B 46 33.51 27.34 36.24
CA LEU B 46 33.59 27.11 34.80
C LEU B 46 34.95 26.53 34.48
N ASN B 47 36.00 27.21 34.94
CA ASN B 47 37.33 26.63 34.90
C ASN B 47 37.30 25.24 35.53
N ASN B 48 36.76 25.12 36.75
CA ASN B 48 36.76 23.90 37.54
C ASN B 48 35.34 23.37 37.63
N PRO B 49 34.86 22.72 36.58
CA PRO B 49 33.39 22.46 36.39
C PRO B 49 32.74 21.73 37.55
N PRO B 50 31.44 21.83 37.70
CA PRO B 50 30.74 20.91 38.59
C PRO B 50 31.14 19.50 38.28
N LYS B 51 31.35 18.71 39.32
CA LYS B 51 31.76 17.35 39.08
C LYS B 51 30.70 16.58 38.28
N LYS B 52 29.50 16.45 38.85
CA LYS B 52 28.41 15.71 38.23
C LYS B 52 27.78 16.45 37.06
N PHE B 53 28.61 17.02 36.17
CA PHE B 53 28.20 17.89 35.07
C PHE B 53 27.04 17.37 34.25
N ARG B 54 26.77 16.06 34.30
CA ARG B 54 25.79 15.43 33.43
C ARG B 54 24.43 16.12 33.49
N ASP B 55 23.83 16.18 34.69
CA ASP B 55 22.52 16.80 34.86
C ASP B 55 22.47 18.15 34.15
N CYS B 56 23.60 18.83 34.09
CA CYS B 56 23.69 20.20 33.62
C CYS B 56 23.44 20.32 32.13
N LEU B 57 24.15 19.53 31.34
CA LEU B 57 24.32 19.79 29.93
C LEU B 57 23.06 19.37 29.18
N PHE B 58 23.07 19.70 27.89
CA PHE B 58 21.87 19.67 27.05
C PHE B 58 22.28 20.05 25.63
N LYS B 59 21.31 20.06 24.71
CA LYS B 59 21.59 20.27 23.29
C LYS B 59 20.61 21.28 22.70
N LEU B 60 20.99 21.80 21.55
CA LEU B 60 20.10 22.65 20.81
C LEU B 60 19.03 21.81 20.14
N CYS B 61 17.90 22.42 19.83
CA CYS B 61 16.82 21.71 19.16
C CYS B 61 15.84 22.69 18.57
N PRO B 62 14.83 22.21 17.89
CA PRO B 62 14.13 23.10 17.00
C PRO B 62 12.84 23.58 17.60
N MET B 63 12.51 24.85 17.42
CA MET B 63 11.16 25.31 17.66
C MET B 63 10.21 24.19 17.29
N ASN B 64 9.82 23.42 18.30
CA ASN B 64 9.15 22.14 18.13
C ASN B 64 7.66 22.34 18.00
N ARG B 65 7.09 21.73 16.97
CA ARG B 65 5.67 21.91 16.65
C ARG B 65 4.78 20.96 17.44
N TYR B 66 3.53 21.40 17.80
CA TYR B 66 2.77 20.63 18.76
C TYR B 66 1.29 21.02 18.92
N SER B 67 0.61 21.55 17.88
CA SER B 67 -0.68 22.20 18.09
C SER B 67 -1.85 21.22 18.30
N ALA B 68 -1.77 20.00 17.78
CA ALA B 68 -2.90 19.07 17.96
C ALA B 68 -2.96 18.53 19.38
N GLN B 69 -1.79 18.41 20.00
CA GLN B 69 -1.69 17.86 21.33
C GLN B 69 -2.60 18.60 22.31
N LYS B 70 -2.73 19.92 22.12
CA LYS B 70 -3.55 20.71 23.03
C LYS B 70 -5.02 20.37 22.87
N GLN B 71 -5.41 19.88 21.70
CA GLN B 71 -6.74 19.30 21.57
C GLN B 71 -6.83 18.03 22.40
N PHE B 72 -6.06 17.00 22.03
CA PHE B 72 -6.29 15.68 22.61
C PHE B 72 -6.07 15.69 24.13
N TRP B 73 -5.08 16.46 24.60
CA TRP B 73 -4.78 16.60 26.01
C TRP B 73 -5.71 17.60 26.71
N LYS B 74 -6.13 18.67 26.02
CA LYS B 74 -7.08 19.64 26.59
C LYS B 74 -8.24 18.95 27.28
N ALA B 75 -8.54 17.72 26.90
CA ALA B 75 -9.38 16.78 27.59
C ALA B 75 -9.79 17.20 28.98
N ALA B 76 -11.08 17.30 29.24
CA ALA B 76 -11.51 17.67 30.54
C ALA B 76 -12.72 16.86 30.92
N ASP B 85 -15.41 13.05 22.05
CA ASP B 85 -16.01 11.72 22.07
C ASP B 85 -14.94 10.63 21.89
N ALA B 86 -15.37 9.36 22.00
CA ALA B 86 -14.44 8.23 22.00
C ALA B 86 -13.73 8.11 20.66
N VAL B 87 -14.50 8.06 19.57
CA VAL B 87 -13.89 8.10 18.25
C VAL B 87 -12.97 9.31 18.11
N LEU B 88 -13.36 10.42 18.75
CA LEU B 88 -12.68 11.69 18.58
C LEU B 88 -11.39 11.77 19.40
N LEU B 89 -11.17 10.83 20.32
CA LEU B 89 -9.91 10.82 21.04
C LEU B 89 -8.93 9.84 20.42
N ASN B 90 -9.41 8.96 19.55
CA ASN B 90 -8.53 8.18 18.70
C ASN B 90 -8.21 8.97 17.43
N LYS B 91 -9.04 9.95 17.09
CA LYS B 91 -8.68 10.92 16.07
C LYS B 91 -7.85 12.07 16.62
N LEU B 92 -8.16 12.50 17.84
CA LEU B 92 -7.29 13.44 18.55
C LEU B 92 -5.95 12.81 18.88
N HIS B 93 -5.96 11.52 19.24
CA HIS B 93 -4.76 10.77 19.61
C HIS B 93 -3.89 10.43 18.38
N HIS B 94 -4.48 9.62 17.48
CA HIS B 94 -3.85 9.37 16.18
C HIS B 94 -3.34 10.66 15.56
N ALA B 95 -4.09 11.75 15.74
CA ALA B 95 -3.68 13.04 15.18
C ALA B 95 -2.37 13.53 15.82
N ALA B 96 -2.33 13.58 17.15
CA ALA B 96 -1.11 14.06 17.84
C ALA B 96 0.15 13.37 17.30
N ASP B 97 0.06 12.06 17.15
CA ASP B 97 1.18 11.30 16.59
C ASP B 97 1.85 12.03 15.41
N LEU B 98 1.09 12.32 14.35
CA LEU B 98 1.68 12.71 13.08
C LEU B 98 2.41 14.03 13.20
N GLU B 99 1.93 14.91 14.06
CA GLU B 99 2.68 16.12 14.32
C GLU B 99 3.97 15.79 15.04
N LYS B 100 3.92 14.78 15.92
CA LYS B 100 5.15 14.41 16.58
C LYS B 100 6.17 13.93 15.57
N LYS B 101 5.76 13.02 14.69
CA LYS B 101 6.65 12.58 13.64
C LYS B 101 7.16 13.77 12.81
N GLN B 102 6.26 14.68 12.37
CA GLN B 102 6.64 15.78 11.47
C GLN B 102 7.54 16.80 12.15
N ASN B 103 7.54 16.78 13.48
CA ASN B 103 8.40 17.60 14.32
C ASN B 103 9.71 16.88 14.69
N GLU B 104 9.75 15.55 14.53
CA GLU B 104 10.88 14.64 14.74
C GLU B 104 11.62 14.39 13.43
N THR B 105 10.97 14.81 12.34
CA THR B 105 11.50 14.71 10.98
C THR B 105 11.84 16.09 10.44
N GLU B 106 10.86 16.98 10.49
CA GLU B 106 11.13 18.40 10.48
C GLU B 106 12.29 18.72 11.40
N ASN B 107 12.10 18.49 12.71
CA ASN B 107 13.18 18.77 13.66
C ASN B 107 14.40 17.88 13.43
N ARG B 108 14.21 16.58 13.15
CA ARG B 108 15.38 15.77 12.83
C ARG B 108 16.15 16.27 11.62
N LYS B 109 15.53 17.13 10.81
CA LYS B 109 16.12 17.68 9.61
C LYS B 109 17.01 18.87 9.90
N LEU B 110 16.90 19.45 11.08
CA LEU B 110 17.38 20.81 11.39
C LEU B 110 18.67 20.88 12.18
N LEU B 111 19.26 19.75 12.51
CA LEU B 111 20.35 19.71 13.51
C LEU B 111 21.65 20.27 12.92
N GLY B 112 22.66 20.41 13.76
CA GLY B 112 23.83 21.06 13.30
C GLY B 112 23.67 22.54 13.00
N THR B 113 22.56 22.89 12.45
CA THR B 113 22.17 24.24 12.06
C THR B 113 22.38 25.25 13.15
N VAL B 114 23.59 25.82 13.22
CA VAL B 114 23.84 27.01 14.05
C VAL B 114 22.55 27.82 14.13
N ILE B 115 22.30 28.35 15.33
CA ILE B 115 21.03 29.00 15.58
C ILE B 115 21.26 30.49 15.77
N GLN B 116 20.14 31.23 15.73
CA GLN B 116 20.24 32.66 15.61
C GLN B 116 19.65 33.28 16.85
N TYR B 117 20.26 34.37 17.31
CA TYR B 117 19.59 35.06 18.37
C TYR B 117 18.18 35.37 17.88
N GLY B 118 17.31 35.78 18.77
CA GLY B 118 15.89 35.79 18.47
C GLY B 118 15.35 34.50 17.89
N ASN B 119 16.19 33.63 17.29
CA ASN B 119 15.67 32.55 16.45
C ASN B 119 14.96 31.50 17.28
N VAL B 120 13.84 31.07 16.73
CA VAL B 120 13.01 30.07 17.39
C VAL B 120 13.90 28.89 17.68
N ILE B 121 13.76 28.37 18.90
CA ILE B 121 14.64 27.32 19.40
C ILE B 121 13.87 26.49 20.40
N GLN B 122 14.36 25.26 20.63
CA GLN B 122 13.84 24.35 21.66
C GLN B 122 14.96 23.45 22.17
N LEU B 123 15.28 23.56 23.49
CA LEU B 123 16.36 22.79 24.09
C LEU B 123 15.86 22.07 25.32
N LEU B 124 16.60 21.06 25.75
CA LEU B 124 16.03 20.05 26.61
C LEU B 124 17.13 19.29 27.37
N HIS B 125 16.72 18.51 28.42
CA HIS B 125 17.60 18.10 29.54
C HIS B 125 17.91 16.60 29.60
N LEU B 126 18.73 16.17 28.64
CA LEU B 126 19.17 14.78 28.51
C LEU B 126 19.21 14.05 29.84
N LYS B 127 19.68 14.73 30.87
CA LYS B 127 19.79 14.12 32.19
C LYS B 127 18.45 13.94 32.88
N SER B 128 17.89 15.03 33.38
CA SER B 128 16.52 15.01 33.83
C SER B 128 15.67 14.32 32.79
N ASN B 129 16.25 14.28 31.60
CA ASN B 129 15.70 13.69 30.42
C ASN B 129 14.37 14.36 30.14
N LYS B 130 14.42 15.67 29.83
CA LYS B 130 13.26 16.56 30.00
C LYS B 130 13.42 17.87 29.20
N TYR B 131 12.29 18.62 29.07
CA TYR B 131 12.21 19.88 28.32
C TYR B 131 11.37 20.87 29.15
N LEU B 132 12.03 21.65 29.98
CA LEU B 132 11.30 22.58 30.78
C LEU B 132 10.56 23.53 29.90
N THR B 133 9.40 23.91 30.35
CA THR B 133 8.65 24.97 29.74
C THR B 133 8.40 26.06 30.79
N VAL B 134 8.47 27.30 30.33
CA VAL B 134 8.08 28.44 31.16
C VAL B 134 6.59 28.38 31.37
N ASN B 135 6.16 27.64 32.39
CA ASN B 135 4.77 27.77 32.83
C ASN B 135 4.65 29.22 33.28
N LYS B 136 4.51 30.08 32.26
CA LYS B 136 4.17 31.47 32.48
C LYS B 136 2.95 31.52 33.36
N ARG B 137 2.01 30.60 33.14
CA ARG B 137 0.78 30.52 33.91
C ARG B 137 1.01 30.07 35.35
N LEU B 138 1.67 28.97 35.58
CA LEU B 138 1.95 28.54 36.95
C LEU B 138 3.06 29.41 37.53
N PRO B 139 2.83 30.11 38.64
CA PRO B 139 3.88 31.01 39.12
C PRO B 139 4.97 30.28 39.89
N ALA B 140 6.21 30.73 39.70
CA ALA B 140 7.32 30.20 40.48
C ALA B 140 7.18 30.68 41.92
N LEU B 141 7.31 29.74 42.86
CA LEU B 141 6.88 30.01 44.22
C LEU B 141 7.92 30.79 45.02
N LEU B 142 9.21 30.49 44.84
CA LEU B 142 10.25 31.17 45.59
C LEU B 142 10.42 32.61 45.14
N GLU B 143 10.49 32.84 43.83
CA GLU B 143 10.38 34.20 43.34
C GLU B 143 9.01 34.71 43.71
N LYS B 144 8.98 35.86 44.39
CA LYS B 144 7.74 36.41 44.90
C LYS B 144 6.63 36.53 43.85
N ASN B 145 7.02 36.60 42.56
CA ASN B 145 6.04 36.81 41.49
C ASN B 145 6.57 36.33 40.15
N ALA B 146 7.24 35.20 40.10
CA ALA B 146 7.68 34.72 38.80
C ALA B 146 6.88 33.49 38.39
N MET B 147 6.83 33.29 37.07
CA MET B 147 6.20 32.12 36.48
C MET B 147 7.03 30.88 36.76
N ARG B 148 6.35 29.78 37.04
CA ARG B 148 7.02 28.53 37.33
C ARG B 148 7.32 27.82 36.00
N VAL B 149 8.61 27.74 35.68
CA VAL B 149 9.09 26.98 34.55
C VAL B 149 9.69 25.66 35.10
N THR B 150 9.28 24.52 34.52
CA THR B 150 9.62 23.23 35.13
C THR B 150 9.94 22.18 34.05
N LEU B 151 10.73 21.17 34.52
CA LEU B 151 11.06 20.07 33.65
C LEU B 151 9.82 19.37 33.10
N ASP B 152 9.56 19.58 31.81
CA ASP B 152 8.49 18.90 31.10
C ASP B 152 9.14 18.14 29.96
N GLU B 153 9.42 16.84 30.14
CA GLU B 153 10.09 16.06 29.11
C GLU B 153 9.53 16.35 27.71
N ALA B 154 8.23 16.14 27.61
CA ALA B 154 7.51 16.59 26.43
C ALA B 154 7.68 18.10 26.20
N GLY B 155 7.74 18.88 27.29
CA GLY B 155 7.72 20.33 27.15
C GLY B 155 6.35 20.84 26.77
N ASN B 156 6.24 22.17 26.73
CA ASN B 156 5.11 22.77 26.10
C ASN B 156 5.69 23.70 25.06
N GLU B 157 4.93 24.69 24.62
CA GLU B 157 5.50 25.72 23.74
C GLU B 157 6.38 26.67 24.53
N GLY B 158 6.02 26.91 25.80
CA GLY B 158 6.72 27.85 26.67
C GLY B 158 8.22 27.59 26.66
N SER B 159 8.55 26.41 26.19
CA SER B 159 9.96 26.02 26.02
C SER B 159 10.64 26.87 24.93
N TRP B 160 9.94 27.07 23.80
CA TRP B 160 10.47 27.84 22.68
C TRP B 160 10.69 29.29 23.12
N PHE B 161 11.96 29.71 23.12
CA PHE B 161 12.38 30.93 23.79
C PHE B 161 13.12 31.81 22.81
N TYR B 162 12.46 32.92 22.41
CA TYR B 162 13.11 33.99 21.59
C TYR B 162 14.59 34.01 21.93
N ILE B 163 15.44 34.01 20.89
CA ILE B 163 16.83 33.84 21.24
C ILE B 163 17.65 35.11 21.36
N GLN B 164 17.02 36.28 21.66
CA GLN B 164 17.66 37.62 21.68
C GLN B 164 19.00 37.67 22.39
N PRO B 165 19.42 38.77 23.04
CA PRO B 165 20.87 38.86 23.26
C PRO B 165 21.39 39.78 24.36
N PHE B 166 22.59 39.50 24.86
CA PHE B 166 22.88 39.85 26.26
C PHE B 166 24.06 40.82 26.49
N TYR B 167 24.96 41.05 25.54
CA TYR B 167 25.67 42.32 25.54
C TYR B 167 25.10 43.17 24.42
N LYS B 168 25.33 44.48 24.48
CA LYS B 168 24.80 45.36 23.43
C LYS B 168 25.38 44.94 22.08
N LEU B 169 26.62 44.43 22.07
CA LEU B 169 27.20 43.84 20.87
C LEU B 169 26.37 42.68 20.32
N ARG B 170 25.46 42.12 21.13
CA ARG B 170 24.63 41.01 20.69
C ARG B 170 23.22 41.47 20.33
N SER B 171 22.61 40.81 19.34
CA SER B 171 21.21 41.12 19.03
C SER B 171 20.48 39.86 18.54
N ILE B 172 19.17 39.83 18.80
CA ILE B 172 18.31 38.78 18.28
C ILE B 172 18.52 38.65 16.79
N GLY B 173 18.48 37.43 16.29
CA GLY B 173 18.53 37.20 14.86
C GLY B 173 19.94 36.80 14.52
N ASP B 174 20.86 37.48 15.19
CA ASP B 174 22.28 37.30 14.95
C ASP B 174 22.69 35.94 15.43
N SER B 175 23.46 35.26 14.60
CA SER B 175 23.82 33.89 14.92
C SER B 175 24.44 33.79 16.31
N VAL B 176 24.02 32.78 17.04
CA VAL B 176 24.48 32.53 18.42
C VAL B 176 25.60 31.46 18.34
N VAL B 177 26.85 32.02 18.24
CA VAL B 177 27.99 31.47 18.79
C VAL B 177 27.70 30.88 20.17
N ILE B 178 28.36 29.80 20.58
CA ILE B 178 28.04 29.08 21.82
C ILE B 178 29.20 29.38 22.79
N GLY B 179 29.29 30.67 23.34
CA GLY B 179 30.27 30.84 24.43
C GLY B 179 29.80 32.10 25.05
N ASP B 180 28.73 32.60 24.57
CA ASP B 180 28.42 34.01 24.47
C ASP B 180 27.07 34.37 25.09
N LYS B 181 27.01 35.66 25.52
CA LYS B 181 25.90 36.18 26.30
C LYS B 181 24.73 36.52 25.40
N VAL B 182 23.68 35.67 25.45
CA VAL B 182 22.50 35.88 24.64
C VAL B 182 21.30 35.70 25.54
N VAL B 183 20.22 36.30 25.09
CA VAL B 183 19.01 36.46 25.87
C VAL B 183 17.86 35.72 25.20
N LEU B 184 17.84 34.39 25.32
CA LEU B 184 16.81 33.64 24.64
C LEU B 184 15.45 33.86 25.30
N ASN B 185 15.05 35.13 25.50
CA ASN B 185 13.75 35.48 26.00
C ASN B 185 12.65 34.70 25.31
N PRO B 186 12.12 33.65 25.95
CA PRO B 186 10.76 33.23 25.60
C PRO B 186 9.93 34.43 25.21
N VAL B 187 9.40 34.50 24.00
CA VAL B 187 8.57 35.64 23.68
C VAL B 187 7.18 35.44 24.26
N ASN B 188 6.91 34.24 24.80
CA ASN B 188 5.58 33.83 25.30
C ASN B 188 5.44 33.99 26.81
N ALA B 189 6.25 33.26 27.60
CA ALA B 189 6.52 33.80 28.93
C ALA B 189 7.05 35.22 28.82
N GLY B 190 7.51 35.61 27.60
CA GLY B 190 7.74 36.99 27.24
C GLY B 190 9.03 37.40 27.88
N GLN B 191 8.95 37.53 29.18
CA GLN B 191 10.02 37.29 30.13
C GLN B 191 11.13 36.43 29.57
N PRO B 192 12.23 37.04 29.14
CA PRO B 192 13.52 36.37 29.24
C PRO B 192 13.64 35.69 30.59
N LEU B 193 14.08 34.44 30.68
CA LEU B 193 14.15 33.80 32.00
C LEU B 193 15.27 34.46 32.82
N HIS B 194 15.25 34.28 34.17
CA HIS B 194 16.19 35.17 34.88
C HIS B 194 16.73 34.64 36.21
N ALA B 195 17.51 35.49 36.89
CA ALA B 195 18.43 35.06 37.96
C ALA B 195 18.20 35.71 39.33
N SER B 196 18.02 34.87 40.36
CA SER B 196 17.77 35.29 41.75
C SER B 196 18.55 34.39 42.72
N SER B 197 19.03 34.97 43.82
CA SER B 197 19.93 34.32 44.77
C SER B 197 19.22 33.50 45.84
N HIS B 198 17.89 33.57 45.90
CA HIS B 198 17.13 32.82 46.89
C HIS B 198 17.47 31.34 46.80
N GLN B 199 17.96 30.79 47.90
CA GLN B 199 18.49 29.46 47.97
C GLN B 199 17.42 28.49 48.51
N LEU B 200 17.44 27.23 48.07
CA LEU B 200 16.34 26.30 48.35
C LEU B 200 16.45 25.75 49.78
N VAL B 201 15.44 26.02 50.60
CA VAL B 201 15.50 25.58 52.00
C VAL B 201 15.74 24.08 52.03
N ASP B 202 15.11 23.37 51.11
CA ASP B 202 15.40 21.98 50.90
C ASP B 202 16.89 21.74 50.65
N ASN B 203 17.55 22.64 49.94
CA ASN B 203 18.94 22.43 49.48
C ASN B 203 19.70 23.73 49.56
N PRO B 204 20.14 24.12 50.76
CA PRO B 204 20.42 25.54 51.00
C PRO B 204 21.58 26.11 50.19
N GLY B 205 22.54 25.28 49.77
CA GLY B 205 23.51 25.73 48.81
C GLY B 205 22.82 26.39 47.65
N CYS B 206 22.01 25.61 46.95
CA CYS B 206 21.39 25.93 45.68
C CYS B 206 20.21 26.91 45.84
N ASN B 207 19.80 27.51 44.68
CA ASN B 207 18.91 28.67 44.58
C ASN B 207 17.86 28.44 43.49
N GLU B 208 16.67 29.07 43.63
CA GLU B 208 15.47 28.67 42.86
C GLU B 208 15.41 29.33 41.47
N VAL B 209 14.39 28.95 40.64
CA VAL B 209 14.40 29.20 39.20
C VAL B 209 13.02 29.51 38.63
N ASN B 210 13.00 30.33 37.57
CA ASN B 210 11.76 30.96 37.12
C ASN B 210 11.88 31.77 35.83
N SER B 211 10.69 31.96 35.21
CA SER B 211 10.47 32.72 33.99
C SER B 211 10.02 34.14 34.33
N VAL B 212 10.86 35.12 34.04
CA VAL B 212 10.67 36.51 34.43
C VAL B 212 11.83 37.31 33.86
N ASN B 213 11.59 38.49 33.30
CA ASN B 213 12.71 39.25 32.70
C ASN B 213 13.68 39.73 33.79
N CYS B 214 14.98 39.80 33.43
CA CYS B 214 15.96 40.49 34.28
C CYS B 214 17.35 40.69 33.67
N ASN B 215 18.34 40.90 34.54
CA ASN B 215 19.66 41.42 34.20
C ASN B 215 20.70 40.35 33.92
N THR B 216 20.72 39.24 34.69
CA THR B 216 21.72 38.21 34.45
C THR B 216 21.66 37.70 33.02
N SER B 217 22.83 37.71 32.38
CA SER B 217 23.02 37.19 31.04
C SER B 217 23.61 35.81 31.20
N TRP B 218 23.61 35.07 30.08
CA TRP B 218 24.18 33.76 30.06
C TRP B 218 25.09 33.60 28.84
N LYS B 219 26.40 33.40 29.11
CA LYS B 219 27.36 33.05 28.06
C LYS B 219 27.15 31.61 27.73
N ILE B 220 26.88 31.35 26.46
CA ILE B 220 26.64 29.98 26.05
C ILE B 220 27.93 29.25 26.32
N VAL B 221 27.91 27.95 26.14
CA VAL B 221 29.13 27.19 26.16
C VAL B 221 28.73 25.83 25.65
N LEU B 222 29.05 25.57 24.40
CA LEU B 222 28.64 24.31 23.80
C LEU B 222 29.53 23.24 24.38
N PHE B 223 28.91 22.25 25.00
CA PHE B 223 29.51 21.00 25.30
C PHE B 223 30.08 20.41 24.03
N MET B 224 29.49 19.36 23.46
CA MET B 224 29.96 18.79 22.20
C MET B 224 29.35 19.54 21.03
N LYS B 225 29.75 19.15 19.83
CA LYS B 225 29.15 19.69 18.61
C LYS B 225 28.12 18.74 18.01
N TRP B 226 27.39 19.24 17.00
CA TRP B 226 26.25 18.50 16.45
C TRP B 226 26.70 17.37 15.52
N SER B 227 27.56 17.65 14.54
CA SER B 227 28.13 16.59 13.74
C SER B 227 28.91 15.60 14.62
N ASP B 228 29.50 16.13 15.71
CA ASP B 228 30.14 15.32 16.77
C ASP B 228 29.13 14.48 17.56
N ASN B 229 27.84 14.65 17.36
CA ASN B 229 26.85 13.81 17.98
C ASN B 229 26.34 12.81 16.96
N LYS B 230 26.23 11.54 17.39
CA LYS B 230 25.83 10.41 16.55
C LYS B 230 25.85 9.11 17.37
N ASP B 231 25.85 7.94 16.71
CA ASP B 231 25.45 6.68 17.33
C ASP B 231 26.51 5.58 17.36
N ASP B 232 27.42 5.59 16.42
CA ASP B 232 28.12 4.38 16.10
C ASP B 232 29.37 4.21 16.98
N ILE B 233 30.19 5.25 17.07
CA ILE B 233 31.29 5.33 18.03
C ILE B 233 30.74 5.88 19.32
N LEU B 234 31.04 5.24 20.42
CA LEU B 234 30.65 5.84 21.69
C LEU B 234 31.47 7.12 21.89
N LYS B 235 31.02 7.94 22.85
CA LYS B 235 31.73 9.15 23.23
C LYS B 235 32.07 9.08 24.72
N GLY B 236 32.97 9.94 25.15
CA GLY B 236 33.07 10.18 26.56
C GLY B 236 31.71 10.57 27.00
N GLY B 237 31.43 10.38 28.26
CA GLY B 237 30.08 10.57 28.73
C GLY B 237 29.25 9.32 28.56
N ASP B 238 29.24 8.71 27.37
CA ASP B 238 28.38 7.55 27.08
C ASP B 238 28.41 6.53 28.22
N VAL B 239 27.21 6.06 28.64
CA VAL B 239 27.09 5.18 29.84
C VAL B 239 27.58 3.78 29.52
N VAL B 240 28.35 3.17 30.46
CA VAL B 240 29.12 1.98 30.04
C VAL B 240 29.71 1.17 31.19
N ARG B 241 29.96 -0.10 30.88
CA ARG B 241 30.52 -1.12 31.76
C ARG B 241 31.92 -1.46 31.27
N LEU B 242 32.60 -2.26 32.06
CA LEU B 242 33.93 -2.71 31.75
C LEU B 242 33.92 -4.21 32.02
N PHE B 243 34.53 -4.99 31.16
CA PHE B 243 34.57 -6.43 31.38
C PHE B 243 35.77 -7.01 30.64
N HIS B 244 36.41 -8.05 31.26
CA HIS B 244 37.70 -8.56 30.80
C HIS B 244 37.53 -9.83 30.02
N ALA B 245 37.49 -9.68 28.70
CA ALA B 245 37.00 -10.76 27.83
C ALA B 245 37.65 -12.10 28.11
N GLU B 246 38.92 -12.14 28.57
CA GLU B 246 39.56 -13.43 28.84
C GLU B 246 39.18 -13.91 30.24
N GLN B 247 39.19 -13.01 31.20
CA GLN B 247 38.55 -13.34 32.44
C GLN B 247 37.03 -13.35 32.32
N GLU B 248 36.48 -12.59 31.36
CA GLU B 248 35.06 -12.67 30.95
C GLU B 248 34.10 -12.04 31.96
N LYS B 249 34.48 -10.90 32.54
CA LYS B 249 33.74 -10.40 33.71
C LYS B 249 33.68 -8.88 33.80
N PHE B 250 32.48 -8.38 34.06
CA PHE B 250 32.25 -6.96 34.15
C PHE B 250 33.14 -6.26 35.18
N LEU B 251 33.95 -5.31 34.72
CA LEU B 251 34.91 -4.57 35.53
C LEU B 251 34.33 -3.27 36.10
N THR B 252 34.42 -3.15 37.42
CA THR B 252 33.41 -2.48 38.23
C THR B 252 33.97 -1.52 39.30
N CYS B 253 33.16 -0.54 39.70
CA CYS B 253 33.35 -0.13 41.06
C CYS B 253 32.91 -1.30 41.91
N ASP B 254 33.77 -1.73 42.79
CA ASP B 254 33.46 -2.71 43.79
C ASP B 254 34.10 -2.17 45.06
N GLU B 255 33.27 -1.82 46.05
CA GLU B 255 33.72 -1.16 47.26
C GLU B 255 33.53 -2.11 48.43
N HIS B 256 34.52 -2.20 49.31
CA HIS B 256 34.49 -3.17 50.41
C HIS B 256 35.52 -2.88 51.50
N ARG B 257 35.30 -3.53 52.65
CA ARG B 257 36.08 -3.42 53.88
C ARG B 257 36.12 -1.99 54.38
N LYS B 258 34.99 -1.31 54.26
CA LYS B 258 34.90 0.11 54.53
C LYS B 258 35.82 0.92 53.62
N LYS B 259 35.88 0.51 52.33
CA LYS B 259 36.77 1.14 51.35
C LYS B 259 36.13 1.09 49.97
N GLN B 260 36.83 1.64 48.98
CA GLN B 260 36.29 1.76 47.62
C GLN B 260 37.35 1.43 46.59
N HIS B 261 37.03 0.56 45.62
CA HIS B 261 37.90 0.38 44.45
C HIS B 261 37.04 0.00 43.25
N VAL B 262 37.67 -0.31 42.11
CA VAL B 262 36.93 -0.71 40.92
C VAL B 262 37.34 -2.15 40.60
N PHE B 263 36.80 -3.13 41.29
CA PHE B 263 36.91 -4.54 40.95
C PHE B 263 35.79 -5.04 40.06
N LEU B 264 36.11 -5.73 39.03
CA LEU B 264 35.24 -6.68 38.31
C LEU B 264 34.65 -7.71 39.26
N ARG B 265 33.83 -8.66 38.78
CA ARG B 265 33.07 -9.54 39.69
C ARG B 265 33.12 -11.00 39.23
N THR B 266 33.28 -11.92 40.17
CA THR B 266 33.70 -13.28 39.86
C THR B 266 32.54 -14.26 40.04
N THR B 267 32.22 -14.97 38.98
CA THR B 267 30.98 -15.69 38.86
C THR B 267 31.17 -17.18 38.93
N SER B 271 26.29 -15.39 28.04
CA SER B 271 26.33 -14.05 28.62
C SER B 271 27.35 -13.22 27.87
N ALA B 272 27.10 -13.06 26.56
CA ALA B 272 28.02 -12.29 25.74
C ALA B 272 27.83 -10.80 25.95
N THR B 273 26.63 -10.32 25.73
CA THR B 273 26.37 -8.91 25.96
C THR B 273 25.46 -8.77 27.16
N SER B 274 25.87 -9.27 28.33
CA SER B 274 25.02 -9.20 29.51
C SER B 274 25.27 -7.91 30.29
N ALA B 275 24.30 -7.55 31.18
CA ALA B 275 24.30 -6.31 31.96
C ALA B 275 24.87 -6.54 33.35
N THR B 276 25.25 -5.45 34.02
CA THR B 276 26.10 -5.65 35.21
C THR B 276 25.74 -4.63 36.27
N SER B 277 26.48 -4.69 37.39
CA SER B 277 26.36 -3.83 38.54
C SER B 277 26.34 -2.38 38.14
N SER B 278 25.95 -1.55 39.08
CA SER B 278 26.07 -0.13 38.84
C SER B 278 27.49 0.33 39.04
N LYS B 279 27.97 0.25 40.27
CA LYS B 279 29.38 0.36 40.56
C LYS B 279 30.19 -0.16 39.38
N ALA B 280 29.75 -1.27 38.80
CA ALA B 280 30.31 -1.85 37.59
C ALA B 280 30.42 -0.88 36.42
N LEU B 281 29.24 -0.47 35.90
CA LEU B 281 29.20 0.60 34.92
C LEU B 281 30.19 1.63 35.45
N TRP B 282 30.90 2.32 34.57
CA TRP B 282 31.75 3.34 35.09
C TRP B 282 31.27 4.56 34.38
N GLU B 283 31.34 5.69 35.04
CA GLU B 283 31.19 6.91 34.27
C GLU B 283 32.28 6.96 33.19
N VAL B 284 31.99 7.63 32.07
CA VAL B 284 32.90 7.72 30.93
C VAL B 284 33.14 9.18 30.60
N GLU B 285 34.31 9.45 29.99
CA GLU B 285 34.70 10.82 29.68
C GLU B 285 36.07 10.87 28.99
N VAL B 286 36.07 11.21 27.66
CA VAL B 286 37.28 11.57 26.92
C VAL B 286 37.66 12.99 27.25
N VAL B 287 38.95 13.24 27.47
CA VAL B 287 39.38 14.48 28.13
C VAL B 287 39.34 15.67 27.17
N GLN B 288 38.82 16.81 27.66
CA GLN B 288 38.70 18.04 26.90
C GLN B 288 39.56 19.09 27.56
N HIS B 289 40.38 19.74 26.75
CA HIS B 289 40.97 20.99 27.16
C HIS B 289 39.90 21.87 27.78
N ASP B 290 38.82 22.09 27.06
CA ASP B 290 37.68 22.81 27.60
C ASP B 290 37.18 22.10 28.85
N PRO B 291 36.90 22.84 29.93
CA PRO B 291 36.56 22.18 31.20
C PRO B 291 35.40 21.20 31.06
N CYS B 292 34.31 21.60 30.40
CA CYS B 292 33.18 20.70 30.25
C CYS B 292 32.56 20.71 28.84
N ARG B 293 33.28 21.16 27.81
CA ARG B 293 32.74 21.02 26.46
C ARG B 293 32.55 19.55 26.12
N GLY B 294 33.53 18.91 25.49
CA GLY B 294 33.48 17.47 25.24
C GLY B 294 33.22 17.05 23.80
N GLY B 295 33.37 15.75 23.56
CA GLY B 295 33.38 15.19 22.23
C GLY B 295 33.63 13.68 22.11
N ALA B 296 34.22 13.24 21.00
CA ALA B 296 34.41 11.81 20.76
C ALA B 296 35.85 11.56 20.35
N GLY B 297 36.36 10.42 20.77
CA GLY B 297 37.81 10.20 20.72
C GLY B 297 38.29 9.72 19.36
N TYR B 298 39.57 10.04 19.10
CA TYR B 298 40.35 9.56 17.99
C TYR B 298 41.26 8.43 18.46
N TRP B 299 42.02 7.84 17.54
CA TRP B 299 43.04 6.89 17.99
C TRP B 299 44.13 7.64 18.71
N ASN B 300 44.58 8.72 18.11
CA ASN B 300 44.97 9.87 18.89
C ASN B 300 43.84 10.21 19.85
N SER B 301 43.65 9.47 20.95
CA SER B 301 42.81 9.97 22.03
C SER B 301 42.93 9.10 23.30
N LEU B 302 42.19 9.53 24.36
CA LEU B 302 42.19 9.01 25.74
C LEU B 302 41.07 9.59 26.62
N PHE B 303 41.19 9.52 27.98
CA PHE B 303 40.05 9.68 28.91
C PHE B 303 40.30 9.46 30.42
N ARG B 304 39.38 9.91 31.30
CA ARG B 304 39.40 9.68 32.75
C ARG B 304 38.22 8.82 33.16
N PHE B 305 38.32 8.23 34.35
CA PHE B 305 37.41 7.13 34.65
C PHE B 305 36.95 7.24 36.09
N LYS B 306 35.88 6.49 36.42
CA LYS B 306 35.25 6.43 37.75
C LYS B 306 34.21 5.32 37.80
N HIS B 307 34.28 4.48 38.82
CA HIS B 307 33.11 3.86 39.44
C HIS B 307 31.82 4.44 38.94
N LEU B 308 30.92 3.67 38.34
CA LEU B 308 29.65 4.35 38.20
C LEU B 308 29.00 4.55 39.57
N ALA B 309 28.77 3.45 40.33
CA ALA B 309 27.90 3.55 41.52
C ALA B 309 28.22 4.75 42.36
N THR B 310 29.51 4.95 42.60
CA THR B 310 29.91 6.03 43.49
C THR B 310 30.73 7.14 42.85
N GLY B 311 31.43 6.88 41.73
CA GLY B 311 31.98 7.96 40.93
C GLY B 311 33.36 8.44 41.32
N HIS B 312 33.96 7.90 42.36
CA HIS B 312 35.40 8.01 42.54
C HIS B 312 36.07 7.81 41.23
N TYR B 313 36.59 8.89 40.69
CA TYR B 313 37.55 8.84 39.61
C TYR B 313 38.32 7.55 39.65
N LEU B 314 38.58 6.92 38.52
CA LEU B 314 39.35 5.69 38.56
C LEU B 314 40.81 6.04 38.36
N ALA B 315 41.63 5.75 39.37
CA ALA B 315 43.03 6.09 39.28
C ALA B 315 43.92 4.88 39.21
N ALA B 316 45.17 5.19 38.89
CA ALA B 316 46.27 4.27 39.04
C ALA B 316 47.07 4.61 40.29
N VAL B 352 50.09 -0.38 46.46
CA VAL B 352 50.46 0.92 45.93
C VAL B 352 50.52 0.94 44.39
N TYR B 353 51.26 0.02 43.79
CA TYR B 353 51.37 0.09 42.33
C TYR B 353 50.12 -0.39 41.62
N SER B 354 49.08 -0.79 42.35
CA SER B 354 47.83 -1.28 41.77
C SER B 354 46.70 -0.28 41.97
N LEU B 355 45.74 -0.26 41.04
CA LEU B 355 44.96 0.93 40.72
C LEU B 355 43.72 1.12 41.60
N VAL B 356 43.52 2.34 42.04
CA VAL B 356 42.39 2.72 42.88
C VAL B 356 41.73 3.95 42.26
N SER B 357 40.44 3.85 42.07
CA SER B 357 39.63 5.01 41.75
C SER B 357 39.97 6.23 42.59
N VAL B 358 40.97 7.00 42.17
CA VAL B 358 41.15 8.37 42.66
C VAL B 358 39.79 9.00 42.86
N PRO B 359 39.33 9.16 44.07
CA PRO B 359 38.08 9.87 44.30
C PRO B 359 37.99 11.08 43.40
N GLU B 360 39.03 11.90 43.39
CA GLU B 360 39.09 13.10 42.56
C GLU B 360 39.96 12.83 41.32
N GLY B 361 39.41 13.09 40.15
CA GLY B 361 40.01 12.81 38.86
C GLY B 361 40.79 13.93 38.23
N ASN B 362 41.07 14.98 38.99
CA ASN B 362 42.04 15.93 38.51
C ASN B 362 43.40 15.27 38.45
N ASP B 363 43.73 14.49 39.48
CA ASP B 363 45.07 13.98 39.73
C ASP B 363 45.65 13.32 38.49
N ILE B 364 46.98 13.23 38.47
CA ILE B 364 47.67 12.93 37.23
C ILE B 364 47.69 11.46 36.91
N SER B 365 47.26 10.60 37.82
CA SER B 365 47.56 9.17 37.66
C SER B 365 46.37 8.40 37.11
N SER B 366 45.22 9.04 37.12
CA SER B 366 43.96 8.32 37.11
C SER B 366 43.62 7.83 35.72
N ILE B 367 43.76 8.70 34.74
CA ILE B 367 43.42 8.40 33.35
C ILE B 367 44.43 7.46 32.71
N PHE B 368 44.36 7.36 31.37
CA PHE B 368 45.19 6.46 30.56
C PHE B 368 44.81 6.57 29.09
N GLU B 369 45.42 5.70 28.27
CA GLU B 369 45.34 5.69 26.80
C GLU B 369 45.00 4.32 26.23
N LEU B 370 44.80 4.25 24.91
CA LEU B 370 43.97 3.20 24.33
C LEU B 370 44.60 2.48 23.14
N ASP B 371 44.69 1.12 23.20
CA ASP B 371 45.43 0.30 22.23
C ASP B 371 44.55 -0.69 21.48
N PRO B 372 44.50 -0.64 20.14
CA PRO B 372 43.79 -1.69 19.40
C PRO B 372 44.67 -2.86 19.07
N THR B 373 44.18 -4.04 19.46
CA THR B 373 44.77 -5.27 18.98
C THR B 373 44.75 -5.30 17.46
N THR B 374 43.57 -5.42 16.86
CA THR B 374 43.45 -5.32 15.42
C THR B 374 43.98 -3.96 14.95
N LEU B 375 44.12 -3.80 13.63
CA LEU B 375 44.63 -2.57 13.02
C LEU B 375 43.75 -2.10 11.87
N ARG B 376 43.48 -0.79 11.81
CA ARG B 376 42.43 -0.25 10.95
C ARG B 376 42.88 0.98 10.16
N GLY B 377 42.49 0.98 8.87
CA GLY B 377 42.77 2.01 7.88
C GLY B 377 41.87 3.20 7.91
N GLY B 378 40.91 3.25 8.82
CA GLY B 378 40.15 4.45 9.07
C GLY B 378 40.95 5.42 9.89
N ASP B 379 40.32 6.55 10.23
CA ASP B 379 41.04 7.61 10.92
C ASP B 379 41.64 7.09 12.21
N SER B 380 42.27 8.00 12.92
CA SER B 380 42.47 7.85 14.34
C SER B 380 41.26 7.10 14.91
N LEU B 381 40.13 7.79 15.23
CA LEU B 381 38.99 7.28 16.02
C LEU B 381 38.57 5.83 15.90
N VAL B 382 37.92 5.30 16.92
CA VAL B 382 37.31 3.97 16.84
C VAL B 382 35.83 4.09 17.13
N PRO B 383 35.06 3.19 16.55
CA PRO B 383 33.62 3.13 16.84
C PRO B 383 33.36 2.55 18.22
N ARG B 384 32.07 2.31 18.51
CA ARG B 384 31.68 1.72 19.79
C ARG B 384 31.50 0.21 19.71
N ASN B 385 31.66 -0.44 20.89
CA ASN B 385 31.40 -1.86 21.09
C ASN B 385 32.60 -2.70 20.65
N SER B 386 33.82 -2.16 20.81
CA SER B 386 35.01 -2.84 20.30
C SER B 386 35.87 -3.40 21.43
N TYR B 387 36.93 -4.08 21.03
CA TYR B 387 37.79 -4.81 21.93
C TYR B 387 39.17 -4.19 21.91
N VAL B 388 39.73 -3.93 23.10
CA VAL B 388 41.04 -3.28 23.17
C VAL B 388 41.73 -3.37 24.54
N ARG B 389 43.01 -2.87 24.61
CA ARG B 389 43.82 -3.02 25.81
C ARG B 389 44.59 -1.72 26.05
N LEU B 390 44.85 -1.43 27.34
CA LEU B 390 45.25 -0.09 27.71
C LEU B 390 46.47 -0.11 28.59
N ARG B 391 47.21 1.01 28.57
CA ARG B 391 48.45 1.23 29.32
C ARG B 391 48.39 2.49 30.19
N HIS B 392 48.82 2.39 31.47
CA HIS B 392 48.68 3.50 32.44
C HIS B 392 49.81 4.49 32.32
N LEU B 393 49.61 5.52 31.52
CA LEU B 393 50.72 6.34 31.09
C LEU B 393 51.32 7.09 32.27
N CYS B 394 50.51 7.41 33.26
CA CYS B 394 51.08 7.94 34.48
C CYS B 394 51.99 6.85 34.99
N THR B 395 51.41 5.72 35.33
CA THR B 395 52.25 4.61 35.71
C THR B 395 53.07 4.09 34.53
N ASN B 396 52.90 4.69 33.37
CA ASN B 396 53.57 4.36 32.10
C ASN B 396 53.64 2.88 31.83
N THR B 397 52.56 2.21 32.17
CA THR B 397 52.52 0.77 32.34
C THR B 397 51.31 0.28 31.59
N TRP B 398 51.14 -1.02 31.37
CA TRP B 398 50.00 -1.51 30.61
C TRP B 398 49.22 -2.55 31.41
N VAL B 399 48.07 -2.17 31.96
CA VAL B 399 47.36 -3.09 32.91
C VAL B 399 47.27 -4.54 32.39
N HIS B 400 47.32 -5.50 33.35
CA HIS B 400 46.96 -6.90 33.14
C HIS B 400 46.11 -7.39 34.31
N SER B 401 45.31 -8.42 34.03
CA SER B 401 44.30 -8.92 34.97
C SER B 401 44.97 -9.54 36.19
N THR B 402 44.15 -9.99 37.14
CA THR B 402 44.71 -10.73 38.26
C THR B 402 43.64 -11.43 39.07
N ASN B 403 44.09 -12.38 39.89
CA ASN B 403 43.25 -13.40 40.54
C ASN B 403 43.16 -13.25 42.06
N ILE B 404 44.04 -12.50 42.72
CA ILE B 404 43.97 -12.37 44.18
C ILE B 404 42.67 -11.68 44.60
N PRO B 405 42.32 -11.62 45.91
CA PRO B 405 41.08 -10.93 46.30
C PRO B 405 41.16 -10.16 47.62
N ILE B 406 40.34 -9.12 47.77
CA ILE B 406 40.58 -8.19 48.89
C ILE B 406 40.25 -8.83 50.24
N ASP B 407 39.39 -9.83 50.28
CA ASP B 407 38.97 -10.49 51.51
C ASP B 407 39.54 -11.91 51.55
N LYS B 408 40.79 -11.99 51.99
CA LYS B 408 41.49 -13.27 52.03
C LYS B 408 41.17 -14.01 53.30
N GLU B 409 40.85 -13.27 54.36
CA GLU B 409 40.00 -13.78 55.41
C GLU B 409 38.94 -14.64 54.72
N GLU B 410 38.28 -14.07 53.72
CA GLU B 410 37.23 -14.78 53.04
C GLU B 410 37.79 -15.74 51.99
N GLU B 411 36.92 -16.57 51.45
CA GLU B 411 37.33 -17.62 50.52
C GLU B 411 36.21 -17.92 49.52
N LYS B 412 36.63 -18.59 48.45
CA LYS B 412 35.85 -18.77 47.24
C LYS B 412 35.25 -17.44 46.79
N PRO B 413 35.94 -16.29 47.07
CA PRO B 413 35.31 -14.96 46.99
C PRO B 413 35.12 -14.45 45.56
N VAL B 414 34.93 -13.13 45.34
CA VAL B 414 34.45 -12.71 44.03
C VAL B 414 34.60 -11.24 43.58
N MET B 415 35.09 -10.32 44.43
CA MET B 415 35.42 -9.00 43.89
C MET B 415 36.71 -9.08 43.10
N LEU B 416 36.72 -8.55 41.89
CA LEU B 416 37.95 -8.62 41.13
C LEU B 416 39.07 -7.98 41.88
N LYS B 417 40.25 -8.48 41.60
CA LYS B 417 41.41 -7.65 41.83
C LYS B 417 42.12 -7.62 40.47
N ILE B 418 43.17 -6.79 40.35
CA ILE B 418 43.98 -6.74 39.12
C ILE B 418 45.15 -5.75 39.24
N GLY B 419 46.05 -5.75 38.25
CA GLY B 419 47.27 -4.98 38.40
C GLY B 419 47.96 -4.49 37.14
N THR B 420 48.42 -3.26 37.19
CA THR B 420 49.16 -2.63 36.12
C THR B 420 50.33 -3.44 35.61
N SER B 421 50.19 -4.10 34.46
CA SER B 421 51.38 -4.78 33.89
C SER B 421 52.03 -3.93 32.79
N PRO B 422 52.96 -3.05 33.12
CA PRO B 422 53.66 -2.33 32.04
C PRO B 422 53.78 -3.02 30.68
N LEU B 423 53.81 -4.37 30.72
CA LEU B 423 54.18 -5.29 29.64
C LEU B 423 53.26 -5.32 28.44
N LYS B 424 53.27 -6.45 27.69
CA LYS B 424 52.47 -6.67 26.48
C LYS B 424 50.98 -6.47 26.71
N GLU B 425 50.34 -7.45 27.36
CA GLU B 425 49.22 -7.17 28.25
C GLU B 425 49.56 -5.89 29.00
N GLU B 428 46.58 -9.51 27.24
CA GLU B 428 45.38 -9.37 28.06
C GLU B 428 44.43 -8.45 27.33
N ALA B 429 43.15 -8.36 27.73
CA ALA B 429 42.21 -7.58 26.94
C ALA B 429 40.85 -7.50 27.63
N PHE B 430 40.04 -6.57 27.12
CA PHE B 430 38.70 -6.23 27.55
C PHE B 430 38.11 -5.41 26.44
N ALA B 431 36.81 -5.43 26.30
CA ALA B 431 36.20 -4.75 25.17
C ALA B 431 35.25 -3.67 25.66
N ILE B 432 34.76 -2.91 24.72
CA ILE B 432 33.93 -1.75 25.04
C ILE B 432 32.50 -2.21 25.31
N VAL B 433 31.87 -1.62 26.31
CA VAL B 433 30.49 -1.97 26.65
C VAL B 433 29.59 -0.78 26.36
N PRO B 434 28.49 -0.93 25.66
CA PRO B 434 27.63 0.23 25.39
C PRO B 434 26.24 0.04 26.01
N VAL B 435 25.84 1.01 26.79
CA VAL B 435 24.61 0.92 27.55
C VAL B 435 23.60 1.87 26.96
N SER B 436 22.33 1.52 27.08
CA SER B 436 21.23 2.40 26.70
C SER B 436 21.15 3.68 27.55
N PRO B 437 21.37 4.89 26.99
CA PRO B 437 21.17 6.14 27.79
C PRO B 437 19.80 6.22 28.47
N ALA B 438 18.90 5.32 28.08
CA ALA B 438 17.63 5.04 28.71
C ALA B 438 17.82 4.30 30.03
N GLU B 439 18.17 3.02 29.98
CA GLU B 439 18.72 2.37 31.15
C GLU B 439 19.49 3.32 32.09
N VAL B 440 20.35 4.18 31.53
CA VAL B 440 21.10 5.17 32.32
C VAL B 440 20.11 5.98 33.14
N ARG B 441 19.26 6.72 32.44
CA ARG B 441 18.26 7.52 33.14
C ARG B 441 17.42 6.69 34.11
N ASP B 442 16.97 5.53 33.68
CA ASP B 442 16.39 4.58 34.61
C ASP B 442 17.23 4.52 35.89
N LEU B 443 18.57 4.48 35.75
CA LEU B 443 19.44 4.38 36.92
C LEU B 443 19.50 5.68 37.70
N ASP B 444 19.38 6.79 37.02
CA ASP B 444 19.44 8.07 37.71
C ASP B 444 18.11 8.35 38.38
N PHE B 445 17.04 8.53 37.58
CA PHE B 445 15.66 8.52 38.10
C PHE B 445 15.52 7.56 39.24
N ALA B 446 16.16 6.41 39.12
CA ALA B 446 16.25 5.48 40.24
C ALA B 446 17.00 6.10 41.42
N ASN B 447 18.24 6.56 41.20
CA ASN B 447 19.02 7.04 42.33
C ASN B 447 18.24 8.13 43.07
N ASP B 448 17.72 9.10 42.32
CA ASP B 448 16.74 10.04 42.84
C ASP B 448 15.65 9.32 43.62
N ALA B 449 14.99 8.37 42.98
CA ALA B 449 13.80 7.73 43.55
C ALA B 449 14.10 7.04 44.87
N SER B 450 14.90 5.97 44.81
CA SER B 450 15.61 5.40 45.92
C SER B 450 15.69 6.39 47.06
N LYS B 451 16.55 7.36 46.85
CA LYS B 451 16.69 8.43 47.79
C LYS B 451 15.29 8.85 48.29
N VAL B 452 14.33 9.02 47.36
CA VAL B 452 13.05 9.63 47.72
C VAL B 452 12.34 8.79 48.76
N LEU B 453 12.21 7.50 48.48
CA LEU B 453 11.70 6.60 49.48
C LEU B 453 12.45 6.72 50.79
N GLY B 454 13.78 6.85 50.73
CA GLY B 454 14.58 6.98 51.95
C GLY B 454 14.26 8.14 52.87
N SER B 455 14.67 9.36 52.48
CA SER B 455 14.37 10.54 53.27
C SER B 455 12.86 10.64 53.59
N ILE B 456 12.02 10.10 52.69
CA ILE B 456 10.58 10.06 52.93
C ILE B 456 10.27 9.27 54.21
N ALA B 457 10.57 7.97 54.19
CA ALA B 457 10.44 7.13 55.37
C ALA B 457 10.90 7.82 56.64
N GLY B 458 12.08 8.46 56.60
CA GLY B 458 12.60 9.11 57.79
C GLY B 458 11.64 10.15 58.36
N LYS B 459 11.25 11.11 57.51
CA LYS B 459 10.28 12.10 57.98
C LYS B 459 9.05 11.42 58.57
N LEU B 460 8.68 10.25 58.04
CA LEU B 460 7.50 9.55 58.56
C LEU B 460 7.73 9.06 59.99
N GLU B 461 8.91 8.56 60.31
CA GLU B 461 9.14 8.15 61.70
C GLU B 461 9.21 9.35 62.64
N LYS B 462 9.49 10.56 62.11
CA LYS B 462 9.67 11.70 63.00
C LYS B 462 8.36 12.43 63.35
N GLY B 463 7.46 12.64 62.39
CA GLY B 463 6.31 13.49 62.65
C GLY B 463 5.19 13.37 61.63
N THR B 464 4.42 14.46 61.47
CA THR B 464 3.12 14.42 60.80
C THR B 464 3.12 15.14 59.43
N ILE B 465 2.00 15.03 58.72
CA ILE B 465 1.97 15.01 57.24
C ILE B 465 1.35 16.28 56.68
N THR B 466 2.19 17.15 56.14
CA THR B 466 1.75 18.12 55.15
C THR B 466 1.14 17.39 53.98
N GLN B 467 -0.01 17.87 53.55
CA GLN B 467 -0.58 17.28 52.35
C GLN B 467 0.41 17.31 51.17
N ASN B 468 1.02 18.47 50.88
CA ASN B 468 1.87 18.64 49.70
C ASN B 468 2.82 17.46 49.55
N GLU B 469 3.43 17.09 50.66
CA GLU B 469 3.99 15.77 50.74
C GLU B 469 2.97 14.71 50.35
N ARG B 470 1.84 14.65 51.07
CA ARG B 470 0.90 13.53 50.93
C ARG B 470 0.45 13.30 49.48
N ARG B 471 0.32 14.37 48.66
CA ARG B 471 -0.16 14.38 47.27
C ARG B 471 0.97 14.24 46.26
N SER B 472 2.04 14.99 46.44
CA SER B 472 3.33 14.62 45.88
C SER B 472 3.59 13.10 45.96
N VAL B 473 3.78 12.63 47.20
CA VAL B 473 3.74 11.21 47.57
C VAL B 473 2.80 10.41 46.67
N THR B 474 1.52 10.83 46.62
CA THR B 474 0.54 10.15 45.77
C THR B 474 1.04 9.97 44.33
N LYS B 475 1.16 11.11 43.61
CA LYS B 475 1.73 11.15 42.26
C LYS B 475 2.94 10.23 42.13
N LEU B 476 3.66 10.00 43.23
CA LEU B 476 4.73 9.01 43.20
C LEU B 476 4.17 7.59 43.19
N LEU B 477 3.66 7.11 44.33
CA LEU B 477 3.18 5.74 44.44
C LEU B 477 2.52 5.32 43.15
N GLU B 478 1.67 6.19 42.61
CA GLU B 478 1.09 5.96 41.30
C GLU B 478 2.16 5.93 40.22
N ASP B 479 3.04 6.91 40.22
CA ASP B 479 4.03 7.01 39.16
C ASP B 479 4.92 5.78 39.14
N LEU B 480 5.10 5.20 40.33
CA LEU B 480 5.79 3.93 40.48
C LEU B 480 4.94 2.80 39.92
N VAL B 481 3.63 2.88 40.13
CA VAL B 481 2.75 1.88 39.53
C VAL B 481 2.88 1.92 38.00
N TYR B 482 2.44 3.05 37.39
CA TYR B 482 2.53 3.26 35.95
C TYR B 482 3.91 2.93 35.40
N PHE B 483 4.96 3.25 36.16
CA PHE B 483 6.35 2.95 35.82
C PHE B 483 6.55 1.57 35.20
N VAL B 484 5.70 0.62 35.58
CA VAL B 484 5.54 -0.66 34.91
C VAL B 484 5.93 -0.62 33.44
N THR B 485 5.60 0.48 32.76
CA THR B 485 6.08 0.78 31.41
C THR B 485 7.54 1.21 31.38
N ASN B 503 8.31 -4.30 33.52
CA ASN B 503 9.65 -4.66 33.04
C ASN B 503 10.46 -5.38 34.11
N ARG B 504 11.01 -6.55 33.76
CA ARG B 504 11.70 -7.38 34.72
C ARG B 504 13.05 -6.78 35.11
N GLU B 505 13.74 -6.16 34.15
CA GLU B 505 14.99 -5.50 34.49
C GLU B 505 14.72 -4.32 35.41
N ARG B 506 13.72 -3.52 35.07
CA ARG B 506 13.17 -2.59 36.03
C ARG B 506 12.98 -3.34 37.34
N GLN B 507 12.36 -4.52 37.29
CA GLN B 507 12.12 -5.27 38.53
C GLN B 507 13.42 -5.59 39.27
N LYS B 508 14.56 -5.50 38.60
CA LYS B 508 15.83 -5.59 39.32
C LYS B 508 16.19 -4.26 40.00
N LEU B 509 15.98 -3.16 39.28
CA LEU B 509 16.63 -1.89 39.62
C LEU B 509 16.32 -1.43 41.05
N MET B 510 15.10 -1.64 41.50
CA MET B 510 14.62 -0.88 42.68
C MET B 510 15.13 -1.49 43.98
N ARG B 511 14.80 -2.75 44.20
CA ARG B 511 15.51 -3.54 45.15
C ARG B 511 16.97 -3.12 45.07
N GLU B 512 17.56 -3.25 43.86
CA GLU B 512 18.95 -2.84 43.68
C GLU B 512 19.19 -1.39 44.07
N GLN B 513 18.38 -0.47 43.54
CA GLN B 513 18.41 0.94 43.91
C GLN B 513 18.20 1.23 45.40
N ASN B 514 18.46 0.28 46.29
CA ASN B 514 18.13 0.45 47.68
C ASN B 514 16.74 1.04 47.98
N ILE B 515 15.85 0.99 46.99
CA ILE B 515 14.48 1.50 47.12
C ILE B 515 13.65 0.66 48.10
N LEU B 516 13.56 -0.64 47.81
CA LEU B 516 12.79 -1.57 48.63
C LEU B 516 13.06 -1.36 50.12
N LYS B 517 14.33 -1.31 50.49
CA LYS B 517 14.73 -1.01 51.85
C LYS B 517 13.91 0.15 52.41
N GLN B 518 13.98 1.28 51.77
CA GLN B 518 13.22 2.40 52.26
C GLN B 518 11.73 2.13 52.20
N ILE B 519 11.30 1.12 51.46
CA ILE B 519 9.87 0.80 51.46
C ILE B 519 9.50 0.15 52.78
N PHE B 520 10.10 -1.00 53.07
CA PHE B 520 9.81 -1.67 54.33
C PHE B 520 10.08 -0.75 55.50
N LYS B 521 11.08 0.11 55.34
CA LYS B 521 11.31 1.23 56.23
C LYS B 521 10.05 2.07 56.38
N LEU B 522 9.81 2.90 55.39
CA LEU B 522 8.56 3.58 55.15
C LEU B 522 7.35 2.78 55.67
N LEU B 523 7.32 1.49 55.39
CA LEU B 523 6.28 0.62 55.95
C LEU B 523 6.17 0.79 57.46
N GLN B 524 7.29 0.74 58.16
CA GLN B 524 7.30 1.05 59.61
C GLN B 524 6.99 2.50 59.91
N HIS B 551 -6.31 2.69 49.56
CA HIS B 551 -5.73 3.47 50.65
C HIS B 551 -4.26 3.94 50.41
N ILE B 552 -3.80 4.94 51.15
CA ILE B 552 -2.47 5.50 50.98
C ILE B 552 -1.43 4.39 51.02
N CYS B 553 -1.57 3.50 52.00
CA CYS B 553 -0.61 2.41 52.13
C CYS B 553 -0.92 1.29 51.14
N ARG B 554 -2.19 1.16 50.74
CA ARG B 554 -2.56 0.13 49.77
C ARG B 554 -1.74 0.27 48.50
N LEU B 555 -1.24 1.47 48.21
CA LEU B 555 -0.31 1.68 47.10
C LEU B 555 0.95 0.84 47.30
N CYS B 556 1.45 0.80 48.53
CA CYS B 556 2.54 -0.11 48.86
C CYS B 556 2.12 -1.56 48.65
N TYR B 557 0.88 -1.89 49.02
CA TYR B 557 0.48 -3.31 49.01
C TYR B 557 0.11 -3.82 47.60
N ARG B 558 -0.39 -2.96 46.72
CA ARG B 558 -0.69 -3.38 45.35
C ARG B 558 0.55 -3.29 44.46
N VAL B 559 1.37 -2.26 44.68
CA VAL B 559 2.68 -2.21 44.08
C VAL B 559 3.39 -3.51 44.46
N LEU B 560 3.11 -3.98 45.67
CA LEU B 560 3.69 -5.22 46.16
C LEU B 560 3.16 -6.43 45.38
N ARG B 561 1.82 -6.51 45.27
CA ARG B 561 1.18 -7.64 44.60
C ARG B 561 1.69 -7.82 43.19
N HIS B 562 1.78 -6.71 42.44
CA HIS B 562 2.51 -6.70 41.19
C HIS B 562 3.89 -7.31 41.35
N SER B 563 4.69 -6.73 42.25
CA SER B 563 6.11 -6.99 42.34
C SER B 563 6.48 -8.46 42.64
N GLN B 564 5.55 -9.31 43.07
CA GLN B 564 6.01 -10.57 43.62
C GLN B 564 6.42 -11.61 42.59
N GLN B 565 6.05 -11.48 41.31
CA GLN B 565 6.30 -12.51 40.29
C GLN B 565 7.78 -12.85 40.18
N ASP B 566 8.15 -14.08 40.52
CA ASP B 566 9.53 -14.56 40.50
C ASP B 566 10.46 -13.75 41.39
N TYR B 567 9.90 -13.24 42.48
CA TYR B 567 10.62 -12.41 43.43
C TYR B 567 10.69 -13.14 44.77
N ARG B 568 11.91 -13.31 45.31
CA ARG B 568 12.10 -14.22 46.43
C ARG B 568 12.81 -13.61 47.62
N LYS B 569 13.69 -12.63 47.42
CA LYS B 569 14.50 -12.13 48.53
C LYS B 569 13.64 -11.47 49.61
N ASN B 570 12.58 -10.77 49.23
CA ASN B 570 11.95 -9.84 50.16
C ASN B 570 10.96 -10.54 51.10
N GLN B 571 10.19 -11.50 50.57
CA GLN B 571 9.09 -12.10 51.31
C GLN B 571 9.56 -12.54 52.69
N GLU B 572 10.83 -12.90 52.83
CA GLU B 572 11.41 -13.02 54.15
C GLU B 572 11.07 -11.83 55.02
N TYR B 573 11.46 -10.63 54.60
CA TYR B 573 11.26 -9.38 55.35
C TYR B 573 9.85 -9.18 55.91
N ILE B 574 8.90 -10.06 55.60
CA ILE B 574 7.50 -9.87 55.96
C ILE B 574 6.95 -10.99 56.82
N ALA B 575 7.69 -12.07 57.05
CA ALA B 575 7.27 -13.08 58.02
C ALA B 575 6.83 -12.42 59.33
N LYS B 576 7.70 -11.59 59.90
CA LYS B 576 7.34 -10.82 61.08
C LYS B 576 6.19 -9.85 60.79
N GLN B 577 6.20 -9.22 59.61
CA GLN B 577 5.06 -8.40 59.22
C GLN B 577 3.77 -9.19 59.36
N PHE B 578 3.84 -10.49 59.04
CA PHE B 578 2.71 -11.37 59.25
C PHE B 578 2.18 -11.27 60.67
N GLY B 579 3.04 -11.48 61.66
CA GLY B 579 2.63 -11.23 63.04
C GLY B 579 2.02 -9.85 63.18
N PHE B 580 2.75 -8.83 62.72
CA PHE B 580 2.21 -7.49 62.66
C PHE B 580 0.83 -7.48 62.00
N MET B 581 0.74 -8.10 60.82
CA MET B 581 -0.49 -8.12 60.05
C MET B 581 -1.71 -8.48 60.90
N GLN B 582 -1.53 -9.34 61.91
CA GLN B 582 -2.69 -9.85 62.63
C GLN B 582 -3.41 -8.74 63.41
N LYS B 583 -2.66 -7.78 63.92
CA LYS B 583 -3.32 -6.68 64.63
C LYS B 583 -4.00 -5.72 63.67
N GLN B 584 -3.54 -5.69 62.42
CA GLN B 584 -3.98 -4.63 61.50
C GLN B 584 -5.40 -4.82 61.04
N ILE B 585 -5.84 -6.08 60.91
CA ILE B 585 -7.12 -6.38 60.26
C ILE B 585 -8.33 -5.99 61.10
N GLY B 586 -8.13 -5.61 62.37
CA GLY B 586 -9.21 -5.02 63.14
C GLY B 586 -9.93 -3.90 62.43
N TYR B 587 -9.33 -3.33 61.37
CA TYR B 587 -9.95 -2.23 60.65
C TYR B 587 -10.69 -2.72 59.40
N ASP B 588 -10.04 -3.54 58.58
CA ASP B 588 -10.64 -4.01 57.33
C ASP B 588 -9.74 -5.09 56.72
N VAL B 589 -9.95 -5.38 55.42
CA VAL B 589 -9.40 -6.57 54.78
C VAL B 589 -8.67 -6.23 53.50
N LEU B 590 -7.87 -5.13 53.49
CA LEU B 590 -7.26 -4.58 52.26
C LEU B 590 -5.85 -5.09 52.00
N ALA B 591 -5.07 -5.33 53.06
CA ALA B 591 -3.77 -5.98 52.90
C ALA B 591 -3.91 -7.36 52.29
N GLU B 592 -5.16 -7.86 52.21
CA GLU B 592 -5.46 -9.18 51.68
C GLU B 592 -5.14 -9.31 50.19
N ASP B 593 -5.22 -8.21 49.45
CA ASP B 593 -4.70 -8.24 48.09
C ASP B 593 -3.22 -8.60 48.11
N THR B 594 -2.50 -8.15 49.14
CA THR B 594 -1.07 -8.47 49.27
C THR B 594 -0.84 -9.92 49.60
N ILE B 595 -1.47 -10.40 50.67
CA ILE B 595 -1.33 -11.79 51.05
C ILE B 595 -1.67 -12.65 49.85
N THR B 596 -2.89 -12.46 49.35
CA THR B 596 -3.36 -13.03 48.12
C THR B 596 -2.20 -13.09 47.13
N ALA B 597 -1.45 -11.98 47.01
CA ALA B 597 -0.34 -11.93 46.05
C ALA B 597 0.77 -12.92 46.39
N LEU B 598 1.33 -12.82 47.60
CA LEU B 598 2.47 -13.66 47.95
C LEU B 598 2.17 -15.13 47.70
N LEU B 599 1.02 -15.57 48.21
CA LEU B 599 0.51 -16.92 48.00
C LEU B 599 0.63 -17.38 46.56
N HIS B 600 -0.09 -16.72 45.64
CA HIS B 600 -0.18 -17.19 44.26
C HIS B 600 1.17 -17.16 43.58
N ASN B 601 1.95 -16.10 43.83
CA ASN B 601 3.22 -15.97 43.12
C ASN B 601 4.14 -17.17 43.39
N ASN B 602 4.39 -17.47 44.67
CA ASN B 602 5.16 -18.68 44.96
C ASN B 602 4.82 -19.06 46.39
N ARG B 603 5.49 -20.10 46.94
CA ARG B 603 5.01 -20.58 48.23
C ARG B 603 5.84 -21.61 49.01
N LYS B 604 6.93 -22.11 48.44
CA LYS B 604 7.53 -23.29 49.07
C LYS B 604 8.19 -22.93 50.41
N LEU B 605 8.78 -21.75 50.50
CA LEU B 605 9.41 -21.35 51.74
C LEU B 605 8.37 -20.92 52.77
N LEU B 606 7.47 -20.01 52.38
CA LEU B 606 6.38 -19.55 53.23
C LEU B 606 5.79 -20.72 54.03
N GLU B 607 5.56 -21.82 53.31
CA GLU B 607 5.41 -23.11 53.96
C GLU B 607 6.44 -23.30 55.07
N LYS B 608 7.73 -23.32 54.70
CA LYS B 608 8.79 -23.60 55.68
C LYS B 608 8.79 -22.66 56.88
N HIS B 609 8.04 -21.56 56.83
CA HIS B 609 8.17 -20.44 57.78
C HIS B 609 7.00 -20.24 58.76
N ILE B 610 5.76 -20.50 58.36
CA ILE B 610 4.55 -19.97 59.00
C ILE B 610 4.09 -20.76 60.23
N THR B 611 3.74 -22.02 60.00
CA THR B 611 3.47 -23.03 61.07
C THR B 611 2.27 -22.58 61.94
N ALA B 612 2.27 -22.86 63.26
CA ALA B 612 1.16 -22.65 64.21
C ALA B 612 0.80 -21.17 64.45
N ALA B 613 1.50 -20.23 63.82
CA ALA B 613 1.12 -18.83 63.91
C ALA B 613 -0.23 -18.56 63.25
N GLU B 614 -0.54 -19.28 62.17
CA GLU B 614 -1.80 -19.05 61.46
C GLU B 614 -3.02 -19.35 62.33
N ILE B 615 -2.88 -20.30 63.27
CA ILE B 615 -4.02 -20.76 64.06
C ILE B 615 -4.64 -19.59 64.82
N ASP B 616 -3.80 -18.81 65.49
CA ASP B 616 -4.27 -17.57 66.10
C ASP B 616 -5.09 -16.74 65.13
N THR B 617 -4.63 -16.64 63.88
CA THR B 617 -5.29 -15.78 62.90
C THR B 617 -6.68 -16.29 62.56
N PHE B 618 -6.88 -17.59 62.56
CA PHE B 618 -8.24 -18.07 62.35
C PHE B 618 -9.09 -17.89 63.60
N VAL B 619 -8.64 -18.42 64.74
CA VAL B 619 -9.50 -18.41 65.93
C VAL B 619 -9.90 -16.98 66.25
N SER B 620 -8.91 -16.10 66.39
CA SER B 620 -9.15 -14.67 66.39
C SER B 620 -10.14 -14.28 65.31
N LEU B 621 -9.75 -14.57 64.07
CA LEU B 621 -10.56 -14.23 62.91
C LEU B 621 -12.02 -14.48 63.22
N VAL B 622 -12.38 -15.74 63.47
CA VAL B 622 -13.72 -16.10 63.94
C VAL B 622 -14.20 -15.17 65.04
N ARG B 623 -13.42 -15.04 66.11
CA ARG B 623 -13.89 -14.28 67.28
C ARG B 623 -13.82 -12.78 67.10
N LYS B 624 -13.14 -12.31 66.07
CA LYS B 624 -13.09 -10.90 65.73
C LYS B 624 -13.77 -10.59 64.41
N ASN B 625 -13.40 -11.31 63.35
CA ASN B 625 -14.21 -11.38 62.14
C ASN B 625 -15.17 -12.54 62.34
N ARG B 626 -16.31 -12.23 62.97
CA ARG B 626 -17.32 -13.27 63.16
C ARG B 626 -17.98 -13.65 61.86
N GLU B 627 -18.19 -12.68 60.97
CA GLU B 627 -18.55 -12.98 59.60
C GLU B 627 -17.45 -13.86 59.02
N PRO B 628 -16.25 -13.92 59.66
CA PRO B 628 -15.19 -14.83 59.21
C PRO B 628 -14.93 -14.70 57.73
N ARG B 629 -15.31 -13.53 57.18
CA ARG B 629 -14.83 -13.12 55.87
C ARG B 629 -13.31 -13.33 55.79
N PHE B 630 -12.62 -12.94 56.85
CA PHE B 630 -11.19 -13.19 56.94
C PHE B 630 -10.89 -14.61 57.42
N LEU B 631 -11.78 -15.22 58.19
CA LEU B 631 -11.59 -16.64 58.44
C LEU B 631 -11.87 -17.46 57.18
N ASP B 632 -12.86 -17.04 56.38
CA ASP B 632 -13.19 -17.74 55.15
C ASP B 632 -12.12 -17.57 54.09
N TYR B 633 -11.49 -16.40 54.04
CA TYR B 633 -10.40 -16.16 53.12
C TYR B 633 -9.07 -16.70 53.64
N LEU B 634 -8.90 -16.79 54.96
CA LEU B 634 -7.81 -17.58 55.50
C LEU B 634 -8.07 -19.05 55.24
N SER B 635 -9.34 -19.43 55.15
CA SER B 635 -9.70 -20.79 54.76
C SER B 635 -9.52 -20.98 53.27
N ASP B 636 -9.56 -19.90 52.50
CA ASP B 636 -9.43 -20.02 51.06
C ASP B 636 -7.95 -20.00 50.63
N LEU B 637 -7.08 -19.36 51.43
CA LEU B 637 -5.69 -19.17 51.02
C LEU B 637 -4.96 -20.46 50.63
N CYS B 638 -5.54 -21.61 50.93
CA CYS B 638 -4.76 -22.84 50.99
C CYS B 638 -4.31 -23.35 49.62
N VAL B 639 -3.24 -24.15 49.64
CA VAL B 639 -2.76 -24.89 48.46
C VAL B 639 -1.60 -25.83 48.85
N SER B 640 -1.58 -27.05 48.27
CA SER B 640 -0.50 -28.05 48.22
C SER B 640 -0.67 -29.23 49.18
N MET B 641 -0.23 -30.41 48.74
CA MET B 641 -0.31 -31.61 49.58
C MET B 641 0.30 -31.37 50.94
N ASN B 642 1.53 -30.87 50.96
CA ASN B 642 2.21 -30.59 52.23
C ASN B 642 1.32 -29.81 53.19
N LYS B 643 0.62 -28.81 52.69
CA LYS B 643 -0.26 -28.02 53.54
C LYS B 643 -1.32 -28.86 54.24
N SER B 644 -1.74 -29.97 53.61
CA SER B 644 -2.88 -30.74 54.10
C SER B 644 -2.80 -31.03 55.58
N ILE B 645 -1.60 -31.07 56.13
CA ILE B 645 -1.35 -31.40 57.51
C ILE B 645 -1.78 -30.27 58.44
N PRO B 646 -1.09 -29.13 58.40
CA PRO B 646 -1.61 -27.96 59.13
C PRO B 646 -3.12 -27.81 58.99
N VAL B 647 -3.63 -28.09 57.78
CA VAL B 647 -5.05 -27.91 57.50
C VAL B 647 -5.92 -28.84 58.36
N THR B 648 -5.61 -30.13 58.34
CA THR B 648 -6.45 -31.07 59.09
C THR B 648 -6.33 -30.84 60.60
N GLN B 649 -5.12 -30.55 61.09
CA GLN B 649 -4.96 -30.18 62.50
C GLN B 649 -5.95 -29.07 62.83
N GLU B 650 -6.03 -28.09 61.92
CA GLU B 650 -7.07 -27.09 62.04
C GLU B 650 -8.47 -27.71 62.02
N LEU B 651 -8.69 -28.83 61.33
CA LEU B 651 -10.03 -29.42 61.35
C LEU B 651 -10.37 -29.93 62.76
N ILE B 652 -9.39 -30.49 63.47
CA ILE B 652 -9.62 -30.92 64.85
C ILE B 652 -9.85 -29.70 65.76
N CYS B 653 -9.02 -28.69 65.57
CA CYS B 653 -9.24 -27.45 66.31
C CYS B 653 -10.61 -26.86 65.99
N LYS B 654 -11.11 -27.07 64.78
CA LYS B 654 -12.41 -26.53 64.40
C LYS B 654 -13.50 -27.26 65.13
N ALA B 655 -13.35 -28.58 65.26
CA ALA B 655 -14.13 -29.29 66.25
C ALA B 655 -14.14 -28.49 67.55
N VAL B 656 -13.00 -27.93 67.93
CA VAL B 656 -13.03 -27.05 69.09
C VAL B 656 -13.77 -25.74 68.80
N LEU B 657 -13.63 -25.14 67.60
CA LEU B 657 -13.95 -23.73 67.38
C LEU B 657 -15.01 -23.45 66.30
N ASN B 658 -15.28 -24.40 65.40
CA ASN B 658 -16.47 -24.31 64.58
C ASN B 658 -17.65 -24.11 65.52
N PRO B 659 -18.43 -23.07 65.32
CA PRO B 659 -19.45 -22.72 66.32
C PRO B 659 -20.52 -21.80 65.75
N THR B 660 -20.35 -20.50 66.03
CA THR B 660 -21.17 -19.42 65.48
C THR B 660 -22.52 -19.34 66.17
N ASN B 661 -22.85 -20.36 66.99
CA ASN B 661 -23.93 -20.30 67.98
C ASN B 661 -25.33 -20.34 67.35
N ALA B 662 -25.51 -21.15 66.31
CA ALA B 662 -26.80 -21.30 65.67
C ALA B 662 -26.83 -22.61 64.89
N ASP B 663 -27.99 -22.90 64.32
CA ASP B 663 -28.29 -24.25 63.83
C ASP B 663 -28.56 -24.27 62.33
N ILE B 664 -27.89 -25.18 61.62
CA ILE B 664 -27.98 -25.36 60.18
C ILE B 664 -28.15 -26.85 59.91
N LEU B 665 -29.42 -27.27 59.78
CA LEU B 665 -29.83 -28.62 59.40
C LEU B 665 -31.34 -28.84 59.63
N ILE B 666 -31.72 -30.11 59.81
CA ILE B 666 -33.06 -30.61 60.15
C ILE B 666 -33.46 -32.14 60.21
N GLU B 667 -32.66 -33.10 59.75
CA GLU B 667 -31.30 -32.94 59.17
C GLU B 667 -31.27 -32.16 57.84
N THR B 668 -32.28 -32.38 57.01
CA THR B 668 -32.37 -31.73 55.70
C THR B 668 -33.55 -30.77 55.54
N LYS B 669 -34.64 -30.98 56.27
CA LYS B 669 -35.89 -30.29 55.96
C LYS B 669 -35.82 -28.79 56.25
N LEU B 670 -35.12 -28.39 57.29
CA LEU B 670 -35.00 -26.99 57.72
C LEU B 670 -33.56 -26.52 57.70
N VAL B 671 -32.62 -27.38 57.30
CA VAL B 671 -31.56 -26.92 56.44
C VAL B 671 -32.22 -26.24 55.25
N LEU B 672 -33.22 -26.95 54.68
CA LEU B 672 -33.95 -26.50 53.52
C LEU B 672 -34.98 -25.42 53.87
N SER B 673 -35.42 -25.35 55.13
CA SER B 673 -36.22 -24.22 55.54
C SER B 673 -35.35 -23.01 55.77
N ARG B 674 -34.24 -23.21 56.49
CA ARG B 674 -33.16 -22.23 56.52
C ARG B 674 -32.79 -21.76 55.12
N PHE B 675 -33.10 -22.57 54.09
CA PHE B 675 -32.73 -22.35 52.70
C PHE B 675 -33.84 -21.69 51.87
N GLU B 676 -35.11 -22.00 52.08
CA GLU B 676 -36.17 -21.15 51.58
C GLU B 676 -36.14 -19.81 52.27
N PHE B 677 -35.57 -19.77 53.47
CA PHE B 677 -35.60 -18.60 54.33
C PHE B 677 -34.49 -17.62 53.97
N GLU B 678 -33.24 -18.05 54.14
CA GLU B 678 -32.13 -17.35 53.52
C GLU B 678 -32.39 -17.18 52.03
N GLY B 679 -32.92 -18.23 51.40
CA GLY B 679 -33.26 -18.19 50.00
C GLY B 679 -34.42 -17.30 49.68
N VAL B 680 -35.34 -17.15 50.62
CA VAL B 680 -36.12 -15.93 50.58
C VAL B 680 -35.06 -14.85 50.56
N SER B 681 -34.80 -14.28 49.40
CA SER B 681 -33.72 -13.31 49.25
C SER B 681 -33.77 -12.17 50.27
N THR B 682 -34.61 -12.32 51.30
CA THR B 682 -34.50 -11.54 52.52
C THR B 682 -33.05 -11.17 52.79
N GLY B 683 -32.83 -9.95 53.25
CA GLY B 683 -31.53 -9.55 53.73
C GLY B 683 -31.15 -10.33 54.96
N GLU B 684 -30.02 -9.94 55.56
CA GLU B 684 -29.68 -10.34 56.92
C GLU B 684 -29.36 -11.83 57.06
N ASN B 685 -30.38 -12.65 57.32
CA ASN B 685 -30.16 -14.09 57.50
C ASN B 685 -29.37 -14.66 56.32
N ALA B 686 -30.02 -14.77 55.17
CA ALA B 686 -29.36 -15.04 53.89
C ALA B 686 -27.91 -14.63 53.89
N LEU B 687 -27.69 -13.39 54.32
CA LEU B 687 -26.39 -12.77 54.12
C LEU B 687 -25.30 -13.54 54.86
N GLU B 688 -25.46 -13.73 56.16
CA GLU B 688 -24.43 -14.49 56.88
C GLU B 688 -24.32 -15.90 56.29
N ALA B 689 -25.43 -16.41 55.76
CA ALA B 689 -25.46 -17.69 55.05
C ALA B 689 -24.34 -17.77 54.02
N GLY B 690 -24.23 -16.71 53.21
CA GLY B 690 -23.15 -16.57 52.27
C GLY B 690 -21.89 -17.04 52.93
N GLU B 691 -21.44 -16.28 53.93
CA GLU B 691 -20.24 -16.62 54.69
C GLU B 691 -20.07 -18.11 54.78
N ASP B 692 -21.03 -18.75 55.44
CA ASP B 692 -20.89 -20.17 55.71
C ASP B 692 -20.65 -20.93 54.42
N GLU B 693 -21.61 -20.89 53.50
CA GLU B 693 -21.45 -21.53 52.20
C GLU B 693 -20.04 -21.33 51.67
N GLU B 694 -19.62 -20.07 51.64
CA GLU B 694 -18.26 -19.71 51.31
C GLU B 694 -17.30 -20.38 52.28
N GLU B 695 -17.22 -19.81 53.48
CA GLU B 695 -16.44 -20.34 54.58
C GLU B 695 -16.38 -21.85 54.52
N VAL B 696 -17.52 -22.52 54.70
CA VAL B 696 -17.65 -23.96 54.42
C VAL B 696 -16.89 -24.28 53.15
N TRP B 697 -17.57 -24.24 52.01
CA TRP B 697 -16.96 -24.74 50.78
C TRP B 697 -15.48 -24.37 50.67
N LEU B 698 -15.17 -23.06 50.69
CA LEU B 698 -13.79 -22.56 50.65
C LEU B 698 -12.86 -23.42 51.49
N PHE B 699 -13.08 -23.39 52.78
CA PHE B 699 -12.58 -24.45 53.61
C PHE B 699 -13.04 -25.80 53.04
N TRP B 700 -14.32 -26.12 53.25
CA TRP B 700 -14.83 -27.47 52.98
C TRP B 700 -14.24 -28.07 51.71
N ARG B 701 -14.24 -27.31 50.61
CA ARG B 701 -13.75 -27.83 49.34
C ARG B 701 -12.36 -28.45 49.44
N ASP B 702 -11.53 -27.89 50.31
CA ASP B 702 -10.12 -28.26 50.35
C ASP B 702 -9.90 -29.77 50.35
N SER B 703 -9.21 -30.28 49.31
CA SER B 703 -8.87 -31.70 49.17
C SER B 703 -7.96 -31.94 47.96
N ASN B 704 -6.65 -31.71 48.11
CA ASN B 704 -5.74 -31.66 46.95
C ASN B 704 -5.35 -33.06 46.48
N LYS B 705 -4.68 -33.82 47.33
CA LYS B 705 -4.20 -35.15 47.05
C LYS B 705 -4.10 -35.83 48.40
N GLU B 706 -5.23 -35.88 49.11
CA GLU B 706 -5.27 -36.13 50.54
C GLU B 706 -5.11 -37.61 50.87
N ILE B 707 -3.99 -37.94 51.55
CA ILE B 707 -3.73 -39.32 51.95
C ILE B 707 -4.76 -39.75 53.00
N ARG B 708 -6.06 -39.65 52.61
CA ARG B 708 -7.23 -40.09 53.38
C ARG B 708 -7.92 -38.98 54.19
N SER B 709 -7.24 -37.84 54.35
CA SER B 709 -7.77 -36.77 55.18
C SER B 709 -9.11 -36.25 54.67
N LYS B 710 -9.17 -35.83 53.40
CA LYS B 710 -10.44 -35.35 52.85
C LYS B 710 -11.44 -36.49 52.77
N SER B 711 -10.95 -37.73 52.89
CA SER B 711 -11.82 -38.90 52.95
C SER B 711 -12.57 -38.94 54.29
N VAL B 712 -11.86 -38.84 55.40
CA VAL B 712 -12.50 -38.74 56.70
C VAL B 712 -13.43 -37.55 56.74
N ARG B 713 -13.04 -36.47 56.06
CA ARG B 713 -13.71 -35.18 56.16
C ARG B 713 -15.08 -35.20 55.48
N GLU B 714 -15.18 -35.77 54.28
CA GLU B 714 -16.46 -35.87 53.59
C GLU B 714 -17.53 -36.40 54.53
N LEU B 715 -18.78 -36.00 54.26
CA LEU B 715 -19.92 -36.36 55.07
C LEU B 715 -21.02 -36.80 54.11
N ALA B 716 -22.25 -36.87 54.62
CA ALA B 716 -23.41 -37.19 53.80
C ALA B 716 -23.45 -36.30 52.57
N GLN B 717 -23.65 -36.93 51.40
CA GLN B 717 -23.78 -36.27 50.11
C GLN B 717 -25.23 -35.99 49.82
N ASP B 718 -25.53 -34.76 49.41
CA ASP B 718 -26.91 -34.34 49.20
C ASP B 718 -26.83 -33.16 48.24
N ALA B 719 -26.78 -33.48 46.96
CA ALA B 719 -26.60 -32.45 45.96
C ALA B 719 -27.89 -32.18 45.21
N LYS B 720 -28.96 -32.89 45.53
CA LYS B 720 -30.21 -32.67 44.81
C LYS B 720 -30.55 -31.18 44.75
N GLU B 721 -30.80 -30.56 45.90
CA GLU B 721 -30.90 -29.11 45.99
C GLU B 721 -29.52 -28.49 46.12
N GLY B 722 -28.47 -29.28 45.85
CA GLY B 722 -27.07 -28.89 45.88
C GLY B 722 -26.80 -27.41 45.69
N GLN B 723 -26.09 -26.81 46.64
CA GLN B 723 -25.85 -25.38 46.55
C GLN B 723 -24.53 -25.09 45.84
N LYS B 724 -24.44 -23.85 45.32
CA LYS B 724 -23.20 -23.37 44.70
C LYS B 724 -22.02 -23.73 45.57
N GLU B 725 -21.20 -24.68 45.07
CA GLU B 725 -19.85 -25.00 45.55
C GLU B 725 -19.78 -26.08 46.65
N ASP B 726 -20.86 -26.43 47.34
CA ASP B 726 -20.76 -27.60 48.19
C ASP B 726 -20.64 -28.81 47.26
N ARG B 727 -21.75 -29.18 46.61
CA ARG B 727 -21.88 -30.49 45.99
C ARG B 727 -20.68 -30.86 45.10
N ASP B 728 -20.32 -29.99 44.17
CA ASP B 728 -19.35 -30.34 43.15
C ASP B 728 -17.98 -30.56 43.78
N ILE B 729 -17.64 -29.72 44.73
CA ILE B 729 -16.42 -29.97 45.49
C ILE B 729 -16.53 -31.28 46.25
N LEU B 730 -17.64 -31.46 46.95
CA LEU B 730 -17.73 -32.59 47.88
C LEU B 730 -17.53 -33.90 47.15
N SER B 731 -18.32 -34.10 46.12
CA SER B 731 -17.96 -35.00 45.07
C SER B 731 -16.45 -35.11 44.98
N TYR B 732 -15.75 -34.00 44.69
CA TYR B 732 -14.30 -34.11 44.49
C TYR B 732 -13.62 -34.90 45.62
N TYR B 733 -13.74 -34.40 46.87
CA TYR B 733 -13.21 -35.13 48.02
C TYR B 733 -13.55 -36.62 47.92
N ARG B 734 -14.71 -36.91 47.35
CA ARG B 734 -15.20 -38.28 47.28
C ARG B 734 -14.50 -39.10 46.19
N TYR B 735 -14.57 -38.67 44.92
CA TYR B 735 -13.96 -39.46 43.86
C TYR B 735 -12.46 -39.61 44.05
N GLN B 736 -11.83 -38.77 44.88
CA GLN B 736 -10.43 -39.02 45.21
C GLN B 736 -10.27 -39.96 46.40
N LEU B 737 -11.28 -40.10 47.27
CA LEU B 737 -11.16 -41.08 48.36
C LEU B 737 -10.95 -42.51 47.83
N ASN B 738 -11.77 -42.94 46.87
CA ASN B 738 -11.60 -44.25 46.24
C ASN B 738 -10.35 -44.24 45.36
N LEU B 739 -9.22 -43.99 46.02
CA LEU B 739 -7.88 -43.96 45.42
C LEU B 739 -7.62 -42.69 44.62
N PHE B 740 -6.34 -42.47 44.30
CA PHE B 740 -5.92 -41.44 43.37
C PHE B 740 -5.63 -42.12 42.03
N ALA B 741 -6.37 -41.75 40.99
CA ALA B 741 -6.43 -42.48 39.73
C ALA B 741 -5.06 -42.81 39.15
N ARG B 742 -4.50 -43.93 39.60
CA ARG B 742 -3.24 -44.40 39.07
C ARG B 742 -3.30 -44.53 37.54
N MET B 743 -4.35 -45.16 37.03
CA MET B 743 -4.59 -45.34 35.59
C MET B 743 -4.68 -44.01 34.82
N CYS B 744 -4.58 -43.92 33.46
CA CYS B 744 -3.94 -44.73 32.37
C CYS B 744 -4.82 -44.84 31.12
N LEU B 745 -4.13 -44.96 30.01
CA LEU B 745 -4.44 -45.74 28.82
C LEU B 745 -3.29 -46.73 28.66
N ASP B 746 -3.40 -47.68 27.73
CA ASP B 746 -2.53 -48.82 27.91
C ASP B 746 -1.86 -49.31 26.64
N ARG B 747 -1.52 -48.43 25.70
CA ARG B 747 -0.81 -48.90 24.53
C ARG B 747 0.14 -47.84 23.98
N GLN B 748 0.96 -48.28 23.03
CA GLN B 748 1.86 -47.41 22.30
C GLN B 748 2.16 -48.08 20.96
N TYR B 749 3.29 -47.70 20.35
CA TYR B 749 3.66 -48.05 18.97
C TYR B 749 2.69 -47.51 17.90
N LEU B 750 2.95 -47.83 16.62
CA LEU B 750 2.60 -46.92 15.50
C LEU B 750 1.10 -46.80 15.26
N ALA B 751 0.35 -47.81 15.66
CA ALA B 751 -1.09 -47.68 15.75
C ALA B 751 -1.48 -46.25 16.13
N ILE B 752 -0.93 -45.77 17.26
CA ILE B 752 -1.44 -44.56 17.89
C ILE B 752 -1.31 -43.37 16.95
N ASN B 753 -0.19 -43.24 16.28
CA ASN B 753 -0.13 -42.18 15.31
C ASN B 753 -1.09 -42.46 14.16
N GLU B 754 -1.22 -43.71 13.70
CA GLU B 754 -2.09 -43.95 12.54
C GLU B 754 -3.52 -43.62 12.88
N ILE B 755 -3.86 -43.73 14.16
CA ILE B 755 -5.20 -43.43 14.62
C ILE B 755 -5.36 -41.94 14.79
N SER B 756 -4.34 -41.32 15.38
CA SER B 756 -4.21 -39.88 15.36
C SER B 756 -4.51 -39.43 13.95
N GLY B 757 -4.13 -40.24 12.95
CA GLY B 757 -4.40 -39.91 11.55
C GLY B 757 -5.73 -40.44 11.08
N GLN B 758 -6.34 -41.29 11.89
CA GLN B 758 -7.71 -41.66 11.58
C GLN B 758 -8.68 -40.54 11.91
N LEU B 759 -8.53 -39.94 13.08
CA LEU B 759 -9.21 -38.72 13.45
C LEU B 759 -8.75 -37.54 12.55
N ASP B 760 -7.48 -37.62 12.18
CA ASP B 760 -6.51 -36.51 11.94
C ASP B 760 -6.95 -35.04 12.07
N VAL B 761 -7.70 -34.56 11.07
CA VAL B 761 -7.97 -33.13 10.96
C VAL B 761 -8.58 -32.60 12.25
N ASP B 762 -9.55 -33.35 12.78
CA ASP B 762 -10.28 -32.90 13.97
C ASP B 762 -9.40 -32.92 15.22
N LEU B 763 -8.37 -33.77 15.26
CA LEU B 763 -7.57 -33.93 16.48
C LEU B 763 -6.40 -32.97 16.53
N ILE B 764 -5.89 -32.58 15.37
CA ILE B 764 -5.02 -31.42 15.33
C ILE B 764 -5.85 -30.15 15.49
N LEU B 765 -7.11 -30.19 15.07
CA LEU B 765 -7.95 -29.02 15.28
C LEU B 765 -8.39 -28.95 16.74
N ARG B 766 -8.45 -30.10 17.40
CA ARG B 766 -8.85 -30.14 18.80
C ARG B 766 -7.65 -29.90 19.67
N CYS B 767 -6.67 -30.79 19.59
CA CYS B 767 -5.33 -30.52 20.05
C CYS B 767 -4.90 -29.07 19.85
N MET B 768 -5.46 -28.39 18.84
CA MET B 768 -5.08 -27.05 18.35
C MET B 768 -5.94 -25.95 18.94
N SER B 769 -7.20 -25.90 18.55
CA SER B 769 -8.13 -24.93 19.10
C SER B 769 -8.20 -25.04 20.62
N ASP B 770 -7.98 -26.24 21.16
CA ASP B 770 -7.90 -26.43 22.61
C ASP B 770 -6.49 -26.15 23.13
N GLU B 771 -5.49 -26.96 22.71
CA GLU B 771 -4.11 -26.71 23.14
C GLU B 771 -3.66 -25.29 22.79
N ASN B 772 -4.39 -24.61 21.86
CA ASN B 772 -4.38 -23.15 21.66
C ASN B 772 -5.85 -22.69 21.71
N LEU B 773 -6.43 -22.73 22.90
CA LEU B 773 -7.64 -21.98 23.21
C LEU B 773 -7.23 -20.58 23.63
N PRO B 774 -7.65 -20.09 24.80
CA PRO B 774 -7.42 -18.68 25.15
C PRO B 774 -7.88 -17.71 24.07
N TYR B 775 -7.56 -18.01 22.80
CA TYR B 775 -7.92 -17.19 21.64
C TYR B 775 -9.40 -17.26 21.26
N ASP B 776 -10.03 -18.43 21.38
CA ASP B 776 -11.48 -18.63 21.29
C ASP B 776 -12.06 -18.81 19.87
N LEU B 777 -12.28 -17.71 19.14
CA LEU B 777 -13.08 -17.71 17.90
C LEU B 777 -12.74 -18.89 16.97
N ARG B 778 -11.48 -19.27 16.90
CA ARG B 778 -11.03 -20.45 16.16
C ARG B 778 -11.85 -21.72 16.45
N ALA B 779 -11.62 -22.29 17.62
CA ALA B 779 -12.42 -23.39 18.16
C ALA B 779 -13.88 -23.28 17.75
N SER B 780 -14.41 -22.07 17.85
CA SER B 780 -15.82 -21.85 17.55
C SER B 780 -16.11 -22.24 16.12
N PHE B 781 -15.35 -21.68 15.18
CA PHE B 781 -15.52 -22.14 13.81
C PHE B 781 -15.42 -23.68 13.78
N CYS B 782 -14.46 -24.24 14.48
CA CYS B 782 -14.41 -25.70 14.55
C CYS B 782 -15.68 -26.25 15.20
N ARG B 783 -16.42 -25.41 15.90
CA ARG B 783 -17.70 -25.86 16.40
C ARG B 783 -18.73 -25.74 15.31
N LEU B 784 -18.46 -24.93 14.29
CA LEU B 784 -19.24 -25.05 13.08
C LEU B 784 -18.90 -26.36 12.42
N MET B 785 -17.68 -26.84 12.67
CA MET B 785 -17.26 -28.13 12.14
C MET B 785 -17.77 -29.24 13.03
N LEU B 786 -18.31 -28.87 14.18
CA LEU B 786 -18.89 -29.86 15.07
C LEU B 786 -20.40 -29.90 14.93
N HIS B 787 -21.01 -28.72 14.77
CA HIS B 787 -22.28 -28.54 14.12
C HIS B 787 -22.32 -29.44 12.90
N MET B 788 -21.21 -29.45 12.16
CA MET B 788 -21.10 -30.30 10.98
C MET B 788 -20.79 -31.76 11.35
N HIS B 789 -19.92 -31.97 12.34
CA HIS B 789 -19.41 -33.31 12.64
C HIS B 789 -20.52 -34.17 13.18
N VAL B 790 -21.22 -33.66 14.17
CA VAL B 790 -22.51 -34.16 14.62
C VAL B 790 -22.35 -35.64 14.92
N ASP B 791 -22.40 -36.45 13.85
CA ASP B 791 -22.18 -37.89 13.88
C ASP B 791 -21.09 -38.36 14.85
N SER B 825 -17.95 -55.36 38.67
CA SER B 825 -17.15 -54.17 38.94
C SER B 825 -17.99 -52.94 39.36
N LYS B 826 -19.11 -52.67 38.67
CA LYS B 826 -19.94 -51.50 38.97
C LYS B 826 -20.57 -51.58 40.36
N ASP B 827 -20.64 -50.44 41.04
CA ASP B 827 -20.93 -50.39 42.49
C ASP B 827 -21.86 -49.22 42.84
N GLU B 828 -21.83 -48.78 44.12
CA GLU B 828 -22.80 -47.80 44.63
C GLU B 828 -22.41 -46.37 44.24
N ILE B 829 -21.12 -46.15 44.04
CA ILE B 829 -20.69 -44.93 43.37
C ILE B 829 -21.56 -44.65 42.15
N LYS B 830 -21.70 -45.65 41.28
CA LYS B 830 -22.56 -45.52 40.12
C LYS B 830 -23.89 -44.85 40.47
N GLU B 831 -24.43 -45.15 41.65
CA GLU B 831 -25.67 -44.51 42.05
C GLU B 831 -25.46 -43.01 42.22
N ARG B 832 -24.38 -42.65 42.88
CA ARG B 832 -24.05 -41.23 42.89
C ARG B 832 -24.08 -40.67 41.47
N PHE B 833 -23.40 -41.38 40.57
CA PHE B 833 -23.24 -40.92 39.20
C PHE B 833 -24.58 -40.62 38.55
N ALA B 834 -25.54 -41.52 38.72
CA ALA B 834 -26.85 -41.28 38.15
C ALA B 834 -27.43 -39.97 38.66
N GLN B 835 -27.26 -39.69 39.97
CA GLN B 835 -27.68 -38.36 40.44
C GLN B 835 -27.04 -37.25 39.59
N THR B 836 -25.74 -37.35 39.32
CA THR B 836 -25.09 -36.32 38.50
C THR B 836 -25.68 -36.25 37.10
N MET B 837 -25.99 -37.41 36.52
CA MET B 837 -26.43 -37.45 35.13
C MET B 837 -27.79 -36.78 34.99
N GLU B 838 -28.63 -36.91 36.01
CA GLU B 838 -29.74 -35.96 36.13
C GLU B 838 -29.21 -34.53 36.09
N PHE B 839 -28.20 -34.25 36.92
CA PHE B 839 -27.76 -32.87 37.09
C PHE B 839 -27.25 -32.25 35.79
N VAL B 840 -26.88 -33.07 34.82
CA VAL B 840 -26.15 -32.60 33.64
C VAL B 840 -26.94 -32.80 32.36
N GLU B 841 -27.90 -33.70 32.36
CA GLU B 841 -29.01 -33.55 31.44
C GLU B 841 -29.70 -32.24 31.74
N GLU B 842 -30.01 -32.05 33.02
CA GLU B 842 -30.59 -30.81 33.54
C GLU B 842 -29.76 -29.59 33.13
N TYR B 843 -28.45 -29.63 33.40
CA TYR B 843 -27.56 -28.54 32.98
C TYR B 843 -27.70 -28.29 31.47
N LEU B 844 -27.63 -29.36 30.68
CA LEU B 844 -27.94 -29.31 29.24
C LEU B 844 -29.25 -28.57 28.95
N ARG B 845 -30.19 -28.63 29.89
CA ARG B 845 -31.45 -27.93 29.72
C ARG B 845 -31.39 -26.46 30.10
N ASP B 846 -30.57 -26.07 31.08
CA ASP B 846 -30.50 -24.64 31.33
C ASP B 846 -29.72 -23.95 30.23
N VAL B 847 -28.92 -24.71 29.50
CA VAL B 847 -28.25 -24.06 28.38
C VAL B 847 -29.27 -23.50 27.40
N VAL B 848 -30.44 -24.17 27.27
CA VAL B 848 -31.40 -23.79 26.23
C VAL B 848 -31.86 -22.36 26.43
N CYS B 849 -31.87 -21.89 27.67
CA CYS B 849 -31.76 -20.45 27.87
C CYS B 849 -30.71 -19.93 26.91
N GLN B 850 -31.17 -19.50 25.73
CA GLN B 850 -30.28 -18.89 24.78
C GLN B 850 -29.42 -17.83 25.46
N ARG B 851 -30.05 -16.79 25.99
CA ARG B 851 -29.39 -15.95 26.98
C ARG B 851 -28.72 -16.82 28.04
N PHE B 852 -27.53 -16.43 28.43
CA PHE B 852 -26.91 -16.99 29.62
C PHE B 852 -26.30 -15.78 30.32
N PRO B 853 -27.00 -14.64 30.25
CA PRO B 853 -26.64 -13.48 31.07
C PRO B 853 -26.47 -13.89 32.51
N PHE B 854 -25.78 -13.07 33.31
CA PHE B 854 -25.60 -13.27 34.74
C PHE B 854 -25.83 -14.69 35.27
N SER B 855 -27.07 -15.20 35.12
CA SER B 855 -27.43 -16.53 35.59
C SER B 855 -26.28 -17.52 35.45
N ASP B 856 -25.66 -17.51 34.28
CA ASP B 856 -24.43 -18.24 34.01
C ASP B 856 -23.35 -18.05 35.08
N LYS B 857 -23.41 -17.01 35.92
CA LYS B 857 -22.43 -16.87 36.99
C LYS B 857 -22.50 -18.08 37.90
N GLU B 858 -23.57 -18.16 38.69
CA GLU B 858 -23.86 -19.32 39.51
C GLU B 858 -23.93 -20.60 38.68
N LYS B 859 -24.89 -20.65 37.72
CA LYS B 859 -25.18 -21.90 36.98
C LYS B 859 -23.94 -22.50 36.32
N ASN B 860 -23.08 -21.64 35.78
CA ASN B 860 -21.83 -22.09 35.17
C ASN B 860 -20.89 -22.68 36.21
N LYS B 861 -20.43 -21.86 37.17
CA LYS B 861 -19.50 -22.35 38.19
C LYS B 861 -19.84 -23.79 38.55
N LEU B 862 -21.15 -24.03 38.79
CA LEU B 862 -21.62 -25.41 38.94
C LEU B 862 -21.18 -26.25 37.76
N THR B 863 -21.79 -26.02 36.59
CA THR B 863 -21.46 -26.80 35.41
C THR B 863 -19.98 -27.10 35.30
N PHE B 864 -19.14 -26.23 35.82
CA PHE B 864 -17.69 -26.32 35.72
C PHE B 864 -17.10 -27.27 36.74
N GLU B 865 -17.42 -27.16 38.02
CA GLU B 865 -16.85 -28.19 38.89
C GLU B 865 -17.53 -29.51 38.62
N VAL B 866 -18.82 -29.47 38.33
CA VAL B 866 -19.53 -30.56 37.67
C VAL B 866 -18.91 -31.00 36.36
N VAL B 867 -17.94 -30.27 35.85
CA VAL B 867 -17.44 -30.47 34.50
C VAL B 867 -16.01 -31.04 34.47
N ASN B 868 -15.02 -30.27 34.97
CA ASN B 868 -13.71 -30.89 35.19
C ASN B 868 -13.94 -32.16 35.94
N LEU B 869 -14.92 -32.11 36.84
CA LEU B 869 -15.64 -33.27 37.33
C LEU B 869 -16.17 -34.21 36.24
N ALA B 870 -17.00 -33.73 35.30
CA ALA B 870 -17.65 -34.62 34.33
C ALA B 870 -16.68 -35.29 33.35
N ARG B 871 -15.65 -34.59 32.90
CA ARG B 871 -14.63 -35.21 32.07
C ARG B 871 -13.83 -36.21 32.88
N ASN B 872 -13.40 -35.80 34.08
CA ASN B 872 -12.81 -36.78 34.98
C ASN B 872 -13.82 -37.87 35.37
N LEU B 873 -15.09 -37.67 35.04
CA LEU B 873 -16.13 -38.52 35.60
C LEU B 873 -16.43 -39.63 34.61
N ILE B 874 -16.72 -39.23 33.38
CA ILE B 874 -16.68 -40.14 32.26
C ILE B 874 -15.38 -40.93 32.41
N TYR B 875 -14.29 -40.23 32.71
CA TYR B 875 -12.96 -40.84 32.67
C TYR B 875 -12.67 -41.77 33.86
N PHE B 876 -13.34 -41.57 34.99
CA PHE B 876 -13.13 -42.45 36.13
C PHE B 876 -13.98 -43.70 36.01
N GLY B 877 -15.13 -43.61 35.33
CA GLY B 877 -16.00 -44.77 35.16
C GLY B 877 -15.73 -45.61 33.91
N PHE B 878 -14.73 -46.51 33.97
CA PHE B 878 -14.11 -47.11 32.80
C PHE B 878 -14.18 -48.64 32.83
N TYR B 879 -15.05 -49.25 32.02
CA TYR B 879 -15.17 -50.70 31.92
C TYR B 879 -15.47 -51.12 30.47
N ASN B 880 -15.13 -52.37 30.15
CA ASN B 880 -15.17 -52.87 28.77
C ASN B 880 -16.62 -53.12 28.33
N PHE B 881 -17.32 -52.04 27.98
CA PHE B 881 -18.73 -52.08 27.57
C PHE B 881 -19.15 -50.71 27.06
N SER B 882 -20.44 -50.62 26.72
CA SER B 882 -20.91 -49.63 25.75
C SER B 882 -21.74 -48.44 26.30
N ASP B 883 -22.03 -48.36 27.59
CA ASP B 883 -23.07 -47.41 28.02
C ASP B 883 -22.54 -46.17 28.76
N LEU B 884 -21.32 -46.18 29.27
CA LEU B 884 -20.71 -44.88 29.54
C LEU B 884 -20.52 -44.16 28.22
N LEU B 885 -20.44 -44.96 27.15
CA LEU B 885 -20.35 -44.45 25.80
C LEU B 885 -21.71 -44.13 25.22
N ARG B 886 -22.74 -44.92 25.56
CA ARG B 886 -24.09 -44.56 25.13
C ARG B 886 -24.47 -43.22 25.72
N LEU B 887 -24.33 -43.11 27.04
CA LEU B 887 -24.13 -41.85 27.74
C LEU B 887 -23.24 -40.88 26.96
N THR B 888 -22.26 -41.38 26.19
CA THR B 888 -21.41 -40.45 25.44
C THR B 888 -21.94 -40.07 24.06
N LYS B 889 -22.87 -40.81 23.47
CA LYS B 889 -23.61 -40.23 22.35
C LYS B 889 -24.51 -39.14 22.90
N ILE B 890 -25.08 -39.38 24.08
CA ILE B 890 -25.70 -38.30 24.84
C ILE B 890 -24.70 -37.19 25.16
N LEU B 891 -23.41 -37.43 24.91
CA LEU B 891 -22.44 -36.34 25.00
C LEU B 891 -21.79 -35.95 23.67
N LEU B 892 -22.16 -36.59 22.58
CA LEU B 892 -21.97 -35.96 21.28
C LEU B 892 -23.10 -34.99 21.07
N ALA B 893 -24.22 -35.32 21.68
CA ALA B 893 -25.35 -34.47 21.93
C ALA B 893 -24.89 -33.33 22.82
N ILE B 894 -24.88 -33.62 24.12
CA ILE B 894 -24.40 -32.69 25.14
C ILE B 894 -23.22 -31.89 24.60
N LEU B 895 -22.32 -32.61 23.96
CA LEU B 895 -21.19 -32.00 23.28
C LEU B 895 -21.65 -30.90 22.33
N ASP B 896 -22.46 -31.28 21.35
CA ASP B 896 -22.90 -30.31 20.37
C ASP B 896 -23.67 -29.16 21.02
N CYS B 897 -24.30 -29.39 22.17
CA CYS B 897 -25.14 -28.34 22.76
C CYS B 897 -24.34 -27.13 23.20
N VAL B 898 -23.09 -27.35 23.58
CA VAL B 898 -22.20 -26.21 23.86
C VAL B 898 -22.13 -25.33 22.64
N HIS B 899 -21.99 -25.94 21.47
CA HIS B 899 -22.06 -25.21 20.21
C HIS B 899 -23.48 -24.72 19.91
N VAL B 900 -23.74 -24.36 18.64
CA VAL B 900 -24.88 -23.49 18.22
C VAL B 900 -26.24 -24.18 18.26
N PRO B 960 -11.97 -6.01 30.81
CA PRO B 960 -12.02 -4.55 30.81
C PRO B 960 -13.40 -3.87 30.83
N GLU B 961 -14.23 -4.06 31.86
CA GLU B 961 -14.24 -5.17 32.79
C GLU B 961 -15.67 -5.67 32.65
N LYS B 962 -16.16 -5.58 31.40
CA LYS B 962 -17.54 -5.80 31.10
C LYS B 962 -17.63 -7.15 30.24
N GLU B 963 -17.34 -7.09 28.96
CA GLU B 963 -17.26 -8.33 28.19
C GLU B 963 -16.17 -9.26 28.75
N ASP B 964 -15.02 -8.70 29.12
CA ASP B 964 -13.88 -9.53 29.51
C ASP B 964 -14.03 -10.07 30.94
N ILE B 965 -14.31 -9.19 31.91
CA ILE B 965 -14.43 -9.65 33.30
C ILE B 965 -15.73 -10.41 33.47
N MET B 966 -16.72 -10.13 32.62
CA MET B 966 -17.83 -11.07 32.45
C MET B 966 -17.36 -12.43 31.95
N VAL B 967 -16.27 -12.48 31.16
CA VAL B 967 -15.84 -13.69 30.45
C VAL B 967 -14.81 -14.58 31.17
N MET B 968 -14.15 -14.04 32.21
CA MET B 968 -13.15 -14.76 32.98
C MET B 968 -13.59 -16.18 33.36
N ASP B 969 -14.90 -16.47 33.28
CA ASP B 969 -15.46 -17.79 33.62
C ASP B 969 -15.52 -18.76 32.41
N THR B 970 -16.14 -18.31 31.31
CA THR B 970 -16.23 -19.14 30.12
C THR B 970 -14.87 -19.72 29.75
N LYS B 971 -13.79 -19.00 30.08
CA LYS B 971 -12.47 -19.58 29.75
C LYS B 971 -12.24 -20.93 30.46
N LEU B 972 -12.53 -20.99 31.75
CA LEU B 972 -12.48 -22.28 32.43
C LEU B 972 -13.47 -23.23 31.78
N LYS B 973 -14.61 -22.71 31.31
CA LYS B 973 -15.49 -23.56 30.52
C LYS B 973 -14.80 -24.03 29.22
N ILE B 974 -13.64 -23.48 28.91
CA ILE B 974 -12.93 -23.91 27.71
C ILE B 974 -11.92 -25.00 28.04
N ILE B 975 -10.91 -24.68 28.86
CA ILE B 975 -9.98 -25.72 29.32
C ILE B 975 -10.77 -26.94 29.75
N GLU B 976 -11.92 -26.71 30.39
CA GLU B 976 -12.85 -27.73 30.86
C GLU B 976 -13.51 -28.52 29.70
N ILE B 977 -14.38 -27.84 28.91
CA ILE B 977 -15.06 -28.52 27.81
C ILE B 977 -14.05 -29.16 26.89
N LEU B 978 -12.81 -28.70 26.99
CA LEU B 978 -11.73 -29.05 26.06
C LEU B 978 -11.03 -30.33 26.48
N GLN B 979 -10.54 -30.38 27.71
CA GLN B 979 -10.09 -31.66 28.22
C GLN B 979 -11.27 -32.62 28.22
N PHE B 980 -12.49 -32.08 28.22
CA PHE B 980 -13.70 -32.90 28.27
C PHE B 980 -13.92 -33.63 26.96
N ILE B 981 -14.38 -32.92 25.93
CA ILE B 981 -14.53 -33.52 24.62
C ILE B 981 -13.22 -34.12 24.14
N LEU B 982 -12.08 -33.61 24.62
CA LEU B 982 -10.79 -34.20 24.31
C LEU B 982 -10.68 -35.64 24.84
N ASN B 983 -10.39 -35.78 26.15
CA ASN B 983 -10.27 -37.05 26.88
C ASN B 983 -11.12 -38.16 26.27
N VAL B 984 -12.44 -37.98 26.29
CA VAL B 984 -13.33 -38.92 25.60
C VAL B 984 -12.91 -39.00 24.14
N ARG B 985 -12.98 -37.86 23.45
CA ARG B 985 -12.58 -37.77 22.05
C ARG B 985 -11.19 -38.34 21.78
N LEU B 986 -10.27 -38.29 22.75
CA LEU B 986 -8.86 -38.61 22.49
C LEU B 986 -8.31 -39.78 23.30
N ASP B 987 -8.17 -39.68 24.63
CA ASP B 987 -7.70 -40.81 25.44
C ASP B 987 -8.50 -42.06 25.16
N TYR B 988 -9.59 -41.95 24.40
CA TYR B 988 -10.59 -42.99 24.32
C TYR B 988 -11.39 -43.08 23.01
N ARG B 989 -11.73 -41.97 22.36
CA ARG B 989 -12.48 -42.10 21.10
C ARG B 989 -11.58 -42.65 20.00
N ILE B 990 -11.19 -43.93 20.18
CA ILE B 990 -10.78 -44.87 19.15
C ILE B 990 -10.36 -46.21 19.78
N SER B 991 -10.33 -46.29 21.12
CA SER B 991 -9.71 -47.42 21.82
C SER B 991 -10.40 -48.75 21.49
N CYS B 992 -11.71 -48.73 21.27
CA CYS B 992 -12.38 -49.94 20.78
C CYS B 992 -12.06 -50.17 19.31
N LEU B 993 -12.15 -49.13 18.49
CA LEU B 993 -11.68 -49.20 17.12
C LEU B 993 -10.33 -49.88 17.01
N LEU B 994 -9.58 -49.96 18.11
CA LEU B 994 -8.22 -50.49 18.09
C LEU B 994 -8.16 -52.00 17.81
N CYS B 995 -9.03 -52.80 18.41
CA CYS B 995 -8.88 -54.26 18.38
C CYS B 995 -10.01 -55.00 17.65
N ILE B 996 -10.78 -54.30 16.81
CA ILE B 996 -12.08 -54.81 16.38
C ILE B 996 -11.95 -55.90 15.32
N PHE B 997 -11.16 -55.66 14.30
CA PHE B 997 -11.05 -56.57 13.17
C PHE B 997 -9.95 -57.61 13.36
N LYS B 998 -9.55 -57.86 14.61
CA LYS B 998 -8.58 -58.91 14.90
C LYS B 998 -8.96 -60.18 14.17
N ARG B 999 -8.09 -60.59 13.25
CA ARG B 999 -8.37 -61.48 12.14
C ARG B 999 -7.31 -61.20 11.07
N GLU B 1000 -6.22 -61.94 11.10
CA GLU B 1000 -5.23 -61.86 10.03
C GLU B 1000 -5.39 -63.08 9.13
N PHE B 1001 -4.99 -62.90 7.87
CA PHE B 1001 -5.16 -63.94 6.87
C PHE B 1001 -3.84 -64.70 6.73
N ASP B 1002 -3.85 -65.97 7.11
CA ASP B 1002 -2.65 -66.80 6.98
C ASP B 1002 -2.96 -68.26 7.24
N GLU B 1003 -3.92 -68.54 8.13
CA GLU B 1003 -4.31 -69.92 8.40
C GLU B 1003 -5.78 -69.93 8.78
N SER B 1004 -6.64 -69.85 7.74
CA SER B 1004 -8.09 -70.04 7.84
C SER B 1004 -8.68 -68.93 8.71
N ASN B 1005 -9.50 -69.22 9.71
CA ASN B 1005 -10.20 -68.22 10.48
C ASN B 1005 -9.71 -68.27 11.93
N SER B 1006 -8.84 -67.34 12.30
CA SER B 1006 -8.37 -67.16 13.68
C SER B 1006 -8.54 -65.70 14.05
N GLN B 1007 -9.79 -65.23 14.06
CA GLN B 1007 -10.14 -63.88 14.45
C GLN B 1007 -10.23 -63.76 15.98
N SER B 1008 -10.47 -62.52 16.43
CA SER B 1008 -10.56 -62.04 17.82
C SER B 1008 -10.89 -63.06 18.91
N SER B 1009 -11.97 -62.84 19.66
CA SER B 1009 -12.35 -63.72 20.76
C SER B 1009 -13.68 -63.33 21.39
N GLY B 1026 2.28 -65.92 29.92
CA GLY B 1026 2.24 -64.48 29.79
C GLY B 1026 2.79 -63.74 30.99
N ALA B 1027 3.66 -64.38 31.76
CA ALA B 1027 4.13 -63.82 33.03
C ALA B 1027 2.92 -63.41 33.86
N LEU B 1028 2.96 -62.28 34.58
CA LEU B 1028 1.88 -61.94 35.51
C LEU B 1028 1.58 -60.45 35.40
N ASP B 1029 0.64 -60.09 34.52
CA ASP B 1029 0.44 -58.71 34.09
C ASP B 1029 -0.65 -58.02 34.89
N PHE B 1030 -1.90 -58.49 34.74
CA PHE B 1030 -2.98 -58.05 35.62
C PHE B 1030 -2.54 -58.16 37.08
N GLU B 1031 -1.66 -59.10 37.38
CA GLU B 1031 -1.16 -59.36 38.73
C GLU B 1031 -0.25 -58.22 39.22
N HIS B 1032 0.81 -57.92 38.47
CA HIS B 1032 1.64 -56.76 38.82
C HIS B 1032 0.82 -55.48 38.86
N ILE B 1033 -0.21 -55.39 38.02
CA ILE B 1033 -0.99 -54.15 37.90
C ILE B 1033 -1.95 -53.98 39.09
N GLU B 1034 -2.38 -55.09 39.70
CA GLU B 1034 -3.15 -54.95 40.94
C GLU B 1034 -2.23 -54.69 42.12
N GLU B 1035 -0.99 -55.18 42.05
CA GLU B 1035 0.04 -54.60 42.91
C GLU B 1035 0.10 -53.09 42.73
N GLN B 1036 -0.26 -52.59 41.53
CA GLN B 1036 -0.26 -51.15 41.34
C GLN B 1036 -1.51 -50.48 41.93
N ALA B 1037 -2.69 -51.10 41.83
CA ALA B 1037 -3.87 -50.54 42.49
C ALA B 1037 -3.65 -50.45 44.00
N GLU B 1038 -3.08 -51.51 44.56
CA GLU B 1038 -2.45 -51.42 45.86
C GLU B 1038 -1.62 -50.14 45.95
N GLY B 1039 -0.75 -49.90 44.95
CA GLY B 1039 0.05 -48.68 44.93
C GLY B 1039 -0.77 -47.43 45.11
N ILE B 1040 -1.94 -47.37 44.49
CA ILE B 1040 -2.86 -46.25 44.73
C ILE B 1040 -3.07 -46.13 46.23
N PHE B 1041 -3.46 -47.24 46.84
CA PHE B 1041 -3.70 -47.20 48.29
C PHE B 1041 -2.46 -46.71 49.03
N GLY B 1042 -1.29 -47.25 48.72
CA GLY B 1042 -0.07 -46.77 49.34
C GLY B 1042 0.04 -45.27 49.23
N GLY B 1043 -0.03 -44.75 48.02
CA GLY B 1043 -0.13 -43.33 47.81
C GLY B 1043 -1.01 -42.64 48.84
N SER B 1044 -2.26 -43.10 48.93
CA SER B 1044 -3.25 -42.52 49.84
C SER B 1044 -2.95 -42.79 51.32
N GLU B 1045 -1.90 -43.54 51.63
CA GLU B 1045 -1.47 -43.55 53.01
C GLU B 1045 -0.79 -42.23 53.32
N GLU B 1046 -1.10 -41.68 54.47
CA GLU B 1046 -0.25 -40.69 55.08
C GLU B 1046 0.66 -41.40 56.05
N ASN B 1047 1.38 -40.62 56.84
CA ASN B 1047 2.37 -41.17 57.74
C ASN B 1047 1.90 -41.18 59.20
N THR B 1048 0.67 -40.72 59.49
CA THR B 1048 0.12 -40.66 60.83
C THR B 1048 -0.53 -41.97 61.21
N PRO B 1049 -0.95 -42.75 60.22
CA PRO B 1049 -1.39 -44.12 60.49
C PRO B 1049 -0.34 -44.87 61.31
N LEU B 1050 -0.76 -45.98 61.92
CA LEU B 1050 0.15 -46.75 62.75
C LEU B 1050 0.60 -48.06 62.10
N ASP B 1051 -0.32 -49.01 61.98
CA ASP B 1051 0.09 -50.38 61.64
C ASP B 1051 0.48 -50.50 60.17
N LEU B 1052 -0.44 -50.21 59.26
CA LEU B 1052 -0.34 -50.69 57.88
C LEU B 1052 0.89 -50.14 57.14
N ASP B 1053 1.37 -48.95 57.46
CA ASP B 1053 2.56 -48.45 56.74
C ASP B 1053 3.76 -49.34 57.01
N ASP B 1054 3.89 -49.84 58.24
CA ASP B 1054 4.84 -50.90 58.56
C ASP B 1054 4.19 -52.27 58.59
N HIS B 1055 3.21 -52.48 59.48
CA HIS B 1055 2.63 -53.81 59.65
C HIS B 1055 1.98 -54.31 58.35
N GLY B 1056 1.37 -53.41 57.61
CA GLY B 1056 0.86 -53.77 56.29
C GLY B 1056 1.87 -53.46 55.21
N GLY B 1057 2.69 -52.44 55.44
CA GLY B 1057 3.66 -52.02 54.44
C GLY B 1057 4.73 -53.08 54.21
N ARG B 1058 5.03 -53.34 52.94
CA ARG B 1058 5.78 -54.50 52.56
C ARG B 1058 6.84 -54.12 51.54
N THR B 1059 7.77 -55.06 51.38
CA THR B 1059 8.71 -55.06 50.27
C THR B 1059 8.06 -55.58 49.00
N PHE B 1060 7.02 -54.88 48.56
CA PHE B 1060 6.64 -55.01 47.17
C PHE B 1060 7.84 -54.77 46.25
N LEU B 1061 8.78 -53.91 46.68
CA LEU B 1061 10.03 -53.66 45.96
C LEU B 1061 10.58 -54.91 45.31
N ARG B 1062 10.51 -56.04 46.02
CA ARG B 1062 11.09 -57.29 45.52
C ARG B 1062 10.63 -57.60 44.11
N VAL B 1063 9.31 -57.68 43.90
CA VAL B 1063 8.75 -58.01 42.60
C VAL B 1063 9.54 -57.21 41.55
N LEU B 1064 9.70 -55.92 41.83
CA LEU B 1064 10.51 -55.02 41.02
C LEU B 1064 11.84 -55.63 40.58
N LEU B 1065 12.77 -55.78 41.53
CA LEU B 1065 14.09 -56.39 41.30
C LEU B 1065 14.07 -57.50 40.28
N HIS B 1066 13.06 -58.36 40.36
CA HIS B 1066 13.06 -59.51 39.47
C HIS B 1066 12.60 -59.07 38.08
N LEU B 1067 11.41 -58.47 38.01
CA LEU B 1067 10.72 -57.92 36.86
C LEU B 1067 11.46 -56.80 36.23
N THR B 1068 12.69 -56.55 36.67
CA THR B 1068 13.44 -55.43 36.08
C THR B 1068 13.82 -55.69 34.63
N MET B 1069 14.17 -56.94 34.31
CA MET B 1069 14.90 -57.22 33.07
C MET B 1069 14.08 -56.90 31.82
N HIS B 1070 12.76 -56.97 31.90
CA HIS B 1070 11.96 -56.80 30.71
C HIS B 1070 11.67 -55.31 30.44
N ASP B 1071 10.62 -55.01 29.68
CA ASP B 1071 10.28 -53.64 29.28
C ASP B 1071 9.04 -53.11 29.98
N TYR B 1072 8.94 -51.79 30.07
CA TYR B 1072 7.95 -51.19 30.95
C TYR B 1072 6.54 -51.36 30.40
N PRO B 1073 5.55 -51.37 31.26
CA PRO B 1073 4.18 -51.49 30.79
C PRO B 1073 3.69 -50.16 30.25
N PRO B 1074 2.48 -50.13 29.72
CA PRO B 1074 1.97 -48.87 29.23
C PRO B 1074 1.50 -47.94 30.34
N LEU B 1075 1.05 -48.50 31.48
CA LEU B 1075 0.55 -47.73 32.60
C LEU B 1075 1.65 -47.35 33.61
N VAL B 1076 2.92 -47.51 33.26
CA VAL B 1076 4.03 -47.13 34.15
C VAL B 1076 4.04 -45.65 34.49
N SER B 1077 3.34 -44.83 33.72
CA SER B 1077 3.09 -43.46 34.15
C SER B 1077 2.51 -43.43 35.56
N GLY B 1078 1.76 -44.47 35.94
CA GLY B 1078 1.25 -44.52 37.30
C GLY B 1078 2.32 -44.84 38.31
N ALA B 1079 3.48 -45.31 37.85
CA ALA B 1079 4.53 -45.65 38.80
C ALA B 1079 5.06 -44.39 39.49
N LEU B 1080 5.25 -43.32 38.72
CA LEU B 1080 5.70 -42.07 39.29
C LEU B 1080 4.94 -41.70 40.56
N GLN B 1081 3.66 -42.07 40.64
CA GLN B 1081 2.87 -41.87 41.85
C GLN B 1081 3.65 -42.22 43.10
N LEU B 1082 4.07 -43.48 43.21
CA LEU B 1082 4.91 -43.90 44.32
C LEU B 1082 5.99 -42.84 44.52
N LEU B 1083 6.87 -42.77 43.54
CA LEU B 1083 7.82 -41.69 43.38
C LEU B 1083 7.28 -40.40 43.98
N PHE B 1084 6.25 -39.86 43.33
CA PHE B 1084 5.80 -38.53 43.70
C PHE B 1084 5.41 -38.46 45.17
N ARG B 1085 4.62 -39.44 45.63
CA ARG B 1085 4.30 -39.44 47.05
C ARG B 1085 5.59 -39.51 47.85
N HIS B 1086 6.46 -40.44 47.46
CA HIS B 1086 7.75 -40.62 48.11
C HIS B 1086 8.65 -39.39 48.05
N PHE B 1087 8.37 -38.42 47.18
CA PHE B 1087 9.14 -37.18 47.20
C PHE B 1087 9.05 -36.50 48.54
N SER B 1088 8.13 -36.96 49.38
CA SER B 1088 7.65 -36.19 50.52
C SER B 1088 8.76 -35.85 51.52
N GLN B 1089 9.32 -36.85 52.19
CA GLN B 1089 10.25 -36.58 53.30
C GLN B 1089 11.16 -37.78 53.52
N ARG B 1090 11.83 -37.80 54.67
CA ARG B 1090 12.78 -38.84 55.07
C ARG B 1090 12.90 -38.90 56.59
N GLN B 1091 12.81 -40.11 57.12
CA GLN B 1091 12.61 -40.32 58.56
C GLN B 1091 13.22 -41.65 59.01
N GLU B 1092 13.33 -42.62 58.11
CA GLU B 1092 13.76 -43.96 58.46
C GLU B 1092 14.34 -44.59 57.21
N VAL B 1093 14.89 -45.77 57.40
CA VAL B 1093 15.65 -46.41 56.32
C VAL B 1093 14.79 -47.21 55.33
N LEU B 1094 13.66 -47.75 55.83
CA LEU B 1094 12.83 -48.66 55.03
C LEU B 1094 12.52 -48.07 53.66
N GLN B 1095 12.43 -46.75 53.56
CA GLN B 1095 12.66 -45.98 52.34
C GLN B 1095 13.49 -46.80 51.40
N ALA B 1096 14.77 -46.56 51.38
CA ALA B 1096 15.75 -47.49 50.82
C ALA B 1096 15.12 -48.72 50.21
N PHE B 1097 14.74 -49.69 51.02
CA PHE B 1097 14.36 -50.96 50.38
C PHE B 1097 13.04 -50.81 49.61
N LYS B 1098 12.01 -50.31 50.29
CA LYS B 1098 10.90 -49.71 49.56
C LYS B 1098 11.42 -48.83 48.43
N GLN B 1099 12.21 -47.81 48.77
CA GLN B 1099 12.53 -46.77 47.78
C GLN B 1099 13.54 -47.23 46.71
N VAL B 1100 14.38 -48.23 46.99
CA VAL B 1100 15.36 -48.63 45.98
C VAL B 1100 14.65 -49.12 44.73
N GLN B 1101 13.54 -49.84 44.94
CA GLN B 1101 12.74 -50.40 43.87
C GLN B 1101 12.49 -49.41 42.76
N LEU B 1102 12.25 -48.16 43.11
CA LEU B 1102 11.97 -47.19 42.05
C LEU B 1102 13.14 -47.11 41.09
N LEU B 1103 14.36 -47.24 41.59
CA LEU B 1103 15.53 -47.42 40.72
C LEU B 1103 15.33 -48.57 39.73
N VAL B 1104 14.66 -49.62 40.15
CA VAL B 1104 14.32 -50.73 39.26
C VAL B 1104 13.35 -50.21 38.20
N THR B 1105 13.63 -50.53 36.94
CA THR B 1105 12.99 -49.87 35.81
C THR B 1105 13.10 -50.76 34.61
N SER B 1106 12.48 -50.33 33.55
CA SER B 1106 12.35 -51.18 32.36
C SER B 1106 12.45 -50.42 31.07
N GLN B 1107 13.24 -49.31 31.03
CA GLN B 1107 13.84 -48.70 29.83
C GLN B 1107 14.09 -47.19 30.01
N ASP B 1108 15.36 -46.82 30.11
CA ASP B 1108 15.72 -45.46 30.45
C ASP B 1108 15.33 -44.47 29.36
N VAL B 1109 15.43 -44.86 28.09
CA VAL B 1109 15.29 -43.90 27.01
C VAL B 1109 13.88 -43.32 26.97
N ASP B 1110 12.89 -44.16 26.65
CA ASP B 1110 11.51 -43.69 26.61
C ASP B 1110 11.11 -43.00 27.90
N ASN B 1111 11.70 -43.41 29.02
CA ASN B 1111 11.31 -42.90 30.32
C ASN B 1111 11.81 -41.48 30.55
N TYR B 1112 13.05 -41.19 30.19
CA TYR B 1112 13.72 -39.99 30.71
C TYR B 1112 13.04 -38.68 30.25
N LYS B 1113 12.56 -38.62 29.00
CA LYS B 1113 11.95 -37.38 28.51
C LYS B 1113 10.77 -36.98 29.38
N GLN B 1114 9.94 -37.94 29.74
CA GLN B 1114 8.86 -37.67 30.68
C GLN B 1114 9.38 -37.32 32.08
N ILE B 1115 10.61 -37.72 32.40
CA ILE B 1115 11.08 -37.70 33.79
C ILE B 1115 11.20 -36.28 34.33
N LYS B 1116 11.59 -35.33 33.49
CA LYS B 1116 11.57 -33.94 33.88
C LYS B 1116 10.13 -33.44 34.10
N GLN B 1117 9.26 -34.31 34.60
CA GLN B 1117 8.00 -33.87 35.18
C GLN B 1117 8.24 -32.83 36.26
N ASP B 1118 8.80 -33.26 37.38
CA ASP B 1118 9.45 -32.39 38.39
C ASP B 1118 10.95 -32.70 38.48
N LEU B 1119 11.69 -32.53 37.38
CA LEU B 1119 13.14 -32.46 37.43
C LEU B 1119 13.60 -31.61 38.61
N ASP B 1120 12.94 -30.46 38.76
CA ASP B 1120 13.23 -29.53 39.87
C ASP B 1120 13.33 -30.25 41.20
N GLN B 1121 12.41 -31.17 41.46
CA GLN B 1121 12.47 -31.84 42.74
C GLN B 1121 13.65 -32.81 42.80
N LEU B 1122 13.91 -33.51 41.70
CA LEU B 1122 15.13 -34.30 41.59
C LEU B 1122 16.35 -33.49 42.04
N ARG B 1123 16.41 -32.22 41.60
CA ARG B 1123 17.55 -31.38 41.96
C ARG B 1123 17.64 -31.16 43.47
N SER B 1124 16.55 -30.63 44.07
CA SER B 1124 16.52 -30.44 45.52
C SER B 1124 16.92 -31.70 46.28
N ILE B 1125 16.84 -32.85 45.64
CA ILE B 1125 17.26 -34.10 46.27
C ILE B 1125 18.77 -34.33 46.16
N VAL B 1126 19.32 -34.22 44.96
CA VAL B 1126 20.75 -34.44 44.81
C VAL B 1126 21.55 -33.55 45.75
N GLU B 1127 21.14 -32.29 45.92
CA GLU B 1127 21.98 -31.40 46.74
C GLU B 1127 22.12 -31.92 48.18
N LYS B 1128 20.99 -32.20 48.84
CA LYS B 1128 21.07 -32.83 50.15
C LYS B 1128 21.86 -34.14 50.13
N SER B 1129 21.95 -34.83 48.98
CA SER B 1129 23.01 -35.84 48.84
C SER B 1129 24.39 -35.26 48.96
N GLU B 1130 24.61 -34.03 48.44
CA GLU B 1130 25.98 -33.56 48.27
C GLU B 1130 26.56 -33.09 49.59
N LEU B 1131 25.89 -32.19 50.29
CA LEU B 1131 26.32 -31.92 51.66
C LEU B 1131 26.02 -33.11 52.57
N TRP B 1132 24.90 -33.78 52.33
CA TRP B 1132 24.51 -34.90 53.14
C TRP B 1132 24.73 -36.14 52.35
N VAL B 1176 17.31 -44.60 54.34
CA VAL B 1176 17.78 -43.31 54.83
C VAL B 1176 19.06 -42.93 54.08
N LYS B 1177 19.88 -43.93 53.75
CA LYS B 1177 21.02 -43.74 52.86
C LYS B 1177 20.61 -43.58 51.41
N GLU B 1178 19.32 -43.81 51.15
CA GLU B 1178 18.80 -43.92 49.79
C GLU B 1178 18.57 -42.57 49.13
N ILE B 1179 18.91 -41.47 49.79
CA ILE B 1179 18.69 -40.13 49.23
C ILE B 1179 19.89 -39.65 48.44
N LEU B 1180 21.07 -39.72 49.03
CA LEU B 1180 22.29 -39.63 48.23
C LEU B 1180 22.36 -40.77 47.21
N ILE B 1181 22.14 -42.02 47.65
CA ILE B 1181 22.25 -43.14 46.71
C ILE B 1181 21.27 -42.98 45.54
N ARG B 1182 19.98 -42.78 45.84
CA ARG B 1182 18.97 -42.70 44.79
C ARG B 1182 19.14 -41.44 43.94
N LEU B 1183 19.59 -40.34 44.56
CA LEU B 1183 19.94 -39.17 43.78
C LEU B 1183 21.01 -39.51 42.74
N SER B 1184 21.96 -40.38 43.08
CA SER B 1184 22.99 -40.75 42.11
C SER B 1184 22.41 -41.62 40.98
N LYS B 1185 21.75 -42.72 41.35
CA LYS B 1185 21.18 -43.59 40.31
C LYS B 1185 20.32 -42.77 39.34
N LEU B 1186 19.43 -41.93 39.89
CA LEU B 1186 18.64 -41.01 39.08
C LEU B 1186 19.53 -40.17 38.17
N CYS B 1187 20.65 -39.69 38.71
CA CYS B 1187 21.51 -38.82 37.92
C CYS B 1187 22.16 -39.59 36.78
N VAL B 1188 22.45 -40.87 36.97
CA VAL B 1188 23.18 -41.62 35.95
C VAL B 1188 22.26 -42.02 34.81
N GLN B 1189 21.07 -42.53 35.15
CA GLN B 1189 20.12 -42.94 34.11
C GLN B 1189 19.84 -41.81 33.13
N GLU B 1190 19.74 -40.57 33.64
CA GLU B 1190 19.59 -39.40 32.75
C GLU B 1190 20.90 -39.08 32.04
N SER B 1191 22.00 -39.03 32.80
CA SER B 1191 23.33 -38.91 32.21
C SER B 1191 23.54 -39.95 31.12
N ALA B 1192 23.01 -41.16 31.33
CA ALA B 1192 23.04 -42.20 30.30
C ALA B 1192 22.01 -41.93 29.22
N SER B 1193 21.17 -40.95 29.36
CA SER B 1193 20.12 -40.73 28.38
C SER B 1193 20.71 -39.90 27.25
N VAL B 1194 19.83 -39.41 26.37
CA VAL B 1194 20.23 -39.02 25.02
C VAL B 1194 21.22 -37.87 25.07
N ARG B 1195 21.92 -37.70 23.95
CA ARG B 1195 22.53 -36.41 23.68
C ARG B 1195 21.45 -35.37 23.90
N LYS B 1196 20.24 -35.62 23.40
CA LYS B 1196 19.12 -34.68 23.62
C LYS B 1196 18.74 -34.59 25.09
N SER B 1197 19.15 -35.57 25.89
CA SER B 1197 19.05 -35.35 27.31
C SER B 1197 20.11 -34.36 27.67
N ARG B 1198 21.35 -34.82 27.56
CA ARG B 1198 22.54 -34.03 27.84
C ARG B 1198 22.32 -32.56 27.47
N LYS B 1199 21.60 -32.35 26.37
CA LYS B 1199 21.39 -31.04 25.76
C LYS B 1199 20.18 -30.33 26.35
N GLN B 1200 19.01 -30.98 26.30
CA GLN B 1200 17.88 -30.47 27.07
C GLN B 1200 18.36 -29.88 28.38
N GLN B 1201 19.47 -30.42 28.92
CA GLN B 1201 20.02 -29.89 30.17
C GLN B 1201 20.31 -28.39 30.08
N GLN B 1202 20.67 -27.91 28.88
CA GLN B 1202 20.70 -26.47 28.67
C GLN B 1202 19.28 -25.99 28.37
N ARG B 1203 18.30 -26.54 29.06
CA ARG B 1203 17.00 -25.89 29.21
C ARG B 1203 17.17 -24.56 29.94
N LEU B 1204 18.12 -24.51 30.91
CA LEU B 1204 18.71 -23.30 31.52
C LEU B 1204 20.19 -23.49 31.87
N LEU B 1205 20.71 -22.74 32.86
CA LEU B 1205 22.04 -22.93 33.43
C LEU B 1205 22.00 -23.85 34.64
N ARG B 1206 21.21 -24.93 34.54
CA ARG B 1206 20.74 -25.66 35.71
C ARG B 1206 21.80 -26.60 36.32
N ASN B 1207 22.59 -27.32 35.52
CA ASN B 1207 23.60 -28.21 36.09
C ASN B 1207 24.60 -27.46 36.97
N MET B 1208 24.87 -26.20 36.64
CA MET B 1208 25.99 -25.45 37.21
C MET B 1208 25.95 -25.38 38.74
N GLY B 1209 24.76 -25.13 39.28
CA GLY B 1209 24.61 -25.12 40.73
C GLY B 1209 24.82 -26.48 41.35
N ALA B 1210 24.10 -27.49 40.84
CA ALA B 1210 24.27 -28.85 41.31
C ALA B 1210 25.76 -29.18 41.49
N HIS B 1211 26.57 -28.86 40.48
CA HIS B 1211 28.01 -28.87 40.64
C HIS B 1211 28.45 -28.10 41.89
N ALA B 1212 28.43 -26.75 41.82
CA ALA B 1212 28.99 -25.96 42.92
C ALA B 1212 28.41 -26.31 44.29
N VAL B 1213 27.42 -27.18 44.34
CA VAL B 1213 26.90 -27.70 45.59
C VAL B 1213 27.61 -29.00 45.91
N VAL B 1214 27.89 -29.80 44.87
CA VAL B 1214 28.85 -30.91 44.96
C VAL B 1214 30.09 -30.21 45.46
N LEU B 1215 30.92 -29.72 44.54
CA LEU B 1215 32.18 -29.12 44.94
C LEU B 1215 32.03 -28.26 46.20
N GLU B 1216 30.96 -27.46 46.32
CA GLU B 1216 30.88 -26.57 47.49
C GLU B 1216 30.42 -27.31 48.73
N LEU B 1217 29.70 -28.42 48.55
CA LEU B 1217 29.51 -29.39 49.63
C LEU B 1217 30.05 -30.79 49.28
N LEU B 1218 31.02 -30.88 48.37
CA LEU B 1218 31.65 -32.16 48.04
C LEU B 1218 32.99 -32.06 47.35
N GLN B 1219 33.55 -30.86 47.16
CA GLN B 1219 35.00 -30.76 46.96
C GLN B 1219 35.67 -30.58 48.32
N ILE B 1220 35.03 -31.29 49.25
CA ILE B 1220 35.36 -31.36 50.66
C ILE B 1220 36.43 -32.42 50.78
N PRO B 1221 36.47 -33.19 51.88
CA PRO B 1221 37.40 -34.32 51.95
C PRO B 1221 37.06 -35.47 51.02
N TYR B 1222 35.81 -35.59 50.60
CA TYR B 1222 35.21 -36.75 49.95
C TYR B 1222 35.20 -37.98 50.85
N GLU B 1223 35.12 -39.18 50.25
CA GLU B 1223 34.88 -40.42 50.99
C GLU B 1223 36.13 -41.31 50.98
N LYS B 1224 36.19 -42.33 51.85
CA LYS B 1224 37.28 -43.29 51.77
C LYS B 1224 36.94 -44.34 50.71
N ALA B 1225 37.81 -44.49 49.74
CA ALA B 1225 37.65 -45.44 48.63
C ALA B 1225 37.76 -46.88 49.13
N GLU B 1226 37.41 -47.91 48.32
CA GLU B 1226 36.91 -47.86 46.94
C GLU B 1226 35.67 -46.95 46.72
N ASP B 1227 34.75 -46.92 47.69
CA ASP B 1227 33.61 -46.00 47.71
C ASP B 1227 33.99 -44.56 47.37
N THR B 1228 33.31 -43.98 46.35
CA THR B 1228 33.70 -42.71 45.70
C THR B 1228 32.45 -42.02 45.11
N LYS B 1229 31.71 -41.31 45.95
CA LYS B 1229 30.37 -40.88 45.60
C LYS B 1229 30.38 -39.74 44.60
N MET B 1230 31.07 -38.63 44.91
CA MET B 1230 31.14 -37.52 43.95
C MET B 1230 31.59 -37.98 42.56
N GLN B 1231 32.21 -39.18 42.48
CA GLN B 1231 32.91 -39.66 41.27
C GLN B 1231 31.95 -40.05 40.16
N GLU B 1232 30.99 -40.90 40.45
CA GLU B 1232 30.13 -41.40 39.37
C GLU B 1232 28.99 -40.44 39.05
N ILE B 1233 28.78 -39.39 39.85
CA ILE B 1233 27.69 -38.44 39.63
C ILE B 1233 28.27 -37.25 38.87
N MET B 1234 29.32 -36.65 39.43
CA MET B 1234 30.02 -35.63 38.68
C MET B 1234 30.41 -36.26 37.34
N ARG B 1235 30.83 -37.53 37.40
CA ARG B 1235 31.15 -38.28 36.18
C ARG B 1235 29.93 -38.41 35.28
N LEU B 1236 28.84 -38.95 35.84
CA LEU B 1236 27.69 -39.31 35.03
C LEU B 1236 27.28 -38.13 34.17
N ALA B 1237 27.11 -36.98 34.80
CA ALA B 1237 27.09 -35.73 34.06
C ALA B 1237 27.94 -35.80 32.79
N HIS B 1238 29.21 -36.12 32.93
CA HIS B 1238 30.19 -36.12 31.84
C HIS B 1238 29.74 -36.90 30.60
N GLU B 1239 28.70 -37.70 30.68
CA GLU B 1239 28.33 -38.51 29.51
C GLU B 1239 28.03 -37.64 28.29
N PHE B 1240 28.77 -37.88 27.19
CA PHE B 1240 28.56 -37.22 25.89
C PHE B 1240 28.73 -38.27 24.79
N LEU B 1241 27.92 -39.34 24.86
CA LEU B 1241 27.77 -40.39 23.84
C LEU B 1241 28.79 -41.51 24.04
N GLN B 1242 29.13 -41.77 25.29
CA GLN B 1242 30.17 -42.75 25.64
C GLN B 1242 31.54 -42.28 25.13
N ASN B 1243 31.86 -41.01 25.46
CA ASN B 1243 33.16 -40.31 25.17
C ASN B 1243 33.20 -39.68 23.76
N PHE B 1244 33.94 -38.58 23.54
CA PHE B 1244 34.58 -37.73 24.56
C PHE B 1244 33.57 -36.66 24.99
N CYS B 1245 34.01 -35.54 25.55
CA CYS B 1245 33.07 -34.51 26.00
C CYS B 1245 32.60 -33.67 24.82
N ALA B 1246 32.29 -34.35 23.74
CA ALA B 1246 32.11 -33.70 22.46
C ALA B 1246 30.96 -32.71 22.53
N GLY B 1247 31.03 -31.69 21.68
CA GLY B 1247 30.04 -30.64 21.59
C GLY B 1247 29.53 -30.25 22.94
N ASN B 1248 30.39 -30.28 23.93
CA ASN B 1248 29.95 -29.83 25.21
C ASN B 1248 30.61 -28.48 25.36
N GLN B 1249 30.39 -27.63 24.37
CA GLN B 1249 30.74 -26.22 24.46
C GLN B 1249 30.27 -25.62 25.76
N GLN B 1250 29.22 -26.18 26.35
CA GLN B 1250 28.69 -25.67 27.60
C GLN B 1250 29.56 -25.99 28.82
N ASN B 1251 30.48 -26.97 28.73
CA ASN B 1251 31.20 -27.42 29.92
C ASN B 1251 32.12 -26.33 30.49
N GLN B 1252 32.47 -25.34 29.68
CA GLN B 1252 33.50 -24.36 30.07
C GLN B 1252 32.98 -23.38 31.12
N ALA B 1253 31.94 -22.62 30.75
CA ALA B 1253 31.34 -21.68 31.68
C ALA B 1253 31.11 -22.34 33.03
N LEU B 1254 30.60 -23.58 33.01
CA LEU B 1254 30.58 -24.42 34.21
C LEU B 1254 31.94 -24.38 34.91
N LEU B 1255 33.01 -24.72 34.19
CA LEU B 1255 34.33 -24.65 34.77
C LEU B 1255 34.67 -23.30 35.42
N HIS B 1256 33.97 -22.21 35.09
CA HIS B 1256 34.41 -20.86 35.48
C HIS B 1256 34.47 -20.54 36.98
N LYS B 1257 33.85 -21.33 37.87
CA LYS B 1257 33.87 -20.97 39.30
C LYS B 1257 33.51 -22.14 40.23
N HIS B 1258 34.27 -22.25 41.31
CA HIS B 1258 34.17 -23.33 42.30
C HIS B 1258 35.07 -23.01 43.49
N ILE B 1259 35.31 -24.02 44.31
CA ILE B 1259 36.42 -24.09 45.26
C ILE B 1259 37.23 -25.32 44.87
N ASN B 1260 38.54 -25.23 44.99
CA ASN B 1260 39.43 -26.00 44.11
C ASN B 1260 40.09 -27.20 44.83
N LEU B 1261 41.22 -27.64 44.26
CA LEU B 1261 42.06 -28.71 44.81
C LEU B 1261 43.51 -28.30 44.61
N PHE B 1262 44.26 -28.19 45.71
CA PHE B 1262 45.40 -27.28 45.83
C PHE B 1262 46.70 -27.97 45.46
N LEU B 1263 47.80 -27.19 45.52
CA LEU B 1263 49.13 -27.60 45.07
C LEU B 1263 50.21 -27.27 46.13
N ASN B 1264 50.17 -27.93 47.29
CA ASN B 1264 51.31 -27.99 48.23
C ASN B 1264 51.50 -29.45 48.64
N PRO B 1265 52.35 -29.79 49.60
CA PRO B 1265 52.53 -31.20 49.95
C PRO B 1265 51.35 -31.71 50.76
N GLY B 1266 51.32 -33.02 51.00
CA GLY B 1266 50.44 -33.60 52.01
C GLY B 1266 49.93 -34.98 51.66
N ILE B 1267 49.09 -35.52 52.57
CA ILE B 1267 48.44 -36.83 52.41
C ILE B 1267 47.15 -36.94 53.25
N LEU B 1268 46.13 -37.67 52.72
CA LEU B 1268 44.78 -37.72 53.34
C LEU B 1268 43.89 -38.89 52.90
N GLU B 1269 42.62 -38.59 52.53
CA GLU B 1269 41.51 -39.52 52.26
C GLU B 1269 40.98 -39.39 50.83
N ALA B 1270 40.09 -40.31 50.44
CA ALA B 1270 40.05 -40.77 49.06
C ALA B 1270 38.86 -40.27 48.23
N VAL B 1271 38.61 -40.93 47.10
CA VAL B 1271 37.32 -40.99 46.46
C VAL B 1271 36.87 -39.68 45.86
N THR B 1272 37.77 -38.72 45.68
CA THR B 1272 37.32 -37.52 45.01
C THR B 1272 38.25 -37.13 43.87
N MET B 1273 39.51 -36.87 44.21
CA MET B 1273 40.38 -36.17 43.29
C MET B 1273 40.47 -36.88 41.95
N GLN B 1274 40.26 -38.20 41.92
CA GLN B 1274 40.19 -38.93 40.66
C GLN B 1274 39.01 -38.45 39.81
N HIS B 1275 37.81 -38.50 40.39
CA HIS B 1275 36.65 -37.82 39.81
C HIS B 1275 36.96 -36.37 39.46
N ILE B 1276 37.55 -35.64 40.41
CA ILE B 1276 37.76 -34.21 40.25
C ILE B 1276 38.59 -33.95 38.99
N PHE B 1277 39.56 -34.81 38.73
CA PHE B 1277 40.38 -34.59 37.55
C PHE B 1277 39.69 -35.09 36.27
N MET B 1278 39.28 -36.36 36.23
CA MET B 1278 38.67 -36.89 35.00
C MET B 1278 37.47 -36.04 34.59
N ASN B 1279 36.72 -35.61 35.59
CA ASN B 1279 35.78 -34.51 35.46
C ASN B 1279 36.44 -33.33 34.73
N ASN B 1280 37.59 -32.83 35.22
CA ASN B 1280 38.25 -31.72 34.52
C ASN B 1280 38.46 -32.00 33.03
N PHE B 1281 38.80 -33.25 32.71
CA PHE B 1281 38.90 -33.67 31.32
C PHE B 1281 37.61 -33.42 30.56
N GLN B 1282 36.47 -33.83 31.12
CA GLN B 1282 35.19 -33.69 30.41
C GLN B 1282 34.63 -32.28 30.41
N LEU B 1283 35.11 -31.39 31.30
CA LEU B 1283 34.74 -29.99 31.16
C LEU B 1283 35.58 -29.30 30.11
N CYS B 1284 36.82 -29.77 29.83
CA CYS B 1284 37.59 -29.18 28.73
C CYS B 1284 36.89 -29.28 27.36
N SER B 1285 35.86 -30.16 27.24
CA SER B 1285 34.85 -30.34 26.19
C SER B 1285 34.83 -29.39 24.98
N GLU B 1286 35.04 -28.11 25.20
CA GLU B 1286 35.12 -27.18 24.10
C GLU B 1286 36.57 -27.03 23.65
N ILE B 1287 37.11 -28.12 23.13
CA ILE B 1287 38.22 -27.96 22.24
C ILE B 1287 37.65 -27.48 20.93
N ASN B 1288 38.42 -26.67 20.24
CA ASN B 1288 38.02 -25.59 19.35
C ASN B 1288 37.77 -24.34 20.17
N GLU B 1289 36.97 -24.36 21.24
CA GLU B 1289 37.24 -23.34 22.24
C GLU B 1289 38.62 -23.65 22.76
N ARG B 1290 39.61 -23.04 22.18
CA ARG B 1290 40.97 -23.17 22.67
C ARG B 1290 41.03 -22.97 24.17
N VAL B 1291 39.93 -22.48 24.74
CA VAL B 1291 39.67 -22.60 26.17
C VAL B 1291 40.29 -23.90 26.67
N VAL B 1292 39.89 -25.02 26.05
CA VAL B 1292 40.53 -26.33 26.14
C VAL B 1292 41.99 -26.28 26.58
N GLN B 1293 42.82 -25.86 25.64
CA GLN B 1293 44.26 -25.73 25.86
C GLN B 1293 44.57 -25.03 27.17
N HIS B 1294 44.06 -23.82 27.35
CA HIS B 1294 44.36 -23.12 28.59
C HIS B 1294 43.66 -23.84 29.75
N PHE B 1295 42.51 -24.44 29.47
CA PHE B 1295 41.88 -25.36 30.39
C PHE B 1295 42.74 -26.56 30.71
N VAL B 1296 43.69 -26.93 29.86
CA VAL B 1296 44.49 -28.11 30.11
C VAL B 1296 45.65 -27.82 31.07
N HIS B 1297 46.06 -26.55 31.18
CA HIS B 1297 47.21 -26.23 32.02
C HIS B 1297 46.82 -25.80 33.44
N CYS B 1298 45.55 -25.50 33.68
CA CYS B 1298 45.17 -24.74 34.87
C CYS B 1298 44.81 -25.66 36.04
N ILE B 1299 45.27 -25.26 37.23
CA ILE B 1299 45.01 -25.91 38.51
C ILE B 1299 45.72 -27.25 38.60
N GLU B 1300 46.81 -27.42 37.85
CA GLU B 1300 47.64 -28.63 37.81
C GLU B 1300 48.72 -28.58 36.73
N THR B 1301 49.92 -28.10 37.04
CA THR B 1301 50.90 -27.67 36.04
C THR B 1301 51.99 -28.73 35.81
N HIS B 1302 53.04 -28.35 35.08
CA HIS B 1302 54.17 -29.23 34.84
C HIS B 1302 54.79 -29.70 36.15
N GLY B 1303 54.81 -28.83 37.16
CA GLY B 1303 55.15 -29.25 38.52
C GLY B 1303 54.43 -30.50 38.95
N ARG B 1304 53.25 -30.72 38.40
CA ARG B 1304 52.48 -31.90 38.81
C ARG B 1304 53.22 -33.20 38.49
N ASN B 1305 53.92 -33.26 37.35
CA ASN B 1305 54.60 -34.50 37.00
C ASN B 1305 55.68 -34.86 38.03
N VAL B 1306 56.03 -33.95 38.93
CA VAL B 1306 56.97 -34.26 40.00
C VAL B 1306 56.41 -35.33 40.93
N GLN B 1307 55.10 -35.25 41.20
CA GLN B 1307 54.40 -36.29 41.97
C GLN B 1307 54.50 -37.65 41.31
N TYR B 1308 54.82 -37.69 40.01
CA TYR B 1308 55.02 -38.95 39.31
C TYR B 1308 56.28 -39.67 39.77
N ILE B 1309 57.12 -39.01 40.57
CA ILE B 1309 58.23 -39.73 41.18
C ILE B 1309 57.82 -40.32 42.52
N LYS B 1310 56.78 -39.76 43.16
CA LYS B 1310 56.26 -40.22 44.46
C LYS B 1310 55.11 -39.32 44.95
N PHE B 1311 54.16 -39.92 45.71
CA PHE B 1311 53.37 -39.31 46.80
C PHE B 1311 51.90 -39.75 46.96
N LEU B 1312 51.27 -40.37 45.95
CA LEU B 1312 49.82 -40.56 46.04
C LEU B 1312 49.46 -41.86 46.77
N GLN B 1313 50.27 -42.91 46.60
CA GLN B 1313 49.93 -44.21 47.16
C GLN B 1313 49.89 -44.17 48.69
N THR B 1314 50.69 -43.30 49.32
CA THR B 1314 50.71 -43.25 50.77
C THR B 1314 49.42 -42.66 51.32
N ILE B 1315 48.87 -41.65 50.64
CA ILE B 1315 47.54 -41.17 51.00
C ILE B 1315 46.54 -42.31 50.91
N VAL B 1316 46.60 -43.03 49.78
CA VAL B 1316 45.81 -44.24 49.63
C VAL B 1316 45.95 -45.06 50.90
N LYS B 1317 47.17 -45.13 51.43
CA LYS B 1317 47.43 -45.85 52.67
C LYS B 1317 46.97 -45.08 53.90
N ALA B 1318 46.60 -43.81 53.73
CA ALA B 1318 46.17 -43.03 54.88
C ALA B 1318 44.70 -43.24 55.14
N GLU B 1319 43.91 -43.60 54.12
CA GLU B 1319 42.46 -43.55 54.25
C GLU B 1319 41.67 -44.83 54.02
N GLY B 1320 42.24 -45.83 53.39
CA GLY B 1320 41.43 -46.97 52.99
C GLY B 1320 42.10 -48.25 53.43
N LYS B 1321 41.34 -49.35 53.35
CA LYS B 1321 41.89 -50.64 53.75
C LYS B 1321 42.77 -51.23 52.66
N PHE B 1322 42.45 -50.97 51.40
CA PHE B 1322 43.25 -51.38 50.24
C PHE B 1322 43.73 -50.11 49.53
N ILE B 1323 44.96 -49.71 49.83
CA ILE B 1323 45.56 -48.53 49.25
C ILE B 1323 45.84 -48.70 47.76
N LYS B 1324 46.12 -49.92 47.31
CA LYS B 1324 46.59 -50.14 45.93
C LYS B 1324 45.53 -49.79 44.89
N LYS B 1325 44.26 -50.20 45.10
CA LYS B 1325 43.21 -49.92 44.11
C LYS B 1325 43.12 -48.43 43.77
N CYS B 1326 43.00 -47.58 44.81
CA CYS B 1326 42.95 -46.13 44.60
C CYS B 1326 44.19 -45.63 43.84
N GLN B 1327 45.38 -46.01 44.29
CA GLN B 1327 46.63 -45.53 43.70
C GLN B 1327 46.78 -45.96 42.24
N ASP B 1328 46.24 -47.12 41.87
CA ASP B 1328 46.28 -47.51 40.46
C ASP B 1328 45.36 -46.62 39.63
N MET B 1329 44.17 -46.33 40.18
CA MET B 1329 43.35 -45.30 39.54
C MET B 1329 44.21 -44.05 39.30
N VAL B 1330 45.20 -43.84 40.17
CA VAL B 1330 46.07 -42.67 40.00
C VAL B 1330 47.03 -42.87 38.82
N MET B 1331 47.67 -44.04 38.68
CA MET B 1331 48.60 -44.21 37.55
C MET B 1331 47.86 -44.04 36.22
N ALA B 1332 46.65 -44.57 36.13
CA ALA B 1332 45.86 -44.39 34.92
C ALA B 1332 45.55 -42.91 34.67
N GLU B 1333 45.03 -42.23 35.69
CA GLU B 1333 44.74 -40.79 35.55
C GLU B 1333 45.97 -40.01 35.13
N LEU B 1334 47.16 -40.40 35.63
CA LEU B 1334 48.42 -39.82 35.20
C LEU B 1334 48.64 -40.04 33.71
N VAL B 1335 48.17 -41.16 33.17
CA VAL B 1335 48.36 -41.49 31.75
C VAL B 1335 47.19 -41.05 30.87
N ASN B 1336 46.17 -40.40 31.44
CA ASN B 1336 44.95 -40.13 30.69
C ASN B 1336 44.80 -38.68 30.23
N SER B 1337 45.85 -37.87 30.35
CA SER B 1337 45.72 -36.46 29.99
C SER B 1337 45.49 -36.26 28.49
N GLY B 1338 46.00 -37.17 27.65
CA GLY B 1338 45.88 -36.99 26.21
C GLY B 1338 44.47 -37.11 25.68
N GLU B 1339 43.59 -37.82 26.39
CA GLU B 1339 42.33 -38.29 25.82
C GLU B 1339 41.33 -37.16 25.54
N ASP B 1340 41.36 -36.08 26.32
CA ASP B 1340 40.40 -34.99 26.15
C ASP B 1340 41.01 -33.83 25.37
N VAL B 1341 40.25 -33.31 24.40
CA VAL B 1341 40.56 -32.04 23.75
C VAL B 1341 41.83 -32.10 22.90
N LEU B 1342 42.20 -33.30 22.43
CA LEU B 1342 43.46 -33.47 21.72
C LEU B 1342 43.57 -32.56 20.51
N VAL B 1343 42.44 -32.20 19.91
CA VAL B 1343 42.45 -31.33 18.74
C VAL B 1343 42.82 -29.90 19.13
N PHE B 1344 42.52 -29.49 20.38
CA PHE B 1344 42.81 -28.13 20.79
C PHE B 1344 43.31 -27.99 22.22
N TYR B 1345 43.79 -29.07 22.85
CA TYR B 1345 44.36 -28.96 24.19
C TYR B 1345 45.86 -28.65 24.11
N ASN B 1346 46.61 -29.48 23.40
CA ASN B 1346 47.99 -29.09 23.16
C ASN B 1346 48.06 -27.97 22.14
N ASP B 1347 47.16 -27.97 21.16
CA ASP B 1347 47.17 -27.04 20.03
C ASP B 1347 48.57 -27.10 19.40
N ARG B 1348 49.23 -25.97 19.19
CA ARG B 1348 50.59 -25.94 18.64
C ARG B 1348 51.66 -25.60 19.67
N ALA B 1349 51.37 -24.71 20.63
CA ALA B 1349 52.41 -24.17 21.51
C ALA B 1349 53.09 -25.21 22.41
N SER B 1350 52.51 -26.41 22.58
CA SER B 1350 52.96 -27.31 23.64
C SER B 1350 54.35 -27.87 23.39
N PHE B 1351 54.62 -28.20 22.12
CA PHE B 1351 55.79 -29.00 21.80
C PHE B 1351 57.07 -28.32 22.26
N GLN B 1352 57.08 -27.01 22.28
CA GLN B 1352 58.34 -26.29 22.33
C GLN B 1352 58.84 -26.05 23.75
N THR B 1353 57.96 -25.68 24.67
CA THR B 1353 58.42 -25.19 25.98
C THR B 1353 59.00 -26.31 26.83
N LEU B 1354 58.28 -27.41 26.98
CA LEU B 1354 58.73 -28.56 27.76
C LEU B 1354 59.19 -29.71 26.88
N ILE B 1355 59.50 -29.41 25.62
CA ILE B 1355 60.22 -30.31 24.75
C ILE B 1355 61.30 -31.01 25.58
N GLN B 1356 61.27 -32.34 25.55
CA GLN B 1356 62.34 -33.18 26.08
C GLN B 1356 62.22 -33.38 27.59
N MET B 1357 61.75 -32.37 28.32
CA MET B 1357 61.49 -32.57 29.74
C MET B 1357 60.52 -33.72 29.95
N MET B 1358 59.59 -33.89 29.02
CA MET B 1358 58.42 -34.76 29.16
C MET B 1358 58.72 -36.22 28.86
N ARG B 1359 59.10 -36.54 27.62
CA ARG B 1359 59.45 -37.92 27.24
C ARG B 1359 60.39 -38.57 28.27
N SER B 1360 61.41 -37.81 28.72
CA SER B 1360 62.37 -38.34 29.70
C SER B 1360 61.69 -38.69 31.02
N GLU B 1361 60.70 -37.89 31.41
CA GLU B 1361 59.99 -38.14 32.68
C GLU B 1361 59.04 -39.33 32.56
N ARG B 1362 58.43 -39.52 31.39
CA ARG B 1362 57.71 -40.76 31.14
C ARG B 1362 58.59 -41.97 31.43
N ASP B 1363 59.85 -41.94 30.94
CA ASP B 1363 60.80 -43.02 31.21
C ASP B 1363 60.84 -43.40 32.70
N ARG B 1364 60.65 -42.42 33.59
CA ARG B 1364 60.65 -42.69 35.03
C ARG B 1364 59.55 -43.68 35.42
N MET B 1365 58.35 -43.48 34.89
CA MET B 1365 57.14 -44.20 35.29
C MET B 1365 57.07 -45.57 34.64
N ASP B 1366 58.17 -46.30 34.72
CA ASP B 1366 58.52 -47.38 33.79
C ASP B 1366 57.99 -48.77 34.17
N GLU B 1367 58.02 -49.14 35.43
CA GLU B 1367 57.71 -50.50 35.89
C GLU B 1367 56.31 -50.59 36.49
N ASN B 1368 55.76 -51.82 36.50
CA ASN B 1368 54.37 -52.11 36.95
C ASN B 1368 54.17 -53.61 37.24
N SER B 1369 52.88 -54.01 37.55
CA SER B 1369 52.45 -55.39 37.93
C SER B 1369 51.06 -55.78 37.38
N PRO B 1370 50.59 -57.06 37.58
CA PRO B 1370 49.46 -57.61 36.76
C PRO B 1370 48.09 -57.75 37.44
N LEU B 1371 47.03 -57.30 36.76
CA LEU B 1371 45.67 -57.33 37.28
C LEU B 1371 44.68 -57.04 36.16
N MET B 1372 43.43 -57.45 36.39
CA MET B 1372 42.35 -57.16 35.44
C MET B 1372 42.22 -55.65 35.23
N TYR B 1373 41.96 -54.93 36.31
CA TYR B 1373 41.95 -53.48 36.28
C TYR B 1373 43.20 -52.92 35.60
N HIS B 1374 44.35 -53.54 35.84
CA HIS B 1374 45.59 -53.09 35.22
C HIS B 1374 45.59 -53.30 33.71
N ILE B 1375 44.96 -54.37 33.23
CA ILE B 1375 44.86 -54.57 31.79
C ILE B 1375 43.97 -53.50 31.18
N HIS B 1376 42.93 -53.11 31.90
CA HIS B 1376 42.21 -51.91 31.49
C HIS B 1376 43.17 -50.73 31.38
N LEU B 1377 44.07 -50.59 32.38
CA LEU B 1377 45.13 -49.60 32.31
C LEU B 1377 46.19 -49.95 31.27
N VAL B 1378 46.00 -51.01 30.49
CA VAL B 1378 46.99 -51.43 29.50
C VAL B 1378 46.42 -51.19 28.10
N GLU B 1379 45.11 -51.21 27.97
CA GLU B 1379 44.49 -50.54 26.84
C GLU B 1379 44.71 -49.05 26.95
N LEU B 1380 44.49 -48.52 28.16
CA LEU B 1380 44.61 -47.09 28.40
C LEU B 1380 46.06 -46.62 28.31
N LEU B 1381 46.99 -47.38 28.89
CA LEU B 1381 48.40 -47.07 28.70
C LEU B 1381 48.87 -47.46 27.31
N ALA B 1382 48.15 -48.33 26.63
CA ALA B 1382 48.40 -48.57 25.21
C ALA B 1382 48.06 -47.32 24.41
N VAL B 1383 47.01 -46.64 24.82
CA VAL B 1383 46.65 -45.36 24.23
C VAL B 1383 47.70 -44.30 24.58
N CYS B 1384 47.95 -44.11 25.88
CA CYS B 1384 48.86 -43.07 26.38
C CYS B 1384 50.25 -43.20 25.78
N THR B 1385 50.76 -44.43 25.69
CA THR B 1385 52.03 -44.64 24.99
C THR B 1385 51.88 -44.33 23.50
N GLU B 1386 50.74 -44.71 22.91
CA GLU B 1386 50.57 -44.47 21.48
C GLU B 1386 50.54 -42.98 21.14
N GLY B 1387 50.20 -42.13 22.10
CA GLY B 1387 49.88 -40.75 21.76
C GLY B 1387 51.08 -39.87 21.48
N LYS B 1388 52.18 -40.07 22.24
CA LYS B 1388 53.30 -39.14 22.31
C LYS B 1388 53.84 -38.66 20.95
N ASN B 1389 53.34 -39.22 19.83
CA ASN B 1389 54.07 -39.16 18.56
C ASN B 1389 53.29 -38.85 17.28
N VAL B 1390 51.97 -38.66 17.32
CA VAL B 1390 51.26 -38.50 16.06
C VAL B 1390 51.60 -37.19 15.36
N TYR B 1391 52.14 -36.19 16.07
CA TYR B 1391 52.33 -34.89 15.44
C TYR B 1391 53.21 -33.90 16.20
N THR B 1392 53.87 -34.33 17.28
CA THR B 1392 54.84 -33.46 17.96
C THR B 1392 56.25 -33.71 17.47
N GLU B 1393 56.45 -33.91 16.17
CA GLU B 1393 57.78 -34.10 15.59
C GLU B 1393 58.73 -32.94 15.88
N ILE B 1394 58.24 -31.82 16.38
CA ILE B 1394 59.10 -30.67 16.64
C ILE B 1394 59.73 -30.72 18.02
N LYS B 1395 59.09 -31.42 18.97
CA LYS B 1395 59.47 -31.32 20.38
C LYS B 1395 60.63 -32.25 20.76
N CYS B 1396 60.63 -33.45 20.22
CA CYS B 1396 61.44 -34.52 20.77
C CYS B 1396 62.86 -34.50 20.21
N ASN B 1397 63.81 -34.94 21.06
CA ASN B 1397 65.19 -35.16 20.64
C ASN B 1397 65.92 -35.90 21.76
N SER B 1398 65.66 -37.21 21.87
CA SER B 1398 66.29 -38.06 22.86
C SER B 1398 66.11 -39.52 22.44
N LEU B 1399 66.94 -40.39 23.00
CA LEU B 1399 66.89 -41.83 22.75
C LEU B 1399 66.57 -42.54 24.05
N LEU B 1400 65.43 -43.22 24.10
CA LEU B 1400 65.05 -44.00 25.26
C LEU B 1400 63.82 -44.82 24.92
N PRO B 1401 62.88 -44.27 24.15
CA PRO B 1401 61.58 -44.93 24.00
C PRO B 1401 61.49 -45.91 22.83
N LEU B 1402 62.58 -46.15 22.09
CA LEU B 1402 62.47 -46.96 20.89
C LEU B 1402 62.10 -48.40 21.19
N ASP B 1403 62.34 -48.85 22.38
CA ASP B 1403 61.89 -50.18 22.74
C ASP B 1403 61.65 -50.32 24.24
N ASP B 1404 61.62 -49.23 25.01
CA ASP B 1404 61.25 -49.33 26.42
C ASP B 1404 59.79 -49.80 26.59
N ILE B 1405 58.88 -49.10 25.90
CA ILE B 1405 57.51 -49.56 25.67
C ILE B 1405 57.52 -51.02 25.22
N VAL B 1406 58.23 -51.29 24.11
CA VAL B 1406 58.31 -52.63 23.52
C VAL B 1406 58.68 -53.65 24.58
N ARG B 1407 59.42 -53.23 25.61
CA ARG B 1407 59.69 -54.13 26.74
C ARG B 1407 58.47 -54.29 27.63
N VAL B 1408 57.62 -53.27 27.73
CA VAL B 1408 56.36 -53.53 28.44
C VAL B 1408 55.39 -54.37 27.60
N VAL B 1409 55.68 -54.60 26.33
CA VAL B 1409 54.64 -54.90 25.33
C VAL B 1409 54.40 -56.39 25.11
N THR B 1410 55.41 -57.19 24.76
CA THR B 1410 55.15 -58.62 24.69
C THR B 1410 54.83 -59.20 26.07
N HIS B 1411 55.08 -58.44 27.14
CA HIS B 1411 54.72 -58.78 28.52
C HIS B 1411 53.29 -58.34 28.80
N GLU B 1412 52.35 -59.16 28.33
CA GLU B 1412 50.92 -58.94 28.46
C GLU B 1412 50.36 -59.67 29.68
N ASP B 1413 49.15 -59.28 30.07
CA ASP B 1413 48.59 -59.79 31.32
C ASP B 1413 47.09 -60.01 31.22
N CYS B 1414 46.59 -60.83 32.14
CA CYS B 1414 45.15 -61.08 32.34
C CYS B 1414 44.57 -61.70 31.08
N ILE B 1415 43.64 -61.05 30.39
CA ILE B 1415 42.93 -61.67 29.28
C ILE B 1415 43.79 -61.63 28.03
N PRO B 1416 43.28 -62.16 26.89
CA PRO B 1416 44.08 -62.12 25.65
C PRO B 1416 44.15 -60.72 25.07
N GLU B 1417 44.55 -60.63 23.82
CA GLU B 1417 45.05 -59.36 23.33
C GLU B 1417 43.99 -58.48 22.69
N VAL B 1418 42.80 -59.02 22.42
CA VAL B 1418 41.95 -58.50 21.34
C VAL B 1418 41.61 -57.02 21.52
N LYS B 1419 41.28 -56.60 22.76
CA LYS B 1419 41.02 -55.18 22.98
C LYS B 1419 42.34 -54.42 23.12
N ILE B 1420 43.30 -55.04 23.79
CA ILE B 1420 44.64 -54.47 23.90
C ILE B 1420 45.39 -54.58 22.57
N ALA B 1421 45.29 -55.71 21.87
CA ALA B 1421 45.87 -55.82 20.52
C ALA B 1421 44.98 -55.22 19.46
N TYR B 1422 43.86 -54.64 19.85
CA TYR B 1422 43.32 -53.57 19.04
C TYR B 1422 44.08 -52.30 19.34
N ILE B 1423 44.48 -52.15 20.60
CA ILE B 1423 45.33 -51.01 20.93
C ILE B 1423 46.73 -51.20 20.37
N ASN B 1424 47.08 -52.40 19.92
CA ASN B 1424 48.45 -52.81 19.60
C ASN B 1424 48.61 -53.24 18.15
N PHE B 1425 47.57 -53.81 17.55
CA PHE B 1425 47.47 -53.82 16.10
C PHE B 1425 47.26 -52.41 15.61
N LEU B 1426 46.31 -51.71 16.23
CA LEU B 1426 46.20 -50.26 16.10
C LEU B 1426 47.56 -49.59 16.23
N ASN B 1427 48.21 -49.74 17.39
CA ASN B 1427 49.55 -49.16 17.58
C ASN B 1427 50.49 -49.49 16.44
N HIS B 1428 50.47 -50.74 15.98
CA HIS B 1428 51.42 -51.27 15.01
C HIS B 1428 51.20 -50.72 13.62
N CYS B 1429 49.95 -50.37 13.28
CA CYS B 1429 49.72 -49.68 12.03
C CYS B 1429 49.87 -48.18 12.17
N TYR B 1430 49.80 -47.66 13.40
CA TYR B 1430 50.03 -46.23 13.58
C TYR B 1430 51.52 -45.90 13.42
N VAL B 1431 52.41 -46.67 14.06
CA VAL B 1431 53.83 -46.44 13.78
C VAL B 1431 54.09 -46.57 12.29
N ASP B 1432 53.21 -47.28 11.59
CA ASP B 1432 53.27 -47.44 10.14
C ASP B 1432 52.51 -46.28 9.46
N THR B 1433 52.48 -45.10 10.06
CA THR B 1433 51.90 -43.97 9.37
C THR B 1433 52.79 -42.74 9.43
N GLU B 1434 53.94 -42.83 10.12
CA GLU B 1434 54.92 -41.76 9.99
C GLU B 1434 55.96 -42.08 8.94
N VAL B 1435 56.61 -43.22 9.12
CA VAL B 1435 57.76 -43.75 8.39
C VAL B 1435 59.00 -42.96 8.78
N GLU B 1436 59.07 -41.75 8.24
CA GLU B 1436 60.30 -40.99 8.31
C GLU B 1436 60.66 -40.62 9.74
N MET B 1437 59.67 -40.30 10.58
CA MET B 1437 59.97 -39.78 11.91
C MET B 1437 60.50 -40.83 12.88
N LYS B 1438 60.25 -42.12 12.61
CA LYS B 1438 60.59 -43.16 13.58
C LYS B 1438 62.09 -43.44 13.68
N GLU B 1439 62.92 -42.87 12.79
CA GLU B 1439 64.32 -43.28 12.72
C GLU B 1439 65.28 -42.40 13.52
N ILE B 1440 64.85 -41.21 13.93
CA ILE B 1440 65.79 -40.27 14.52
C ILE B 1440 66.09 -40.62 15.98
N TYR B 1441 65.09 -41.14 16.71
CA TYR B 1441 65.30 -41.43 18.13
C TYR B 1441 66.20 -42.64 18.37
N THR B 1442 66.25 -43.57 17.41
CA THR B 1442 67.04 -44.80 17.52
C THR B 1442 66.95 -45.53 16.18
N SER B 1443 67.66 -46.65 16.06
CA SER B 1443 68.01 -47.12 14.72
C SER B 1443 68.01 -48.63 14.46
N ASN B 1444 67.33 -49.44 15.24
CA ASN B 1444 67.40 -50.87 14.98
C ASN B 1444 65.97 -51.43 14.96
N HIS B 1445 65.53 -51.84 13.77
CA HIS B 1445 64.20 -52.54 13.70
C HIS B 1445 64.48 -53.87 13.27
N MET B 1446 64.00 -54.29 12.08
CA MET B 1446 63.89 -55.71 11.66
C MET B 1446 62.89 -56.43 12.57
N TRP B 1447 62.78 -55.98 13.83
CA TRP B 1447 62.16 -56.73 14.93
C TRP B 1447 60.75 -56.26 15.31
N LYS B 1448 60.44 -54.95 15.25
CA LYS B 1448 59.09 -54.55 15.64
C LYS B 1448 58.09 -54.87 14.54
N LEU B 1449 58.55 -54.99 13.30
CA LEU B 1449 57.82 -55.66 12.25
C LEU B 1449 57.28 -56.97 12.82
N PHE B 1450 58.05 -57.53 13.74
CA PHE B 1450 57.75 -58.86 14.25
C PHE B 1450 56.81 -58.82 15.44
N GLU B 1451 57.08 -58.01 16.47
CA GLU B 1451 56.12 -57.99 17.58
C GLU B 1451 54.75 -57.51 17.11
N ASN B 1452 54.74 -56.44 16.30
CA ASN B 1452 53.55 -56.07 15.53
C ASN B 1452 52.93 -57.28 14.85
N PHE B 1453 53.75 -58.01 14.08
CA PHE B 1453 53.23 -59.16 13.36
C PHE B 1453 52.72 -60.24 14.29
N LEU B 1454 53.11 -60.21 15.57
CA LEU B 1454 52.82 -61.29 16.49
C LEU B 1454 51.52 -61.07 17.22
N VAL B 1455 51.27 -59.87 17.73
CA VAL B 1455 49.89 -59.53 18.08
C VAL B 1455 48.99 -59.79 16.88
N ASP B 1456 49.49 -59.40 15.70
CA ASP B 1456 48.69 -59.45 14.48
C ASP B 1456 48.40 -60.89 14.04
N ILE B 1457 49.26 -61.83 14.38
CA ILE B 1457 49.15 -63.15 13.77
C ILE B 1457 48.27 -64.08 14.59
N CYS B 1458 48.21 -63.87 15.90
CA CYS B 1458 47.20 -64.50 16.74
C CYS B 1458 45.83 -64.07 16.22
N ARG B 1459 45.59 -64.38 14.94
CA ARG B 1459 44.44 -63.86 14.22
C ARG B 1459 43.21 -64.63 14.66
N ALA B 1460 42.11 -63.89 14.85
CA ALA B 1460 40.91 -64.38 15.52
C ALA B 1460 41.20 -64.93 16.91
N CYS B 1461 42.49 -65.09 17.24
CA CYS B 1461 43.04 -65.57 18.52
C CYS B 1461 44.36 -66.24 18.22
N ASN B 1462 44.42 -66.86 17.05
CA ASN B 1462 45.16 -68.09 16.74
C ASN B 1462 44.02 -69.05 16.50
N ASN B 1463 42.98 -68.45 15.92
CA ASN B 1463 41.73 -69.06 15.48
C ASN B 1463 41.28 -70.32 16.21
N THR B 1464 41.38 -70.37 17.55
CA THR B 1464 40.79 -71.51 18.23
C THR B 1464 39.40 -71.23 18.77
N SER B 1465 39.08 -69.98 19.10
CA SER B 1465 37.88 -69.70 19.87
C SER B 1465 36.66 -69.50 18.98
N ASP B 1466 36.87 -68.95 17.78
CA ASP B 1466 35.88 -68.93 16.68
C ASP B 1466 34.88 -67.79 16.83
N ARG B 1467 35.33 -66.63 17.30
CA ARG B 1467 34.46 -65.49 17.54
C ARG B 1467 34.39 -64.52 16.36
N LYS B 1468 35.02 -64.82 15.24
CA LYS B 1468 34.83 -64.10 13.98
C LYS B 1468 33.86 -64.91 13.11
N HIS B 1469 32.58 -64.74 13.39
CA HIS B 1469 31.53 -65.54 12.76
C HIS B 1469 31.45 -65.32 11.25
N ALA B 1470 30.91 -64.18 10.81
CA ALA B 1470 30.92 -63.81 9.38
C ALA B 1470 32.22 -64.24 8.70
N ASP B 1471 33.35 -64.14 9.42
CA ASP B 1471 34.69 -64.63 9.10
C ASP B 1471 35.41 -63.85 8.01
N SER B 1472 34.86 -62.72 7.51
CA SER B 1472 35.43 -61.92 6.41
C SER B 1472 35.41 -60.39 6.62
N ILE B 1473 34.50 -59.86 7.44
CA ILE B 1473 34.29 -58.42 7.53
C ILE B 1473 35.52 -57.73 8.12
N LEU B 1474 36.12 -58.30 9.16
CA LEU B 1474 37.29 -57.69 9.78
C LEU B 1474 38.45 -57.61 8.80
N GLU B 1475 38.69 -58.68 8.03
CA GLU B 1475 39.74 -58.66 7.01
C GLU B 1475 39.51 -57.57 5.97
N LYS B 1476 38.25 -57.34 5.58
CA LYS B 1476 37.98 -56.23 4.67
C LYS B 1476 38.36 -54.88 5.32
N TYR B 1477 37.91 -54.64 6.56
CA TYR B 1477 38.27 -53.39 7.24
C TYR B 1477 39.78 -53.17 7.25
N VAL B 1478 40.53 -54.24 7.55
CA VAL B 1478 41.97 -54.15 7.60
C VAL B 1478 42.62 -53.98 6.24
N THR B 1479 41.94 -54.34 5.16
CA THR B 1479 42.47 -54.06 3.82
C THR B 1479 42.18 -52.66 3.33
N GLU B 1480 40.99 -52.11 3.60
CA GLU B 1480 40.82 -50.67 3.45
C GLU B 1480 41.93 -49.94 4.18
N ILE B 1481 42.06 -50.23 5.48
CA ILE B 1481 43.01 -49.53 6.32
C ILE B 1481 44.44 -49.81 5.88
N VAL B 1482 44.69 -50.99 5.31
CA VAL B 1482 46.04 -51.43 4.99
C VAL B 1482 46.52 -50.86 3.67
N MET B 1483 45.69 -50.81 2.63
CA MET B 1483 46.20 -50.14 1.45
C MET B 1483 46.08 -48.63 1.61
N SER B 1484 45.25 -48.16 2.55
CA SER B 1484 45.45 -46.82 3.08
C SER B 1484 46.87 -46.66 3.61
N ILE B 1485 47.33 -47.61 4.45
CA ILE B 1485 48.72 -47.62 4.87
C ILE B 1485 49.67 -47.60 3.69
N VAL B 1486 49.21 -48.10 2.53
CA VAL B 1486 50.05 -48.12 1.33
C VAL B 1486 50.24 -46.72 0.78
N THR B 1487 49.14 -45.99 0.52
CA THR B 1487 49.29 -44.63 0.00
C THR B 1487 49.90 -43.71 1.04
N THR B 1488 49.76 -44.06 2.31
CA THR B 1488 50.42 -43.29 3.34
C THR B 1488 51.94 -43.50 3.29
N PHE B 1489 52.36 -44.77 3.13
CA PHE B 1489 53.77 -45.20 3.11
C PHE B 1489 54.69 -44.13 2.58
N PHE B 1490 54.36 -43.60 1.40
CA PHE B 1490 55.18 -42.59 0.74
C PHE B 1490 55.06 -41.22 1.40
N SER B 1491 53.85 -40.80 1.74
CA SER B 1491 53.66 -39.54 2.44
C SER B 1491 53.72 -39.77 3.95
N SER B 1492 52.71 -40.44 4.49
CA SER B 1492 52.73 -40.86 5.88
C SER B 1492 53.63 -42.11 5.91
N PRO B 1493 53.23 -43.25 6.55
CA PRO B 1493 53.94 -44.48 6.28
C PRO B 1493 53.03 -45.63 5.97
N SER B 1593 0.65 -68.02 25.75
CA SER B 1593 1.65 -68.33 24.74
C SER B 1593 2.59 -67.16 24.49
N ARG B 1594 2.85 -66.36 25.53
CA ARG B 1594 3.30 -64.98 25.34
C ARG B 1594 4.67 -64.83 24.69
N ASP B 1595 5.38 -65.93 24.37
CA ASP B 1595 6.61 -65.80 23.59
C ASP B 1595 6.38 -66.18 22.14
N TYR B 1596 5.41 -67.06 21.89
CA TYR B 1596 4.85 -67.26 20.56
C TYR B 1596 3.56 -66.47 20.35
N ARG B 1597 2.78 -66.20 21.39
CA ARG B 1597 1.73 -65.19 21.25
C ARG B 1597 2.34 -63.79 21.17
N ASN B 1598 3.40 -63.54 21.95
CA ASN B 1598 4.15 -62.31 21.76
C ASN B 1598 5.16 -62.40 20.62
N ILE B 1599 5.40 -63.59 20.04
CA ILE B 1599 6.24 -63.66 18.85
C ILE B 1599 5.42 -63.48 17.58
N ILE B 1600 4.26 -64.11 17.52
CA ILE B 1600 3.28 -63.84 16.48
C ILE B 1600 2.62 -62.50 16.67
N GLU B 1601 2.62 -62.00 17.89
CA GLU B 1601 2.09 -60.69 18.21
C GLU B 1601 3.10 -59.60 17.92
N ARG B 1602 4.37 -59.84 18.27
CA ARG B 1602 5.40 -58.91 17.84
C ARG B 1602 5.66 -59.00 16.34
N LEU B 1603 5.30 -60.10 15.69
CA LEU B 1603 5.29 -60.08 14.23
C LEU B 1603 4.07 -59.30 13.71
N GLN B 1604 2.93 -59.49 14.37
CA GLN B 1604 1.68 -58.92 13.89
C GLN B 1604 1.66 -57.41 13.96
N ASP B 1605 2.14 -56.84 15.08
CA ASP B 1605 2.10 -55.39 15.22
C ASP B 1605 2.83 -54.73 14.08
N ILE B 1606 3.92 -55.35 13.62
CA ILE B 1606 4.70 -54.74 12.55
C ILE B 1606 3.98 -54.92 11.22
N VAL B 1607 3.35 -56.08 10.97
CA VAL B 1607 2.57 -56.18 9.73
C VAL B 1607 1.54 -55.05 9.66
N SER B 1608 0.84 -54.79 10.77
CA SER B 1608 -0.14 -53.71 10.78
C SER B 1608 0.51 -52.37 10.49
N ALA B 1609 1.61 -52.05 11.17
CA ALA B 1609 2.19 -50.72 11.04
C ALA B 1609 2.74 -50.48 9.64
N LEU B 1610 3.27 -51.51 8.98
CA LEU B 1610 3.82 -51.26 7.66
C LEU B 1610 2.72 -51.25 6.62
N GLU B 1611 2.12 -52.43 6.39
CA GLU B 1611 1.10 -52.53 5.36
C GLU B 1611 0.05 -51.45 5.55
N ASP B 1612 -0.30 -51.17 6.80
CA ASP B 1612 -1.33 -50.19 7.09
C ASP B 1612 -0.80 -48.76 7.01
N ARG B 1613 0.28 -48.47 7.75
CA ARG B 1613 0.76 -47.10 7.86
C ARG B 1613 1.24 -46.57 6.51
N LEU B 1614 1.78 -47.44 5.68
CA LEU B 1614 2.27 -46.98 4.37
C LEU B 1614 1.11 -46.54 3.48
N ARG B 1615 0.19 -47.45 3.23
CA ARG B 1615 -0.97 -47.14 2.39
C ARG B 1615 -1.81 -45.97 2.93
N PRO B 1616 -1.84 -45.67 4.22
CA PRO B 1616 -2.83 -44.67 4.67
C PRO B 1616 -2.40 -43.22 4.48
N LEU B 1617 -1.10 -42.91 4.43
CA LEU B 1617 -0.61 -41.52 4.47
C LEU B 1617 -1.10 -40.68 3.29
N VAL B 1618 -1.48 -41.31 2.19
CA VAL B 1618 -1.94 -40.57 1.01
C VAL B 1618 -3.29 -39.90 1.29
N GLN B 1619 -4.30 -40.70 1.70
CA GLN B 1619 -5.62 -40.13 1.98
C GLN B 1619 -5.67 -39.34 3.29
N ALA B 1620 -4.63 -39.42 4.13
CA ALA B 1620 -4.59 -38.63 5.35
C ALA B 1620 -3.94 -37.26 5.11
N GLU B 1621 -2.87 -37.21 4.32
CA GLU B 1621 -2.53 -35.96 3.67
C GLU B 1621 -3.74 -35.39 2.91
N LEU B 1622 -4.67 -36.27 2.48
CA LEU B 1622 -5.85 -35.80 1.74
C LEU B 1622 -6.84 -35.07 2.64
N SER B 1623 -7.22 -35.68 3.77
CA SER B 1623 -8.14 -35.00 4.69
C SER B 1623 -7.46 -33.81 5.37
N VAL B 1624 -6.15 -33.86 5.51
CA VAL B 1624 -5.40 -32.68 5.95
C VAL B 1624 -5.61 -31.55 4.96
N LEU B 1625 -5.45 -31.86 3.67
CA LEU B 1625 -5.77 -30.89 2.64
C LEU B 1625 -7.24 -30.50 2.69
N VAL B 1626 -8.09 -31.37 3.24
CA VAL B 1626 -9.48 -30.96 3.42
C VAL B 1626 -9.50 -29.73 4.29
N ASP B 1627 -8.66 -29.73 5.33
CA ASP B 1627 -8.48 -28.52 6.12
C ASP B 1627 -8.28 -27.30 5.21
N VAL B 1628 -7.63 -27.48 4.07
CA VAL B 1628 -7.49 -26.39 3.10
C VAL B 1628 -8.79 -26.12 2.32
N LEU B 1629 -9.88 -26.82 2.61
CA LEU B 1629 -11.14 -26.32 2.07
C LEU B 1629 -11.39 -24.89 2.51
N HIS B 1630 -10.88 -24.54 3.68
CA HIS B 1630 -10.66 -23.18 4.19
C HIS B 1630 -12.03 -22.48 4.25
N ARG B 1631 -12.05 -21.15 4.33
CA ARG B 1631 -13.30 -20.38 4.37
C ARG B 1631 -14.51 -20.99 3.63
N PRO B 1632 -14.36 -21.61 2.46
CA PRO B 1632 -15.44 -22.45 1.93
C PRO B 1632 -16.20 -23.26 2.99
N GLU B 1633 -15.66 -24.36 3.52
CA GLU B 1633 -16.49 -25.22 4.37
C GLU B 1633 -17.09 -24.48 5.59
N LEU B 1634 -16.80 -23.18 5.74
CA LEU B 1634 -17.53 -22.28 6.61
C LEU B 1634 -18.51 -21.42 5.85
N LEU B 1635 -18.45 -21.43 4.52
CA LEU B 1635 -19.62 -21.06 3.72
C LEU B 1635 -20.36 -22.31 3.25
N PHE B 1636 -19.64 -23.41 3.08
CA PHE B 1636 -20.29 -24.73 3.07
C PHE B 1636 -20.70 -25.05 4.50
N PRO B 1637 -21.72 -25.94 4.68
CA PRO B 1637 -22.34 -26.18 5.99
C PRO B 1637 -22.71 -24.96 6.81
N GLU B 1638 -21.88 -23.93 6.72
CA GLU B 1638 -22.15 -22.67 7.34
C GLU B 1638 -22.19 -21.51 6.36
N ASN B 1639 -22.86 -21.69 5.22
CA ASN B 1639 -23.21 -20.55 4.40
C ASN B 1639 -23.64 -19.48 5.34
N THR B 1640 -22.73 -18.59 5.70
CA THR B 1640 -22.84 -18.01 7.03
C THR B 1640 -23.69 -16.79 6.91
N ASP B 1641 -24.94 -16.91 7.31
CA ASP B 1641 -25.96 -15.97 6.95
C ASP B 1641 -25.79 -14.68 7.74
N ALA B 1642 -26.52 -13.65 7.28
CA ALA B 1642 -26.52 -12.29 7.84
C ALA B 1642 -25.15 -11.88 8.35
N ARG B 1643 -24.12 -12.17 7.58
CA ARG B 1643 -22.72 -11.97 7.96
C ARG B 1643 -22.13 -12.83 9.09
N ARG B 1644 -22.67 -14.05 9.34
CA ARG B 1644 -21.78 -14.99 10.00
C ARG B 1644 -20.55 -15.18 9.12
N LYS B 1645 -19.36 -15.37 9.69
CA LYS B 1645 -18.12 -15.22 8.93
C LYS B 1645 -17.74 -16.56 8.30
N CYS B 1646 -18.48 -16.88 7.23
CA CYS B 1646 -18.12 -17.95 6.29
C CYS B 1646 -16.84 -17.66 5.54
N GLU B 1647 -16.80 -16.49 4.91
CA GLU B 1647 -15.79 -16.09 3.96
C GLU B 1647 -14.60 -15.48 4.69
N SER B 1648 -13.41 -15.72 4.13
CA SER B 1648 -12.14 -15.13 4.57
C SER B 1648 -11.67 -15.68 5.91
N GLY B 1649 -11.87 -16.97 6.19
CA GLY B 1649 -11.68 -17.48 7.54
C GLY B 1649 -10.27 -17.92 7.87
N GLY B 1650 -9.57 -18.51 6.90
CA GLY B 1650 -8.15 -18.70 7.07
C GLY B 1650 -7.54 -17.57 7.90
N PHE B 1651 -7.66 -16.36 7.38
CA PHE B 1651 -6.99 -15.15 7.91
C PHE B 1651 -6.81 -15.18 9.43
N ILE B 1652 -7.90 -15.02 10.14
CA ILE B 1652 -7.89 -15.08 11.59
C ILE B 1652 -6.99 -16.20 12.07
N CYS B 1653 -7.26 -17.41 11.57
CA CYS B 1653 -6.46 -18.58 11.91
C CYS B 1653 -4.97 -18.28 11.78
N LYS B 1654 -4.64 -17.70 10.62
CA LYS B 1654 -3.28 -17.33 10.31
C LYS B 1654 -2.64 -16.57 11.48
N LEU B 1655 -3.33 -15.57 12.00
CA LEU B 1655 -2.72 -14.80 13.10
C LEU B 1655 -2.38 -15.69 14.32
N ILE B 1656 -3.34 -16.54 14.67
CA ILE B 1656 -3.22 -17.18 16.00
C ILE B 1656 -1.94 -18.04 16.11
N LYS B 1657 -1.65 -18.88 15.11
CA LYS B 1657 -0.63 -19.90 15.41
C LYS B 1657 0.73 -19.29 15.80
N HIS B 1658 1.16 -18.24 15.07
CA HIS B 1658 2.38 -17.53 15.46
C HIS B 1658 2.28 -17.08 16.89
N THR B 1659 1.08 -16.68 17.33
CA THR B 1659 1.01 -16.45 18.78
C THR B 1659 1.17 -17.74 19.60
N LYS B 1660 0.97 -18.92 19.01
CA LYS B 1660 0.81 -20.16 19.79
C LYS B 1660 2.08 -20.92 20.18
N GLN B 1661 3.10 -21.04 19.33
CA GLN B 1661 4.31 -21.75 19.78
C GLN B 1661 5.02 -21.07 20.96
N LEU B 1662 4.51 -19.93 21.47
CA LEU B 1662 5.01 -19.25 22.68
C LEU B 1662 4.97 -20.12 23.92
N LEU B 1663 4.08 -21.09 23.94
CA LEU B 1663 4.20 -22.19 24.89
C LEU B 1663 5.57 -22.81 24.77
N GLU B 1664 6.22 -22.98 25.92
CA GLU B 1664 7.47 -23.74 25.96
C GLU B 1664 7.31 -25.11 25.28
N GLU B 1665 6.21 -25.81 25.56
CA GLU B 1665 5.85 -27.06 24.87
C GLU B 1665 5.06 -26.75 23.59
N ASN B 1666 5.73 -26.05 22.66
CA ASN B 1666 5.21 -25.77 21.32
C ASN B 1666 4.55 -27.03 20.84
N GLU B 1667 5.16 -28.12 21.21
CA GLU B 1667 4.62 -29.45 21.02
C GLU B 1667 4.45 -29.66 19.55
N GLU B 1668 3.79 -30.73 19.21
CA GLU B 1668 3.82 -31.18 17.83
C GLU B 1668 2.79 -30.48 16.97
N LYS B 1669 2.08 -29.49 17.52
CA LYS B 1669 0.96 -28.93 16.79
C LYS B 1669 1.44 -27.99 15.67
N LEU B 1670 2.44 -27.18 15.99
CA LEU B 1670 3.22 -26.52 14.98
C LEU B 1670 3.47 -27.44 13.79
N CYS B 1671 3.88 -28.68 14.09
CA CYS B 1671 4.26 -29.59 13.02
C CYS B 1671 3.07 -29.88 12.11
N ILE B 1672 1.90 -30.07 12.68
CA ILE B 1672 0.71 -30.25 11.88
C ILE B 1672 0.60 -29.06 10.93
N LYS B 1673 0.75 -27.87 11.49
CA LYS B 1673 0.67 -26.65 10.69
C LYS B 1673 1.61 -26.71 9.48
N VAL B 1674 2.90 -26.92 9.76
CA VAL B 1674 3.90 -27.07 8.72
C VAL B 1674 3.44 -28.09 7.69
N LEU B 1675 2.80 -29.16 8.16
CA LEU B 1675 2.33 -30.22 7.27
C LEU B 1675 1.34 -29.67 6.25
N GLN B 1676 0.37 -28.87 6.71
CA GLN B 1676 -0.61 -28.34 5.76
C GLN B 1676 0.01 -27.33 4.77
N THR B 1677 0.80 -26.38 5.26
CA THR B 1677 1.31 -25.38 4.32
C THR B 1677 2.29 -25.98 3.30
N LEU B 1678 3.31 -26.74 3.75
CA LEU B 1678 4.23 -27.35 2.79
C LEU B 1678 3.50 -28.31 1.88
N ARG B 1679 2.56 -29.03 2.42
CA ARG B 1679 1.74 -29.79 1.54
C ARG B 1679 0.84 -28.88 0.66
N GLU B 1680 0.88 -27.54 0.73
CA GLU B 1680 0.01 -26.73 -0.14
C GLU B 1680 0.61 -26.27 -1.50
N MET B 1681 1.93 -26.34 -1.74
CA MET B 1681 2.43 -26.25 -3.11
C MET B 1681 2.10 -27.50 -3.91
N MET B 1682 1.64 -28.49 -3.18
CA MET B 1682 1.40 -29.76 -3.83
C MET B 1682 0.08 -29.78 -4.58
N THR B 1683 -0.85 -28.87 -4.36
CA THR B 1683 -1.99 -28.91 -5.29
C THR B 1683 -1.50 -28.86 -6.74
N LYS B 1684 -0.49 -28.01 -6.97
CA LYS B 1684 0.30 -28.02 -8.20
C LYS B 1684 1.18 -29.28 -8.30
N ASP B 1685 1.45 -30.00 -7.19
CA ASP B 1685 1.93 -31.39 -7.34
C ASP B 1685 1.09 -32.52 -6.69
N ARG B 1686 0.68 -32.42 -5.39
CA ARG B 1686 -0.17 -33.39 -4.69
C ARG B 1686 -1.34 -32.69 -4.00
N GLY B 1687 -1.15 -31.94 -2.92
CA GLY B 1687 -2.27 -31.03 -2.45
C GLY B 1687 -2.03 -29.69 -1.73
N MET B 1789 -4.75 -19.55 -10.71
CA MET B 1789 -4.77 -20.71 -9.85
C MET B 1789 -3.56 -20.68 -8.93
N SER B 1790 -2.43 -21.17 -9.44
CA SER B 1790 -1.25 -21.29 -8.59
C SER B 1790 -0.76 -19.93 -8.10
N LEU B 1791 -1.01 -18.88 -8.89
CA LEU B 1791 -0.49 -17.54 -8.67
C LEU B 1791 -1.40 -16.74 -7.77
N ALA B 1792 -2.69 -16.67 -8.12
CA ALA B 1792 -3.69 -16.15 -7.19
C ALA B 1792 -3.58 -16.73 -5.80
N GLU B 1793 -2.92 -17.89 -5.66
CA GLU B 1793 -2.92 -18.70 -4.45
C GLU B 1793 -1.60 -18.68 -3.68
N VAL B 1794 -0.45 -18.71 -4.36
CA VAL B 1794 0.77 -18.27 -3.67
C VAL B 1794 0.55 -16.85 -3.16
N GLN B 1795 -0.06 -16.02 -4.01
CA GLN B 1795 -0.59 -14.74 -3.55
C GLN B 1795 -1.52 -14.93 -2.33
N CYS B 1796 -2.54 -15.79 -2.45
CA CYS B 1796 -3.54 -15.98 -1.39
C CYS B 1796 -2.92 -16.09 0.00
N HIS B 1797 -1.89 -16.92 0.12
CA HIS B 1797 -1.06 -16.94 1.30
C HIS B 1797 -0.77 -15.48 1.75
N LEU B 1798 0.16 -14.84 1.09
CA LEU B 1798 0.27 -13.39 1.19
C LEU B 1798 -1.09 -12.71 1.27
N ASP B 1799 -2.03 -13.04 0.32
CA ASP B 1799 -3.17 -12.17 0.03
C ASP B 1799 -3.86 -11.77 1.32
N LYS B 1800 -4.39 -12.74 2.03
CA LYS B 1800 -4.89 -12.39 3.34
C LYS B 1800 -3.75 -11.85 4.19
N GLU B 1801 -2.67 -12.63 4.33
CA GLU B 1801 -1.60 -12.26 5.26
C GLU B 1801 -0.35 -13.13 5.30
N GLY B 1802 -0.13 -14.01 4.33
CA GLY B 1802 1.08 -14.82 4.27
C GLY B 1802 2.28 -13.90 4.14
N ALA B 1803 3.50 -14.49 4.10
CA ALA B 1803 4.83 -13.85 4.27
C ALA B 1803 5.09 -13.39 5.72
N SER B 1804 4.41 -12.30 6.10
CA SER B 1804 4.71 -11.58 7.32
C SER B 1804 4.79 -12.49 8.57
N ASN B 1805 3.73 -13.25 8.82
CA ASN B 1805 3.58 -13.94 10.09
C ASN B 1805 4.78 -14.85 10.39
N LEU B 1806 5.00 -15.82 9.52
CA LEU B 1806 6.22 -16.60 9.60
C LEU B 1806 7.42 -15.71 9.90
N VAL B 1807 7.53 -14.58 9.16
CA VAL B 1807 8.71 -13.74 9.32
C VAL B 1807 8.96 -13.37 10.79
N ILE B 1808 7.95 -12.88 11.48
CA ILE B 1808 8.26 -12.57 12.88
C ILE B 1808 8.50 -13.84 13.69
N ASP B 1809 7.86 -14.96 13.35
CA ASP B 1809 7.86 -16.07 14.30
C ASP B 1809 9.19 -16.82 14.34
N LEU B 1810 9.96 -16.81 13.26
CA LEU B 1810 11.24 -17.52 13.30
C LEU B 1810 12.11 -17.18 14.52
N ILE B 1811 11.97 -15.97 15.06
CA ILE B 1811 12.78 -15.58 16.23
C ILE B 1811 12.44 -16.49 17.39
N MET B 1812 11.14 -16.65 17.64
CA MET B 1812 10.71 -17.50 18.73
C MET B 1812 10.99 -18.95 18.42
N ASN B 1813 11.02 -19.30 17.13
CA ASN B 1813 11.61 -20.57 16.74
C ASN B 1813 12.89 -20.76 17.50
N ALA B 1814 13.93 -19.96 17.20
CA ALA B 1814 15.28 -20.07 17.77
C ALA B 1814 15.40 -21.06 18.94
N SER B 1815 14.45 -21.02 19.88
CA SER B 1815 14.45 -21.96 21.01
C SER B 1815 13.62 -23.23 20.73
N SER B 1816 14.29 -24.41 20.85
CA SER B 1816 13.79 -25.74 20.44
C SER B 1816 12.27 -25.87 20.43
N ASP B 1817 11.75 -26.09 19.23
CA ASP B 1817 10.49 -25.57 18.68
C ASP B 1817 10.89 -24.81 17.43
N ARG B 1818 12.15 -24.30 17.43
CA ARG B 1818 12.84 -23.89 16.21
C ARG B 1818 13.17 -25.06 15.32
N VAL B 1819 13.76 -26.08 15.93
CA VAL B 1819 14.30 -27.24 15.24
C VAL B 1819 13.26 -27.65 14.19
N PHE B 1820 12.00 -27.35 14.47
CA PHE B 1820 10.87 -27.54 13.55
C PHE B 1820 10.61 -26.35 12.59
N HIS B 1821 11.05 -25.13 12.93
CA HIS B 1821 10.82 -23.96 12.07
C HIS B 1821 11.43 -24.14 10.71
N GLU B 1822 11.87 -25.34 10.44
CA GLU B 1822 12.45 -25.74 9.18
C GLU B 1822 11.46 -26.56 8.37
N SER B 1823 10.61 -27.34 9.01
CA SER B 1823 9.44 -27.82 8.27
C SER B 1823 8.52 -26.66 8.02
N ILE B 1824 8.34 -25.83 9.04
CA ILE B 1824 7.79 -24.50 8.84
C ILE B 1824 8.46 -23.85 7.63
N LEU B 1825 9.79 -23.84 7.60
CA LEU B 1825 10.52 -23.10 6.58
C LEU B 1825 10.29 -23.65 5.17
N LEU B 1826 10.44 -24.97 4.98
CA LEU B 1826 10.15 -25.60 3.71
C LEU B 1826 8.77 -25.19 3.22
N ALA B 1827 7.77 -25.32 4.08
CA ALA B 1827 6.43 -24.85 3.74
C ALA B 1827 6.46 -23.46 3.11
N ILE B 1828 6.96 -22.50 3.88
CA ILE B 1828 6.97 -21.12 3.41
C ILE B 1828 7.61 -21.04 2.03
N ALA B 1829 8.85 -21.50 1.92
CA ALA B 1829 9.61 -21.30 0.68
C ALA B 1829 8.87 -21.91 -0.51
N LEU B 1830 8.30 -23.10 -0.35
CA LEU B 1830 7.67 -23.75 -1.49
C LEU B 1830 6.45 -22.97 -1.97
N LEU B 1831 5.60 -22.49 -1.06
CA LEU B 1831 4.42 -21.78 -1.56
C LEU B 1831 4.79 -20.52 -2.32
N GLU B 1832 5.84 -19.83 -1.89
CA GLU B 1832 6.21 -18.50 -2.38
C GLU B 1832 7.05 -18.50 -3.64
N GLY B 1833 8.08 -19.37 -3.73
CA GLY B 1833 9.06 -19.31 -4.80
C GLY B 1833 8.53 -19.65 -6.20
N GLY B 1834 9.41 -19.47 -7.20
CA GLY B 1834 8.99 -19.34 -8.58
C GLY B 1834 8.18 -18.10 -8.85
N ASN B 1835 7.78 -17.37 -7.82
CA ASN B 1835 6.99 -16.14 -7.90
C ASN B 1835 7.68 -15.12 -6.99
N THR B 1836 8.70 -14.44 -7.55
CA THR B 1836 9.58 -13.62 -6.73
C THR B 1836 8.91 -12.34 -6.24
N THR B 1837 7.95 -11.81 -7.02
CA THR B 1837 7.29 -10.57 -6.66
C THR B 1837 6.76 -10.63 -5.23
N ILE B 1838 6.12 -11.73 -4.89
CA ILE B 1838 5.65 -12.01 -3.55
C ILE B 1838 6.80 -11.84 -2.57
N GLN B 1839 7.90 -12.55 -2.80
CA GLN B 1839 9.09 -12.37 -1.98
C GLN B 1839 9.38 -10.89 -1.75
N HIS B 1840 9.30 -10.09 -2.81
CA HIS B 1840 9.47 -8.65 -2.71
C HIS B 1840 8.47 -8.03 -1.76
N SER B 1841 7.19 -8.20 -2.07
CA SER B 1841 6.12 -7.92 -1.15
C SER B 1841 6.66 -8.20 0.24
N PHE B 1842 7.06 -9.46 0.41
CA PHE B 1842 7.68 -9.95 1.62
C PHE B 1842 8.72 -8.98 2.18
N PHE B 1843 9.86 -8.85 1.51
CA PHE B 1843 10.92 -8.01 2.05
C PHE B 1843 10.37 -6.63 2.34
N CYS B 1844 9.44 -6.15 1.50
CA CYS B 1844 8.85 -4.85 1.73
C CYS B 1844 8.31 -4.75 3.14
N ARG B 1845 8.00 -5.89 3.73
CA ARG B 1845 7.64 -5.95 5.12
C ARG B 1845 8.88 -6.06 5.98
N LEU B 1846 9.89 -6.79 5.54
CA LEU B 1846 11.00 -6.91 6.46
C LEU B 1846 12.02 -5.81 6.32
N THR B 1847 12.28 -5.32 5.12
CA THR B 1847 13.04 -4.09 5.07
C THR B 1847 12.42 -3.06 6.00
N GLU B 1848 11.11 -2.83 5.82
CA GLU B 1848 10.34 -1.76 6.45
C GLU B 1848 10.46 -1.73 7.95
N ASP B 1849 10.62 -2.88 8.61
CA ASP B 1849 10.92 -2.83 10.02
C ASP B 1849 12.40 -2.86 10.25
N LYS B 1850 13.19 -2.23 9.36
CA LYS B 1850 14.64 -2.14 9.44
C LYS B 1850 15.01 -2.42 10.88
N LYS B 1851 14.88 -1.48 11.81
CA LYS B 1851 15.02 -1.77 13.24
C LYS B 1851 14.51 -3.11 13.78
N SER B 1852 13.28 -3.53 13.46
CA SER B 1852 12.70 -4.73 14.07
C SER B 1852 12.59 -5.96 13.16
N GLU B 1853 12.85 -5.83 11.85
CA GLU B 1853 13.30 -6.96 11.04
C GLU B 1853 14.79 -6.87 10.64
N LYS B 1854 15.53 -5.86 11.13
CA LYS B 1854 17.00 -5.82 11.03
C LYS B 1854 17.74 -6.00 12.36
N PHE B 1855 17.06 -6.00 13.49
CA PHE B 1855 17.59 -6.75 14.63
C PHE B 1855 17.19 -8.22 14.54
N PHE B 1856 15.90 -8.48 14.23
CA PHE B 1856 15.43 -9.83 13.88
C PHE B 1856 16.24 -10.40 12.71
N LYS B 1857 16.84 -9.55 11.89
CA LYS B 1857 17.69 -10.07 10.82
C LYS B 1857 18.96 -10.70 11.37
N VAL B 1858 19.49 -10.15 12.47
CA VAL B 1858 20.72 -10.68 13.07
C VAL B 1858 20.54 -12.14 13.43
N PHE B 1859 19.33 -12.52 13.82
CA PHE B 1859 19.09 -13.84 14.40
C PHE B 1859 19.42 -14.94 13.41
N TYR B 1860 18.65 -14.99 12.32
CA TYR B 1860 18.89 -15.95 11.25
C TYR B 1860 20.39 -16.04 10.94
N ASP B 1861 21.04 -14.89 10.88
CA ASP B 1861 22.45 -14.86 10.53
C ASP B 1861 23.31 -15.58 11.56
N ARG B 1862 23.25 -15.14 12.83
CA ARG B 1862 24.06 -15.75 13.88
C ARG B 1862 23.81 -17.25 13.97
N MET B 1863 22.62 -17.72 13.56
CA MET B 1863 22.31 -19.15 13.68
C MET B 1863 23.04 -19.95 12.61
N LYS B 1864 22.83 -19.63 11.33
CA LYS B 1864 23.57 -20.37 10.31
C LYS B 1864 25.06 -20.26 10.57
N VAL B 1865 25.50 -19.09 11.05
CA VAL B 1865 26.90 -18.74 11.23
C VAL B 1865 27.59 -19.53 12.35
N ALA B 1866 26.87 -19.83 13.44
CA ALA B 1866 27.51 -20.52 14.55
C ALA B 1866 28.05 -21.89 14.15
N GLN B 1867 27.29 -22.65 13.34
CA GLN B 1867 27.54 -24.07 13.10
C GLN B 1867 28.36 -24.40 11.85
N GLN B 1868 28.52 -23.46 10.92
CA GLN B 1868 29.14 -23.80 9.63
C GLN B 1868 30.62 -24.19 9.79
N GLU B 1869 31.46 -23.27 10.28
CA GLU B 1869 32.84 -23.63 10.58
C GLU B 1869 32.89 -24.83 11.51
N ILE B 1870 31.91 -24.94 12.40
CA ILE B 1870 31.90 -25.99 13.40
C ILE B 1870 31.40 -27.31 12.82
N LYS B 1871 30.30 -27.27 12.05
CA LYS B 1871 29.76 -28.50 11.47
C LYS B 1871 30.71 -29.06 10.41
N ALA B 1872 31.30 -28.18 9.59
CA ALA B 1872 32.36 -28.60 8.70
C ALA B 1872 33.46 -29.34 9.48
N THR B 1873 34.04 -28.65 10.47
CA THR B 1873 35.06 -29.27 11.33
C THR B 1873 34.55 -30.53 12.04
N VAL B 1874 33.24 -30.77 12.04
CA VAL B 1874 32.68 -31.81 12.90
C VAL B 1874 32.85 -33.18 12.27
N THR B 1875 32.39 -33.36 11.03
CA THR B 1875 32.49 -34.63 10.31
C THR B 1875 33.13 -34.55 8.93
N VAL B 1876 33.43 -33.34 8.43
CA VAL B 1876 33.99 -33.23 7.08
C VAL B 1876 35.37 -33.88 7.01
N ASN B 1877 36.21 -33.63 8.03
CA ASN B 1877 37.63 -33.92 7.90
C ASN B 1877 37.94 -35.41 7.74
N THR B 1878 37.02 -36.29 8.15
CA THR B 1878 37.35 -37.71 8.27
C THR B 1878 37.08 -38.51 7.00
N SER B 1879 36.11 -38.10 6.18
CA SER B 1879 35.85 -38.82 4.94
C SER B 1879 36.97 -38.66 3.92
N ASP B 1880 37.85 -37.68 4.10
CA ASP B 1880 38.89 -37.41 3.10
C ASP B 1880 39.99 -38.47 3.14
N LEU B 1881 40.46 -38.85 4.34
CA LEU B 1881 41.31 -40.03 4.49
C LEU B 1881 40.51 -41.25 4.11
N GLY B 1882 39.94 -41.22 2.91
CA GLY B 1882 39.30 -42.36 2.33
C GLY B 1882 40.35 -43.43 2.14
N ASN B 1883 39.91 -44.69 2.24
CA ASN B 1883 40.82 -45.79 2.21
C ASN B 1883 40.32 -46.59 1.02
N LYS B 1884 41.21 -46.86 0.06
CA LYS B 1884 42.62 -47.06 0.39
C LYS B 1884 43.71 -46.33 -0.43
N LYS B 1885 43.29 -45.38 -1.29
CA LYS B 1885 44.18 -44.74 -2.27
C LYS B 1885 45.07 -45.77 -2.94
N LYS B 1886 44.55 -46.95 -3.22
CA LYS B 1886 45.24 -48.06 -3.86
C LYS B 1886 44.32 -48.58 -4.97
N ASP B 1887 44.89 -48.80 -6.18
CA ASP B 1887 44.14 -49.02 -7.43
C ASP B 1887 43.45 -50.39 -7.50
N ASP B 1888 43.04 -50.85 -8.71
CA ASP B 1888 41.96 -51.82 -8.93
C ASP B 1888 42.37 -53.13 -9.60
N GLU B 1889 41.48 -54.15 -9.49
CA GLU B 1889 41.63 -55.45 -10.17
C GLU B 1889 40.30 -56.10 -10.53
N LYS B 1951 39.58 -57.53 -1.25
CA LYS B 1951 38.28 -57.19 -1.81
C LYS B 1951 37.91 -55.72 -1.63
N ALA B 1952 36.62 -55.47 -1.37
CA ALA B 1952 36.09 -54.12 -1.59
C ALA B 1952 36.41 -53.18 -0.42
N LYS B 1953 36.03 -53.57 0.82
CA LYS B 1953 36.29 -52.81 2.05
C LYS B 1953 35.37 -51.58 2.18
N ASP B 1954 34.08 -51.75 1.86
CA ASP B 1954 33.14 -50.63 1.79
C ASP B 1954 32.55 -50.31 3.14
N ASP B 1955 32.51 -49.03 3.47
CA ASP B 1955 32.07 -48.61 4.78
C ASP B 1955 30.67 -49.11 5.09
N LEU B 1956 30.46 -49.53 6.34
CA LEU B 1956 29.13 -49.90 6.81
C LEU B 1956 28.48 -48.66 7.44
N GLU B 1957 27.33 -48.27 6.90
CA GLU B 1957 26.53 -47.14 7.40
C GLU B 1957 27.29 -45.83 7.27
N MET B 1958 28.10 -45.69 6.22
CA MET B 1958 28.74 -44.40 5.95
C MET B 1958 27.74 -43.38 5.42
N SER B 1959 26.82 -43.84 4.57
CA SER B 1959 25.80 -42.94 4.02
C SER B 1959 24.80 -42.51 5.08
N ALA B 1960 24.64 -43.31 6.15
CA ALA B 1960 23.81 -42.91 7.28
C ALA B 1960 24.52 -41.86 8.15
N VAL B 1961 25.83 -42.02 8.36
CA VAL B 1961 26.59 -41.02 9.10
C VAL B 1961 26.59 -39.71 8.33
N ILE B 1962 26.61 -39.79 6.99
CA ILE B 1962 26.70 -38.59 6.16
C ILE B 1962 25.34 -37.93 5.97
N THR B 1963 24.25 -38.72 5.88
CA THR B 1963 22.91 -38.13 5.81
C THR B 1963 22.46 -37.62 7.17
N ILE B 1964 22.87 -38.30 8.25
CA ILE B 1964 22.70 -37.76 9.60
C ILE B 1964 23.40 -36.41 9.69
N MET B 1965 24.64 -36.36 9.21
CA MET B 1965 25.33 -35.07 9.04
C MET B 1965 24.52 -34.12 8.17
N GLN B 1966 23.84 -34.65 7.14
CA GLN B 1966 23.04 -33.92 6.17
C GLN B 1966 21.70 -33.55 6.81
N PRO B 1967 21.67 -33.20 8.12
CA PRO B 1967 20.43 -32.71 8.77
C PRO B 1967 20.57 -31.30 9.32
N ILE B 1968 21.56 -31.03 10.19
CA ILE B 1968 22.03 -29.66 10.30
C ILE B 1968 22.45 -29.18 8.93
N LEU B 1969 23.07 -30.07 8.15
CA LEU B 1969 23.49 -29.76 6.79
C LEU B 1969 22.31 -29.62 5.84
N ARG B 1970 21.50 -30.68 5.65
CA ARG B 1970 20.32 -30.57 4.77
C ARG B 1970 19.44 -29.38 5.13
N PHE B 1971 19.41 -29.04 6.42
CA PHE B 1971 18.61 -27.92 6.89
C PHE B 1971 19.10 -26.59 6.31
N LEU B 1972 20.36 -26.27 6.59
CA LEU B 1972 20.97 -25.10 5.96
C LEU B 1972 20.68 -25.10 4.46
N GLN B 1973 20.88 -26.26 3.81
CA GLN B 1973 20.60 -26.40 2.38
C GLN B 1973 19.22 -25.84 2.02
N LEU B 1974 18.22 -26.20 2.82
CA LEU B 1974 16.89 -25.61 2.64
C LEU B 1974 16.97 -24.09 2.58
N LEU B 1975 17.62 -23.48 3.60
CA LEU B 1975 17.71 -22.02 3.62
C LEU B 1975 18.24 -21.49 2.29
N CYS B 1976 19.09 -22.28 1.65
CA CYS B 1976 19.61 -21.87 0.35
C CYS B 1976 18.53 -21.84 -0.72
N GLU B 1977 17.93 -23.00 -1.03
CA GLU B 1977 17.02 -23.05 -2.18
C GLU B 1977 16.03 -21.90 -2.06
N ASN B 1978 15.64 -21.62 -0.82
CA ASN B 1978 14.90 -20.39 -0.52
C ASN B 1978 15.61 -19.17 -1.09
N HIS B 1979 16.86 -18.93 -0.66
CA HIS B 1979 17.56 -17.71 -1.04
C HIS B 1979 17.61 -17.56 -2.56
N ASN B 1980 17.70 -18.69 -3.28
CA ASN B 1980 17.70 -18.62 -4.74
C ASN B 1980 16.33 -18.24 -5.28
N ARG B 1981 15.25 -18.65 -4.60
CA ARG B 1981 13.91 -18.46 -5.15
C ARG B 1981 13.36 -17.05 -4.93
N ASP B 1982 13.66 -16.44 -3.78
CA ASP B 1982 13.15 -15.10 -3.50
C ASP B 1982 14.05 -13.97 -4.01
N LEU B 1983 15.33 -14.26 -4.30
CA LEU B 1983 16.21 -13.24 -4.87
C LEU B 1983 15.82 -12.95 -6.31
N GLN B 1984 15.90 -11.67 -6.69
CA GLN B 1984 15.36 -11.20 -7.95
C GLN B 1984 15.63 -9.72 -8.03
N ASN B 1985 14.69 -8.94 -7.52
CA ASN B 1985 14.91 -7.52 -7.27
C ASN B 1985 16.10 -7.29 -6.35
N PHE B 1986 16.79 -6.18 -6.59
CA PHE B 1986 17.96 -5.75 -5.84
C PHE B 1986 17.69 -5.30 -4.42
N LEU B 1987 17.03 -4.15 -4.20
CA LEU B 1987 16.82 -3.65 -2.85
C LEU B 1987 16.52 -4.80 -1.91
N ARG B 1988 15.80 -5.83 -2.43
CA ARG B 1988 15.56 -7.06 -1.68
C ARG B 1988 16.78 -7.97 -1.68
N CYS B 1989 17.46 -8.13 -2.81
CA CYS B 1989 18.73 -8.84 -2.89
C CYS B 1989 19.93 -7.97 -2.48
N GLN B 1990 19.69 -6.73 -2.01
CA GLN B 1990 20.73 -5.72 -1.79
C GLN B 1990 21.22 -5.60 -0.36
N ASN B 1991 20.77 -6.41 0.57
CA ASN B 1991 21.42 -6.44 1.88
C ASN B 1991 21.08 -5.19 2.67
N ASN B 1992 19.82 -5.03 3.09
CA ASN B 1992 19.26 -3.79 3.63
C ASN B 1992 19.91 -3.31 4.91
N LYS B 1993 19.54 -2.10 5.37
CA LYS B 1993 20.21 -1.42 6.48
C LYS B 1993 19.75 -1.98 7.82
N THR B 1994 20.69 -2.66 8.52
CA THR B 1994 20.43 -3.46 9.71
C THR B 1994 21.53 -3.24 10.73
N ASN B 1995 21.47 -3.99 11.83
CA ASN B 1995 22.69 -4.23 12.61
C ASN B 1995 23.77 -4.85 11.72
N TYR B 1996 23.36 -5.67 10.74
CA TYR B 1996 24.23 -6.30 9.74
C TYR B 1996 23.52 -7.22 8.72
N ASN B 1997 23.54 -6.85 7.45
CA ASN B 1997 22.80 -7.59 6.42
C ASN B 1997 23.50 -7.47 5.07
N LEU B 1998 23.90 -8.61 4.53
CA LEU B 1998 24.63 -8.71 3.26
C LEU B 1998 24.65 -10.15 2.80
N VAL B 1999 25.02 -10.35 1.54
CA VAL B 1999 24.93 -11.65 0.84
C VAL B 1999 26.28 -12.37 0.82
N CYS B 2000 27.23 -11.90 1.63
CA CYS B 2000 28.60 -12.40 1.57
C CYS B 2000 28.89 -13.49 2.59
N GLU B 2001 28.14 -13.57 3.70
CA GLU B 2001 28.27 -14.73 4.58
C GLU B 2001 28.09 -16.02 3.79
N THR B 2002 27.19 -16.01 2.79
CA THR B 2002 27.11 -17.02 1.75
C THR B 2002 28.53 -17.40 1.29
N LEU B 2003 29.33 -16.38 1.02
CA LEU B 2003 30.71 -16.64 0.61
C LEU B 2003 31.51 -17.28 1.74
N GLN B 2004 31.34 -16.77 2.96
CA GLN B 2004 32.10 -17.29 4.09
C GLN B 2004 31.91 -18.79 4.24
N PHE B 2005 30.67 -19.27 4.10
CA PHE B 2005 30.41 -20.68 4.35
C PHE B 2005 30.84 -21.54 3.17
N LEU B 2006 30.54 -21.12 1.93
CA LEU B 2006 31.02 -21.91 0.81
C LEU B 2006 32.53 -22.09 0.88
N ASP B 2007 33.23 -21.05 1.36
CA ASP B 2007 34.64 -21.16 1.67
C ASP B 2007 34.90 -22.04 2.87
N CYS B 2008 34.00 -22.00 3.86
CA CYS B 2008 34.14 -22.87 5.01
C CYS B 2008 33.93 -24.31 4.59
N ILE B 2009 33.25 -24.51 3.47
CA ILE B 2009 33.32 -25.78 2.79
C ILE B 2009 34.71 -25.98 2.20
N CYS B 2010 35.30 -24.91 1.58
CA CYS B 2010 36.53 -25.09 0.80
C CYS B 2010 37.44 -23.86 0.86
N GLY B 2011 38.02 -23.63 2.04
CA GLY B 2011 38.93 -22.48 2.17
C GLY B 2011 40.22 -22.68 1.40
N SER B 2012 40.82 -23.87 1.53
CA SER B 2012 42.12 -24.17 0.94
C SER B 2012 41.98 -24.59 -0.53
N THR B 2013 42.85 -25.50 -0.96
CA THR B 2013 42.78 -26.13 -2.30
C THR B 2013 42.68 -25.07 -3.42
N THR B 2014 43.69 -24.20 -3.44
CA THR B 2014 43.78 -23.17 -4.50
C THR B 2014 44.25 -23.76 -5.82
N GLY B 2015 44.76 -25.00 -5.81
CA GLY B 2015 45.20 -25.56 -7.06
C GLY B 2015 44.09 -26.48 -7.55
N GLY B 2016 44.47 -27.55 -8.24
CA GLY B 2016 43.54 -28.65 -8.47
C GLY B 2016 43.35 -29.40 -7.18
N LEU B 2017 42.08 -29.64 -6.83
CA LEU B 2017 41.70 -29.89 -5.44
C LEU B 2017 42.14 -31.27 -4.99
N GLY B 2018 42.30 -31.42 -3.67
CA GLY B 2018 42.96 -32.58 -3.15
C GLY B 2018 42.13 -33.55 -2.31
N LEU B 2019 41.05 -33.08 -1.70
CA LEU B 2019 40.28 -33.94 -0.80
C LEU B 2019 38.95 -34.27 -1.47
N LEU B 2020 38.99 -35.31 -2.30
CA LEU B 2020 37.84 -35.59 -3.15
C LEU B 2020 36.72 -36.33 -2.43
N GLY B 2021 36.93 -36.76 -1.18
CA GLY B 2021 36.02 -37.71 -0.57
C GLY B 2021 34.73 -37.07 -0.06
N LEU B 2022 34.85 -35.89 0.53
CA LEU B 2022 33.67 -35.23 1.08
C LEU B 2022 32.84 -34.58 -0.03
N TYR B 2023 33.50 -34.01 -1.04
CA TYR B 2023 32.74 -33.40 -2.13
C TYR B 2023 31.84 -34.41 -2.82
N ILE B 2024 32.29 -35.67 -2.91
CA ILE B 2024 31.64 -36.66 -3.76
C ILE B 2024 30.31 -37.14 -3.20
N ASN B 2025 30.00 -36.82 -1.93
CA ASN B 2025 28.79 -37.33 -1.32
C ASN B 2025 27.56 -36.64 -1.92
N GLU B 2026 26.52 -37.44 -2.16
CA GLU B 2026 25.40 -36.99 -2.97
C GLU B 2026 24.68 -35.78 -2.37
N LYS B 2027 24.53 -35.74 -1.05
CA LYS B 2027 23.93 -34.58 -0.39
C LYS B 2027 24.63 -33.29 -0.83
N ASN B 2028 25.96 -33.31 -0.73
CA ASN B 2028 26.78 -32.12 -0.95
C ASN B 2028 26.47 -31.44 -2.28
N VAL B 2029 26.12 -32.23 -3.28
CA VAL B 2029 25.96 -31.77 -4.65
C VAL B 2029 24.80 -30.80 -4.75
N ALA B 2030 23.59 -31.34 -4.74
CA ALA B 2030 22.41 -30.52 -4.64
C ALA B 2030 22.71 -29.29 -3.79
N LEU B 2031 23.33 -29.50 -2.62
CA LEU B 2031 23.56 -28.36 -1.74
C LEU B 2031 24.41 -27.29 -2.43
N ILE B 2032 25.47 -27.71 -3.10
CA ILE B 2032 26.33 -26.74 -3.71
C ILE B 2032 25.63 -26.09 -4.90
N ASN B 2033 24.91 -26.90 -5.69
CA ASN B 2033 24.26 -26.41 -6.90
C ASN B 2033 23.23 -25.35 -6.56
N GLN B 2034 22.37 -25.64 -5.59
CA GLN B 2034 21.44 -24.65 -5.07
C GLN B 2034 22.20 -23.42 -4.54
N THR B 2035 23.32 -23.65 -3.84
CA THR B 2035 24.10 -22.56 -3.26
C THR B 2035 24.58 -21.60 -4.34
N LEU B 2036 24.98 -22.15 -5.48
CA LEU B 2036 25.36 -21.34 -6.63
C LEU B 2036 24.15 -20.65 -7.24
N GLU B 2037 22.96 -21.27 -7.15
CA GLU B 2037 21.78 -20.62 -7.72
C GLU B 2037 21.35 -19.42 -6.90
N SER B 2038 21.66 -19.42 -5.59
CA SER B 2038 21.31 -18.29 -4.75
C SER B 2038 22.39 -17.21 -4.78
N LEU B 2039 23.66 -17.59 -4.57
CA LEU B 2039 24.74 -16.63 -4.68
C LEU B 2039 24.80 -16.03 -6.07
N THR B 2040 24.49 -16.85 -7.07
CA THR B 2040 24.30 -16.36 -8.42
C THR B 2040 23.08 -15.48 -8.53
N GLU B 2041 22.02 -15.78 -7.77
CA GLU B 2041 20.81 -14.97 -7.78
C GLU B 2041 20.96 -13.63 -7.06
N TYR B 2042 22.02 -13.47 -6.25
CA TYR B 2042 22.30 -12.19 -5.61
C TYR B 2042 23.34 -11.40 -6.39
N CYS B 2043 24.43 -12.06 -6.79
CA CYS B 2043 25.32 -11.49 -7.78
C CYS B 2043 24.68 -11.43 -9.16
N GLN B 2044 23.40 -11.75 -9.26
CA GLN B 2044 22.72 -12.00 -10.51
C GLN B 2044 21.91 -10.81 -10.99
N GLY B 2045 21.50 -9.95 -10.07
CA GLY B 2045 20.90 -8.71 -10.43
C GLY B 2045 21.90 -7.86 -11.22
N PRO B 2046 23.04 -8.49 -11.62
CA PRO B 2046 24.13 -7.80 -12.32
C PRO B 2046 24.66 -6.67 -11.47
N CYS B 2047 24.64 -6.86 -10.15
CA CYS B 2047 25.07 -5.84 -9.20
C CYS B 2047 26.59 -5.86 -9.09
N HIS B 2048 27.22 -4.73 -9.39
CA HIS B 2048 28.67 -4.68 -9.45
C HIS B 2048 29.29 -4.86 -8.07
N GLU B 2049 28.61 -4.38 -7.03
CA GLU B 2049 29.17 -4.54 -5.69
C GLU B 2049 28.98 -5.96 -5.17
N ASN B 2050 27.95 -6.66 -5.63
CA ASN B 2050 27.82 -8.07 -5.26
C ASN B 2050 29.02 -8.87 -5.78
N GLN B 2051 29.44 -8.60 -7.02
CA GLN B 2051 30.57 -9.29 -7.62
C GLN B 2051 31.90 -8.75 -7.12
N ASN B 2052 31.97 -7.45 -6.95
CA ASN B 2052 33.18 -6.77 -6.50
C ASN B 2052 33.46 -7.11 -5.04
N CYS B 2053 32.56 -6.66 -4.17
CA CYS B 2053 32.60 -7.08 -2.77
C CYS B 2053 32.77 -8.60 -2.64
N ILE B 2054 31.97 -9.37 -3.39
CA ILE B 2054 32.05 -10.83 -3.33
C ILE B 2054 33.49 -11.31 -3.54
N ALA B 2055 34.06 -11.01 -4.72
CA ALA B 2055 35.43 -11.41 -5.02
C ALA B 2055 36.43 -10.88 -4.00
N THR B 2056 36.23 -9.64 -3.52
CA THR B 2056 37.23 -8.98 -2.68
C THR B 2056 37.27 -9.57 -1.28
N HIS B 2057 36.10 -9.76 -0.66
CA HIS B 2057 36.08 -10.22 0.72
C HIS B 2057 36.60 -11.65 0.83
N GLU B 2058 36.09 -12.56 0.00
CA GLU B 2058 36.60 -13.92 -0.02
C GLU B 2058 38.10 -13.93 -0.29
N SER B 2059 38.51 -13.33 -1.39
CA SER B 2059 39.91 -13.13 -1.76
C SER B 2059 40.68 -14.43 -1.95
N ASN B 2060 39.97 -15.52 -2.19
CA ASN B 2060 40.60 -16.82 -2.36
C ASN B 2060 39.59 -17.84 -2.89
N GLY B 2061 38.35 -17.76 -2.41
CA GLY B 2061 37.32 -18.62 -2.98
C GLY B 2061 37.15 -18.41 -4.47
N ILE B 2062 37.06 -17.15 -4.90
CA ILE B 2062 37.04 -16.84 -6.34
C ILE B 2062 38.14 -17.61 -7.04
N ASP B 2063 39.32 -17.66 -6.40
CA ASP B 2063 40.40 -18.53 -6.82
C ASP B 2063 40.08 -20.00 -6.60
N ILE B 2064 39.11 -20.34 -5.78
CA ILE B 2064 38.93 -21.75 -5.41
C ILE B 2064 37.93 -22.40 -6.34
N ILE B 2065 36.75 -21.81 -6.44
CA ILE B 2065 35.89 -22.12 -7.56
C ILE B 2065 36.59 -21.83 -8.88
N THR B 2066 37.49 -20.85 -8.94
CA THR B 2066 38.26 -20.66 -10.17
C THR B 2066 39.36 -21.71 -10.29
N ALA B 2067 39.69 -22.38 -9.18
CA ALA B 2067 40.65 -23.49 -9.14
C ALA B 2067 40.05 -24.82 -9.50
N LEU B 2068 38.76 -24.91 -9.25
CA LEU B 2068 38.08 -26.18 -9.46
C LEU B 2068 38.17 -26.62 -10.92
N ILE B 2069 37.82 -25.71 -11.83
CA ILE B 2069 37.55 -26.11 -13.20
C ILE B 2069 38.82 -26.30 -14.00
N LEU B 2070 39.95 -25.76 -13.54
CA LEU B 2070 41.23 -26.07 -14.16
C LEU B 2070 41.39 -27.58 -14.10
N ASN B 2071 41.76 -28.08 -12.94
CA ASN B 2071 41.86 -29.53 -12.76
C ASN B 2071 40.46 -30.10 -12.72
N ASP B 2072 40.07 -30.74 -13.81
CA ASP B 2072 38.84 -31.47 -13.87
C ASP B 2072 38.83 -32.39 -12.69
N ILE B 2073 37.66 -32.61 -12.08
CA ILE B 2073 37.62 -33.61 -10.98
C ILE B 2073 37.88 -35.00 -11.56
N ASN B 2074 38.11 -35.96 -10.66
CA ASN B 2074 38.57 -37.29 -11.03
C ASN B 2074 37.77 -38.39 -10.34
N PRO B 2075 36.61 -38.75 -10.88
CA PRO B 2075 35.95 -40.01 -10.54
C PRO B 2075 34.83 -40.31 -11.53
N LEU B 2076 34.89 -41.46 -12.22
CA LEU B 2076 33.93 -41.76 -13.27
C LEU B 2076 32.67 -42.38 -12.67
N GLY B 2077 31.50 -41.80 -12.94
CA GLY B 2077 30.25 -42.35 -12.43
C GLY B 2077 29.04 -41.52 -12.84
N LYS B 2078 27.86 -42.00 -12.39
CA LYS B 2078 26.60 -41.31 -12.66
C LYS B 2078 26.50 -40.01 -11.89
N LYS B 2079 27.01 -39.97 -10.65
CA LYS B 2079 27.10 -38.71 -9.92
C LYS B 2079 27.96 -37.69 -10.69
N ARG B 2080 29.01 -38.19 -11.35
CA ARG B 2080 29.91 -37.30 -12.09
C ARG B 2080 29.17 -36.56 -13.20
N MET B 2081 28.25 -37.25 -13.90
CA MET B 2081 27.58 -36.64 -15.05
C MET B 2081 26.73 -35.44 -14.64
N ASP B 2082 25.95 -35.58 -13.57
CA ASP B 2082 25.24 -34.43 -13.03
C ASP B 2082 26.22 -33.37 -12.54
N LEU B 2083 27.36 -33.81 -12.01
CA LEU B 2083 28.33 -32.87 -11.47
C LEU B 2083 28.85 -31.92 -12.54
N VAL B 2084 29.35 -32.48 -13.64
CA VAL B 2084 29.82 -31.66 -14.76
C VAL B 2084 28.87 -30.49 -14.98
N LEU B 2085 27.58 -30.82 -15.13
CA LEU B 2085 26.53 -29.81 -15.12
C LEU B 2085 26.73 -28.82 -13.95
N GLU B 2086 26.36 -29.21 -12.73
CA GLU B 2086 26.35 -28.26 -11.62
C GLU B 2086 27.64 -27.44 -11.53
N LEU B 2087 28.78 -28.12 -11.38
CA LEU B 2087 30.09 -27.46 -11.32
C LEU B 2087 30.21 -26.36 -12.36
N LYS B 2088 30.19 -26.75 -13.62
CA LYS B 2088 30.07 -25.76 -14.69
C LYS B 2088 28.93 -24.78 -14.41
N ASN B 2089 27.68 -25.27 -14.49
CA ASN B 2089 26.51 -24.44 -14.29
C ASN B 2089 26.72 -23.49 -13.14
N ASN B 2090 27.18 -24.01 -12.03
CA ASN B 2090 27.57 -23.15 -10.93
C ASN B 2090 28.68 -22.21 -11.35
N ALA B 2091 29.84 -22.77 -11.73
CA ALA B 2091 30.99 -21.92 -11.96
C ALA B 2091 30.84 -21.01 -13.16
N SER B 2092 30.02 -21.38 -14.14
CA SER B 2092 29.82 -20.51 -15.28
C SER B 2092 28.69 -19.53 -15.09
N LYS B 2093 27.64 -19.89 -14.37
CA LYS B 2093 26.59 -18.93 -14.10
C LYS B 2093 26.98 -17.96 -13.00
N LEU B 2094 27.86 -18.38 -12.09
CA LEU B 2094 28.31 -17.53 -10.99
C LEU B 2094 29.63 -16.86 -11.30
N LEU B 2095 30.50 -17.52 -12.05
CA LEU B 2095 31.53 -16.78 -12.75
C LEU B 2095 30.90 -15.66 -13.54
N LEU B 2096 29.89 -16.01 -14.34
CA LEU B 2096 29.17 -15.02 -15.14
C LEU B 2096 28.49 -13.99 -14.26
N ALA B 2097 27.97 -14.41 -13.12
CA ALA B 2097 27.26 -13.49 -12.23
C ALA B 2097 28.22 -12.52 -11.57
N ILE B 2098 29.38 -13.01 -11.17
CA ILE B 2098 30.43 -12.14 -10.71
C ILE B 2098 31.01 -11.31 -11.83
N MET B 2099 30.65 -11.63 -13.07
CA MET B 2099 31.44 -11.08 -14.18
C MET B 2099 30.58 -10.53 -15.31
N GLU B 2100 29.35 -10.08 -15.05
CA GLU B 2100 28.55 -9.58 -16.17
C GLU B 2100 28.94 -8.15 -16.54
N SER B 2101 29.35 -7.36 -15.56
CA SER B 2101 29.63 -5.96 -15.80
C SER B 2101 31.11 -5.72 -15.97
N ARG B 2102 31.44 -4.77 -16.85
CA ARG B 2102 32.82 -4.42 -17.13
C ARG B 2102 33.36 -3.64 -15.94
N HIS B 2103 34.28 -4.24 -15.19
CA HIS B 2103 34.90 -3.62 -14.02
C HIS B 2103 36.14 -4.45 -13.64
N ASP B 2104 37.21 -3.77 -13.20
CA ASP B 2104 38.57 -4.32 -13.35
C ASP B 2104 39.00 -5.26 -12.21
N SER B 2105 38.54 -5.00 -10.98
CA SER B 2105 39.14 -5.67 -9.83
C SER B 2105 38.66 -7.11 -9.70
N GLU B 2106 37.34 -7.32 -9.80
CA GLU B 2106 36.78 -8.67 -9.71
C GLU B 2106 37.59 -9.62 -10.60
N ASN B 2107 37.55 -9.34 -11.90
CA ASN B 2107 38.44 -10.00 -12.85
C ASN B 2107 39.84 -10.17 -12.30
N ALA B 2108 40.39 -9.12 -11.70
CA ALA B 2108 41.80 -9.16 -11.29
C ALA B 2108 42.05 -10.28 -10.29
N GLU B 2109 41.36 -10.22 -9.15
CA GLU B 2109 41.56 -11.27 -8.14
C GLU B 2109 41.32 -12.64 -8.75
N ARG B 2110 40.23 -12.79 -9.47
CA ARG B 2110 39.84 -14.14 -9.84
C ARG B 2110 40.71 -14.72 -10.96
N ILE B 2111 41.19 -13.87 -11.87
CA ILE B 2111 42.19 -14.33 -12.83
C ILE B 2111 43.45 -14.72 -12.07
N LEU B 2112 43.89 -13.82 -11.16
CA LEU B 2112 45.05 -14.08 -10.32
C LEU B 2112 44.95 -15.40 -9.61
N TYR B 2113 43.75 -15.99 -9.62
CA TYR B 2113 43.64 -17.39 -9.29
C TYR B 2113 44.44 -18.31 -10.20
N ASN B 2114 44.75 -17.87 -11.41
CA ASN B 2114 45.30 -18.71 -12.48
C ASN B 2114 46.37 -17.96 -13.26
N MET B 2115 47.19 -18.75 -13.94
CA MET B 2115 48.20 -18.31 -14.89
C MET B 2115 48.37 -19.48 -15.84
N ARG B 2116 48.51 -19.23 -17.15
CA ARG B 2116 48.53 -17.90 -17.80
C ARG B 2116 48.14 -18.07 -19.31
N PRO B 2117 46.91 -17.64 -19.68
CA PRO B 2117 46.35 -18.01 -20.99
C PRO B 2117 46.43 -19.50 -21.28
N LYS B 2118 46.09 -20.37 -20.30
CA LYS B 2118 46.43 -21.78 -20.47
C LYS B 2118 45.51 -22.75 -19.71
N GLU B 2119 45.39 -22.57 -18.39
CA GLU B 2119 44.57 -23.52 -17.64
C GLU B 2119 43.11 -23.45 -18.08
N LEU B 2120 42.64 -22.25 -18.43
CA LEU B 2120 41.30 -22.10 -18.96
C LEU B 2120 41.14 -22.81 -20.30
N VAL B 2121 41.80 -22.28 -21.34
CA VAL B 2121 41.68 -22.85 -22.67
C VAL B 2121 41.84 -24.35 -22.53
N GLU B 2122 42.83 -24.77 -21.75
CA GLU B 2122 42.93 -26.17 -21.39
C GLU B 2122 41.56 -26.75 -21.07
N VAL B 2123 40.86 -26.11 -20.15
CA VAL B 2123 39.48 -26.52 -19.84
C VAL B 2123 38.68 -26.60 -21.13
N ILE B 2124 38.53 -25.46 -21.82
CA ILE B 2124 37.57 -25.30 -22.92
C ILE B 2124 37.75 -26.38 -23.99
N LYS B 2125 39.00 -26.70 -24.30
CA LYS B 2125 39.23 -27.68 -25.35
C LYS B 2125 39.02 -29.11 -24.83
N LYS B 2126 39.62 -29.45 -23.68
CA LYS B 2126 39.42 -30.81 -23.16
C LYS B 2126 37.94 -31.14 -23.10
N ALA B 2127 37.13 -30.12 -22.87
CA ALA B 2127 35.69 -30.23 -23.00
C ALA B 2127 35.25 -30.46 -24.44
N TYR B 2128 35.45 -29.49 -25.36
CA TYR B 2128 35.00 -29.60 -26.75
C TYR B 2128 35.26 -31.01 -27.25
N MET B 2129 36.43 -31.54 -26.90
CA MET B 2129 36.75 -32.95 -26.99
C MET B 2129 35.69 -33.83 -26.35
N GLN B 2130 35.87 -34.14 -25.06
CA GLN B 2130 35.09 -35.20 -24.40
C GLN B 2130 33.61 -35.17 -24.75
N GLY B 2131 33.07 -34.01 -25.20
CA GLY B 2131 31.67 -33.92 -25.58
C GLY B 2131 31.29 -34.00 -27.04
N GLU B 2132 31.89 -33.18 -27.91
CA GLU B 2132 31.60 -33.28 -29.34
C GLU B 2132 31.88 -34.68 -29.88
N VAL B 2133 32.74 -35.43 -29.20
CA VAL B 2133 33.26 -36.65 -29.77
C VAL B 2133 32.29 -37.80 -29.60
N GLU B 2134 32.00 -38.13 -28.34
CA GLU B 2134 31.05 -39.15 -27.96
C GLU B 2134 29.88 -39.15 -28.92
N PHE B 2135 29.14 -38.07 -28.86
CA PHE B 2135 28.07 -37.83 -29.80
C PHE B 2135 27.16 -39.06 -29.78
N GLU B 2136 26.55 -39.27 -28.62
CA GLU B 2136 25.73 -40.43 -28.47
C GLU B 2136 24.59 -40.24 -27.52
N ASP B 2137 24.40 -39.05 -26.99
CA ASP B 2137 23.30 -38.83 -26.05
C ASP B 2137 21.99 -38.71 -26.82
N GLY B 2138 21.02 -38.04 -26.22
CA GLY B 2138 19.73 -37.80 -26.86
C GLY B 2138 19.64 -36.41 -27.46
N GLU B 2139 18.69 -36.24 -28.38
CA GLU B 2139 18.59 -35.03 -29.18
C GLU B 2139 17.66 -33.99 -28.55
N ASN B 2140 18.14 -32.75 -28.47
CA ASN B 2140 17.40 -31.59 -27.97
C ASN B 2140 16.93 -31.81 -26.52
N GLY B 2141 17.87 -31.87 -25.61
CA GLY B 2141 17.61 -32.38 -24.28
C GLY B 2141 17.32 -31.29 -23.24
N GLU B 2142 16.23 -31.47 -22.52
CA GLU B 2142 15.88 -30.57 -21.41
C GLU B 2142 15.04 -31.22 -20.30
N ASP B 2143 15.58 -32.09 -19.43
CA ASP B 2143 16.96 -32.64 -19.35
C ASP B 2143 18.12 -31.64 -19.30
N GLY B 2144 19.20 -31.90 -20.06
CA GLY B 2144 20.44 -31.17 -19.88
C GLY B 2144 21.33 -31.14 -21.11
N ALA B 2145 22.49 -30.49 -20.97
CA ALA B 2145 23.25 -30.00 -22.13
C ALA B 2145 24.72 -30.40 -22.17
N ALA B 2146 25.39 -30.46 -21.01
CA ALA B 2146 26.75 -30.96 -20.75
C ALA B 2146 27.85 -29.90 -20.90
N SER B 2147 29.10 -30.35 -20.96
CA SER B 2147 30.29 -29.51 -20.93
C SER B 2147 30.64 -28.86 -22.27
N PRO B 2148 29.83 -29.03 -23.33
CA PRO B 2148 30.09 -28.27 -24.57
C PRO B 2148 29.36 -26.94 -24.61
N ARG B 2149 28.34 -26.75 -23.76
CA ARG B 2149 27.73 -25.45 -23.50
C ARG B 2149 28.33 -24.81 -22.27
N ASN B 2150 28.78 -25.64 -21.33
CA ASN B 2150 29.67 -25.18 -20.28
C ASN B 2150 30.97 -24.68 -20.87
N VAL B 2151 31.43 -25.36 -21.92
CA VAL B 2151 32.66 -25.02 -22.59
C VAL B 2151 32.40 -23.97 -23.61
N GLY B 2152 31.24 -23.99 -24.23
CA GLY B 2152 30.75 -22.78 -24.82
C GLY B 2152 30.80 -21.65 -23.84
N HIS B 2153 30.65 -21.95 -22.55
CA HIS B 2153 30.81 -21.01 -21.46
C HIS B 2153 32.25 -20.94 -20.99
N ASN B 2154 33.13 -21.69 -21.63
CA ASN B 2154 34.57 -21.58 -21.43
C ASN B 2154 35.25 -20.83 -22.56
N ILE B 2155 35.02 -21.25 -23.81
CA ILE B 2155 35.26 -20.37 -24.94
C ILE B 2155 34.40 -19.14 -24.84
N TYR B 2156 33.37 -19.20 -24.00
CA TYR B 2156 32.67 -17.99 -23.62
C TYR B 2156 33.22 -17.38 -22.35
N ILE B 2157 33.80 -18.15 -21.44
CA ILE B 2157 34.50 -17.50 -20.33
C ILE B 2157 35.73 -16.82 -20.87
N LEU B 2158 36.17 -17.23 -22.06
CA LEU B 2158 37.23 -16.54 -22.77
C LEU B 2158 36.65 -15.36 -23.53
N ALA B 2159 35.65 -15.64 -24.39
CA ALA B 2159 35.02 -14.60 -25.19
C ALA B 2159 34.41 -13.52 -24.34
N HIS B 2160 34.17 -13.77 -23.06
CA HIS B 2160 33.65 -12.79 -22.10
C HIS B 2160 34.63 -12.44 -21.00
N GLN B 2161 35.64 -13.26 -20.75
CA GLN B 2161 36.66 -12.77 -19.85
C GLN B 2161 37.57 -11.76 -20.53
N LEU B 2162 37.49 -11.62 -21.85
CA LEU B 2162 38.41 -10.73 -22.56
C LEU B 2162 37.89 -9.30 -22.67
N ALA B 2163 36.91 -8.91 -21.83
CA ALA B 2163 36.29 -7.60 -21.92
C ALA B 2163 37.24 -6.49 -21.41
N ARG B 2164 38.29 -6.87 -20.69
CA ARG B 2164 39.42 -6.04 -20.32
C ARG B 2164 40.56 -6.96 -19.90
N HIS B 2165 41.78 -6.38 -19.80
CA HIS B 2165 43.01 -6.98 -19.25
C HIS B 2165 43.95 -7.59 -20.29
N ASN B 2166 45.26 -7.32 -20.15
CA ASN B 2166 46.25 -7.78 -21.12
C ASN B 2166 46.30 -9.32 -21.19
N LYS B 2167 46.29 -9.97 -20.02
CA LYS B 2167 46.24 -11.43 -19.99
C LYS B 2167 45.02 -11.97 -20.75
N GLU B 2168 43.86 -11.31 -20.57
CA GLU B 2168 42.63 -11.76 -21.22
C GLU B 2168 42.76 -11.75 -22.74
N LEU B 2169 43.52 -10.82 -23.30
CA LEU B 2169 43.79 -10.92 -24.73
C LEU B 2169 44.71 -12.10 -25.01
N GLN B 2170 45.75 -12.24 -24.20
CA GLN B 2170 46.62 -13.41 -24.28
C GLN B 2170 45.80 -14.68 -24.45
N THR B 2171 45.02 -15.04 -23.43
CA THR B 2171 44.16 -16.22 -23.52
C THR B 2171 43.23 -16.16 -24.74
N MET B 2172 42.62 -15.01 -24.99
CA MET B 2172 41.55 -14.92 -25.99
C MET B 2172 42.03 -15.30 -27.38
N LEU B 2173 43.29 -15.04 -27.69
CA LEU B 2173 43.78 -15.34 -29.02
C LEU B 2173 43.54 -16.79 -29.43
N LYS B 2174 43.60 -17.72 -28.47
CA LYS B 2174 43.27 -19.12 -28.76
C LYS B 2174 41.89 -19.26 -29.36
N PRO B 2175 40.86 -18.63 -28.82
CA PRO B 2175 39.57 -18.67 -29.53
C PRO B 2175 39.54 -17.77 -30.75
N GLY B 2176 40.32 -16.69 -30.77
CA GLY B 2176 40.16 -15.68 -31.82
C GLY B 2176 40.26 -16.28 -33.23
N GLY B 2177 41.41 -16.79 -33.59
CA GLY B 2177 41.67 -17.38 -34.90
C GLY B 2177 42.54 -18.60 -34.77
N GLN B 2178 43.60 -18.66 -35.55
CA GLN B 2178 44.51 -19.80 -35.76
C GLN B 2178 43.96 -20.80 -36.78
N VAL B 2179 44.87 -21.53 -37.43
CA VAL B 2179 44.50 -22.35 -38.56
C VAL B 2179 44.25 -23.78 -38.11
N ASP B 2180 44.89 -24.18 -37.03
CA ASP B 2180 44.88 -25.57 -36.62
C ASP B 2180 43.46 -26.02 -36.33
N GLY B 2181 43.26 -27.34 -36.45
CA GLY B 2181 41.95 -27.94 -36.20
C GLY B 2181 41.45 -27.76 -34.79
N ASP B 2182 42.32 -27.39 -33.84
CA ASP B 2182 41.87 -27.30 -32.45
C ASP B 2182 41.24 -25.95 -32.18
N GLU B 2183 41.95 -24.85 -32.48
CA GLU B 2183 41.32 -23.56 -32.65
C GLU B 2183 40.43 -23.53 -33.88
N ALA B 2184 40.29 -24.65 -34.59
CA ALA B 2184 39.11 -24.84 -35.42
C ALA B 2184 37.99 -25.50 -34.64
N LEU B 2185 38.27 -26.03 -33.45
CA LEU B 2185 37.27 -26.49 -32.49
C LEU B 2185 36.94 -25.45 -31.42
N GLU B 2186 37.92 -24.63 -31.08
CA GLU B 2186 37.76 -23.43 -30.29
C GLU B 2186 37.23 -22.32 -31.17
N PHE B 2187 37.90 -22.06 -32.29
CA PHE B 2187 37.23 -21.30 -33.35
C PHE B 2187 35.89 -21.93 -33.69
N TYR B 2188 35.82 -23.27 -33.68
CA TYR B 2188 34.50 -23.88 -33.75
C TYR B 2188 33.66 -23.44 -32.56
N ALA B 2189 34.30 -22.99 -31.48
CA ALA B 2189 33.50 -22.47 -30.39
C ALA B 2189 33.11 -20.99 -30.61
N LYS B 2190 34.01 -20.15 -31.12
CA LYS B 2190 33.72 -18.73 -31.29
C LYS B 2190 32.75 -18.49 -32.43
N HIS B 2191 32.82 -19.32 -33.45
CA HIS B 2191 31.88 -19.24 -34.56
C HIS B 2191 30.60 -19.97 -34.20
N THR B 2192 30.71 -21.24 -33.72
CA THR B 2192 29.55 -21.98 -33.21
C THR B 2192 28.81 -21.11 -32.20
N ALA B 2193 29.50 -20.69 -31.14
CA ALA B 2193 28.88 -19.81 -30.18
C ALA B 2193 28.60 -18.43 -30.77
N GLN B 2194 27.55 -17.77 -30.21
CA GLN B 2194 27.21 -16.39 -30.54
C GLN B 2194 28.25 -15.46 -29.92
N ILE B 2195 29.49 -15.50 -30.43
CA ILE B 2195 30.57 -14.75 -29.79
C ILE B 2195 30.43 -13.29 -30.12
N GLU B 2196 29.35 -12.68 -29.60
CA GLU B 2196 29.09 -11.26 -29.78
C GLU B 2196 27.95 -10.85 -28.85
N ILE B 2197 28.18 -9.83 -28.03
CA ILE B 2197 27.29 -9.47 -26.94
C ILE B 2197 25.94 -8.99 -27.45
N VAL B 2198 24.91 -8.96 -26.60
CA VAL B 2198 23.53 -8.59 -26.98
C VAL B 2198 23.14 -7.14 -26.69
N ARG B 2199 23.40 -6.27 -27.64
CA ARG B 2199 23.29 -4.81 -27.55
C ARG B 2199 21.95 -4.28 -27.10
N LEU B 2200 21.96 -3.51 -26.03
CA LEU B 2200 20.73 -3.23 -25.32
C LEU B 2200 20.57 -1.74 -25.07
N ASP B 2201 19.32 -1.30 -25.01
CA ASP B 2201 18.95 0.06 -24.64
C ASP B 2201 18.63 0.19 -23.15
N ARG B 2202 18.82 -0.90 -22.37
CA ARG B 2202 18.92 -0.92 -20.91
C ARG B 2202 17.59 -1.01 -20.15
N THR B 2203 17.69 -1.25 -18.83
CA THR B 2203 16.56 -1.54 -17.96
C THR B 2203 16.44 -0.47 -16.89
N MET B 2204 15.65 0.56 -17.19
CA MET B 2204 15.23 1.67 -16.30
C MET B 2204 16.23 2.81 -16.14
N GLU B 2205 17.31 2.88 -16.95
CA GLU B 2205 18.33 3.90 -16.73
C GLU B 2205 19.36 4.18 -17.86
N GLN B 2206 19.46 3.30 -18.87
CA GLN B 2206 20.35 3.47 -20.04
C GLN B 2206 21.83 3.37 -19.65
N ILE B 2207 22.33 2.14 -19.71
CA ILE B 2207 23.56 1.78 -18.99
C ILE B 2207 24.56 1.04 -19.86
N VAL B 2208 25.11 -0.03 -19.30
CA VAL B 2208 26.23 -0.76 -19.90
C VAL B 2208 25.79 -1.46 -21.17
N PHE B 2209 26.74 -1.99 -21.92
CA PHE B 2209 26.44 -2.42 -23.27
C PHE B 2209 25.80 -3.81 -23.29
N PRO B 2210 26.56 -4.94 -23.15
CA PRO B 2210 25.91 -6.23 -23.38
C PRO B 2210 26.67 -7.49 -22.90
N VAL B 2211 25.92 -8.49 -22.45
CA VAL B 2211 26.51 -9.80 -22.20
C VAL B 2211 25.85 -10.71 -23.22
N PRO B 2212 26.56 -11.06 -24.24
CA PRO B 2212 26.11 -12.13 -25.14
C PRO B 2212 25.37 -13.21 -24.42
N SER B 2213 24.13 -13.40 -24.81
CA SER B 2213 23.49 -14.68 -24.59
C SER B 2213 23.97 -15.56 -25.73
N ILE B 2214 24.77 -16.57 -25.38
CA ILE B 2214 25.14 -17.62 -26.30
C ILE B 2214 23.85 -18.08 -26.97
N CYS B 2215 23.93 -18.36 -28.28
CA CYS B 2215 22.73 -18.76 -29.05
C CYS B 2215 23.18 -19.40 -30.38
N GLU B 2216 23.53 -20.69 -30.32
CA GLU B 2216 24.18 -21.43 -31.41
C GLU B 2216 23.21 -22.29 -32.22
N PHE B 2217 22.11 -22.74 -31.62
CA PHE B 2217 21.17 -23.61 -32.33
C PHE B 2217 20.27 -22.81 -33.27
#